data_9PF2
#
_entry.id   9PF2
#
_cell.length_a   1.00
_cell.length_b   1.00
_cell.length_c   1.00
_cell.angle_alpha   90.00
_cell.angle_beta   90.00
_cell.angle_gamma   90.00
#
_symmetry.space_group_name_H-M   'P 1'
#
loop_
_entity.id
_entity.type
_entity.pdbx_description
1 polymer 'Vesicle-fusing ATPase'
2 non-polymer "ADENOSINE-5'-DIPHOSPHATE"
3 non-polymer "ADENOSINE-5'-TRIPHOSPHATE"
4 non-polymer 'MAGNESIUM ION'
5 non-polymer 'PHOSPHATE ION'
6 water water
#
_entity_poly.entity_id   1
_entity_poly.type   'polypeptide(L)'
_entity_poly.pdbx_seq_one_letter_code
;GANMAGRSMQAARCPTDELSLSNCAVVSEKDYQSGQHVIVRTSPNHKYIFTLRTHPSVVPGSVAFSLPQRKWAGLSIGQE
IEVALYSFDKAKQCIGTMTIEIDFLQKKNIDSNPYDTDKMAAEFIQQFNNQAFSVGQQLVFSFNDKLFGLLVKDIEAMDP
SILKGEPASGKRQKIEVGLVVGNSQVAFEKAENSSLNLIGKAKTKENRQSIINPDWNFEKMGIGGLDKEFSDIFRRAFAS
RVFPPEIVEQMGCKHVKGILLYGPPGCGKTLLARQIGKMLNAREPKVVNGPEILNKYVGESEANIRKLFADAEEEQRRLG
ANSGLHIIIFDEIDAICKQRGSMAGSTGVHDTVVNQLLSKIDGVEQLNNILVIGMTNRPDLIDEALLRPGRLEVKMEIGL
PDEKGRLQILHIHTARMRGHQLLSADVDIKELAVETKNFSGAELEGLVRAAQSTAMNRHIKASTKVEVDMEKAESLQVTR
GDFLASLENDIKPAFGTNQEDYASYIMNGIIKWGDPVTRVLDDGELLVQQTKNSDRTPLVSVLLEGPPHSGKTALAAKIA
EESNFPFIKICSPDKMIGFSETAKCQAMKKIFDDAYKSQLSCVVVDDIERLLDYVPIGPRFSNLVLQALLVLLKKAPPQG
RKLLIIGTTSRKDVLQEMEMLNAFSTTIHVPNIATGEQLLEALELLGNFKDKERTTIAQQVKGKKVWIGIKKLLMLIEMS
LQMDPEYRVRKFLALLREEGASPLDFD
;
_entity_poly.pdbx_strand_id   A,B,C,D,E,F
#
loop_
_chem_comp.id
_chem_comp.type
_chem_comp.name
_chem_comp.formula
ADP non-polymer ADENOSINE-5'-DIPHOSPHATE 'C10 H15 N5 O10 P2'
ATP non-polymer ADENOSINE-5'-TRIPHOSPHATE 'C10 H16 N5 O13 P3'
MG non-polymer 'MAGNESIUM ION' 'Mg 2'
PO4 non-polymer 'PHOSPHATE ION' 'O4 P -3'
#
# COMPACT_ATOMS: atom_id res chain seq x y z
N ILE A 211 47.12 12.32 34.89
CA ILE A 211 46.96 11.20 35.79
C ILE A 211 48.31 10.55 36.07
N ILE A 212 48.53 10.18 37.33
CA ILE A 212 49.79 9.56 37.71
C ILE A 212 50.01 8.27 36.92
N ASN A 213 51.24 8.06 36.47
CA ASN A 213 51.60 6.86 35.73
C ASN A 213 53.05 6.55 36.00
N PRO A 214 53.49 5.31 35.78
CA PRO A 214 54.92 5.00 35.84
C PRO A 214 55.61 5.33 34.53
N ASP A 215 56.56 6.25 34.55
CA ASP A 215 57.19 6.73 33.33
C ASP A 215 57.83 5.58 32.56
N TRP A 216 57.68 5.61 31.24
CA TRP A 216 58.28 4.63 30.34
C TRP A 216 59.27 5.34 29.42
N ASN A 217 60.04 4.54 28.69
CA ASN A 217 60.98 5.03 27.68
C ASN A 217 60.50 4.49 26.33
N PHE A 218 59.57 5.22 25.71
CA PHE A 218 58.97 4.75 24.46
C PHE A 218 60.00 4.65 23.35
N GLU A 219 60.81 5.70 23.17
CA GLU A 219 61.81 5.67 22.11
C GLU A 219 62.72 4.45 22.24
N LYS A 220 63.06 4.07 23.48
CA LYS A 220 63.90 2.90 23.68
C LYS A 220 63.20 1.63 23.18
N MET A 221 61.91 1.48 23.48
CA MET A 221 61.17 0.32 22.99
C MET A 221 60.86 0.40 21.50
N GLY A 222 61.11 1.55 20.87
CA GLY A 222 60.85 1.72 19.46
C GLY A 222 59.45 2.16 19.11
N ILE A 223 58.61 2.43 20.10
CA ILE A 223 57.25 2.89 19.86
C ILE A 223 57.22 4.41 19.93
N GLY A 224 56.60 5.04 18.94
CA GLY A 224 56.48 6.49 18.92
C GLY A 224 55.10 6.97 18.55
N GLY A 225 54.60 7.95 19.30
CA GLY A 225 53.31 8.54 19.00
C GLY A 225 52.11 7.78 19.51
N LEU A 226 52.31 6.84 20.44
CA LEU A 226 51.19 6.08 21.00
C LEU A 226 51.33 5.94 22.51
N ASP A 227 51.83 6.98 23.19
CA ASP A 227 52.00 6.90 24.63
C ASP A 227 50.66 6.71 25.35
N LYS A 228 49.65 7.48 24.94
CA LYS A 228 48.36 7.41 25.62
C LYS A 228 47.75 6.02 25.52
N GLU A 229 47.79 5.42 24.32
CA GLU A 229 47.17 4.11 24.13
C GLU A 229 47.90 3.05 24.94
N PHE A 230 49.25 3.07 24.89
CA PHE A 230 50.02 2.10 25.65
C PHE A 230 49.73 2.23 27.14
N SER A 231 49.76 3.45 27.66
CA SER A 231 49.53 3.66 29.09
C SER A 231 48.14 3.18 29.50
N ASP A 232 47.12 3.54 28.72
CA ASP A 232 45.76 3.14 29.07
C ASP A 232 45.60 1.63 29.01
N ILE A 233 46.14 0.99 27.96
CA ILE A 233 46.05 -0.45 27.84
C ILE A 233 46.72 -1.13 29.03
N PHE A 234 47.92 -0.67 29.39
CA PHE A 234 48.64 -1.29 30.50
C PHE A 234 47.89 -1.10 31.81
N ARG A 235 47.31 0.09 32.04
CA ARG A 235 46.59 0.31 33.28
C ARG A 235 45.33 -0.54 33.36
N ARG A 236 44.61 -0.69 32.25
CA ARG A 236 43.32 -1.38 32.29
C ARG A 236 43.41 -2.89 32.16
N ALA A 237 44.48 -3.42 31.58
CA ALA A 237 44.55 -4.84 31.25
C ALA A 237 45.55 -5.61 32.11
N PHE A 238 46.82 -5.21 32.10
CA PHE A 238 47.89 -6.03 32.67
C PHE A 238 48.30 -5.59 34.07
N ALA A 239 47.63 -4.59 34.65
CA ALA A 239 48.03 -4.11 35.97
C ALA A 239 47.88 -5.18 37.03
N SER A 240 46.77 -5.93 36.98
CA SER A 240 46.46 -6.87 38.06
C SER A 240 47.50 -7.99 38.15
N ARG A 241 47.91 -8.54 37.02
CA ARG A 241 48.73 -9.75 37.00
C ARG A 241 50.19 -9.50 37.40
N VAL A 242 50.55 -8.33 37.90
CA VAL A 242 51.91 -8.06 38.33
C VAL A 242 52.03 -8.00 39.85
N PHE A 243 50.94 -7.74 40.56
CA PHE A 243 50.94 -7.61 42.01
C PHE A 243 50.66 -8.98 42.61
N PRO A 244 51.14 -9.28 43.82
CA PRO A 244 51.19 -10.68 44.25
C PRO A 244 49.80 -11.26 44.46
N PRO A 245 49.67 -12.59 44.42
CA PRO A 245 48.33 -13.20 44.50
C PRO A 245 47.57 -12.86 45.77
N GLU A 246 48.26 -12.67 46.90
CA GLU A 246 47.56 -12.50 48.17
C GLU A 246 46.72 -11.23 48.17
N ILE A 247 47.33 -10.09 47.85
CA ILE A 247 46.59 -8.83 47.85
C ILE A 247 45.63 -8.79 46.66
N VAL A 248 45.95 -9.49 45.58
CA VAL A 248 45.01 -9.63 44.47
C VAL A 248 43.71 -10.26 44.95
N GLU A 249 43.82 -11.36 45.70
CA GLU A 249 42.63 -12.03 46.21
C GLU A 249 41.93 -11.17 47.26
N GLN A 250 42.70 -10.49 48.11
CA GLN A 250 42.09 -9.64 49.13
C GLN A 250 41.29 -8.51 48.52
N MET A 251 41.79 -7.94 47.42
CA MET A 251 40.99 -6.98 46.65
C MET A 251 39.66 -7.58 46.26
N GLY A 252 39.69 -8.81 45.77
CA GLY A 252 38.60 -9.36 44.99
C GLY A 252 38.76 -9.14 43.51
N CYS A 253 39.93 -8.70 43.07
CA CYS A 253 40.16 -8.37 41.67
C CYS A 253 40.02 -9.61 40.79
N LYS A 254 39.53 -9.40 39.57
CA LYS A 254 39.32 -10.46 38.60
C LYS A 254 40.06 -10.11 37.32
N HIS A 255 40.87 -11.05 36.83
CA HIS A 255 41.72 -10.78 35.69
C HIS A 255 40.91 -10.69 34.41
N VAL A 256 41.28 -9.74 33.54
CA VAL A 256 40.65 -9.66 32.23
C VAL A 256 41.15 -10.80 31.34
N LYS A 257 40.34 -11.14 30.35
CA LYS A 257 40.59 -12.32 29.52
C LYS A 257 40.82 -12.01 28.04
N GLY A 258 40.39 -10.86 27.55
CA GLY A 258 40.51 -10.57 26.14
C GLY A 258 40.57 -9.09 25.85
N ILE A 259 41.19 -8.75 24.71
CA ILE A 259 41.33 -7.37 24.25
C ILE A 259 41.11 -7.36 22.74
N LEU A 260 40.74 -6.18 22.23
CA LEU A 260 40.49 -6.00 20.80
C LEU A 260 41.13 -4.72 20.32
N LEU A 261 41.82 -4.79 19.19
CA LEU A 261 42.44 -3.64 18.56
C LEU A 261 41.99 -3.58 17.10
N TYR A 262 41.56 -2.41 16.64
CA TYR A 262 41.10 -2.25 15.27
C TYR A 262 41.61 -0.94 14.70
N GLY A 263 41.73 -0.89 13.38
CA GLY A 263 42.18 0.30 12.69
C GLY A 263 42.77 0.00 11.33
N PRO A 264 43.27 1.03 10.66
CA PRO A 264 43.88 0.85 9.34
C PRO A 264 45.04 -0.12 9.40
N PRO A 265 45.41 -0.74 8.28
CA PRO A 265 46.49 -1.72 8.29
C PRO A 265 47.87 -1.07 8.33
N GLY A 266 48.81 -1.75 8.98
CA GLY A 266 50.19 -1.34 8.99
C GLY A 266 50.58 -0.35 10.07
N CYS A 267 49.61 0.15 10.85
CA CYS A 267 49.93 1.15 11.87
C CYS A 267 50.70 0.57 13.05
N GLY A 268 50.84 -0.76 13.13
CA GLY A 268 51.68 -1.38 14.13
C GLY A 268 50.94 -1.97 15.31
N LYS A 269 49.81 -2.63 15.05
CA LYS A 269 49.06 -3.26 16.14
C LYS A 269 49.89 -4.35 16.81
N THR A 270 50.54 -5.20 16.01
CA THR A 270 51.28 -6.32 16.56
C THR A 270 52.47 -5.85 17.40
N LEU A 271 53.14 -4.78 16.95
CA LEU A 271 54.37 -4.35 17.62
C LEU A 271 54.11 -3.96 19.07
N LEU A 272 52.92 -3.42 19.35
CA LEU A 272 52.60 -3.01 20.72
C LEU A 272 52.64 -4.20 21.67
N ALA A 273 51.90 -5.26 21.32
CA ALA A 273 51.91 -6.47 22.13
C ALA A 273 53.27 -7.16 22.10
N ARG A 274 54.00 -7.04 21.00
CA ARG A 274 55.34 -7.63 20.95
C ARG A 274 56.26 -6.96 21.96
N GLN A 275 56.18 -5.63 22.06
CA GLN A 275 56.98 -4.93 23.07
C GLN A 275 56.54 -5.32 24.48
N ILE A 276 55.23 -5.40 24.72
CA ILE A 276 54.77 -5.79 26.05
C ILE A 276 55.30 -7.19 26.39
N GLY A 277 55.29 -8.10 25.41
CA GLY A 277 55.81 -9.43 25.64
C GLY A 277 57.31 -9.43 25.91
N LYS A 278 58.06 -8.64 25.14
CA LYS A 278 59.48 -8.49 25.40
C LYS A 278 59.72 -8.04 26.84
N MET A 279 58.87 -7.16 27.35
CA MET A 279 59.05 -6.56 28.69
C MET A 279 58.11 -7.20 29.71
N LEU A 280 57.20 -8.07 29.28
CA LEU A 280 56.26 -8.71 30.18
C LEU A 280 56.92 -9.61 31.23
N ASN A 281 58.24 -9.79 31.20
CA ASN A 281 58.92 -10.66 32.15
C ASN A 281 58.34 -12.07 32.11
N ALA A 282 58.00 -12.51 30.91
CA ALA A 282 57.45 -13.85 30.70
C ALA A 282 57.96 -14.37 29.36
N ARG A 283 57.38 -15.46 28.88
CA ARG A 283 57.80 -16.05 27.62
C ARG A 283 57.24 -15.24 26.46
N GLU A 284 57.42 -15.74 25.24
CA GLU A 284 56.96 -15.06 24.04
C GLU A 284 55.53 -15.46 23.70
N PRO A 285 54.84 -14.65 22.90
CA PRO A 285 53.46 -14.98 22.53
C PRO A 285 53.37 -15.79 21.24
N LYS A 286 52.43 -16.73 21.22
CA LYS A 286 52.18 -17.53 20.05
C LYS A 286 51.20 -16.82 19.13
N VAL A 287 51.30 -17.13 17.83
CA VAL A 287 50.51 -16.46 16.80
C VAL A 287 49.69 -17.49 16.04
N VAL A 288 48.52 -17.06 15.58
CA VAL A 288 47.64 -17.87 14.74
C VAL A 288 47.16 -16.99 13.59
N ASN A 289 46.68 -17.65 12.54
CA ASN A 289 46.19 -16.97 11.34
C ASN A 289 44.75 -17.37 11.08
N GLY A 290 44.02 -16.49 10.41
CA GLY A 290 42.62 -16.69 10.15
C GLY A 290 42.35 -17.97 9.36
N PRO A 291 43.04 -18.15 8.24
CA PRO A 291 42.85 -19.38 7.45
C PRO A 291 43.64 -20.58 7.96
N GLU A 292 44.55 -20.39 8.91
CA GLU A 292 45.31 -21.52 9.43
C GLU A 292 44.40 -22.54 10.11
N ILE A 293 43.51 -22.06 10.97
CA ILE A 293 42.57 -22.95 11.64
C ILE A 293 41.57 -23.52 10.64
N LEU A 294 41.13 -22.70 9.69
CA LEU A 294 40.14 -23.12 8.70
C LEU A 294 40.80 -23.96 7.60
N GLU A 300 38.43 -31.60 11.82
CA GLU A 300 39.85 -31.33 11.75
C GLU A 300 40.20 -30.03 12.45
N SER A 301 39.25 -29.08 12.44
CA SER A 301 39.49 -27.80 13.09
C SER A 301 39.77 -27.97 14.58
N GLU A 302 38.97 -28.79 15.25
CA GLU A 302 39.16 -29.00 16.69
C GLU A 302 40.54 -29.57 16.98
N ALA A 303 41.08 -30.38 16.06
CA ALA A 303 42.44 -30.88 16.25
C ALA A 303 43.44 -29.73 16.31
N ASN A 304 43.31 -28.75 15.41
CA ASN A 304 44.17 -27.58 15.46
C ASN A 304 43.92 -26.76 16.73
N ILE A 305 42.66 -26.65 17.14
CA ILE A 305 42.34 -25.94 18.37
C ILE A 305 43.07 -26.57 19.55
N ARG A 306 43.16 -27.90 19.57
CA ARG A 306 43.88 -28.61 20.61
C ARG A 306 45.39 -28.43 20.53
N LYS A 307 45.90 -27.71 19.54
CA LYS A 307 47.32 -27.41 19.44
C LYS A 307 47.68 -26.05 20.01
N LEU A 308 46.71 -25.30 20.54
CA LEU A 308 46.93 -23.96 21.07
C LEU A 308 46.79 -23.94 22.59
N PHE A 309 45.67 -24.44 23.11
CA PHE A 309 45.42 -24.43 24.54
C PHE A 309 45.90 -25.70 25.24
N ALA A 310 46.37 -26.70 24.48
CA ALA A 310 46.86 -27.92 25.11
C ALA A 310 48.09 -27.64 25.97
N ASP A 311 48.98 -26.76 25.51
CA ASP A 311 50.13 -26.40 26.32
C ASP A 311 49.70 -25.68 27.61
N ALA A 312 48.75 -24.74 27.49
CA ALA A 312 48.24 -24.06 28.67
C ALA A 312 47.51 -25.04 29.58
N GLU A 313 46.78 -25.99 29.01
CA GLU A 313 46.12 -27.00 29.82
C GLU A 313 47.13 -27.86 30.56
N GLU A 314 48.23 -28.24 29.90
CA GLU A 314 49.28 -29.00 30.57
C GLU A 314 49.89 -28.19 31.70
N GLU A 315 50.12 -26.90 31.48
CA GLU A 315 50.66 -26.06 32.55
C GLU A 315 49.69 -26.01 33.72
N GLN A 316 48.39 -25.87 33.44
CA GLN A 316 47.40 -25.85 34.51
C GLN A 316 47.26 -27.21 35.20
N ARG A 317 47.66 -28.29 34.52
CA ARG A 317 47.79 -29.57 35.20
C ARG A 317 48.99 -29.57 36.13
N ARG A 318 50.11 -29.00 35.69
CA ARG A 318 51.30 -28.90 36.52
C ARG A 318 51.27 -27.68 37.43
N LEU A 319 50.46 -26.67 37.10
CA LEU A 319 50.42 -25.41 37.84
C LEU A 319 48.99 -24.88 37.77
N GLY A 320 48.81 -23.60 38.05
CA GLY A 320 47.50 -22.98 37.93
C GLY A 320 47.23 -21.95 38.99
N ALA A 321 47.85 -22.10 40.16
CA ALA A 321 47.76 -21.11 41.22
C ALA A 321 48.87 -20.07 41.17
N ASN A 322 50.07 -20.48 40.71
CA ASN A 322 51.19 -19.56 40.58
C ASN A 322 51.85 -19.67 39.21
N SER A 323 51.13 -20.22 38.22
CA SER A 323 51.71 -20.43 36.90
C SER A 323 51.90 -19.11 36.17
N GLY A 324 52.70 -19.15 35.10
CA GLY A 324 52.95 -17.98 34.29
C GLY A 324 51.75 -17.57 33.47
N LEU A 325 51.97 -16.71 32.47
CA LEU A 325 50.91 -16.18 31.64
C LEU A 325 51.18 -16.58 30.19
N HIS A 326 50.19 -17.18 29.54
CA HIS A 326 50.26 -17.56 28.14
C HIS A 326 49.42 -16.62 27.30
N ILE A 327 49.91 -16.28 26.11
CA ILE A 327 49.27 -15.30 25.24
C ILE A 327 49.07 -15.92 23.87
N ILE A 328 47.87 -15.75 23.32
CA ILE A 328 47.55 -16.22 21.97
C ILE A 328 47.15 -15.01 21.14
N ILE A 329 47.61 -14.99 19.89
CA ILE A 329 47.42 -13.86 19.00
C ILE A 329 46.62 -14.33 17.80
N PHE A 330 45.54 -13.62 17.51
CA PHE A 330 44.65 -13.94 16.39
C PHE A 330 44.73 -12.82 15.37
N ASP A 331 45.02 -13.18 14.13
CA ASP A 331 45.08 -12.25 13.01
C ASP A 331 43.82 -12.41 12.17
N GLU A 332 43.25 -11.29 11.74
CA GLU A 332 42.10 -11.30 10.84
C GLU A 332 40.99 -12.17 11.42
N ILE A 333 40.69 -11.95 12.71
CA ILE A 333 39.71 -12.77 13.41
C ILE A 333 38.34 -12.68 12.73
N ASP A 334 38.02 -11.53 12.14
CA ASP A 334 36.71 -11.36 11.53
C ASP A 334 36.45 -12.41 10.46
N ALA A 335 37.51 -12.90 9.80
CA ALA A 335 37.33 -13.89 8.76
C ALA A 335 36.87 -15.24 9.30
N ILE A 336 37.08 -15.52 10.59
CA ILE A 336 36.73 -16.80 11.18
C ILE A 336 35.52 -16.68 12.09
N CYS A 337 34.82 -15.55 12.08
CA CYS A 337 33.63 -15.38 12.90
C CYS A 337 32.74 -14.33 12.25
N LYS A 338 31.43 -14.60 12.24
CA LYS A 338 30.46 -13.69 11.64
C LYS A 338 29.13 -13.76 12.36
N HIS A 350 29.65 -20.78 9.38
CA HIS A 350 30.87 -21.13 10.08
C HIS A 350 30.66 -21.09 11.59
N ASP A 351 29.42 -21.31 12.01
CA ASP A 351 29.07 -21.20 13.42
C ASP A 351 29.75 -22.26 14.28
N THR A 352 30.20 -23.36 13.68
CA THR A 352 30.83 -24.41 14.47
C THR A 352 32.10 -23.91 15.13
N VAL A 353 32.97 -23.26 14.36
CA VAL A 353 34.23 -22.75 14.91
C VAL A 353 33.96 -21.63 15.92
N VAL A 354 32.97 -20.78 15.64
CA VAL A 354 32.64 -19.71 16.57
C VAL A 354 32.19 -20.30 17.90
N ASN A 355 31.33 -21.32 17.85
CA ASN A 355 30.86 -21.95 19.09
C ASN A 355 32.00 -22.64 19.82
N GLN A 356 32.89 -23.32 19.10
CA GLN A 356 34.02 -23.96 19.74
C GLN A 356 34.91 -22.94 20.44
N LEU A 357 35.22 -21.84 19.76
CA LEU A 357 36.05 -20.81 20.37
C LEU A 357 35.36 -20.21 21.59
N LEU A 358 34.08 -19.90 21.48
CA LEU A 358 33.35 -19.32 22.60
C LEU A 358 33.35 -20.26 23.80
N SER A 359 33.15 -21.56 23.56
CA SER A 359 33.24 -22.52 24.64
C SER A 359 34.62 -22.54 25.26
N LYS A 360 35.66 -22.48 24.42
CA LYS A 360 37.02 -22.59 24.94
C LYS A 360 37.40 -21.39 25.79
N ILE A 361 37.12 -20.17 25.31
CA ILE A 361 37.55 -18.99 26.07
C ILE A 361 36.86 -18.97 27.43
N ASP A 362 35.57 -19.28 27.45
CA ASP A 362 34.79 -19.34 28.70
C ASP A 362 33.87 -20.56 28.60
N GLY A 363 34.37 -21.70 29.09
CA GLY A 363 33.60 -22.90 29.18
C GLY A 363 33.37 -23.35 30.60
N VAL A 364 33.10 -24.64 30.77
CA VAL A 364 32.96 -25.20 32.11
C VAL A 364 34.27 -25.06 32.88
N GLU A 365 35.39 -25.35 32.21
CA GLU A 365 36.71 -25.14 32.81
C GLU A 365 37.14 -23.69 32.64
N GLN A 366 37.84 -23.18 33.65
CA GLN A 366 38.33 -21.82 33.65
C GLN A 366 39.85 -21.82 33.52
N LEU A 367 40.36 -21.10 32.53
CA LEU A 367 41.80 -20.99 32.29
C LEU A 367 42.26 -19.65 32.85
N ASN A 368 43.04 -19.70 33.93
CA ASN A 368 43.52 -18.51 34.62
C ASN A 368 44.95 -18.15 34.26
N ASN A 369 45.50 -18.76 33.21
CA ASN A 369 46.86 -18.46 32.78
C ASN A 369 46.92 -18.26 31.27
N ILE A 370 45.88 -17.67 30.68
CA ILE A 370 45.79 -17.47 29.25
C ILE A 370 45.32 -16.05 28.98
N LEU A 371 45.60 -15.58 27.77
CA LEU A 371 45.14 -14.27 27.33
C LEU A 371 44.99 -14.28 25.81
N VAL A 372 43.97 -13.57 25.33
CA VAL A 372 43.67 -13.50 23.91
C VAL A 372 43.64 -12.02 23.51
N ILE A 373 44.31 -11.71 22.40
CA ILE A 373 44.35 -10.36 21.85
C ILE A 373 44.01 -10.46 20.37
N GLY A 374 42.74 -10.22 20.03
CA GLY A 374 42.33 -10.27 18.65
C GLY A 374 42.63 -8.98 17.91
N MET A 375 42.79 -9.09 16.58
CA MET A 375 42.88 -7.89 15.74
C MET A 375 42.13 -8.13 14.45
N THR A 376 41.73 -7.02 13.83
CA THR A 376 40.95 -7.00 12.58
C THR A 376 40.98 -5.57 12.09
N ASN A 377 40.23 -5.31 11.01
CA ASN A 377 40.06 -3.95 10.54
C ASN A 377 38.59 -3.56 10.36
N ARG A 378 37.66 -4.49 10.56
CA ARG A 378 36.23 -4.26 10.42
C ARG A 378 35.52 -4.74 11.69
N PRO A 379 35.62 -3.97 12.77
CA PRO A 379 34.99 -4.42 14.03
C PRO A 379 33.49 -4.60 13.92
N ASP A 380 32.83 -3.88 13.01
CA ASP A 380 31.38 -3.97 12.90
C ASP A 380 30.92 -5.38 12.51
N LEU A 381 31.82 -6.20 11.96
CA LEU A 381 31.47 -7.54 11.49
C LEU A 381 31.78 -8.62 12.51
N ILE A 382 32.10 -8.24 13.75
CA ILE A 382 32.42 -9.19 14.80
C ILE A 382 31.15 -9.57 15.54
N ASP A 383 31.05 -10.84 15.92
CA ASP A 383 29.85 -11.31 16.61
C ASP A 383 29.73 -10.65 17.98
N GLU A 384 28.50 -10.28 18.33
CA GLU A 384 28.27 -9.58 19.60
C GLU A 384 28.55 -10.47 20.79
N ALA A 385 28.16 -11.75 20.71
CA ALA A 385 28.35 -12.65 21.84
C ALA A 385 29.82 -12.74 22.25
N LEU A 386 30.73 -12.51 21.30
CA LEU A 386 32.16 -12.52 21.62
C LEU A 386 32.59 -11.28 22.39
N LEU A 387 31.80 -10.20 22.34
CA LEU A 387 32.12 -8.96 23.03
C LEU A 387 31.29 -8.80 24.30
N ARG A 388 30.71 -9.88 24.80
CA ARG A 388 29.96 -9.80 26.05
C ARG A 388 30.92 -9.43 27.18
N PRO A 389 30.48 -8.62 28.15
CA PRO A 389 31.45 -8.04 29.10
C PRO A 389 32.30 -9.07 29.83
N GLY A 390 31.75 -10.23 30.18
CA GLY A 390 32.53 -11.22 30.91
C GLY A 390 33.79 -11.61 30.16
N ARG A 391 33.66 -11.88 28.87
CA ARG A 391 34.79 -12.10 27.97
C ARG A 391 35.22 -10.74 27.42
N LEU A 392 35.93 -10.72 26.28
CA LEU A 392 36.60 -9.52 25.78
C LEU A 392 35.84 -8.25 26.13
N GLU A 393 36.53 -7.30 26.75
CA GLU A 393 35.90 -6.10 27.29
C GLU A 393 36.61 -4.80 26.96
N VAL A 394 37.84 -4.86 26.44
CA VAL A 394 38.61 -3.66 26.10
C VAL A 394 38.70 -3.58 24.58
N LYS A 395 38.38 -2.42 24.02
CA LYS A 395 38.52 -2.16 22.60
C LYS A 395 39.33 -0.89 22.40
N MET A 396 40.19 -0.88 21.38
CA MET A 396 40.96 0.31 21.08
C MET A 396 41.08 0.47 19.57
N GLU A 397 41.28 1.73 19.16
CA GLU A 397 41.49 2.09 17.76
C GLU A 397 42.89 2.66 17.61
N ILE A 398 43.61 2.21 16.59
CA ILE A 398 44.94 2.70 16.28
C ILE A 398 44.87 3.29 14.88
N GLY A 399 44.78 4.62 14.79
CA GLY A 399 44.58 5.29 13.52
C GLY A 399 45.88 5.86 12.95
N LEU A 400 45.75 6.40 11.73
CA LEU A 400 46.91 6.83 10.98
C LEU A 400 47.65 7.94 11.71
N PRO A 401 48.94 8.09 11.47
CA PRO A 401 49.73 9.10 12.18
C PRO A 401 49.50 10.49 11.62
N ASP A 402 49.90 11.48 12.40
CA ASP A 402 49.85 12.88 12.03
C ASP A 402 51.26 13.43 11.86
N GLU A 403 51.34 14.71 11.48
CA GLU A 403 52.63 15.33 11.20
C GLU A 403 53.61 15.11 12.34
N LYS A 404 53.17 15.43 13.57
CA LYS A 404 54.04 15.23 14.73
C LYS A 404 54.33 13.73 14.95
N GLY A 405 53.31 12.89 14.77
CA GLY A 405 53.52 11.46 14.89
C GLY A 405 54.50 10.95 13.84
N ARG A 406 54.37 11.41 12.60
CA ARG A 406 55.33 11.02 11.57
C ARG A 406 56.73 11.50 11.93
N LEU A 407 56.84 12.71 12.47
CA LEU A 407 58.15 13.22 12.90
C LEU A 407 58.78 12.29 13.92
N GLN A 408 58.01 11.92 14.95
CA GLN A 408 58.55 11.04 15.99
C GLN A 408 58.89 9.67 15.44
N ILE A 409 58.06 9.14 14.54
CA ILE A 409 58.31 7.83 13.96
C ILE A 409 59.62 7.86 13.17
N LEU A 410 59.83 8.91 12.37
CA LEU A 410 61.08 9.04 11.64
C LEU A 410 62.26 9.17 12.58
N HIS A 411 62.11 9.96 13.65
CA HIS A 411 63.18 10.08 14.63
C HIS A 411 63.57 8.71 15.16
N ILE A 412 62.57 7.86 15.43
CA ILE A 412 62.86 6.52 15.92
C ILE A 412 63.57 5.69 14.86
N HIS A 413 63.03 5.69 13.63
CA HIS A 413 63.58 4.83 12.58
C HIS A 413 64.95 5.29 12.11
N THR A 414 65.27 6.58 12.23
CA THR A 414 66.56 7.09 11.81
C THR A 414 67.53 7.06 12.99
N ALA A 415 67.96 5.84 13.32
CA ALA A 415 68.88 5.61 14.42
C ALA A 415 70.22 5.06 13.96
N ARG A 416 70.22 3.94 13.22
CA ARG A 416 71.48 3.32 12.82
C ARG A 416 72.28 4.25 11.92
N MET A 417 71.63 4.87 10.94
CA MET A 417 72.33 5.79 10.06
C MET A 417 72.69 7.08 10.78
N ARG A 418 71.96 7.42 11.84
CA ARG A 418 72.30 8.60 12.63
C ARG A 418 73.68 8.45 13.26
N GLY A 419 74.00 7.25 13.74
CA GLY A 419 75.30 7.00 14.33
C GLY A 419 76.33 6.56 13.30
N HIS A 420 75.87 6.10 12.14
CA HIS A 420 76.78 5.69 11.07
C HIS A 420 77.19 6.85 10.17
N GLN A 421 76.55 8.01 10.31
CA GLN A 421 76.89 9.19 9.51
C GLN A 421 76.80 8.90 8.01
N LEU A 422 75.87 8.05 7.61
CA LEU A 422 75.62 7.74 6.21
C LEU A 422 74.70 8.76 5.55
N LEU A 423 74.14 9.69 6.32
CA LEU A 423 73.19 10.67 5.83
C LEU A 423 73.85 12.04 5.80
N SER A 424 73.28 12.93 4.97
CA SER A 424 73.82 14.27 4.83
C SER A 424 73.31 15.19 5.94
N ALA A 425 74.16 16.15 6.33
CA ALA A 425 73.76 17.12 7.34
C ALA A 425 72.67 18.05 6.84
N ASP A 426 72.58 18.24 5.52
CA ASP A 426 71.55 19.10 4.95
C ASP A 426 70.17 18.47 5.02
N VAL A 427 70.07 17.19 5.36
CA VAL A 427 68.76 16.54 5.43
C VAL A 427 67.89 17.26 6.46
N ASP A 428 66.65 17.50 6.08
CA ASP A 428 65.66 18.13 6.97
C ASP A 428 64.48 17.16 7.12
N ILE A 429 64.46 16.42 8.23
CA ILE A 429 63.39 15.47 8.47
C ILE A 429 62.05 16.17 8.60
N LYS A 430 62.06 17.46 8.97
CA LYS A 430 60.81 18.19 9.10
C LYS A 430 60.08 18.27 7.77
N GLU A 431 60.79 18.58 6.69
CA GLU A 431 60.17 18.65 5.38
C GLU A 431 59.63 17.29 4.96
N LEU A 432 60.38 16.22 5.22
CA LEU A 432 59.91 14.89 4.88
C LEU A 432 58.63 14.54 5.63
N ALA A 433 58.58 14.85 6.93
CA ALA A 433 57.38 14.58 7.71
C ALA A 433 56.20 15.40 7.20
N VAL A 434 56.44 16.66 6.86
CA VAL A 434 55.35 17.51 6.38
C VAL A 434 54.80 16.99 5.06
N GLU A 435 55.69 16.59 4.15
CA GLU A 435 55.26 16.21 2.81
C GLU A 435 54.38 14.97 2.84
N THR A 436 54.81 13.93 3.56
CA THR A 436 54.12 12.65 3.55
C THR A 436 52.78 12.81 4.26
N LYS A 437 51.69 12.88 3.47
CA LYS A 437 50.37 13.08 4.04
C LYS A 437 49.77 11.75 4.51
N ASN A 438 49.57 10.82 3.58
CA ASN A 438 48.99 9.50 3.87
C ASN A 438 50.12 8.48 3.86
N PHE A 439 50.81 8.38 4.99
CA PHE A 439 51.93 7.45 5.14
C PHE A 439 51.80 6.70 6.44
N SER A 440 51.87 5.37 6.36
CA SER A 440 51.95 4.52 7.54
C SER A 440 53.41 4.28 7.91
N GLY A 441 53.61 3.70 9.09
CA GLY A 441 54.97 3.44 9.55
C GLY A 441 55.75 2.58 8.58
N ALA A 442 55.09 1.60 7.96
CA ALA A 442 55.76 0.75 6.99
C ALA A 442 56.29 1.56 5.82
N GLU A 443 55.48 2.49 5.31
CA GLU A 443 55.94 3.35 4.23
C GLU A 443 57.09 4.23 4.69
N LEU A 444 57.02 4.71 5.94
CA LEU A 444 58.10 5.55 6.46
C LEU A 444 59.42 4.80 6.49
N GLU A 445 59.40 3.53 6.94
CA GLU A 445 60.62 2.74 6.96
C GLU A 445 61.09 2.40 5.55
N GLY A 446 60.15 2.09 4.65
CA GLY A 446 60.52 1.84 3.27
C GLY A 446 61.19 3.04 2.63
N LEU A 447 60.79 4.25 3.04
CA LEU A 447 61.46 5.45 2.58
C LEU A 447 62.96 5.39 2.87
N VAL A 448 63.31 5.08 4.13
CA VAL A 448 64.71 5.01 4.52
C VAL A 448 65.42 3.91 3.74
N ARG A 449 64.78 2.75 3.63
CA ARG A 449 65.41 1.64 2.91
C ARG A 449 65.74 2.06 1.48
N ALA A 450 64.74 2.58 0.76
CA ALA A 450 64.93 2.95 -0.63
C ALA A 450 65.95 4.07 -0.78
N ALA A 451 65.95 5.03 0.15
CA ALA A 451 66.90 6.13 0.06
C ALA A 451 68.34 5.64 0.20
N GLN A 452 68.59 4.78 1.20
CA GLN A 452 69.94 4.26 1.36
C GLN A 452 70.35 3.43 0.15
N SER A 453 69.44 2.61 -0.37
CA SER A 453 69.76 1.82 -1.55
C SER A 453 70.11 2.74 -2.73
N THR A 454 69.28 3.74 -2.96
CA THR A 454 69.51 4.69 -4.05
C THR A 454 70.89 5.34 -3.92
N ALA A 455 71.24 5.77 -2.70
CA ALA A 455 72.49 6.49 -2.53
C ALA A 455 73.70 5.58 -2.70
N MET A 456 73.65 4.39 -2.10
CA MET A 456 74.75 3.45 -2.27
C MET A 456 74.97 3.18 -3.75
N ASN A 457 73.91 2.81 -4.47
CA ASN A 457 74.04 2.56 -5.89
C ASN A 457 74.57 3.79 -6.62
N ARG A 458 73.99 4.96 -6.34
CA ARG A 458 74.38 6.19 -7.01
C ARG A 458 75.89 6.38 -6.95
N HIS A 459 76.42 6.50 -5.73
CA HIS A 459 77.81 6.92 -5.59
C HIS A 459 78.78 5.78 -5.93
N ILE A 460 78.44 4.53 -5.58
CA ILE A 460 79.29 3.42 -5.97
C ILE A 460 79.41 3.36 -7.48
N LYS A 461 78.26 3.39 -8.19
CA LYS A 461 78.29 3.32 -9.64
C LYS A 461 78.99 4.53 -10.24
N ALA A 462 78.81 5.71 -9.63
CA ALA A 462 79.49 6.90 -10.12
C ALA A 462 81.00 6.73 -10.09
N SER A 463 81.53 6.14 -9.02
CA SER A 463 82.97 5.98 -8.90
C SER A 463 83.50 4.70 -9.55
N THR A 464 82.64 3.76 -9.93
CA THR A 464 83.12 2.52 -10.53
C THR A 464 83.57 2.73 -11.98
N LYS A 465 82.84 3.51 -12.75
CA LYS A 465 83.16 3.73 -14.16
C LYS A 465 84.38 4.63 -14.35
N VAL A 466 84.89 5.23 -13.27
CA VAL A 466 86.06 6.10 -13.34
C VAL A 466 87.15 5.52 -12.45
N GLU A 467 88.40 5.84 -12.79
CA GLU A 467 89.55 5.38 -12.03
C GLU A 467 89.87 6.29 -10.85
N VAL A 468 88.91 7.08 -10.40
CA VAL A 468 89.09 7.97 -9.26
C VAL A 468 89.18 7.15 -7.99
N ASP A 469 89.61 7.77 -6.90
CA ASP A 469 89.76 7.06 -5.63
C ASP A 469 88.45 6.42 -5.22
N MET A 470 88.55 5.19 -4.70
CA MET A 470 87.35 4.46 -4.30
C MET A 470 86.58 5.22 -3.22
N GLU A 471 87.29 5.71 -2.21
CA GLU A 471 86.62 6.39 -1.11
C GLU A 471 85.92 7.67 -1.56
N LYS A 472 86.25 8.18 -2.74
CA LYS A 472 85.46 9.27 -3.31
C LYS A 472 83.98 8.90 -3.32
N ALA A 473 83.68 7.69 -3.77
CA ALA A 473 82.30 7.19 -3.68
C ALA A 473 81.80 7.27 -2.25
N GLU A 474 82.59 6.75 -1.31
CA GLU A 474 82.20 6.82 0.10
C GLU A 474 82.14 8.26 0.59
N SER A 475 82.88 9.17 -0.06
CA SER A 475 82.75 10.57 0.28
C SER A 475 81.38 11.13 -0.07
N LEU A 476 80.73 10.55 -1.08
CA LEU A 476 79.34 10.88 -1.41
C LEU A 476 78.35 9.98 -0.68
N GLN A 477 78.82 9.17 0.26
CA GLN A 477 77.92 8.30 1.02
C GLN A 477 76.81 9.10 1.68
N VAL A 478 77.12 10.31 2.16
CA VAL A 478 76.11 11.14 2.79
C VAL A 478 75.01 11.43 1.78
N THR A 479 73.76 11.45 2.27
CA THR A 479 72.58 11.49 1.43
C THR A 479 71.76 12.73 1.76
N ARG A 480 71.51 13.57 0.76
CA ARG A 480 70.60 14.70 0.93
C ARG A 480 69.40 14.62 0.00
N GLY A 481 69.62 14.51 -1.32
CA GLY A 481 68.53 14.50 -2.28
C GLY A 481 67.96 13.15 -2.62
N ASP A 482 68.58 12.06 -2.15
CA ASP A 482 68.09 10.73 -2.50
C ASP A 482 66.73 10.45 -1.88
N PHE A 483 66.44 11.07 -0.72
CA PHE A 483 65.12 10.92 -0.14
C PHE A 483 64.04 11.35 -1.12
N LEU A 484 64.19 12.53 -1.71
CA LEU A 484 63.23 13.02 -2.69
C LEU A 484 63.19 12.11 -3.91
N ALA A 485 64.37 11.65 -4.36
CA ALA A 485 64.42 10.78 -5.53
C ALA A 485 63.60 9.52 -5.31
N SER A 486 63.78 8.87 -4.16
CA SER A 486 62.99 7.68 -3.86
C SER A 486 61.51 8.03 -3.69
N LEU A 487 61.21 9.17 -3.04
CA LEU A 487 59.82 9.54 -2.77
C LEU A 487 59.04 9.81 -4.06
N GLU A 488 59.73 10.17 -5.14
CA GLU A 488 59.04 10.59 -6.36
C GLU A 488 58.06 9.51 -6.83
N ASN A 489 58.56 8.31 -7.12
CA ASN A 489 57.71 7.25 -7.64
C ASN A 489 58.02 5.89 -7.05
N ASP A 490 59.04 5.75 -6.19
CA ASP A 490 59.38 4.44 -5.65
C ASP A 490 58.30 3.92 -4.71
N ILE A 491 57.77 4.79 -3.86
CA ILE A 491 56.75 4.41 -2.88
C ILE A 491 55.60 5.40 -2.98
N LYS A 492 54.39 4.89 -2.91
CA LYS A 492 53.18 5.71 -2.98
C LYS A 492 52.22 5.30 -1.88
N PRO A 493 51.34 6.21 -1.45
CA PRO A 493 50.39 5.86 -0.38
C PRO A 493 49.51 4.69 -0.77
N ALA A 494 49.20 3.87 0.24
CA ALA A 494 48.30 2.73 0.06
C ALA A 494 46.86 3.04 0.43
N PHE A 495 46.63 3.88 1.43
CA PHE A 495 45.27 4.19 1.86
C PHE A 495 44.61 5.31 1.05
N GLY A 496 43.36 5.10 0.66
CA GLY A 496 42.68 6.07 -0.17
C GLY A 496 43.46 6.27 -1.46
N THR A 497 43.77 7.52 -1.78
CA THR A 497 44.68 7.86 -2.87
C THR A 497 44.10 7.40 -4.22
N ASN A 498 42.91 7.90 -4.52
CA ASN A 498 42.28 7.67 -5.82
C ASN A 498 42.83 8.67 -6.84
N GLN A 499 42.76 8.27 -8.11
CA GLN A 499 43.23 9.09 -9.21
C GLN A 499 42.14 9.15 -10.29
N GLU A 500 42.22 10.18 -11.12
CA GLU A 500 41.23 10.41 -12.16
C GLU A 500 41.92 10.77 -13.48
N ASP A 501 41.22 10.49 -14.57
CA ASP A 501 41.68 10.82 -15.91
C ASP A 501 41.09 12.17 -16.31
N TYR A 502 41.94 13.03 -16.88
CA TYR A 502 41.55 14.37 -17.28
C TYR A 502 41.47 14.55 -18.78
N ALA A 503 42.01 13.62 -19.57
CA ALA A 503 41.90 13.72 -21.02
C ALA A 503 40.44 13.64 -21.46
N SER A 504 39.66 12.74 -20.84
CA SER A 504 38.25 12.62 -21.18
C SER A 504 37.48 13.91 -20.92
N TYR A 505 37.98 14.76 -20.02
CA TYR A 505 37.34 16.04 -19.71
C TYR A 505 38.11 17.24 -20.26
N ILE A 506 39.36 17.05 -20.67
CA ILE A 506 40.13 18.08 -21.38
C ILE A 506 40.65 17.42 -22.64
N MET A 507 39.91 17.54 -23.73
CA MET A 507 40.25 16.86 -24.99
C MET A 507 41.04 17.76 -25.92
N ASN A 508 40.73 19.06 -25.99
CA ASN A 508 41.43 20.00 -26.83
C ASN A 508 42.39 20.88 -26.04
N GLY A 509 42.71 20.51 -24.79
CA GLY A 509 43.59 21.31 -23.99
C GLY A 509 42.93 22.62 -23.57
N ILE A 510 43.76 23.55 -23.14
CA ILE A 510 43.33 24.90 -22.77
C ILE A 510 44.15 25.90 -23.57
N ILE A 511 43.46 26.83 -24.22
CA ILE A 511 44.11 27.88 -25.00
C ILE A 511 43.67 29.22 -24.43
N LYS A 512 44.63 30.11 -24.20
CA LYS A 512 44.33 31.43 -23.68
C LYS A 512 43.87 32.34 -24.82
N TRP A 513 42.64 32.84 -24.72
CA TRP A 513 42.13 33.81 -25.67
C TRP A 513 41.82 35.15 -25.04
N GLY A 514 42.06 35.32 -23.74
CA GLY A 514 41.81 36.59 -23.09
C GLY A 514 42.16 36.53 -21.63
N ASP A 515 42.06 37.68 -20.98
CA ASP A 515 42.33 37.76 -19.55
C ASP A 515 41.42 36.87 -18.70
N PRO A 516 40.12 36.72 -19.02
CA PRO A 516 39.25 35.96 -18.11
C PRO A 516 39.77 34.58 -17.74
N VAL A 517 40.43 33.88 -18.67
CA VAL A 517 40.98 32.57 -18.33
C VAL A 517 42.02 32.71 -17.22
N THR A 518 42.92 33.69 -17.34
CA THR A 518 43.92 33.92 -16.32
C THR A 518 43.27 34.29 -14.99
N ARG A 519 42.24 35.14 -15.03
CA ARG A 519 41.56 35.54 -13.80
C ARG A 519 40.93 34.33 -13.11
N VAL A 520 40.25 33.48 -13.89
CA VAL A 520 39.61 32.30 -13.31
C VAL A 520 40.65 31.37 -12.72
N LEU A 521 41.75 31.15 -13.43
CA LEU A 521 42.80 30.27 -12.90
C LEU A 521 43.39 30.82 -11.61
N ASP A 522 43.60 32.14 -11.56
CA ASP A 522 44.15 32.75 -10.35
C ASP A 522 43.19 32.59 -9.18
N ASP A 523 41.89 32.81 -9.41
CA ASP A 523 40.92 32.65 -8.33
C ASP A 523 40.89 31.20 -7.85
N GLY A 524 40.91 30.24 -8.77
CA GLY A 524 40.94 28.85 -8.37
C GLY A 524 42.18 28.51 -7.56
N GLU A 525 43.33 29.02 -7.98
N GLU A 525 43.34 29.03 -7.98
CA GLU A 525 44.56 28.78 -7.23
CA GLU A 525 44.56 28.78 -7.23
C GLU A 525 44.49 29.37 -5.84
C GLU A 525 44.49 29.37 -5.84
N LEU A 526 43.93 30.58 -5.71
CA LEU A 526 43.78 31.19 -4.39
C LEU A 526 42.89 30.34 -3.49
N LEU A 527 41.77 29.84 -4.04
CA LEU A 527 40.90 28.98 -3.25
C LEU A 527 41.63 27.71 -2.82
N VAL A 528 42.38 27.10 -3.75
CA VAL A 528 43.12 25.88 -3.40
C VAL A 528 44.13 26.17 -2.30
N GLN A 529 44.77 27.34 -2.35
CA GLN A 529 45.74 27.69 -1.32
C GLN A 529 45.06 27.88 0.04
N GLN A 530 43.90 28.52 0.07
CA GLN A 530 43.27 28.83 1.35
C GLN A 530 42.89 27.56 2.11
N THR A 531 42.39 26.55 1.40
CA THR A 531 41.88 25.35 2.04
C THR A 531 42.96 24.40 2.53
N LYS A 532 44.23 24.80 2.49
CA LYS A 532 45.32 23.94 2.91
C LYS A 532 46.09 24.46 4.11
N ASN A 533 46.13 25.78 4.32
CA ASN A 533 46.85 26.39 5.44
C ASN A 533 45.92 27.23 6.30
N SER A 534 44.69 26.77 6.47
CA SER A 534 43.69 27.46 7.27
C SER A 534 43.10 26.51 8.30
N ASP A 535 42.85 27.02 9.50
CA ASP A 535 42.27 26.24 10.59
C ASP A 535 40.80 26.55 10.83
N ARG A 536 40.38 27.80 10.61
CA ARG A 536 39.02 28.22 10.90
C ARG A 536 38.03 27.86 9.79
N THR A 537 38.50 27.36 8.65
CA THR A 537 37.65 27.02 7.51
C THR A 537 38.01 25.64 7.01
N PRO A 538 37.65 24.58 7.75
CA PRO A 538 37.93 23.22 7.29
C PRO A 538 37.04 22.75 6.15
N LEU A 539 36.21 23.62 5.58
CA LEU A 539 35.37 23.27 4.44
C LEU A 539 35.20 24.48 3.55
N VAL A 540 35.36 24.29 2.24
CA VAL A 540 35.24 25.36 1.27
C VAL A 540 34.50 24.84 0.05
N SER A 541 33.57 25.65 -0.46
CA SER A 541 32.82 25.32 -1.67
C SER A 541 32.84 26.52 -2.61
N VAL A 542 32.80 26.24 -3.90
CA VAL A 542 32.81 27.29 -4.91
C VAL A 542 31.95 26.86 -6.08
N LEU A 543 31.29 27.83 -6.71
CA LEU A 543 30.37 27.61 -7.81
C LEU A 543 30.83 28.38 -9.03
N LEU A 544 30.76 27.74 -10.20
CA LEU A 544 31.05 28.37 -11.47
C LEU A 544 29.76 28.46 -12.27
N GLU A 545 29.52 29.62 -12.88
CA GLU A 545 28.31 29.87 -13.64
C GLU A 545 28.66 30.60 -14.93
N GLY A 546 27.83 30.40 -15.95
CA GLY A 546 28.02 31.05 -17.23
C GLY A 546 27.07 30.55 -18.29
N PRO A 547 27.08 31.18 -19.45
CA PRO A 547 26.20 30.76 -20.54
C PRO A 547 26.56 29.37 -21.02
N PRO A 548 25.63 28.66 -21.67
CA PRO A 548 25.92 27.29 -22.09
C PRO A 548 27.10 27.24 -23.04
N HIS A 549 27.87 26.15 -22.94
CA HIS A 549 29.01 25.87 -23.80
C HIS A 549 30.17 26.84 -23.59
N SER A 550 30.23 27.50 -22.42
CA SER A 550 31.31 28.44 -22.15
C SER A 550 32.59 27.75 -21.71
N GLY A 551 32.58 26.44 -21.48
CA GLY A 551 33.78 25.73 -21.12
C GLY A 551 34.05 25.71 -19.63
N LYS A 552 33.02 25.47 -18.83
CA LYS A 552 33.18 25.48 -17.37
C LYS A 552 33.72 24.15 -16.85
N THR A 553 33.23 23.04 -17.41
CA THR A 553 33.67 21.73 -16.94
C THR A 553 35.16 21.53 -17.16
N ALA A 554 35.66 21.95 -18.33
CA ALA A 554 37.09 21.80 -18.60
C ALA A 554 37.93 22.60 -17.62
N LEU A 555 37.52 23.84 -17.34
CA LEU A 555 38.25 24.65 -16.38
C LEU A 555 38.24 24.03 -14.99
N ALA A 556 37.08 23.51 -14.58
CA ALA A 556 37.00 22.87 -13.27
C ALA A 556 37.93 21.66 -13.20
N ALA A 557 37.94 20.84 -14.25
CA ALA A 557 38.83 19.67 -14.27
C ALA A 557 40.28 20.10 -14.24
N LYS A 558 40.63 21.16 -14.97
CA LYS A 558 42.00 21.64 -14.97
C LYS A 558 42.43 22.09 -13.58
N ILE A 559 41.56 22.84 -12.90
CA ILE A 559 41.88 23.29 -11.54
C ILE A 559 42.05 22.08 -10.62
N ALA A 560 41.15 21.11 -10.73
CA ALA A 560 41.23 19.92 -9.88
C ALA A 560 42.55 19.19 -10.11
N GLU A 561 42.96 19.04 -11.37
CA GLU A 561 44.24 18.40 -11.65
C GLU A 561 45.39 19.20 -11.09
N GLU A 562 45.34 20.53 -11.22
CA GLU A 562 46.41 21.38 -10.69
C GLU A 562 46.44 21.38 -9.18
N SER A 563 45.38 20.93 -8.52
CA SER A 563 45.35 20.93 -7.06
C SER A 563 46.49 20.08 -6.48
N ASN A 564 46.72 18.91 -7.06
CA ASN A 564 47.78 17.99 -6.62
C ASN A 564 47.45 17.31 -5.30
N PHE A 565 46.16 17.14 -4.98
CA PHE A 565 45.78 16.51 -3.73
C PHE A 565 45.90 14.98 -3.83
N PRO A 566 46.17 14.29 -2.72
CA PRO A 566 46.26 12.82 -2.78
C PRO A 566 44.99 12.17 -3.29
N PHE A 567 43.83 12.69 -2.91
CA PHE A 567 42.54 12.09 -3.25
C PHE A 567 41.78 13.02 -4.18
N ILE A 568 41.35 12.50 -5.32
CA ILE A 568 40.57 13.26 -6.29
C ILE A 568 39.50 12.35 -6.86
N LYS A 569 38.33 12.92 -7.16
CA LYS A 569 37.23 12.14 -7.72
C LYS A 569 36.31 13.11 -8.46
N ILE A 570 35.55 12.57 -9.40
CA ILE A 570 34.58 13.36 -10.18
C ILE A 570 33.26 12.61 -10.21
N CYS A 571 32.18 13.31 -9.92
CA CYS A 571 30.82 12.75 -9.96
C CYS A 571 30.04 13.48 -11.04
N SER A 572 29.67 12.75 -12.09
CA SER A 572 29.01 13.32 -13.25
C SER A 572 27.74 12.53 -13.57
N PRO A 573 26.73 13.18 -14.15
CA PRO A 573 25.52 12.44 -14.55
C PRO A 573 25.75 11.47 -15.69
N ASP A 574 26.88 11.59 -16.43
CA ASP A 574 27.12 10.69 -17.55
C ASP A 574 27.19 9.25 -17.09
N LYS A 575 27.87 8.98 -15.98
CA LYS A 575 27.87 7.63 -15.42
C LYS A 575 26.50 7.24 -14.88
N MET A 576 25.63 8.21 -14.63
CA MET A 576 24.29 7.96 -14.09
C MET A 576 23.29 8.09 -15.24
N ILE A 577 23.00 6.97 -15.89
CA ILE A 577 22.05 6.92 -17.00
C ILE A 577 20.97 5.92 -16.61
N GLY A 578 19.72 6.37 -16.62
CA GLY A 578 18.59 5.53 -16.27
C GLY A 578 18.48 5.19 -14.79
N PHE A 579 19.34 5.77 -13.96
CA PHE A 579 19.31 5.48 -12.52
C PHE A 579 18.06 6.04 -11.88
N SER A 580 17.58 5.35 -10.85
CA SER A 580 16.51 5.87 -10.02
C SER A 580 17.07 6.89 -9.03
N GLU A 581 16.16 7.69 -8.46
CA GLU A 581 16.59 8.76 -7.56
C GLU A 581 17.32 8.19 -6.35
N THR A 582 16.78 7.13 -5.76
CA THR A 582 17.41 6.55 -4.58
C THR A 582 18.83 6.06 -4.90
N ALA A 583 19.01 5.44 -6.07
CA ALA A 583 20.34 4.98 -6.45
C ALA A 583 21.31 6.14 -6.61
N LYS A 584 20.84 7.26 -7.18
CA LYS A 584 21.69 8.44 -7.30
C LYS A 584 22.09 8.97 -5.92
N CYS A 585 21.14 9.01 -4.99
CA CYS A 585 21.47 9.44 -3.63
C CYS A 585 22.49 8.51 -2.99
N GLN A 586 22.33 7.20 -3.18
CA GLN A 586 23.30 6.25 -2.66
C GLN A 586 24.68 6.48 -3.25
N ALA A 587 24.77 6.71 -4.55
CA ALA A 587 26.05 6.95 -5.18
C ALA A 587 26.71 8.21 -4.62
N MET A 588 25.93 9.28 -4.47
CA MET A 588 26.49 10.53 -3.96
C MET A 588 27.01 10.34 -2.54
N LYS A 589 26.22 9.72 -1.67
CA LYS A 589 26.66 9.54 -0.29
C LYS A 589 27.87 8.62 -0.23
N LYS A 590 27.93 7.59 -1.08
CA LYS A 590 29.11 6.72 -1.10
C LYS A 590 30.35 7.49 -1.51
N ILE A 591 30.24 8.33 -2.54
CA ILE A 591 31.39 9.11 -2.98
C ILE A 591 31.88 9.99 -1.84
N PHE A 592 30.96 10.68 -1.17
CA PHE A 592 31.38 11.58 -0.09
C PHE A 592 31.94 10.80 1.10
N ASP A 593 31.36 9.64 1.40
CA ASP A 593 31.89 8.83 2.49
C ASP A 593 33.32 8.38 2.20
N ASP A 594 33.59 7.95 0.97
CA ASP A 594 34.96 7.61 0.60
C ASP A 594 35.87 8.82 0.70
N ALA A 595 35.39 9.99 0.26
CA ALA A 595 36.21 11.19 0.32
C ALA A 595 36.56 11.54 1.75
N TYR A 596 35.68 11.23 2.70
CA TYR A 596 35.95 11.58 4.09
C TYR A 596 37.17 10.86 4.64
N LYS A 597 37.53 9.70 4.07
CA LYS A 597 38.58 8.87 4.64
C LYS A 597 39.97 9.47 4.49
N SER A 598 40.17 10.49 3.69
CA SER A 598 41.53 10.99 3.39
C SER A 598 41.80 12.35 3.99
N GLN A 599 43.01 12.57 4.48
CA GLN A 599 43.40 13.82 5.13
C GLN A 599 43.31 15.00 4.16
N LEU A 600 43.11 14.74 2.87
CA LEU A 600 42.88 15.78 1.89
C LEU A 600 42.06 15.16 0.76
N SER A 601 41.37 16.02 0.01
CA SER A 601 40.54 15.52 -1.09
C SER A 601 40.04 16.71 -1.90
N CYS A 602 39.36 16.39 -3.00
CA CYS A 602 38.68 17.38 -3.83
C CYS A 602 37.66 16.65 -4.67
N VAL A 603 36.39 17.02 -4.54
CA VAL A 603 35.29 16.36 -5.22
C VAL A 603 34.58 17.38 -6.10
N VAL A 604 34.28 16.99 -7.33
CA VAL A 604 33.69 17.87 -8.33
C VAL A 604 32.34 17.31 -8.74
N VAL A 605 31.33 18.17 -8.76
CA VAL A 605 29.99 17.83 -9.22
C VAL A 605 29.65 18.72 -10.39
N ASP A 606 29.19 18.12 -11.49
CA ASP A 606 28.93 18.83 -12.73
C ASP A 606 27.46 18.73 -13.11
N ASP A 607 26.97 19.77 -13.79
CA ASP A 607 25.61 19.79 -14.32
C ASP A 607 24.58 19.57 -13.21
N ILE A 608 24.56 20.52 -12.27
CA ILE A 608 23.62 20.44 -11.16
C ILE A 608 22.19 20.48 -11.67
N GLU A 609 21.90 21.38 -12.61
CA GLU A 609 20.53 21.51 -13.12
C GLU A 609 20.06 20.22 -13.77
N ARG A 610 20.93 19.57 -14.55
CA ARG A 610 20.57 18.27 -15.11
C ARG A 610 20.52 17.20 -14.03
N LEU A 611 21.48 17.23 -13.10
CA LEU A 611 21.49 16.23 -12.03
C LEU A 611 20.18 16.28 -11.24
N LEU A 612 19.53 17.43 -11.17
CA LEU A 612 18.23 17.54 -10.53
C LEU A 612 17.07 17.16 -11.45
N ASP A 613 17.33 16.95 -12.74
CA ASP A 613 16.30 16.55 -13.70
C ASP A 613 15.21 17.61 -13.82
N TYR A 614 15.65 18.82 -14.17
CA TYR A 614 14.77 19.96 -14.36
C TYR A 614 14.12 19.90 -15.74
N VAL A 615 13.08 20.73 -15.91
CA VAL A 615 12.42 20.89 -17.21
C VAL A 615 11.62 22.20 -17.17
N PRO A 616 11.72 23.05 -18.20
CA PRO A 616 11.06 24.36 -18.10
C PRO A 616 9.55 24.30 -17.95
N ILE A 617 8.88 23.32 -18.56
CA ILE A 617 7.43 23.25 -18.48
C ILE A 617 7.07 22.83 -17.05
N GLY A 618 6.63 23.80 -16.26
CA GLY A 618 6.40 23.58 -14.84
C GLY A 618 7.64 23.01 -14.18
N PRO A 619 7.51 22.60 -12.92
CA PRO A 619 8.63 21.94 -12.25
C PRO A 619 8.55 20.43 -12.34
N ARG A 620 9.72 19.77 -12.38
CA ARG A 620 9.77 18.32 -12.20
C ARG A 620 10.99 17.89 -11.39
N PHE A 621 11.59 18.81 -10.63
CA PHE A 621 12.77 18.46 -9.83
C PHE A 621 12.45 17.33 -8.87
N SER A 622 13.37 16.38 -8.76
CA SER A 622 13.26 15.32 -7.78
C SER A 622 13.61 15.86 -6.39
N ASN A 623 12.60 16.05 -5.55
CA ASN A 623 12.81 16.70 -4.27
C ASN A 623 13.88 15.99 -3.44
N LEU A 624 13.88 14.65 -3.47
CA LEU A 624 14.81 13.89 -2.65
C LEU A 624 16.25 14.20 -3.05
N VAL A 625 16.51 14.27 -4.35
CA VAL A 625 17.87 14.54 -4.82
C VAL A 625 18.30 15.96 -4.43
N LEU A 626 17.35 16.90 -4.40
CA LEU A 626 17.68 18.26 -3.98
C LEU A 626 18.02 18.30 -2.49
N GLN A 627 17.21 17.64 -1.66
CA GLN A 627 17.46 17.65 -0.23
C GLN A 627 18.77 16.94 0.13
N ALA A 628 19.10 15.85 -0.56
CA ALA A 628 20.36 15.18 -0.30
C ALA A 628 21.53 16.14 -0.53
N LEU A 629 21.52 16.85 -1.65
CA LEU A 629 22.59 17.80 -1.94
C LEU A 629 22.64 18.90 -0.90
N LEU A 630 21.47 19.45 -0.55
CA LEU A 630 21.45 20.60 0.34
C LEU A 630 21.94 20.23 1.73
N VAL A 631 21.63 19.02 2.18
CA VAL A 631 22.15 18.55 3.47
C VAL A 631 23.65 18.28 3.36
N LEU A 632 24.09 17.65 2.27
CA LEU A 632 25.48 17.24 2.15
C LEU A 632 26.42 18.44 2.12
N LEU A 633 26.02 19.51 1.44
CA LEU A 633 26.97 20.59 1.17
C LEU A 633 27.51 21.25 2.44
N LYS A 634 26.87 21.05 3.58
CA LYS A 634 27.29 21.71 4.82
C LYS A 634 27.99 20.78 5.81
N LYS A 635 27.82 19.47 5.70
CA LYS A 635 28.34 18.55 6.71
C LYS A 635 29.85 18.57 6.69
N ALA A 636 30.46 19.09 7.76
CA ALA A 636 31.91 19.12 7.89
C ALA A 636 32.44 17.73 8.20
N PRO A 637 33.71 17.47 7.92
CA PRO A 637 34.28 16.14 8.17
C PRO A 637 34.70 16.00 9.62
N PRO A 638 35.20 14.84 10.02
CA PRO A 638 35.72 14.68 11.38
C PRO A 638 36.88 15.63 11.64
N GLN A 639 37.33 15.63 12.89
CA GLN A 639 38.37 16.56 13.31
C GLN A 639 39.63 16.37 12.48
N GLY A 640 40.21 17.49 12.04
CA GLY A 640 41.51 17.49 11.41
C GLY A 640 41.54 17.09 9.96
N ARG A 641 40.38 16.92 9.31
CA ARG A 641 40.32 16.55 7.90
C ARG A 641 39.66 17.66 7.10
N LYS A 642 40.21 17.93 5.92
CA LYS A 642 39.79 19.06 5.10
C LYS A 642 39.21 18.55 3.78
N LEU A 643 38.48 19.44 3.10
CA LEU A 643 37.77 19.07 1.89
C LEU A 643 37.52 20.33 1.07
N LEU A 644 37.33 20.14 -0.24
CA LEU A 644 37.00 21.22 -1.15
C LEU A 644 35.94 20.73 -2.13
N ILE A 645 34.94 21.57 -2.42
CA ILE A 645 33.86 21.21 -3.33
C ILE A 645 33.72 22.28 -4.39
N ILE A 646 33.63 21.85 -5.65
CA ILE A 646 33.48 22.73 -6.80
C ILE A 646 32.26 22.28 -7.60
N GLY A 647 31.40 23.22 -7.95
CA GLY A 647 30.24 22.92 -8.77
C GLY A 647 30.18 23.79 -10.00
N THR A 648 29.50 23.33 -11.05
CA THR A 648 29.36 24.07 -12.29
C THR A 648 27.91 24.04 -12.75
N THR A 649 27.40 25.20 -13.15
CA THR A 649 25.99 25.33 -13.49
C THR A 649 25.83 26.38 -14.58
N SER A 650 24.67 26.37 -15.22
CA SER A 650 24.32 27.36 -16.23
C SER A 650 22.99 28.06 -15.98
N ARG A 651 22.06 27.44 -15.25
CA ARG A 651 20.75 28.05 -14.96
C ARG A 651 20.81 28.66 -13.56
N LYS A 652 21.46 29.82 -13.46
CA LYS A 652 21.68 30.43 -12.16
C LYS A 652 20.36 30.83 -11.50
N ASP A 653 19.44 31.39 -12.28
CA ASP A 653 18.19 31.90 -11.70
C ASP A 653 17.40 30.78 -11.03
N VAL A 654 17.31 29.63 -11.70
CA VAL A 654 16.54 28.51 -11.13
C VAL A 654 17.15 28.09 -9.80
N LEU A 655 18.48 27.98 -9.74
CA LEU A 655 19.12 27.64 -8.48
C LEU A 655 18.84 28.70 -7.42
N GLN A 656 18.85 29.96 -7.80
CA GLN A 656 18.54 31.02 -6.83
C GLN A 656 17.13 30.86 -6.29
N GLU A 657 16.20 30.39 -7.12
CA GLU A 657 14.83 30.22 -6.67
C GLU A 657 14.74 29.20 -5.55
N MET A 658 15.46 28.08 -5.68
CA MET A 658 15.39 27.01 -4.68
C MET A 658 16.13 27.36 -3.39
N GLU A 659 16.80 28.50 -3.32
CA GLU A 659 17.49 29.01 -2.14
C GLU A 659 18.80 28.28 -1.88
N MET A 660 19.23 27.38 -2.76
CA MET A 660 20.48 26.66 -2.55
C MET A 660 21.71 27.53 -2.81
N LEU A 661 21.53 28.67 -3.48
CA LEU A 661 22.68 29.53 -3.77
C LEU A 661 23.41 29.93 -2.50
N ASN A 662 22.69 30.07 -1.39
CA ASN A 662 23.32 30.50 -0.14
C ASN A 662 24.18 29.40 0.48
N ALA A 663 23.95 28.14 0.11
CA ALA A 663 24.79 27.06 0.64
C ALA A 663 26.24 27.24 0.19
N PHE A 664 26.45 27.73 -1.03
CA PHE A 664 27.80 27.95 -1.52
C PHE A 664 28.39 29.21 -0.89
N SER A 665 29.72 29.32 -0.99
CA SER A 665 30.46 30.42 -0.38
C SER A 665 30.77 31.54 -1.35
N THR A 666 31.14 31.21 -2.59
CA THR A 666 31.56 32.22 -3.55
C THR A 666 31.14 31.79 -4.95
N THR A 667 31.10 32.76 -5.86
CA THR A 667 30.74 32.53 -7.25
C THR A 667 31.75 33.22 -8.16
N ILE A 668 32.11 32.53 -9.25
CA ILE A 668 33.04 33.04 -10.24
C ILE A 668 32.36 32.97 -11.60
N HIS A 669 32.47 34.05 -12.38
CA HIS A 669 31.79 34.12 -13.66
C HIS A 669 32.64 33.54 -14.77
N VAL A 670 31.96 33.04 -15.80
CA VAL A 670 32.61 32.47 -16.99
C VAL A 670 32.01 33.12 -18.22
N PRO A 671 32.44 34.33 -18.60
CA PRO A 671 31.79 35.03 -19.71
C PRO A 671 32.06 34.40 -21.06
N ASN A 672 31.53 35.03 -22.12
CA ASN A 672 31.70 34.56 -23.49
C ASN A 672 32.46 35.60 -24.28
N ILE A 673 33.01 35.16 -25.43
CA ILE A 673 33.71 36.08 -26.31
C ILE A 673 32.76 37.18 -26.74
N ALA A 674 33.21 38.43 -26.60
CA ALA A 674 32.36 39.58 -26.89
C ALA A 674 33.04 40.63 -27.77
N THR A 675 34.20 40.33 -28.34
CA THR A 675 34.91 41.27 -29.19
C THR A 675 35.44 40.54 -30.41
N GLY A 676 35.50 41.26 -31.54
CA GLY A 676 36.04 40.66 -32.74
C GLY A 676 37.50 40.27 -32.59
N GLU A 677 38.32 41.18 -32.07
CA GLU A 677 39.74 40.90 -31.91
C GLU A 677 39.96 39.61 -31.12
N GLN A 678 39.09 39.33 -30.14
CA GLN A 678 39.16 38.06 -29.44
C GLN A 678 38.91 36.90 -30.39
N LEU A 679 37.96 37.05 -31.32
CA LEU A 679 37.69 35.99 -32.29
C LEU A 679 38.89 35.76 -33.19
N LEU A 680 39.50 36.84 -33.70
CA LEU A 680 40.70 36.67 -34.53
C LEU A 680 41.84 36.04 -33.74
N GLU A 681 42.01 36.43 -32.48
CA GLU A 681 43.06 35.83 -31.66
C GLU A 681 42.82 34.33 -31.47
N ALA A 682 41.58 33.95 -31.20
CA ALA A 682 41.27 32.53 -31.06
C ALA A 682 41.52 31.78 -32.36
N LEU A 683 41.14 32.38 -33.49
CA LEU A 683 41.38 31.74 -34.78
C LEU A 683 42.87 31.55 -35.02
N GLU A 684 43.67 32.57 -34.71
CA GLU A 684 45.11 32.48 -34.95
C GLU A 684 45.75 31.45 -34.02
N LEU A 685 45.30 31.40 -32.77
CA LEU A 685 45.77 30.34 -31.88
C LEU A 685 45.45 28.96 -32.44
N LEU A 686 44.21 28.78 -32.93
CA LEU A 686 43.85 27.50 -33.54
C LEU A 686 44.68 27.24 -34.79
N GLY A 687 44.90 28.27 -35.60
CA GLY A 687 45.69 28.12 -36.81
C GLY A 687 45.03 27.29 -37.88
N ASN A 688 43.92 27.80 -38.42
CA ASN A 688 43.17 27.10 -39.46
C ASN A 688 43.00 27.93 -40.72
N PHE A 689 42.82 29.24 -40.60
CA PHE A 689 42.63 30.11 -41.75
C PHE A 689 43.96 30.74 -42.16
N LYS A 690 44.11 30.96 -43.45
CA LYS A 690 45.34 31.54 -43.99
C LYS A 690 45.32 33.06 -43.87
N ASP A 691 46.37 33.69 -44.38
CA ASP A 691 46.52 35.14 -44.23
C ASP A 691 45.38 35.88 -44.94
N LYS A 692 45.10 35.52 -46.19
CA LYS A 692 44.04 36.21 -46.92
C LYS A 692 42.68 35.97 -46.28
N GLU A 693 42.40 34.73 -45.86
CA GLU A 693 41.14 34.45 -45.19
C GLU A 693 41.07 35.18 -43.85
N ARG A 694 42.19 35.25 -43.13
CA ARG A 694 42.22 35.96 -41.87
C ARG A 694 41.90 37.44 -42.07
N THR A 695 42.51 38.05 -43.09
CA THR A 695 42.23 39.46 -43.37
C THR A 695 40.78 39.65 -43.78
N THR A 696 40.24 38.73 -44.59
CA THR A 696 38.85 38.86 -45.01
C THR A 696 37.91 38.81 -43.82
N ILE A 697 38.10 37.83 -42.92
CA ILE A 697 37.25 37.73 -41.74
C ILE A 697 37.42 38.97 -40.86
N ALA A 698 38.66 39.43 -40.67
CA ALA A 698 38.89 40.58 -39.82
C ALA A 698 38.17 41.81 -40.35
N GLN A 699 38.24 42.06 -41.66
CA GLN A 699 37.55 43.21 -42.22
C GLN A 699 36.04 43.02 -42.16
N GLN A 700 35.55 41.78 -42.33
CA GLN A 700 34.11 41.56 -42.34
C GLN A 700 33.49 41.73 -40.96
N VAL A 701 34.18 41.27 -39.92
CA VAL A 701 33.61 41.24 -38.57
C VAL A 701 34.46 42.10 -37.63
N LYS A 702 35.06 43.17 -38.16
CA LYS A 702 35.87 44.04 -37.32
C LYS A 702 35.06 44.59 -36.16
N GLY A 703 33.76 44.79 -36.35
CA GLY A 703 32.90 45.27 -35.28
C GLY A 703 32.91 44.36 -34.07
N LYS A 704 33.03 44.93 -32.88
CA LYS A 704 33.10 44.15 -31.64
C LYS A 704 31.69 43.91 -31.08
N LYS A 705 30.90 43.18 -31.87
CA LYS A 705 29.51 42.86 -31.52
C LYS A 705 29.27 41.36 -31.72
N VAL A 706 30.18 40.54 -31.23
CA VAL A 706 30.10 39.09 -31.37
C VAL A 706 29.65 38.49 -30.05
N TRP A 707 29.04 37.30 -30.14
CA TRP A 707 28.61 36.57 -28.96
C TRP A 707 28.77 35.08 -29.28
N ILE A 708 29.88 34.49 -28.82
CA ILE A 708 30.24 33.13 -29.21
C ILE A 708 30.99 32.48 -28.07
N GLY A 709 30.79 31.17 -27.90
CA GLY A 709 31.53 30.38 -26.96
C GLY A 709 32.62 29.57 -27.63
N ILE A 710 33.60 29.12 -26.84
CA ILE A 710 34.73 28.40 -27.40
C ILE A 710 34.27 27.08 -28.01
N LYS A 711 33.37 26.37 -27.33
CA LYS A 711 32.85 25.11 -27.87
C LYS A 711 32.09 25.34 -29.17
N LYS A 712 31.22 26.36 -29.19
CA LYS A 712 30.46 26.67 -30.39
C LYS A 712 31.39 27.08 -31.52
N LEU A 713 32.39 27.90 -31.22
CA LEU A 713 33.37 28.27 -32.24
C LEU A 713 34.08 27.03 -32.79
N LEU A 714 34.47 26.12 -31.90
CA LEU A 714 35.19 24.93 -32.33
C LEU A 714 34.34 24.09 -33.29
N MET A 715 33.10 23.80 -32.90
CA MET A 715 32.30 22.94 -33.76
C MET A 715 31.89 23.66 -35.03
N LEU A 716 31.71 24.98 -34.97
CA LEU A 716 31.39 25.75 -36.17
C LEU A 716 32.55 25.70 -37.16
N ILE A 717 33.78 25.86 -36.67
CA ILE A 717 34.94 25.76 -37.55
C ILE A 717 35.04 24.36 -38.14
N GLU A 718 34.81 23.33 -37.29
CA GLU A 718 34.91 21.95 -37.77
C GLU A 718 33.91 21.68 -38.88
N MET A 719 32.66 22.12 -38.71
CA MET A 719 31.69 22.02 -39.79
C MET A 719 32.15 22.80 -41.01
N SER A 720 32.49 24.09 -40.84
CA SER A 720 32.80 24.93 -41.99
C SER A 720 33.96 24.39 -42.81
N LEU A 721 34.87 23.65 -42.17
CA LEU A 721 36.02 23.13 -42.89
C LEU A 721 35.66 22.03 -43.89
N GLN A 722 34.41 21.55 -43.88
CA GLN A 722 34.03 20.42 -44.72
C GLN A 722 33.72 20.80 -46.16
N MET A 723 33.57 22.08 -46.47
CA MET A 723 33.25 22.49 -47.83
C MET A 723 34.53 22.53 -48.68
N ASP A 724 34.35 22.85 -49.97
CA ASP A 724 35.48 22.94 -50.88
C ASP A 724 36.34 24.16 -50.51
N PRO A 725 37.61 24.16 -50.93
CA PRO A 725 38.48 25.29 -50.56
C PRO A 725 37.93 26.64 -50.96
N GLU A 726 37.27 26.73 -52.11
CA GLU A 726 36.74 28.01 -52.56
C GLU A 726 35.60 28.47 -51.67
N TYR A 727 34.63 27.59 -51.42
CA TYR A 727 33.41 27.95 -50.68
C TYR A 727 33.53 27.57 -49.21
N ARG A 728 34.50 28.18 -48.53
CA ARG A 728 34.71 27.95 -47.11
C ARG A 728 34.56 29.21 -46.27
N VAL A 729 35.20 30.31 -46.67
CA VAL A 729 35.12 31.54 -45.89
C VAL A 729 33.68 32.05 -45.87
N ARG A 730 33.02 32.06 -47.03
CA ARG A 730 31.63 32.51 -47.08
C ARG A 730 30.73 31.61 -46.24
N LYS A 731 30.97 30.30 -46.28
CA LYS A 731 30.18 29.39 -45.44
C LYS A 731 30.39 29.68 -43.96
N PHE A 732 31.64 29.93 -43.56
CA PHE A 732 31.92 30.27 -42.18
C PHE A 732 31.21 31.56 -41.77
N LEU A 733 31.25 32.57 -42.64
CA LEU A 733 30.58 33.83 -42.33
C LEU A 733 29.07 33.64 -42.22
N ALA A 734 28.48 32.84 -43.12
CA ALA A 734 27.05 32.58 -43.05
C ALA A 734 26.69 31.85 -41.76
N LEU A 735 27.50 30.87 -41.36
CA LEU A 735 27.25 30.17 -40.11
C LEU A 735 27.33 31.12 -38.92
N LEU A 736 28.34 31.99 -38.92
CA LEU A 736 28.46 32.96 -37.83
C LEU A 736 27.25 33.89 -37.79
N ARG A 737 26.80 34.36 -38.96
CA ARG A 737 25.65 35.24 -39.00
C ARG A 737 24.40 34.53 -38.49
N GLU A 738 24.24 33.25 -38.83
CA GLU A 738 23.10 32.49 -38.33
C GLU A 738 23.07 32.51 -36.81
N GLU A 739 24.23 32.42 -36.17
CA GLU A 739 24.30 32.43 -34.71
C GLU A 739 23.97 33.82 -34.17
N GLY A 740 23.73 33.88 -32.87
CA GLY A 740 23.42 35.13 -32.22
C GLY A 740 24.64 36.04 -32.11
N ALA A 741 24.37 37.30 -31.79
CA ALA A 741 25.42 38.31 -31.65
C ALA A 741 25.28 39.11 -30.36
N SER A 742 24.40 38.71 -29.45
CA SER A 742 24.19 39.42 -28.21
C SER A 742 23.62 38.46 -27.18
N PRO A 743 23.71 38.78 -25.88
CA PRO A 743 23.17 37.90 -24.84
C PRO A 743 21.65 37.82 -24.86
N ASN B 3 -35.39 38.14 56.22
CA ASN B 3 -34.42 37.14 56.74
C ASN B 3 -34.96 35.72 56.55
N MET B 4 -36.14 35.46 57.10
CA MET B 4 -36.76 34.14 56.95
C MET B 4 -37.01 33.82 55.49
N ALA B 5 -37.55 34.77 54.73
CA ALA B 5 -37.82 34.53 53.32
C ALA B 5 -36.53 34.52 52.49
N GLY B 6 -35.53 35.27 52.92
CA GLY B 6 -34.26 35.34 52.20
C GLY B 6 -34.08 36.72 51.58
N ARG B 7 -32.85 37.23 51.66
CA ARG B 7 -32.53 38.55 51.12
C ARG B 7 -31.21 38.49 50.39
N SER B 8 -31.06 39.40 49.42
CA SER B 8 -29.82 39.51 48.66
C SER B 8 -28.76 40.24 49.49
N MET B 9 -27.52 39.76 49.39
CA MET B 9 -26.44 40.29 50.21
C MET B 9 -25.16 40.21 49.39
N GLN B 10 -24.14 40.97 49.80
CA GLN B 10 -22.88 41.05 49.08
C GLN B 10 -21.78 40.35 49.88
N ALA B 11 -21.06 39.46 49.23
CA ALA B 11 -19.95 38.77 49.89
C ALA B 11 -18.80 39.72 50.15
N ALA B 12 -18.18 39.59 51.33
CA ALA B 12 -17.07 40.43 51.74
C ALA B 12 -15.97 39.56 52.34
N ARG B 13 -14.87 40.20 52.73
CA ARG B 13 -13.73 39.51 53.32
C ARG B 13 -13.84 39.48 54.83
N CYS B 14 -13.27 38.44 55.43
CA CYS B 14 -13.28 38.32 56.88
C CYS B 14 -12.48 39.47 57.49
N PRO B 15 -12.99 40.13 58.54
CA PRO B 15 -12.31 41.33 59.05
C PRO B 15 -11.10 41.03 59.92
N THR B 16 -11.14 39.94 60.70
CA THR B 16 -10.11 39.67 61.68
C THR B 16 -9.65 38.22 61.56
N ASP B 17 -8.41 37.97 61.98
CA ASP B 17 -7.87 36.62 61.96
C ASP B 17 -8.62 35.70 62.90
N GLU B 18 -9.01 36.20 64.07
CA GLU B 18 -9.73 35.38 65.03
C GLU B 18 -11.06 34.91 64.44
N LEU B 19 -11.80 35.82 63.82
CA LEU B 19 -13.06 35.44 63.20
C LEU B 19 -12.83 34.52 62.00
N SER B 20 -11.70 34.70 61.29
CA SER B 20 -11.37 33.78 60.22
C SER B 20 -11.17 32.37 60.76
N LEU B 21 -10.52 32.25 61.92
CA LEU B 21 -10.33 30.94 62.53
C LEU B 21 -11.63 30.41 63.15
N SER B 22 -12.58 31.29 63.48
CA SER B 22 -13.83 30.84 64.07
C SER B 22 -14.67 30.02 63.10
N ASN B 23 -14.40 30.12 61.79
CA ASN B 23 -15.13 29.43 60.74
C ASN B 23 -16.58 29.90 60.63
N CYS B 24 -16.91 31.05 61.22
CA CYS B 24 -18.26 31.58 61.19
C CYS B 24 -18.36 32.74 60.20
N ALA B 25 -19.52 32.85 59.56
CA ALA B 25 -19.77 33.98 58.68
C ALA B 25 -19.93 35.25 59.51
N VAL B 26 -19.12 36.25 59.22
CA VAL B 26 -19.12 37.49 59.98
C VAL B 26 -20.12 38.45 59.35
N VAL B 27 -21.03 38.97 60.18
CA VAL B 27 -22.17 39.76 59.72
C VAL B 27 -22.29 41.00 60.59
N SER B 28 -23.20 41.87 60.21
CA SER B 28 -23.47 43.11 60.95
C SER B 28 -24.60 42.90 61.94
N GLU B 29 -24.48 43.56 63.10
CA GLU B 29 -25.51 43.44 64.12
C GLU B 29 -26.85 43.97 63.63
N LYS B 30 -26.84 44.93 62.71
CA LYS B 30 -28.08 45.50 62.21
C LYS B 30 -28.90 44.51 61.39
N ASP B 31 -28.29 43.42 60.92
CA ASP B 31 -28.96 42.45 60.06
C ASP B 31 -29.38 41.19 60.80
N TYR B 32 -28.44 40.50 61.46
CA TYR B 32 -28.71 39.26 62.17
C TYR B 32 -28.14 39.33 63.58
N GLN B 33 -28.26 38.23 64.30
CA GLN B 33 -27.70 38.08 65.64
C GLN B 33 -26.72 36.92 65.66
N SER B 34 -25.74 37.00 66.55
CA SER B 34 -24.75 35.94 66.67
C SER B 34 -25.43 34.64 67.11
N GLY B 35 -24.95 33.52 66.56
CA GLY B 35 -25.48 32.21 66.87
C GLY B 35 -26.51 31.71 65.88
N GLN B 36 -27.10 32.60 65.08
CA GLN B 36 -28.07 32.19 64.08
C GLN B 36 -27.36 31.45 62.95
N HIS B 37 -28.10 30.55 62.30
CA HIS B 37 -27.61 29.79 61.17
C HIS B 37 -28.32 30.25 59.90
N VAL B 38 -27.59 30.31 58.80
CA VAL B 38 -28.14 30.76 57.52
C VAL B 38 -27.80 29.77 56.44
N ILE B 39 -28.62 29.76 55.39
CA ILE B 39 -28.35 29.07 54.15
C ILE B 39 -28.04 30.13 53.10
N VAL B 40 -26.91 29.98 52.42
CA VAL B 40 -26.43 30.90 51.42
C VAL B 40 -26.59 30.21 50.07
N ARG B 41 -27.35 30.85 49.18
CA ARG B 41 -27.63 30.35 47.85
C ARG B 41 -26.82 31.16 46.84
N THR B 42 -26.04 30.45 46.02
CA THR B 42 -25.36 31.03 44.87
C THR B 42 -25.99 30.63 43.56
N SER B 43 -26.80 29.57 43.55
CA SER B 43 -27.52 29.13 42.36
C SER B 43 -28.57 28.12 42.81
N PRO B 44 -29.46 27.70 41.90
CA PRO B 44 -30.47 26.72 42.30
C PRO B 44 -29.88 25.44 42.86
N ASN B 45 -28.69 25.04 42.41
CA ASN B 45 -28.06 23.80 42.84
C ASN B 45 -26.92 24.01 43.81
N HIS B 46 -26.70 25.24 44.29
CA HIS B 46 -25.56 25.56 45.15
C HIS B 46 -26.06 26.31 46.39
N LYS B 47 -26.18 25.57 47.50
CA LYS B 47 -26.56 26.10 48.80
C LYS B 47 -25.57 25.61 49.85
N TYR B 48 -25.20 26.49 50.78
CA TYR B 48 -24.24 26.15 51.82
C TYR B 48 -24.69 26.74 53.14
N ILE B 49 -24.61 25.95 54.21
CA ILE B 49 -25.11 26.35 55.52
C ILE B 49 -23.94 26.87 56.37
N PHE B 50 -24.13 28.05 56.95
CA PHE B 50 -23.11 28.70 57.76
C PHE B 50 -23.69 29.13 59.09
N THR B 51 -22.80 29.32 60.07
CA THR B 51 -23.16 29.87 61.38
C THR B 51 -22.67 31.31 61.46
N LEU B 52 -23.47 32.16 62.07
CA LEU B 52 -23.24 33.61 62.06
C LEU B 52 -22.53 34.08 63.32
N ARG B 53 -21.73 35.14 63.15
CA ARG B 53 -21.13 35.87 64.25
C ARG B 53 -21.07 37.34 63.87
N THR B 54 -21.41 38.21 64.82
CA THR B 54 -21.49 39.64 64.53
C THR B 54 -20.17 40.34 64.87
N HIS B 55 -19.83 41.32 64.04
CA HIS B 55 -18.66 42.17 64.27
C HIS B 55 -19.04 43.60 63.88
N PRO B 56 -18.61 44.60 64.65
CA PRO B 56 -19.02 45.98 64.34
C PRO B 56 -18.58 46.47 62.97
N SER B 57 -17.46 45.98 62.43
CA SER B 57 -16.89 46.53 61.21
C SER B 57 -17.63 46.08 59.95
N VAL B 58 -18.52 45.10 60.04
CA VAL B 58 -19.23 44.63 58.86
C VAL B 58 -20.24 45.67 58.42
N VAL B 59 -20.14 46.10 57.17
CA VAL B 59 -21.12 47.04 56.62
C VAL B 59 -22.45 46.33 56.47
N PRO B 60 -23.58 46.93 56.88
CA PRO B 60 -24.87 46.31 56.59
C PRO B 60 -25.04 46.10 55.10
N GLY B 61 -25.55 44.93 54.74
CA GLY B 61 -25.70 44.57 53.35
C GLY B 61 -24.58 43.71 52.80
N SER B 62 -23.71 43.17 53.65
CA SER B 62 -22.62 42.33 53.18
C SER B 62 -22.30 41.27 54.22
N VAL B 63 -22.02 40.05 53.75
CA VAL B 63 -21.56 38.95 54.57
C VAL B 63 -20.08 38.73 54.28
N ALA B 64 -19.28 38.62 55.35
CA ALA B 64 -17.86 38.41 55.22
C ALA B 64 -17.52 36.94 55.38
N PHE B 65 -16.70 36.42 54.46
CA PHE B 65 -16.29 35.03 54.47
C PHE B 65 -14.77 34.96 54.45
N SER B 66 -14.23 33.93 55.12
CA SER B 66 -12.80 33.69 55.09
C SER B 66 -12.40 32.95 53.81
N LEU B 67 -11.11 32.98 53.52
CA LEU B 67 -10.62 32.34 52.30
C LEU B 67 -11.00 30.87 52.22
N PRO B 68 -10.84 30.06 53.28
CA PRO B 68 -11.32 28.66 53.19
C PRO B 68 -12.80 28.58 52.89
N GLN B 69 -13.61 29.45 53.49
CA GLN B 69 -15.05 29.43 53.22
C GLN B 69 -15.34 29.79 51.77
N ARG B 70 -14.67 30.81 51.25
CA ARG B 70 -14.88 31.21 49.86
C ARG B 70 -14.49 30.08 48.91
N LYS B 71 -13.36 29.42 49.19
CA LYS B 71 -12.91 28.33 48.33
C LYS B 71 -13.88 27.15 48.39
N TRP B 72 -14.39 26.84 49.58
CA TRP B 72 -15.32 25.72 49.73
C TRP B 72 -16.64 26.01 49.02
N ALA B 73 -17.16 27.22 49.19
CA ALA B 73 -18.45 27.59 48.63
C ALA B 73 -18.34 28.24 47.26
N GLY B 74 -17.13 28.42 46.74
CA GLY B 74 -16.96 29.04 45.43
C GLY B 74 -17.47 30.46 45.40
N LEU B 75 -17.22 31.22 46.46
CA LEU B 75 -17.68 32.59 46.58
C LEU B 75 -16.57 33.56 46.18
N SER B 76 -16.98 34.68 45.60
CA SER B 76 -16.06 35.73 45.18
C SER B 76 -16.42 37.04 45.89
N ILE B 77 -15.40 37.77 46.32
CA ILE B 77 -15.63 39.04 47.00
C ILE B 77 -16.37 39.98 46.06
N GLY B 78 -17.45 40.58 46.55
CA GLY B 78 -18.24 41.50 45.78
C GLY B 78 -19.39 40.88 45.01
N GLN B 79 -19.48 39.55 44.98
CA GLN B 79 -20.56 38.89 44.27
C GLN B 79 -21.85 38.96 45.09
N GLU B 80 -22.96 38.72 44.41
CA GLU B 80 -24.27 38.74 45.04
C GLU B 80 -24.72 37.33 45.39
N ILE B 81 -25.20 37.16 46.63
CA ILE B 81 -25.66 35.89 47.14
C ILE B 81 -27.03 36.09 47.77
N GLU B 82 -27.73 34.99 48.02
CA GLU B 82 -28.98 35.03 48.77
C GLU B 82 -28.77 34.38 50.13
N VAL B 83 -29.30 35.01 51.18
CA VAL B 83 -29.11 34.51 52.54
C VAL B 83 -30.48 34.37 53.19
N ALA B 84 -30.76 33.18 53.73
CA ALA B 84 -32.03 32.91 54.40
C ALA B 84 -31.79 32.21 55.72
N LEU B 85 -32.54 32.60 56.75
CA LEU B 85 -32.38 31.97 58.05
C LEU B 85 -32.74 30.49 57.97
N TYR B 86 -31.97 29.67 58.68
CA TYR B 86 -32.11 28.22 58.64
C TYR B 86 -32.19 27.69 60.06
N SER B 87 -33.15 26.79 60.31
CA SER B 87 -33.38 26.23 61.63
C SER B 87 -33.09 24.74 61.61
N PHE B 88 -32.21 24.31 62.51
CA PHE B 88 -31.88 22.88 62.63
C PHE B 88 -32.98 22.13 63.35
N ASP B 89 -33.17 20.87 62.94
CA ASP B 89 -34.02 19.93 63.68
C ASP B 89 -33.10 19.20 64.65
N LYS B 90 -32.98 19.74 65.86
CA LYS B 90 -32.02 19.20 66.82
C LYS B 90 -32.31 17.76 67.20
N ALA B 91 -33.55 17.31 67.02
CA ALA B 91 -33.88 15.92 67.29
C ALA B 91 -33.25 14.96 66.28
N LYS B 92 -32.81 15.47 65.13
CA LYS B 92 -32.25 14.64 64.08
C LYS B 92 -30.88 15.08 63.58
N GLN B 93 -30.56 16.37 63.66
CA GLN B 93 -29.36 16.90 63.03
C GLN B 93 -28.21 17.15 64.00
N CYS B 94 -28.39 16.89 65.29
CA CYS B 94 -27.28 16.99 66.22
C CYS B 94 -26.23 15.93 65.89
N ILE B 95 -24.96 16.34 65.91
CA ILE B 95 -23.86 15.45 65.54
C ILE B 95 -23.38 14.72 66.79
N GLY B 96 -23.36 13.40 66.73
CA GLY B 96 -22.83 12.59 67.80
C GLY B 96 -21.38 12.25 67.57
N THR B 97 -21.05 11.82 66.35
CA THR B 97 -19.69 11.51 65.96
C THR B 97 -19.43 12.02 64.56
N MET B 98 -18.30 12.70 64.37
CA MET B 98 -17.90 13.14 63.04
C MET B 98 -16.44 12.81 62.81
N THR B 99 -16.12 12.44 61.56
CA THR B 99 -14.77 12.10 61.15
C THR B 99 -14.18 13.25 60.34
N ILE B 100 -12.96 13.65 60.69
CA ILE B 100 -12.30 14.79 60.08
C ILE B 100 -10.93 14.37 59.58
N GLU B 101 -10.64 14.67 58.31
CA GLU B 101 -9.28 14.61 57.81
C GLU B 101 -8.54 15.87 58.20
N ILE B 102 -7.32 15.70 58.70
CA ILE B 102 -6.51 16.80 59.21
C ILE B 102 -5.12 16.72 58.59
N ASP B 103 -4.59 17.87 58.20
CA ASP B 103 -3.22 17.94 57.71
C ASP B 103 -2.65 19.31 58.03
N PHE B 104 -1.34 19.46 57.81
CA PHE B 104 -0.70 20.75 58.02
C PHE B 104 -1.17 21.74 56.96
N LEU B 105 -1.62 22.91 57.41
CA LEU B 105 -2.12 23.92 56.47
C LEU B 105 -0.98 24.47 55.60
N GLN B 106 0.18 24.72 56.19
CA GLN B 106 1.32 25.30 55.48
C GLN B 106 2.42 24.25 55.39
N LYS B 107 2.90 24.01 54.16
CA LYS B 107 3.99 23.07 53.97
C LYS B 107 5.30 23.58 54.56
N LYS B 108 5.40 24.88 54.85
CA LYS B 108 6.64 25.42 55.41
C LYS B 108 6.76 25.13 56.89
N ASN B 109 5.66 24.77 57.57
CA ASN B 109 5.66 24.54 59.00
C ASN B 109 5.44 23.08 59.37
N ILE B 110 5.70 22.17 58.43
CA ILE B 110 5.51 20.74 58.72
C ILE B 110 6.60 20.27 59.68
N ASP B 111 6.21 19.39 60.60
CA ASP B 111 7.13 18.84 61.58
C ASP B 111 6.67 17.45 61.97
N SER B 112 7.55 16.70 62.64
CA SER B 112 7.29 15.33 63.02
C SER B 112 6.89 15.20 64.49
N ASN B 113 6.60 16.31 65.16
CA ASN B 113 6.25 16.25 66.57
C ASN B 113 4.87 15.61 66.76
N PRO B 114 4.66 14.90 67.86
CA PRO B 114 3.35 14.27 68.10
C PRO B 114 2.28 15.29 68.42
N TYR B 115 1.03 14.92 68.12
CA TYR B 115 -0.13 15.74 68.42
C TYR B 115 -1.20 14.87 69.06
N ASP B 116 -1.73 15.31 70.19
CA ASP B 116 -2.66 14.52 70.99
C ASP B 116 -4.08 14.77 70.47
N THR B 117 -4.65 13.77 69.80
CA THR B 117 -5.97 13.92 69.19
C THR B 117 -7.09 14.01 70.22
N ASP B 118 -6.88 13.57 71.45
CA ASP B 118 -7.85 13.87 72.50
C ASP B 118 -7.87 15.35 72.83
N LYS B 119 -6.70 15.97 72.96
CA LYS B 119 -6.64 17.41 73.21
C LYS B 119 -7.17 18.20 72.03
N MET B 120 -6.85 17.80 70.80
CA MET B 120 -7.39 18.49 69.64
C MET B 120 -8.90 18.29 69.54
N ALA B 121 -9.40 17.11 69.92
CA ALA B 121 -10.85 16.91 69.95
C ALA B 121 -11.51 17.85 70.97
N ALA B 122 -10.93 17.96 72.16
CA ALA B 122 -11.49 18.85 73.16
C ALA B 122 -11.45 20.30 72.69
N GLU B 123 -10.35 20.72 72.09
CA GLU B 123 -10.24 22.09 71.59
C GLU B 123 -11.22 22.34 70.45
N PHE B 124 -11.41 21.35 69.57
CA PHE B 124 -12.38 21.49 68.49
C PHE B 124 -13.79 21.66 69.04
N ILE B 125 -14.16 20.86 70.04
CA ILE B 125 -15.48 21.00 70.65
C ILE B 125 -15.61 22.37 71.30
N GLN B 126 -14.57 22.81 72.01
CA GLN B 126 -14.62 24.12 72.67
C GLN B 126 -14.80 25.25 71.66
N GLN B 127 -14.10 25.16 70.52
CA GLN B 127 -14.10 26.25 69.55
C GLN B 127 -15.37 26.27 68.71
N PHE B 128 -15.80 25.10 68.22
CA PHE B 128 -16.84 25.01 67.20
C PHE B 128 -18.17 24.52 67.74
N ASN B 129 -18.37 24.53 69.05
CA ASN B 129 -19.66 24.10 69.60
C ASN B 129 -20.77 25.01 69.11
N ASN B 130 -21.93 24.43 68.84
CA ASN B 130 -23.09 25.18 68.34
C ASN B 130 -22.78 25.85 67.01
N GLN B 131 -22.20 25.10 66.09
CA GLN B 131 -21.92 25.57 64.74
C GLN B 131 -22.23 24.48 63.73
N ALA B 132 -22.61 24.90 62.53
CA ALA B 132 -23.03 23.95 61.50
C ALA B 132 -21.82 23.42 60.74
N PHE B 133 -21.84 22.12 60.44
CA PHE B 133 -20.79 21.48 59.67
C PHE B 133 -21.41 20.52 58.66
N SER B 134 -20.90 20.55 57.44
CA SER B 134 -21.41 19.74 56.35
C SER B 134 -20.30 18.82 55.81
N VAL B 135 -20.72 17.67 55.27
CA VAL B 135 -19.78 16.73 54.71
C VAL B 135 -19.03 17.39 53.56
N GLY B 136 -17.72 17.21 53.52
CA GLY B 136 -16.88 17.82 52.50
C GLY B 136 -16.46 19.25 52.79
N GLN B 137 -16.92 19.82 53.90
CA GLN B 137 -16.55 21.19 54.23
C GLN B 137 -15.07 21.29 54.55
N GLN B 138 -14.45 22.38 54.12
CA GLN B 138 -13.05 22.66 54.38
C GLN B 138 -12.94 23.85 55.32
N LEU B 139 -11.99 23.77 56.26
CA LEU B 139 -11.80 24.85 57.22
C LEU B 139 -10.38 24.81 57.75
N VAL B 140 -10.04 25.82 58.55
CA VAL B 140 -8.73 25.95 59.18
C VAL B 140 -8.94 25.89 60.68
N PHE B 141 -8.12 25.09 61.36
CA PHE B 141 -8.23 24.87 62.80
C PHE B 141 -6.90 25.25 63.46
N SER B 142 -6.97 26.06 64.51
CA SER B 142 -5.79 26.50 65.24
C SER B 142 -5.67 25.69 66.52
N PHE B 143 -4.57 24.95 66.64
CA PHE B 143 -4.30 24.13 67.82
C PHE B 143 -2.85 24.33 68.23
N ASN B 144 -2.64 24.74 69.49
CA ASN B 144 -1.29 24.95 70.02
C ASN B 144 -0.51 25.90 69.11
N ASP B 145 -1.16 26.96 68.67
CA ASP B 145 -0.55 27.96 67.79
C ASP B 145 -0.01 27.32 66.52
N LYS B 146 -0.74 26.34 66.01
CA LYS B 146 -0.42 25.70 64.74
C LYS B 146 -1.69 25.60 63.89
N LEU B 147 -1.56 25.92 62.61
CA LEU B 147 -2.70 25.96 61.70
C LEU B 147 -2.79 24.64 60.94
N PHE B 148 -3.99 24.06 60.90
CA PHE B 148 -4.23 22.79 60.23
C PHE B 148 -5.41 22.95 59.28
N GLY B 149 -5.32 22.26 58.14
CA GLY B 149 -6.45 22.15 57.23
C GLY B 149 -7.29 20.95 57.60
N LEU B 150 -8.60 21.18 57.75
CA LEU B 150 -9.56 20.14 58.11
C LEU B 150 -10.60 19.99 57.01
N LEU B 151 -10.91 18.74 56.70
CA LEU B 151 -11.95 18.40 55.74
C LEU B 151 -12.93 17.44 56.40
N VAL B 152 -14.21 17.75 56.33
CA VAL B 152 -15.23 16.91 56.96
C VAL B 152 -15.51 15.71 56.06
N LYS B 153 -15.34 14.51 56.62
CA LYS B 153 -15.50 13.28 55.86
C LYS B 153 -16.83 12.58 56.12
N ASP B 154 -17.25 12.47 57.38
CA ASP B 154 -18.47 11.76 57.70
C ASP B 154 -19.10 12.38 58.95
N ILE B 155 -20.43 12.34 58.99
CA ILE B 155 -21.20 12.89 60.10
C ILE B 155 -22.29 11.89 60.48
N GLU B 156 -22.46 11.66 61.78
CA GLU B 156 -23.49 10.78 62.30
C GLU B 156 -24.34 11.52 63.32
N ALA B 157 -25.63 11.16 63.37
CA ALA B 157 -26.57 11.82 64.25
C ALA B 157 -26.35 11.41 65.70
N MET B 158 -26.82 12.26 66.61
CA MET B 158 -26.71 12.00 68.03
C MET B 158 -27.77 10.99 68.47
N ASP B 159 -27.44 10.24 69.52
CA ASP B 159 -28.41 9.35 70.15
C ASP B 159 -29.31 10.13 71.08
N PRO B 160 -30.52 9.62 71.36
CA PRO B 160 -31.40 10.29 72.32
C PRO B 160 -30.84 10.23 73.73
N SER B 161 -31.24 11.20 74.54
CA SER B 161 -30.82 11.23 75.93
C SER B 161 -31.28 9.96 76.65
N ILE B 162 -30.64 9.68 77.78
CA ILE B 162 -30.95 8.46 78.52
C ILE B 162 -32.40 8.46 78.97
N LEU B 163 -32.96 9.63 79.26
CA LEU B 163 -34.36 9.71 79.65
C LEU B 163 -35.30 9.31 78.52
N LYS B 164 -34.83 9.37 77.28
CA LYS B 164 -35.64 8.97 76.13
C LYS B 164 -34.89 7.94 75.28
N ARG B 172 -27.40 4.75 64.11
CA ARG B 172 -26.38 5.71 63.71
C ARG B 172 -26.68 6.26 62.32
N GLN B 173 -27.60 7.20 62.24
CA GLN B 173 -28.00 7.77 60.97
C GLN B 173 -26.91 8.68 60.41
N LYS B 174 -26.64 8.53 59.11
CA LYS B 174 -25.71 9.44 58.43
C LYS B 174 -26.43 10.68 57.95
N ILE B 175 -25.81 11.84 58.16
CA ILE B 175 -26.40 13.12 57.78
C ILE B 175 -25.36 13.95 57.05
N GLU B 176 -25.82 14.70 56.05
CA GLU B 176 -24.92 15.54 55.27
C GLU B 176 -24.51 16.81 56.01
N VAL B 177 -25.43 17.40 56.76
CA VAL B 177 -25.16 18.61 57.52
C VAL B 177 -25.70 18.43 58.94
N GLY B 178 -24.93 18.90 59.92
CA GLY B 178 -25.31 18.73 61.31
C GLY B 178 -24.83 19.89 62.15
N LEU B 179 -25.23 19.86 63.42
CA LEU B 179 -24.89 20.90 64.39
C LEU B 179 -23.97 20.29 65.45
N VAL B 180 -22.81 20.89 65.64
CA VAL B 180 -21.87 20.43 66.66
C VAL B 180 -22.34 20.95 68.01
N VAL B 181 -22.40 20.05 68.98
CA VAL B 181 -22.87 20.36 70.33
C VAL B 181 -21.79 19.97 71.33
N GLY B 182 -22.08 20.18 72.61
CA GLY B 182 -21.08 19.97 73.64
C GLY B 182 -20.59 18.54 73.72
N ASN B 183 -21.51 17.58 73.56
CA ASN B 183 -21.19 16.17 73.76
C ASN B 183 -20.84 15.45 72.46
N SER B 184 -20.63 16.19 71.37
CA SER B 184 -20.24 15.56 70.11
C SER B 184 -18.83 15.01 70.20
N GLN B 185 -18.57 13.95 69.44
CA GLN B 185 -17.29 13.27 69.43
C GLN B 185 -16.61 13.41 68.07
N VAL B 186 -15.30 13.59 68.09
CA VAL B 186 -14.52 13.85 66.89
C VAL B 186 -13.49 12.75 66.72
N ALA B 187 -13.43 12.16 65.53
CA ALA B 187 -12.40 11.19 65.18
C ALA B 187 -11.56 11.77 64.05
N PHE B 188 -10.26 11.88 64.27
CA PHE B 188 -9.34 12.53 63.34
C PHE B 188 -8.50 11.50 62.60
N GLU B 189 -8.30 11.74 61.31
CA GLU B 189 -7.42 10.92 60.48
C GLU B 189 -6.51 11.83 59.66
N LYS B 190 -5.25 11.43 59.51
CA LYS B 190 -4.31 12.20 58.73
C LYS B 190 -4.57 12.00 57.24
N ALA B 191 -4.19 13.00 56.45
CA ALA B 191 -4.38 12.93 55.00
C ALA B 191 -3.43 11.92 54.38
N GLU B 192 -3.75 11.52 53.16
CA GLU B 192 -2.90 10.58 52.43
C GLU B 192 -1.50 11.18 52.26
N ASN B 193 -0.48 10.38 52.56
CA ASN B 193 0.93 10.76 52.46
C ASN B 193 1.31 11.86 53.44
N SER B 194 0.44 12.20 54.39
CA SER B 194 0.74 13.25 55.35
C SER B 194 1.79 12.77 56.35
N SER B 195 2.68 13.68 56.74
CA SER B 195 3.70 13.40 57.74
C SER B 195 3.22 13.72 59.15
N LEU B 196 1.96 14.12 59.32
CA LEU B 196 1.44 14.43 60.63
C LEU B 196 1.45 13.19 61.52
N ASN B 197 1.93 13.34 62.75
CA ASN B 197 1.98 12.25 63.72
C ASN B 197 0.87 12.48 64.73
N LEU B 198 -0.16 11.64 64.68
CA LEU B 198 -1.32 11.74 65.56
C LEU B 198 -1.23 10.66 66.63
N ILE B 199 -1.46 11.06 67.88
CA ILE B 199 -1.44 10.14 69.02
C ILE B 199 -2.73 10.33 69.81
N GLY B 200 -3.02 9.34 70.65
CA GLY B 200 -4.23 9.33 71.45
C GLY B 200 -5.18 8.23 70.98
N LYS B 201 -6.32 8.17 71.66
CA LYS B 201 -7.35 7.19 71.36
C LYS B 201 -8.48 7.76 70.49
N ALA B 202 -8.78 9.05 70.61
CA ALA B 202 -9.80 9.68 69.80
C ALA B 202 -9.26 9.92 68.39
N LYS B 203 -8.98 8.80 67.71
CA LYS B 203 -8.44 8.82 66.36
C LYS B 203 -9.22 7.85 65.49
N THR B 204 -9.59 8.29 64.29
CA THR B 204 -10.16 7.36 63.33
C THR B 204 -9.14 6.28 62.98
N LYS B 205 -7.88 6.65 62.90
CA LYS B 205 -6.76 5.71 62.77
C LYS B 205 -6.99 4.78 61.58
N GLU B 206 -7.03 5.37 60.39
CA GLU B 206 -7.34 4.64 59.16
C GLU B 206 -6.05 4.41 58.38
N ASN B 207 -5.36 3.33 58.74
CA ASN B 207 -4.20 2.84 57.99
C ASN B 207 -4.36 1.36 57.67
N ARG B 208 -5.60 0.88 57.58
CA ARG B 208 -5.84 -0.55 57.44
C ARG B 208 -5.33 -1.07 56.10
N GLN B 209 -5.47 -0.28 55.03
CA GLN B 209 -5.08 -0.71 53.69
C GLN B 209 -3.56 -0.73 53.60
N SER B 210 -2.97 -1.78 54.16
CA SER B 210 -1.52 -1.99 54.10
C SER B 210 -1.25 -3.48 54.18
N ILE B 211 -0.07 -3.88 53.70
CA ILE B 211 0.33 -5.27 53.63
C ILE B 211 1.44 -5.51 54.64
N ILE B 212 1.27 -6.56 55.46
CA ILE B 212 2.35 -7.02 56.33
C ILE B 212 3.23 -7.98 55.54
N ASN B 213 4.53 -7.72 55.56
CA ASN B 213 5.47 -8.47 54.74
C ASN B 213 6.53 -9.13 55.60
N PRO B 214 6.97 -10.35 55.26
CA PRO B 214 8.07 -10.96 56.01
C PRO B 214 9.32 -10.11 55.96
N ASP B 215 10.06 -10.10 57.06
CA ASP B 215 11.26 -9.27 57.19
C ASP B 215 12.48 -9.86 56.49
N TRP B 216 12.74 -9.39 55.27
CA TRP B 216 13.91 -9.83 54.52
C TRP B 216 15.15 -9.09 54.99
N ASN B 217 16.31 -9.65 54.64
CA ASN B 217 17.61 -9.06 54.93
C ASN B 217 18.29 -8.76 53.58
N PHE B 218 18.01 -7.58 53.04
CA PHE B 218 18.46 -7.25 51.70
C PHE B 218 19.98 -7.16 51.62
N GLU B 219 20.62 -6.54 52.61
CA GLU B 219 22.05 -6.30 52.53
C GLU B 219 22.83 -7.61 52.37
N LYS B 220 22.49 -8.61 53.18
CA LYS B 220 23.12 -9.92 53.00
C LYS B 220 22.61 -10.60 51.73
N MET B 221 21.36 -10.35 51.36
CA MET B 221 20.79 -10.99 50.17
C MET B 221 21.58 -10.65 48.92
N GLY B 222 22.23 -9.49 48.90
CA GLY B 222 23.01 -9.06 47.76
C GLY B 222 22.33 -8.09 46.82
N ILE B 223 21.16 -7.56 47.20
CA ILE B 223 20.41 -6.63 46.36
C ILE B 223 20.09 -5.39 47.18
N GLY B 224 20.13 -4.23 46.53
CA GLY B 224 19.83 -2.98 47.20
C GLY B 224 19.08 -2.00 46.32
N GLY B 225 17.97 -1.46 46.82
CA GLY B 225 17.17 -0.52 46.07
C GLY B 225 16.08 -1.12 45.22
N LEU B 226 15.72 -2.39 45.47
CA LEU B 226 14.65 -3.07 44.75
C LEU B 226 13.71 -3.76 45.71
N ASP B 227 13.55 -3.22 46.92
CA ASP B 227 12.84 -3.93 47.97
C ASP B 227 11.38 -4.20 47.58
N LYS B 228 10.70 -3.19 47.05
CA LYS B 228 9.27 -3.32 46.82
C LYS B 228 8.97 -4.30 45.70
N GLU B 229 9.75 -4.26 44.61
CA GLU B 229 9.54 -5.20 43.52
C GLU B 229 9.75 -6.64 44.00
N PHE B 230 10.82 -6.86 44.78
CA PHE B 230 11.09 -8.19 45.31
C PHE B 230 9.94 -8.67 46.20
N SER B 231 9.47 -7.79 47.09
CA SER B 231 8.38 -8.17 47.99
C SER B 231 7.13 -8.54 47.18
N ASP B 232 6.78 -7.71 46.20
CA ASP B 232 5.57 -7.96 45.43
C ASP B 232 5.68 -9.26 44.63
N ILE B 233 6.82 -9.49 43.98
CA ILE B 233 6.99 -10.71 43.19
C ILE B 233 6.91 -11.92 44.09
N PHE B 234 7.57 -11.88 45.26
CA PHE B 234 7.53 -13.01 46.17
C PHE B 234 6.11 -13.26 46.67
N ARG B 235 5.35 -12.19 46.92
CA ARG B 235 3.98 -12.36 47.41
C ARG B 235 3.08 -12.96 46.34
N ARG B 236 3.30 -12.57 45.07
CA ARG B 236 2.34 -12.92 44.03
C ARG B 236 2.69 -14.17 43.23
N ALA B 237 3.94 -14.63 43.26
CA ALA B 237 4.34 -15.72 42.38
C ALA B 237 5.02 -16.89 43.06
N PHE B 238 5.39 -16.80 44.34
CA PHE B 238 6.07 -17.89 45.01
C PHE B 238 5.55 -18.18 46.41
N ALA B 239 4.57 -17.43 46.91
CA ALA B 239 4.08 -17.66 48.27
C ALA B 239 3.31 -18.97 48.41
N SER B 240 2.99 -19.64 47.31
CA SER B 240 2.18 -20.86 47.36
C SER B 240 3.00 -22.14 47.29
N ARG B 241 4.20 -22.09 46.71
CA ARG B 241 5.07 -23.26 46.63
C ARG B 241 5.95 -23.44 47.85
N VAL B 242 5.65 -22.76 48.95
CA VAL B 242 6.37 -22.91 50.21
C VAL B 242 5.52 -23.59 51.26
N PHE B 243 4.21 -23.32 51.29
CA PHE B 243 3.32 -24.02 52.18
C PHE B 243 3.22 -25.49 51.76
N PRO B 244 2.97 -26.40 52.71
CA PRO B 244 2.84 -27.80 52.33
C PRO B 244 1.71 -28.00 51.35
N PRO B 245 1.86 -28.91 50.39
CA PRO B 245 0.82 -29.08 49.36
C PRO B 245 -0.55 -29.41 49.94
N GLU B 246 -0.59 -30.01 51.13
CA GLU B 246 -1.88 -30.41 51.70
C GLU B 246 -2.79 -29.21 51.89
N ILE B 247 -2.25 -28.09 52.38
CA ILE B 247 -3.07 -26.90 52.55
C ILE B 247 -3.51 -26.35 51.19
N VAL B 248 -2.64 -26.44 50.18
CA VAL B 248 -3.00 -25.97 48.85
C VAL B 248 -4.21 -26.75 48.33
N GLU B 249 -4.18 -28.08 48.49
CA GLU B 249 -5.34 -28.88 48.11
C GLU B 249 -6.55 -28.53 48.97
N GLN B 250 -6.35 -28.31 50.27
CA GLN B 250 -7.44 -27.99 51.17
C GLN B 250 -8.20 -26.76 50.71
N MET B 251 -7.48 -25.67 50.42
CA MET B 251 -8.14 -24.42 50.04
C MET B 251 -8.70 -24.49 48.63
N GLY B 252 -8.00 -25.18 47.72
CA GLY B 252 -8.45 -25.28 46.34
C GLY B 252 -7.90 -24.17 45.47
N CYS B 253 -6.60 -23.94 45.56
CA CYS B 253 -5.92 -22.90 44.80
C CYS B 253 -5.06 -23.54 43.71
N LYS B 254 -4.30 -22.70 43.01
N LYS B 254 -4.32 -22.69 43.01
CA LYS B 254 -3.42 -23.15 41.93
CA LYS B 254 -3.43 -23.13 41.94
C LYS B 254 -2.10 -22.42 42.06
C LYS B 254 -2.08 -22.43 42.06
N HIS B 255 -1.23 -22.57 41.05
CA HIS B 255 0.09 -21.97 41.03
C HIS B 255 0.23 -21.10 39.79
N VAL B 256 0.75 -19.89 39.98
CA VAL B 256 0.97 -19.00 38.85
C VAL B 256 1.99 -19.63 37.90
N LYS B 257 1.93 -19.22 36.63
CA LYS B 257 2.75 -19.84 35.59
C LYS B 257 3.46 -18.83 34.70
N GLY B 258 3.48 -17.55 35.09
CA GLY B 258 4.08 -16.54 34.23
C GLY B 258 4.52 -15.28 34.94
N ILE B 259 5.70 -14.78 34.59
CA ILE B 259 6.22 -13.51 35.09
C ILE B 259 6.93 -12.82 33.95
N LEU B 260 6.69 -11.51 33.82
CA LEU B 260 7.33 -10.69 32.79
C LEU B 260 7.99 -9.49 33.46
N LEU B 261 9.29 -9.33 33.24
CA LEU B 261 10.06 -8.22 33.80
C LEU B 261 10.75 -7.49 32.66
N TYR B 262 10.41 -6.22 32.48
CA TYR B 262 10.96 -5.39 31.42
C TYR B 262 11.55 -4.12 32.01
N GLY B 263 12.69 -3.69 31.49
CA GLY B 263 13.33 -2.49 31.94
C GLY B 263 14.56 -2.14 31.13
N PRO B 264 15.16 -0.99 31.42
CA PRO B 264 16.36 -0.59 30.68
C PRO B 264 17.48 -1.58 30.93
N PRO B 265 18.39 -1.73 29.98
CA PRO B 265 19.45 -2.74 30.12
C PRO B 265 20.28 -2.52 31.38
N GLY B 266 20.65 -3.63 32.02
CA GLY B 266 21.55 -3.58 33.16
C GLY B 266 20.98 -2.89 34.38
N CYS B 267 19.94 -3.48 34.99
CA CYS B 267 19.38 -2.95 36.23
C CYS B 267 19.24 -3.99 37.33
N GLY B 268 19.39 -5.28 37.03
CA GLY B 268 19.30 -6.32 38.04
C GLY B 268 18.21 -7.32 37.76
N LYS B 269 17.82 -7.45 36.49
CA LYS B 269 16.74 -8.35 36.12
C LYS B 269 17.14 -9.81 36.38
N THR B 270 18.30 -10.22 35.87
CA THR B 270 18.73 -11.61 36.03
C THR B 270 18.96 -11.95 37.49
N LEU B 271 19.56 -11.03 38.25
CA LEU B 271 19.84 -11.28 39.66
C LEU B 271 18.55 -11.45 40.44
N LEU B 272 17.55 -10.61 40.16
CA LEU B 272 16.31 -10.64 40.93
C LEU B 272 15.60 -11.98 40.83
N ALA B 273 15.91 -12.79 39.82
CA ALA B 273 15.38 -14.14 39.68
C ALA B 273 16.35 -15.21 40.16
N ARG B 274 17.64 -15.08 39.84
CA ARG B 274 18.59 -16.09 40.27
C ARG B 274 18.67 -16.14 41.80
N GLN B 275 18.64 -14.99 42.46
N GLN B 275 18.64 -14.99 42.46
CA GLN B 275 18.74 -14.96 43.92
CA GLN B 275 18.74 -14.95 43.91
C GLN B 275 17.56 -15.70 44.55
C GLN B 275 17.56 -15.69 44.55
N ILE B 276 16.35 -15.48 44.04
CA ILE B 276 15.20 -16.21 44.56
C ILE B 276 15.35 -17.70 44.25
N GLY B 277 15.94 -18.01 43.09
CA GLY B 277 16.21 -19.40 42.78
C GLY B 277 17.11 -20.07 43.80
N LYS B 278 18.08 -19.33 44.34
CA LYS B 278 18.97 -19.84 45.39
C LYS B 278 18.41 -19.60 46.79
N MET B 279 17.09 -19.46 46.92
CA MET B 279 16.46 -19.25 48.21
C MET B 279 15.38 -20.28 48.54
N LEU B 280 14.75 -20.87 47.52
CA LEU B 280 13.78 -21.94 47.73
C LEU B 280 14.43 -23.31 47.76
N ASN B 281 15.76 -23.37 47.71
CA ASN B 281 16.48 -24.65 47.62
C ASN B 281 16.03 -25.42 46.39
N ALA B 282 15.73 -24.68 45.32
CA ALA B 282 15.25 -25.27 44.08
C ALA B 282 16.45 -25.69 43.23
N ARG B 283 16.18 -26.24 42.05
CA ARG B 283 17.22 -26.63 41.13
C ARG B 283 17.82 -25.39 40.46
N GLU B 284 19.09 -25.49 40.10
CA GLU B 284 19.75 -24.36 39.47
C GLU B 284 19.05 -24.01 38.16
N PRO B 285 18.92 -22.72 37.83
CA PRO B 285 18.20 -22.36 36.61
C PRO B 285 18.86 -22.93 35.36
N LYS B 286 18.13 -22.84 34.25
CA LYS B 286 18.59 -23.32 32.94
C LYS B 286 18.33 -22.20 31.94
N VAL B 287 19.31 -21.31 31.78
CA VAL B 287 19.14 -20.14 30.93
C VAL B 287 19.13 -20.56 29.47
N VAL B 288 18.31 -19.89 28.67
CA VAL B 288 18.25 -20.06 27.23
C VAL B 288 18.24 -18.67 26.60
N ASN B 289 18.71 -18.60 25.35
CA ASN B 289 18.81 -17.33 24.64
C ASN B 289 17.71 -17.23 23.60
N GLY B 290 17.31 -16.00 23.31
CA GLY B 290 16.17 -15.75 22.45
C GLY B 290 16.50 -15.60 20.99
N PRO B 291 17.43 -14.70 20.64
CA PRO B 291 17.65 -14.43 19.21
C PRO B 291 18.38 -15.55 18.49
N GLU B 292 19.19 -16.34 19.20
CA GLU B 292 19.94 -17.40 18.55
C GLU B 292 19.01 -18.44 17.92
N ILE B 293 17.94 -18.79 18.62
CA ILE B 293 16.99 -19.81 18.12
C ILE B 293 15.95 -19.04 17.30
N LEU B 294 16.32 -18.73 16.06
CA LEU B 294 15.44 -18.02 15.14
C LEU B 294 15.90 -18.21 13.71
N GLU B 300 14.09 -27.26 12.66
CA GLU B 300 14.70 -28.01 13.74
C GLU B 300 14.58 -27.26 15.07
N SER B 301 14.21 -25.98 14.99
CA SER B 301 14.05 -25.18 16.20
C SER B 301 13.02 -25.80 17.14
N GLU B 302 12.02 -26.49 16.60
CA GLU B 302 10.99 -27.09 17.43
C GLU B 302 11.59 -28.20 18.29
N ALA B 303 12.49 -29.01 17.74
CA ALA B 303 13.17 -30.02 18.54
C ALA B 303 13.99 -29.37 19.64
N ASN B 304 14.65 -28.26 19.33
CA ASN B 304 15.39 -27.53 20.35
C ASN B 304 14.46 -27.07 21.47
N ILE B 305 13.29 -26.54 21.12
CA ILE B 305 12.35 -26.07 22.12
C ILE B 305 11.84 -27.22 22.97
N ARG B 306 11.65 -28.39 22.34
CA ARG B 306 11.19 -29.55 23.09
C ARG B 306 12.27 -30.10 24.00
N LYS B 307 13.55 -29.93 23.62
CA LYS B 307 14.64 -30.45 24.43
C LYS B 307 14.72 -29.82 25.82
N LEU B 308 14.17 -28.62 25.99
CA LEU B 308 14.39 -27.89 27.24
C LEU B 308 13.65 -28.53 28.41
N PHE B 309 12.40 -28.93 28.21
CA PHE B 309 11.53 -29.35 29.30
C PHE B 309 11.58 -30.85 29.55
N ALA B 310 12.45 -31.58 28.85
CA ALA B 310 12.47 -33.04 28.99
C ALA B 310 12.76 -33.45 30.43
N ASP B 311 13.72 -32.78 31.08
CA ASP B 311 14.04 -33.10 32.45
C ASP B 311 12.84 -32.89 33.36
N ALA B 312 12.11 -31.77 33.16
CA ALA B 312 10.93 -31.52 33.96
C ALA B 312 9.88 -32.59 33.76
N GLU B 313 9.65 -33.00 32.50
CA GLU B 313 8.68 -34.05 32.22
C GLU B 313 9.07 -35.35 32.92
N GLU B 314 10.35 -35.73 32.81
CA GLU B 314 10.79 -36.98 33.44
C GLU B 314 10.64 -36.91 34.95
N GLU B 315 11.03 -35.79 35.56
CA GLU B 315 10.93 -35.67 37.01
C GLU B 315 9.48 -35.71 37.48
N GLN B 316 8.59 -35.03 36.75
CA GLN B 316 7.18 -35.08 37.10
C GLN B 316 6.63 -36.50 36.97
N ARG B 317 7.02 -37.21 35.91
CA ARG B 317 6.56 -38.59 35.73
C ARG B 317 7.05 -39.47 36.88
N ARG B 318 8.30 -39.31 37.27
CA ARG B 318 8.84 -40.12 38.36
C ARG B 318 8.17 -39.82 39.69
N LEU B 319 7.95 -38.54 39.99
CA LEU B 319 7.49 -38.12 41.31
C LEU B 319 6.07 -37.55 41.31
N GLY B 320 5.45 -37.40 40.14
CA GLY B 320 4.10 -36.85 40.11
C GLY B 320 4.07 -35.46 40.71
N ALA B 321 3.15 -35.26 41.67
CA ALA B 321 2.99 -33.96 42.29
C ALA B 321 3.91 -33.80 43.50
N ASN B 322 5.18 -34.18 43.34
CA ASN B 322 6.16 -33.98 44.40
C ASN B 322 7.50 -33.50 43.90
N SER B 323 7.65 -33.20 42.62
CA SER B 323 8.94 -32.76 42.09
C SER B 323 9.20 -31.30 42.43
N GLY B 324 10.48 -30.97 42.56
CA GLY B 324 10.86 -29.60 42.86
C GLY B 324 10.64 -28.68 41.67
N LEU B 325 10.57 -27.38 41.98
CA LEU B 325 10.33 -26.38 40.95
C LEU B 325 11.51 -26.29 39.99
N HIS B 326 11.19 -26.17 38.71
CA HIS B 326 12.18 -25.97 37.66
C HIS B 326 12.00 -24.57 37.09
N ILE B 327 13.05 -23.76 37.12
CA ILE B 327 13.00 -22.37 36.71
C ILE B 327 13.63 -22.25 35.34
N ILE B 328 12.98 -21.48 34.45
CA ILE B 328 13.50 -21.17 33.12
C ILE B 328 13.62 -19.66 33.01
N ILE B 329 14.75 -19.19 32.51
CA ILE B 329 15.07 -17.77 32.46
C ILE B 329 15.12 -17.32 31.00
N PHE B 330 14.22 -17.88 30.19
CA PHE B 330 14.10 -17.52 28.78
C PHE B 330 14.36 -16.03 28.58
N ASP B 331 15.31 -15.74 27.68
CA ASP B 331 15.81 -14.38 27.48
C ASP B 331 14.87 -13.57 26.59
N GLU B 332 15.36 -12.46 26.05
CA GLU B 332 14.55 -11.52 25.27
C GLU B 332 13.50 -12.26 24.44
N ILE B 333 12.26 -11.80 24.56
CA ILE B 333 11.11 -12.47 23.97
C ILE B 333 10.44 -11.68 22.86
N ASP B 334 10.84 -10.43 22.64
CA ASP B 334 10.25 -9.65 21.56
C ASP B 334 10.66 -10.20 20.19
N ALA B 335 11.89 -10.73 20.08
CA ALA B 335 12.36 -11.24 18.80
C ALA B 335 11.57 -12.48 18.39
N ILE B 336 11.44 -13.46 19.29
CA ILE B 336 10.75 -14.71 18.94
C ILE B 336 9.26 -14.47 18.79
N CYS B 337 8.61 -14.01 19.86
CA CYS B 337 7.18 -13.73 19.82
C CYS B 337 6.96 -12.30 19.32
N LYS B 338 5.98 -12.13 18.45
CA LYS B 338 5.65 -10.82 17.90
C LYS B 338 4.15 -10.58 17.94
N HIS B 350 8.80 -18.88 13.63
CA HIS B 350 8.36 -17.83 14.55
C HIS B 350 7.05 -18.22 15.21
N ASP B 351 5.95 -18.13 14.45
CA ASP B 351 4.65 -18.48 14.99
C ASP B 351 4.64 -19.91 15.51
N THR B 352 5.40 -20.82 14.89
CA THR B 352 5.45 -22.19 15.36
C THR B 352 5.99 -22.26 16.79
N VAL B 353 7.05 -21.51 17.07
CA VAL B 353 7.63 -21.52 18.42
C VAL B 353 6.63 -20.96 19.42
N VAL B 354 5.93 -19.88 19.05
CA VAL B 354 4.95 -19.28 19.96
C VAL B 354 3.85 -20.28 20.27
N ASN B 355 3.33 -20.95 19.24
CA ASN B 355 2.27 -21.93 19.45
C ASN B 355 2.76 -23.09 20.30
N GLN B 356 3.98 -23.58 20.05
CA GLN B 356 4.51 -24.69 20.84
C GLN B 356 4.64 -24.28 22.30
N LEU B 357 5.19 -23.09 22.56
CA LEU B 357 5.33 -22.63 23.95
C LEU B 357 3.98 -22.49 24.62
N LEU B 358 3.01 -21.90 23.92
CA LEU B 358 1.70 -21.69 24.53
C LEU B 358 1.02 -23.01 24.82
N SER B 359 1.17 -23.99 23.92
CA SER B 359 0.64 -25.33 24.18
C SER B 359 1.32 -25.96 25.39
N LYS B 360 2.64 -25.77 25.50
CA LYS B 360 3.37 -26.36 26.61
C LYS B 360 2.92 -25.77 27.95
N ILE B 361 2.81 -24.44 28.03
CA ILE B 361 2.38 -23.81 29.27
C ILE B 361 0.86 -23.92 29.43
N ASP B 362 0.12 -23.65 28.37
CA ASP B 362 -1.33 -23.58 28.42
C ASP B 362 -1.93 -24.67 27.53
N GLY B 363 -3.08 -25.18 27.96
CA GLY B 363 -3.79 -26.23 27.26
C GLY B 363 -4.10 -27.39 28.18
N VAL B 364 -4.69 -28.44 27.61
CA VAL B 364 -5.03 -29.61 28.40
C VAL B 364 -3.77 -30.27 28.94
N GLU B 365 -2.74 -30.39 28.12
CA GLU B 365 -1.49 -31.06 28.49
C GLU B 365 -0.49 -29.99 28.89
N GLN B 366 -0.24 -29.87 30.19
CA GLN B 366 0.75 -28.94 30.71
C GLN B 366 1.36 -29.51 31.98
N LEU B 367 2.59 -29.09 32.27
CA LEU B 367 3.27 -29.52 33.48
C LEU B 367 2.89 -28.61 34.65
N ASN B 368 2.96 -29.16 35.85
CA ASN B 368 2.67 -28.43 37.08
C ASN B 368 3.91 -28.15 37.91
N ASN B 369 5.09 -28.24 37.30
CA ASN B 369 6.35 -27.94 37.98
C ASN B 369 7.24 -27.10 37.07
N ILE B 370 6.63 -26.17 36.34
CA ILE B 370 7.34 -25.30 35.40
C ILE B 370 6.95 -23.87 35.68
N LEU B 371 7.95 -22.98 35.70
CA LEU B 371 7.74 -21.55 35.86
C LEU B 371 8.58 -20.82 34.83
N VAL B 372 7.93 -20.01 34.00
CA VAL B 372 8.58 -19.29 32.91
C VAL B 372 8.78 -17.84 33.34
N ILE B 373 10.00 -17.34 33.17
CA ILE B 373 10.33 -15.94 33.43
C ILE B 373 10.86 -15.34 32.14
N GLY B 374 10.18 -14.30 31.66
CA GLY B 374 10.56 -13.63 30.42
C GLY B 374 11.09 -12.22 30.71
N MET B 375 12.10 -11.82 29.95
CA MET B 375 12.71 -10.52 30.07
C MET B 375 12.80 -9.89 28.68
N THR B 376 12.87 -8.56 28.64
CA THR B 376 12.87 -7.86 27.36
C THR B 376 13.12 -6.37 27.61
N ASN B 377 13.30 -5.64 26.52
CA ASN B 377 13.48 -4.19 26.54
C ASN B 377 12.32 -3.42 25.94
N ARG B 378 11.65 -3.98 24.93
CA ARG B 378 10.54 -3.32 24.26
C ARG B 378 9.23 -3.85 24.83
N PRO B 379 8.53 -3.10 25.68
CA PRO B 379 7.27 -3.61 26.26
C PRO B 379 6.09 -3.52 25.31
N ASP B 380 6.04 -2.43 24.54
CA ASP B 380 4.89 -2.21 23.65
C ASP B 380 4.82 -3.27 22.56
N LEU B 381 5.97 -3.66 22.01
CA LEU B 381 5.98 -4.58 20.88
C LEU B 381 5.42 -5.95 21.24
N ILE B 382 5.40 -6.31 22.53
CA ILE B 382 4.95 -7.63 22.93
C ILE B 382 3.50 -7.84 22.49
N ASP B 383 3.20 -9.07 22.07
CA ASP B 383 1.85 -9.42 21.67
C ASP B 383 0.90 -9.23 22.85
N GLU B 384 -0.41 -9.25 22.54
CA GLU B 384 -1.45 -9.12 23.54
C GLU B 384 -1.99 -10.47 23.99
N ALA B 385 -2.11 -11.43 23.07
CA ALA B 385 -2.61 -12.75 23.44
C ALA B 385 -1.78 -13.37 24.56
N LEU B 386 -0.47 -13.12 24.55
CA LEU B 386 0.41 -13.68 25.57
C LEU B 386 0.16 -13.10 26.95
N LEU B 387 -0.61 -12.01 27.06
CA LEU B 387 -0.92 -11.37 28.33
C LEU B 387 -2.43 -11.46 28.56
N ARG B 388 -2.87 -12.52 29.24
CA ARG B 388 -4.26 -12.70 29.58
C ARG B 388 -4.32 -13.57 30.84
N PRO B 389 -5.36 -13.41 31.67
CA PRO B 389 -5.47 -14.28 32.85
C PRO B 389 -5.43 -15.75 32.49
N GLY B 390 -4.58 -16.51 33.19
CA GLY B 390 -4.30 -17.88 32.81
C GLY B 390 -2.96 -17.99 32.11
N ARG B 391 -2.68 -16.99 31.28
CA ARG B 391 -1.39 -16.83 30.65
C ARG B 391 -0.50 -15.95 31.55
N LEU B 392 0.61 -15.44 31.02
CA LEU B 392 1.46 -14.55 31.79
C LEU B 392 0.61 -13.49 32.48
N GLU B 393 0.60 -13.52 33.82
CA GLU B 393 -0.32 -12.72 34.61
C GLU B 393 0.39 -11.80 35.60
N VAL B 394 1.68 -11.53 35.39
CA VAL B 394 2.43 -10.63 36.24
C VAL B 394 3.30 -9.74 35.37
N LYS B 395 3.30 -8.44 35.65
CA LYS B 395 4.14 -7.48 34.95
C LYS B 395 4.78 -6.53 35.96
N MET B 396 6.04 -6.20 35.72
CA MET B 396 6.76 -5.28 36.60
C MET B 396 7.75 -4.50 35.75
N GLU B 397 8.16 -3.34 36.28
CA GLU B 397 9.12 -2.46 35.62
C GLU B 397 10.27 -2.19 36.56
N ILE B 398 11.49 -2.45 36.10
CA ILE B 398 12.71 -2.25 36.88
C ILE B 398 13.44 -1.07 36.25
N GLY B 399 13.34 0.10 36.90
CA GLY B 399 13.93 1.32 36.39
C GLY B 399 15.29 1.59 37.00
N LEU B 400 15.85 2.75 36.62
CA LEU B 400 17.16 3.13 37.13
C LEU B 400 17.08 3.42 38.62
N PRO B 401 18.17 3.17 39.36
CA PRO B 401 18.15 3.45 40.79
C PRO B 401 18.34 4.93 41.09
N ASP B 402 17.75 5.35 42.21
CA ASP B 402 17.89 6.72 42.69
C ASP B 402 19.06 6.81 43.66
N GLU B 403 19.16 7.93 44.39
CA GLU B 403 20.30 8.15 45.26
C GLU B 403 20.42 7.03 46.30
N LYS B 404 19.32 6.63 46.90
CA LYS B 404 19.36 5.56 47.91
C LYS B 404 19.90 4.27 47.31
N GLY B 405 19.41 3.93 46.11
CA GLY B 405 19.89 2.72 45.45
C GLY B 405 21.38 2.76 45.16
N ARG B 406 21.87 3.90 44.67
CA ARG B 406 23.30 4.02 44.40
C ARG B 406 24.11 3.92 45.68
N LEU B 407 23.64 4.54 46.77
CA LEU B 407 24.35 4.44 48.03
C LEU B 407 24.45 2.98 48.48
N GLN B 408 23.33 2.26 48.47
CA GLN B 408 23.33 0.87 48.90
C GLN B 408 24.20 0.01 47.98
N ILE B 409 24.13 0.25 46.68
CA ILE B 409 24.92 -0.54 45.73
C ILE B 409 26.40 -0.32 45.96
N LEU B 410 26.82 0.93 46.19
CA LEU B 410 28.22 1.19 46.49
C LEU B 410 28.64 0.51 47.78
N HIS B 411 27.80 0.58 48.81
CA HIS B 411 28.15 -0.07 50.07
C HIS B 411 28.32 -1.57 49.91
N ILE B 412 27.42 -2.22 49.17
CA ILE B 412 27.54 -3.67 48.98
C ILE B 412 28.79 -3.99 48.17
N HIS B 413 29.05 -3.22 47.11
CA HIS B 413 30.17 -3.55 46.24
C HIS B 413 31.53 -3.15 46.80
N THR B 414 31.58 -2.36 47.87
CA THR B 414 32.84 -2.01 48.51
C THR B 414 32.86 -2.47 49.96
N ALA B 415 32.43 -3.72 50.20
CA ALA B 415 32.48 -4.33 51.51
C ALA B 415 33.67 -5.26 51.69
N ARG B 416 34.08 -5.96 50.62
CA ARG B 416 35.24 -6.84 50.71
C ARG B 416 36.48 -6.07 51.12
N MET B 417 36.72 -4.92 50.51
CA MET B 417 37.90 -4.12 50.83
C MET B 417 37.78 -3.48 52.21
N ARG B 418 36.55 -3.23 52.67
CA ARG B 418 36.37 -2.63 54.00
C ARG B 418 36.70 -3.58 55.13
N GLY B 419 36.84 -4.88 54.86
CA GLY B 419 37.14 -5.84 55.90
C GLY B 419 38.62 -6.09 56.07
N HIS B 420 39.35 -6.13 54.96
CA HIS B 420 40.79 -6.38 54.99
C HIS B 420 41.60 -5.17 55.46
N GLN B 421 40.96 -4.03 55.70
CA GLN B 421 41.65 -2.80 56.10
C GLN B 421 42.49 -2.25 54.94
N LEU B 422 41.85 -2.14 53.78
CA LEU B 422 42.52 -1.77 52.53
C LEU B 422 41.89 -0.54 51.87
N LEU B 423 41.09 0.23 52.59
CA LEU B 423 40.44 1.43 52.07
C LEU B 423 40.83 2.63 52.91
N SER B 424 41.11 3.74 52.25
CA SER B 424 41.50 4.96 52.94
C SER B 424 40.28 5.64 53.56
N ALA B 425 40.54 6.46 54.59
CA ALA B 425 39.47 7.22 55.23
C ALA B 425 39.03 8.41 54.40
N ASP B 426 39.83 8.80 53.40
CA ASP B 426 39.49 9.98 52.60
C ASP B 426 38.22 9.77 51.81
N VAL B 427 38.02 8.56 51.27
CA VAL B 427 36.85 8.27 50.45
C VAL B 427 35.60 8.44 51.29
N ASP B 428 34.62 9.15 50.75
CA ASP B 428 33.30 9.29 51.36
C ASP B 428 32.27 8.81 50.34
N ILE B 429 31.70 7.63 50.59
CA ILE B 429 30.76 7.05 49.65
C ILE B 429 29.57 7.99 49.41
N LYS B 430 29.20 8.77 50.42
N LYS B 430 29.20 8.77 50.43
CA LYS B 430 28.09 9.70 50.26
CA LYS B 430 28.09 9.70 50.26
C LYS B 430 28.38 10.73 49.18
C LYS B 430 28.39 10.72 49.18
N GLU B 431 29.60 11.28 49.18
CA GLU B 431 29.95 12.28 48.17
C GLU B 431 29.91 11.68 46.77
N LEU B 432 30.45 10.48 46.61
CA LEU B 432 30.42 9.82 45.30
C LEU B 432 29.02 9.43 44.88
N ALA B 433 28.05 9.42 45.80
CA ALA B 433 26.67 9.14 45.43
C ALA B 433 26.03 10.33 44.71
N VAL B 434 26.45 11.56 45.05
CA VAL B 434 25.88 12.74 44.42
C VAL B 434 26.44 12.93 43.02
N GLU B 435 27.74 12.69 42.85
CA GLU B 435 28.37 12.94 41.55
C GLU B 435 27.76 12.07 40.46
N THR B 436 27.69 10.76 40.68
CA THR B 436 27.16 9.85 39.69
C THR B 436 25.64 10.02 39.58
N LYS B 437 25.18 10.39 38.40
CA LYS B 437 23.76 10.55 38.11
C LYS B 437 23.45 9.82 36.80
N ASN B 438 22.29 9.17 36.76
CA ASN B 438 21.84 8.33 35.66
C ASN B 438 22.66 7.07 35.50
N PHE B 439 23.62 6.81 36.39
CA PHE B 439 24.42 5.59 36.30
C PHE B 439 23.57 4.36 36.59
N SER B 440 23.89 3.27 35.91
CA SER B 440 23.28 1.98 36.16
C SER B 440 24.16 1.18 37.12
N GLY B 441 23.61 0.05 37.60
CA GLY B 441 24.35 -0.77 38.55
C GLY B 441 25.61 -1.36 37.96
N ALA B 442 25.51 -1.92 36.75
CA ALA B 442 26.68 -2.53 36.12
C ALA B 442 27.79 -1.50 35.94
N GLU B 443 27.44 -0.29 35.51
CA GLU B 443 28.45 0.74 35.35
C GLU B 443 29.01 1.19 36.69
N LEU B 444 28.21 1.14 37.76
CA LEU B 444 28.75 1.41 39.10
C LEU B 444 29.81 0.39 39.47
N GLU B 445 29.53 -0.89 39.24
CA GLU B 445 30.51 -1.94 39.53
C GLU B 445 31.76 -1.74 38.70
N GLY B 446 31.60 -1.44 37.42
CA GLY B 446 32.75 -1.18 36.58
C GLY B 446 33.57 0.00 37.08
N LEU B 447 32.90 1.06 37.50
CA LEU B 447 33.61 2.21 38.07
C LEU B 447 34.44 1.79 39.27
N VAL B 448 33.85 1.04 40.19
CA VAL B 448 34.58 0.67 41.40
C VAL B 448 35.80 -0.17 41.04
N ARG B 449 35.61 -1.17 40.17
CA ARG B 449 36.72 -2.04 39.81
C ARG B 449 37.83 -1.28 39.09
N ALA B 450 37.47 -0.40 38.16
CA ALA B 450 38.47 0.37 37.42
C ALA B 450 39.19 1.34 38.34
N ALA B 451 38.49 1.95 39.30
CA ALA B 451 39.16 2.82 40.26
C ALA B 451 40.16 2.03 41.10
N GLN B 452 39.78 0.82 41.52
CA GLN B 452 40.72 -0.03 42.24
C GLN B 452 41.97 -0.28 41.40
N SER B 453 41.78 -0.66 40.13
CA SER B 453 42.92 -0.96 39.27
C SER B 453 43.80 0.27 39.09
N THR B 454 43.19 1.44 38.87
CA THR B 454 43.98 2.66 38.70
C THR B 454 44.75 2.99 39.96
N ALA B 455 44.12 2.82 41.13
CA ALA B 455 44.81 3.09 42.39
C ALA B 455 46.03 2.20 42.54
N MET B 456 45.89 0.92 42.21
CA MET B 456 47.04 0.02 42.29
C MET B 456 48.05 0.26 41.18
N ASN B 457 47.66 0.96 40.10
CA ASN B 457 48.59 1.19 39.00
C ASN B 457 49.78 2.05 39.41
N ARG B 458 49.60 2.90 40.42
CA ARG B 458 50.68 3.83 40.79
C ARG B 458 51.97 3.11 41.15
N HIS B 459 51.87 2.01 41.90
CA HIS B 459 53.03 1.41 42.52
C HIS B 459 53.65 0.31 41.67
N ILE B 460 53.95 0.60 40.38
CA ILE B 460 54.62 -0.31 39.46
C ILE B 460 55.72 0.45 38.73
N LYS B 461 56.39 1.38 39.42
CA LYS B 461 57.36 2.26 38.77
C LYS B 461 58.68 1.54 38.50
N ALA B 462 58.57 0.49 37.69
CA ALA B 462 59.70 -0.28 37.19
C ALA B 462 59.52 -0.49 35.68
N SER B 463 58.95 0.50 34.98
CA SER B 463 58.59 0.42 33.53
C SER B 463 59.10 -0.82 32.82
N THR B 464 60.40 -0.84 32.48
CA THR B 464 61.03 -1.99 31.80
C THR B 464 61.40 -3.04 32.86
N LYS B 465 61.24 -4.32 32.54
CA LYS B 465 61.49 -5.41 33.51
C LYS B 465 60.56 -5.13 34.70
N VAL B 466 59.24 -5.03 34.46
CA VAL B 466 58.36 -4.63 35.55
C VAL B 466 58.59 -5.42 36.83
N GLU B 467 58.55 -4.66 37.95
CA GLU B 467 58.80 -5.22 39.26
C GLU B 467 57.94 -4.45 40.26
N VAL B 468 57.62 -5.10 41.36
CA VAL B 468 56.77 -4.51 42.38
C VAL B 468 57.61 -3.61 43.26
N ASP B 469 57.20 -2.34 43.38
CA ASP B 469 57.86 -1.37 44.25
C ASP B 469 57.14 -1.23 45.58
N MET B 470 56.59 -2.33 46.08
CA MET B 470 55.90 -2.33 47.37
C MET B 470 56.85 -2.05 48.53
N GLU B 471 58.16 -2.09 48.30
CA GLU B 471 59.13 -1.77 49.35
C GLU B 471 58.67 -0.55 50.15
N LYS B 472 58.25 0.52 49.46
CA LYS B 472 57.68 1.69 50.10
C LYS B 472 56.17 1.77 49.94
N ALA B 473 55.59 1.05 48.97
CA ALA B 473 54.16 1.10 48.68
C ALA B 473 53.40 -0.05 49.32
N GLU B 474 53.95 -0.66 50.37
CA GLU B 474 53.23 -1.73 51.05
C GLU B 474 51.89 -1.22 51.59
N SER B 475 51.78 0.08 51.84
CA SER B 475 50.54 0.68 52.35
C SER B 475 49.59 0.98 51.18
N LEU B 476 49.27 -0.07 50.43
CA LEU B 476 48.33 0.09 49.33
C LEU B 476 46.95 0.46 49.86
N GLN B 477 46.24 1.29 49.11
CA GLN B 477 44.93 1.77 49.54
C GLN B 477 44.21 2.35 48.33
N VAL B 478 43.01 2.86 48.57
CA VAL B 478 42.22 3.53 47.54
C VAL B 478 41.68 4.82 48.14
N THR B 479 41.91 5.94 47.47
CA THR B 479 41.56 7.26 47.97
C THR B 479 40.62 7.96 46.99
N ARG B 480 40.00 9.04 47.48
CA ARG B 480 39.05 9.78 46.66
C ARG B 480 39.68 10.23 45.35
N GLY B 481 40.97 10.56 45.38
CA GLY B 481 41.63 10.99 44.15
C GLY B 481 41.50 9.96 43.04
N ASP B 482 41.74 8.69 43.37
CA ASP B 482 41.65 7.63 42.37
C ASP B 482 40.23 7.53 41.83
N PHE B 483 39.24 7.48 42.73
CA PHE B 483 37.85 7.36 42.29
C PHE B 483 37.47 8.50 41.36
N LEU B 484 37.73 9.74 41.78
CA LEU B 484 37.28 10.88 40.99
C LEU B 484 38.06 11.01 39.69
N ALA B 485 39.37 10.75 39.71
CA ALA B 485 40.15 10.80 38.47
C ALA B 485 39.65 9.76 37.48
N SER B 486 39.35 8.55 37.95
CA SER B 486 38.77 7.53 37.09
C SER B 486 37.34 7.85 36.67
N LEU B 487 36.66 8.72 37.42
CA LEU B 487 35.25 9.00 37.16
C LEU B 487 35.03 9.78 35.88
N GLU B 488 36.07 10.33 35.27
CA GLU B 488 35.95 11.22 34.12
C GLU B 488 36.44 10.61 32.82
N ASN B 489 37.53 9.85 32.85
CA ASN B 489 38.16 9.36 31.63
C ASN B 489 37.72 7.94 31.27
N ASP B 490 37.71 7.02 32.24
CA ASP B 490 37.55 5.61 31.93
C ASP B 490 36.09 5.24 31.69
N ILE B 491 35.25 5.40 32.70
CA ILE B 491 33.88 4.90 32.62
C ILE B 491 33.06 5.80 31.69
N LYS B 492 32.09 5.21 31.04
N LYS B 492 32.09 5.21 31.03
CA LYS B 492 31.20 5.91 30.12
CA LYS B 492 31.20 5.91 30.12
C LYS B 492 29.76 5.50 30.42
C LYS B 492 29.76 5.51 30.43
N PRO B 493 28.89 6.44 30.79
CA PRO B 493 27.48 6.08 31.02
C PRO B 493 26.78 5.78 29.70
N ALA B 494 25.53 5.34 29.82
CA ALA B 494 24.71 5.00 28.66
C ALA B 494 23.60 6.02 28.43
N PHE B 495 22.74 6.25 29.41
CA PHE B 495 21.82 7.38 29.39
C PHE B 495 22.42 8.56 30.15
N GLY B 496 23.65 8.92 29.80
CA GLY B 496 24.40 9.89 30.56
C GLY B 496 24.76 11.14 29.76
N THR B 497 25.74 11.89 30.27
CA THR B 497 26.13 13.17 29.68
C THR B 497 26.97 12.89 28.44
N ASN B 498 26.28 12.54 27.35
CA ASN B 498 26.94 12.29 26.08
C ASN B 498 27.92 13.41 25.76
N GLN B 499 29.19 13.05 25.62
CA GLN B 499 30.26 13.99 25.30
C GLN B 499 30.73 13.75 23.87
N GLU B 500 31.39 14.76 23.31
CA GLU B 500 31.87 14.84 21.93
C GLU B 500 30.73 15.16 20.97
N ASP B 501 29.48 15.17 21.44
CA ASP B 501 28.39 15.64 20.59
C ASP B 501 28.44 17.15 20.42
N TYR B 502 28.44 17.88 21.53
CA TYR B 502 28.57 19.33 21.48
C TYR B 502 30.05 19.71 21.47
N ALA B 503 30.81 19.12 20.55
CA ALA B 503 32.23 19.40 20.41
C ALA B 503 32.55 19.73 18.96
N SER B 504 31.79 19.17 18.02
CA SER B 504 31.96 19.41 16.60
C SER B 504 31.10 20.56 16.09
N TYR B 505 30.28 21.16 16.94
CA TYR B 505 29.42 22.27 16.55
C TYR B 505 30.02 23.63 16.93
N ILE B 506 30.43 23.79 18.18
CA ILE B 506 31.14 25.00 18.60
C ILE B 506 32.59 24.84 18.19
N MET B 507 32.93 25.31 16.99
CA MET B 507 34.24 25.06 16.42
C MET B 507 35.26 26.15 16.77
N ASN B 508 34.82 27.40 16.87
CA ASN B 508 35.72 28.54 17.10
C ASN B 508 35.27 29.39 18.28
N GLY B 509 34.71 28.77 19.31
CA GLY B 509 34.35 29.50 20.51
C GLY B 509 33.23 30.49 20.28
N ILE B 510 32.99 31.28 21.33
CA ILE B 510 31.96 32.31 21.33
C ILE B 510 32.63 33.64 21.63
N ILE B 511 32.50 34.61 20.74
CA ILE B 511 33.11 35.93 20.88
C ILE B 511 31.99 36.95 21.02
N LYS B 512 32.13 37.84 22.01
CA LYS B 512 31.10 38.83 22.34
C LYS B 512 31.33 40.07 21.49
N TRP B 513 30.66 40.11 20.33
CA TRP B 513 30.82 41.23 19.40
C TRP B 513 29.89 42.39 19.73
N GLY B 514 29.22 42.40 20.87
CA GLY B 514 28.40 43.53 21.25
C GLY B 514 27.38 43.15 22.30
N ASP B 515 26.33 43.95 22.37
CA ASP B 515 25.26 43.79 23.36
C ASP B 515 24.32 42.64 23.01
N PRO B 516 23.93 42.48 21.75
CA PRO B 516 22.95 41.42 21.43
C PRO B 516 23.38 40.04 21.88
N VAL B 517 24.68 39.73 21.88
CA VAL B 517 25.12 38.39 22.24
C VAL B 517 25.11 38.17 23.75
N THR B 518 25.18 39.22 24.55
CA THR B 518 25.13 39.09 26.00
C THR B 518 23.70 39.11 26.53
N ARG B 519 22.70 39.17 25.64
CA ARG B 519 21.30 39.05 26.03
C ARG B 519 20.74 37.65 25.80
N VAL B 520 21.06 37.04 24.66
CA VAL B 520 20.52 35.71 24.37
C VAL B 520 21.09 34.67 25.33
N LEU B 521 22.41 34.71 25.55
CA LEU B 521 23.03 33.77 26.48
C LEU B 521 22.44 33.91 27.88
N ASP B 522 22.15 35.14 28.29
CA ASP B 522 21.57 35.36 29.61
C ASP B 522 20.12 34.86 29.66
N ASP B 523 19.33 35.17 28.63
CA ASP B 523 17.94 34.76 28.61
C ASP B 523 17.80 33.25 28.60
N GLY B 524 18.77 32.55 28.02
CA GLY B 524 18.75 31.10 28.11
C GLY B 524 18.77 30.61 29.54
N GLU B 525 19.59 31.24 30.38
CA GLU B 525 19.76 30.78 31.76
C GLU B 525 18.44 30.82 32.53
N LEU B 526 17.65 31.87 32.34
CA LEU B 526 16.38 31.97 33.05
C LEU B 526 15.49 30.78 32.73
N LEU B 527 15.40 30.41 31.45
CA LEU B 527 14.62 29.22 31.09
C LEU B 527 15.22 27.97 31.71
N VAL B 528 16.55 27.85 31.68
CA VAL B 528 17.20 26.65 32.23
C VAL B 528 17.18 26.61 33.74
N GLN B 529 16.67 27.66 34.40
CA GLN B 529 16.42 27.62 35.84
C GLN B 529 14.92 27.57 36.15
N GLN B 530 14.08 27.33 35.15
CA GLN B 530 12.65 27.12 35.37
C GLN B 530 12.19 25.72 35.01
N THR B 531 13.01 24.92 34.35
CA THR B 531 12.73 23.51 34.11
C THR B 531 13.39 22.60 35.12
N LYS B 532 13.94 23.17 36.21
CA LYS B 532 14.58 22.40 37.26
C LYS B 532 14.13 22.79 38.66
N ASN B 533 13.31 23.84 38.80
CA ASN B 533 12.83 24.28 40.11
C ASN B 533 11.36 24.65 40.06
N SER B 534 10.58 23.98 39.21
CA SER B 534 9.17 24.27 39.05
C SER B 534 8.38 22.96 39.12
N ASP B 535 7.13 23.07 39.58
CA ASP B 535 6.26 21.91 39.75
C ASP B 535 4.99 21.95 38.90
N ARG B 536 4.57 23.12 38.43
CA ARG B 536 3.39 23.24 37.59
C ARG B 536 3.74 23.39 36.10
N THR B 537 5.02 23.42 35.76
CA THR B 537 5.47 23.60 34.37
C THR B 537 6.58 22.61 34.07
N PRO B 538 6.25 21.33 33.94
CA PRO B 538 7.30 20.32 33.68
C PRO B 538 7.89 20.39 32.29
N LEU B 539 7.23 21.03 31.34
CA LEU B 539 7.70 21.09 29.95
C LEU B 539 7.81 22.54 29.51
N VAL B 540 8.89 22.85 28.79
CA VAL B 540 9.15 24.18 28.28
C VAL B 540 9.64 24.07 26.85
N SER B 541 9.46 25.16 26.09
CA SER B 541 9.89 25.22 24.71
C SER B 541 10.38 26.62 24.38
N VAL B 542 11.31 26.72 23.45
CA VAL B 542 11.86 28.00 23.02
C VAL B 542 12.32 27.88 21.58
N LEU B 543 12.14 28.95 20.82
CA LEU B 543 12.48 28.98 19.39
C LEU B 543 13.47 30.10 19.15
N LEU B 544 14.59 29.77 18.50
CA LEU B 544 15.59 30.75 18.11
C LEU B 544 15.54 30.95 16.61
N GLU B 545 15.62 32.20 16.16
CA GLU B 545 15.46 32.51 14.76
C GLU B 545 16.21 33.80 14.42
N GLY B 546 16.73 33.84 13.20
CA GLY B 546 17.46 34.98 12.70
C GLY B 546 17.82 34.83 11.24
N PRO B 547 18.50 35.83 10.68
CA PRO B 547 18.86 35.76 9.27
C PRO B 547 19.84 34.63 9.03
N PRO B 548 19.91 34.10 7.82
CA PRO B 548 20.87 33.04 7.52
C PRO B 548 22.31 33.51 7.77
N HIS B 549 23.14 32.59 8.25
CA HIS B 549 24.54 32.84 8.57
C HIS B 549 24.72 33.74 9.79
N SER B 550 23.79 33.70 10.74
CA SER B 550 23.89 34.51 11.94
C SER B 550 24.45 33.75 13.14
N GLY B 551 24.51 32.42 13.08
CA GLY B 551 25.10 31.65 14.16
C GLY B 551 24.11 31.17 15.21
N LYS B 552 23.05 30.49 14.78
CA LYS B 552 22.03 30.02 15.71
C LYS B 552 22.43 28.71 16.38
N THR B 553 22.87 27.72 15.59
CA THR B 553 23.19 26.41 16.14
C THR B 553 24.27 26.52 17.22
N ALA B 554 25.29 27.35 16.99
CA ALA B 554 26.35 27.50 17.97
C ALA B 554 25.80 27.98 19.31
N LEU B 555 24.96 29.02 19.28
CA LEU B 555 24.42 29.55 20.53
C LEU B 555 23.51 28.54 21.20
N ALA B 556 22.73 27.78 20.41
CA ALA B 556 21.89 26.74 21.00
C ALA B 556 22.74 25.72 21.75
N ALA B 557 23.81 25.25 21.11
CA ALA B 557 24.68 24.27 21.75
C ALA B 557 25.32 24.83 23.01
N LYS B 558 25.78 26.09 22.95
CA LYS B 558 26.42 26.69 24.11
C LYS B 558 25.46 26.84 25.27
N ILE B 559 24.21 27.24 24.99
CA ILE B 559 23.21 27.33 26.06
C ILE B 559 22.96 25.95 26.65
N ALA B 560 22.84 24.93 25.79
CA ALA B 560 22.55 23.60 26.29
C ALA B 560 23.67 23.08 27.19
N GLU B 561 24.92 23.36 26.82
CA GLU B 561 26.04 22.78 27.56
C GLU B 561 26.09 23.27 29.00
N GLU B 562 25.75 24.53 29.25
CA GLU B 562 25.90 25.12 30.58
C GLU B 562 24.78 24.75 31.53
N SER B 563 23.90 23.82 31.15
CA SER B 563 22.82 23.40 32.02
C SER B 563 23.26 22.40 33.09
N ASN B 564 24.36 21.69 32.87
CA ASN B 564 24.78 20.61 33.76
C ASN B 564 23.70 19.54 33.89
N PHE B 565 22.93 19.35 32.82
CA PHE B 565 21.93 18.28 32.81
C PHE B 565 22.60 16.94 32.53
N PRO B 566 22.16 15.86 33.21
CA PRO B 566 22.81 14.56 32.98
C PRO B 566 22.69 14.06 31.55
N PHE B 567 21.60 14.35 30.86
CA PHE B 567 21.31 13.77 29.55
C PHE B 567 21.17 14.87 28.52
N ILE B 568 21.91 14.75 27.41
CA ILE B 568 21.90 15.74 26.35
C ILE B 568 21.99 15.02 25.00
N LYS B 569 21.26 15.53 24.01
CA LYS B 569 21.31 14.98 22.67
C LYS B 569 21.03 16.10 21.68
N ILE B 570 21.48 15.89 20.44
CA ILE B 570 21.30 16.88 19.38
C ILE B 570 20.86 16.17 18.11
N CYS B 571 19.56 16.22 17.81
CA CYS B 571 18.99 15.48 16.69
C CYS B 571 19.05 16.36 15.44
N SER B 572 20.18 16.31 14.76
CA SER B 572 20.41 17.07 13.54
C SER B 572 19.77 16.35 12.35
N PRO B 573 19.65 17.02 11.21
CA PRO B 573 19.11 16.38 10.00
C PRO B 573 20.15 15.69 9.13
N ASP B 574 21.44 15.93 9.37
CA ASP B 574 22.49 15.40 8.51
C ASP B 574 22.96 14.01 8.90
N LYS B 575 22.31 13.39 9.89
CA LYS B 575 22.59 12.01 10.27
C LYS B 575 21.56 11.04 9.70
N MET B 576 20.64 11.52 8.87
CA MET B 576 19.62 10.70 8.25
C MET B 576 19.50 11.03 6.77
N ILE B 577 20.64 11.22 6.11
CA ILE B 577 20.65 11.61 4.70
C ILE B 577 19.94 10.54 3.88
N GLY B 578 18.99 10.97 3.06
CA GLY B 578 18.32 10.08 2.14
C GLY B 578 17.21 9.24 2.75
N PHE B 579 16.96 9.37 4.04
CA PHE B 579 15.91 8.59 4.68
C PHE B 579 14.56 8.89 4.03
N SER B 580 13.60 8.01 4.29
CA SER B 580 12.23 8.19 3.84
C SER B 580 11.38 8.75 4.98
N GLU B 581 10.21 9.27 4.61
CA GLU B 581 9.33 9.94 5.56
C GLU B 581 9.16 9.12 6.84
N THR B 582 8.67 7.90 6.70
CA THR B 582 8.36 7.08 7.87
C THR B 582 9.62 6.80 8.69
N ALA B 583 10.75 6.58 8.02
CA ALA B 583 11.98 6.32 8.77
C ALA B 583 12.40 7.52 9.60
N LYS B 584 12.26 8.73 9.04
CA LYS B 584 12.55 9.94 9.81
C LYS B 584 11.62 10.05 11.01
N CYS B 585 10.33 9.76 10.81
CA CYS B 585 9.41 9.80 11.93
C CYS B 585 9.81 8.81 13.02
N GLN B 586 10.21 7.60 12.63
CA GLN B 586 10.61 6.60 13.60
C GLN B 586 11.88 7.05 14.36
N ALA B 587 12.84 7.64 13.66
CA ALA B 587 14.04 8.11 14.34
C ALA B 587 13.71 9.20 15.35
N MET B 588 12.86 10.15 14.95
CA MET B 588 12.47 11.21 15.87
C MET B 588 11.76 10.63 17.09
N LYS B 589 10.85 9.68 16.88
CA LYS B 589 10.17 9.05 18.00
C LYS B 589 11.16 8.32 18.90
N LYS B 590 12.15 7.66 18.31
CA LYS B 590 13.14 6.94 19.11
C LYS B 590 13.89 7.90 20.03
N ILE B 591 14.32 9.04 19.49
CA ILE B 591 15.08 9.98 20.31
C ILE B 591 14.18 10.57 21.41
N PHE B 592 12.99 11.04 21.03
CA PHE B 592 12.10 11.65 22.02
C PHE B 592 11.53 10.64 23.01
N ASP B 593 11.65 9.34 22.73
CA ASP B 593 11.25 8.32 23.68
C ASP B 593 12.41 7.92 24.60
N ASP B 594 13.63 7.89 24.06
CA ASP B 594 14.79 7.68 24.91
C ASP B 594 14.92 8.79 25.94
N ALA B 595 14.63 10.03 25.54
CA ALA B 595 14.77 11.15 26.47
C ALA B 595 13.81 11.06 27.65
N TYR B 596 12.77 10.22 27.57
CA TYR B 596 11.75 10.19 28.62
C TYR B 596 12.18 9.39 29.85
N LYS B 597 13.28 8.63 29.77
CA LYS B 597 13.63 7.70 30.83
C LYS B 597 14.60 8.27 31.86
N SER B 598 14.91 9.56 31.78
CA SER B 598 15.83 10.20 32.71
C SER B 598 15.09 11.24 33.55
N GLN B 599 15.61 11.48 34.76
CA GLN B 599 15.00 12.46 35.65
C GLN B 599 15.21 13.89 35.17
N LEU B 600 16.06 14.10 34.16
CA LEU B 600 16.27 15.41 33.57
C LEU B 600 16.76 15.20 32.15
N SER B 601 16.59 16.21 31.31
CA SER B 601 16.94 16.05 29.90
C SER B 601 17.04 17.41 29.22
N CYS B 602 17.54 17.39 27.99
CA CYS B 602 17.56 18.55 27.12
C CYS B 602 17.80 18.06 25.70
N VAL B 603 16.87 18.36 24.80
CA VAL B 603 16.94 17.90 23.41
C VAL B 603 16.89 19.10 22.48
N VAL B 604 17.72 19.09 21.45
CA VAL B 604 17.83 20.18 20.49
C VAL B 604 17.44 19.65 19.11
N VAL B 605 16.45 20.27 18.50
CA VAL B 605 16.02 19.95 17.14
C VAL B 605 16.34 21.17 16.29
N ASP B 606 17.44 21.10 15.54
CA ASP B 606 17.94 22.25 14.80
C ASP B 606 17.62 22.14 13.32
N ASP B 607 17.52 23.31 12.67
CA ASP B 607 17.27 23.40 11.24
C ASP B 607 15.96 22.70 10.87
N ILE B 608 14.86 23.25 11.39
CA ILE B 608 13.55 22.64 11.18
C ILE B 608 13.18 22.66 9.69
N GLU B 609 13.45 23.77 9.01
CA GLU B 609 12.95 23.92 7.64
C GLU B 609 13.47 22.80 6.74
N ARG B 610 14.74 22.43 6.89
CA ARG B 610 15.33 21.36 6.10
C ARG B 610 15.06 19.98 6.68
N LEU B 611 14.13 19.87 7.63
CA LEU B 611 13.67 18.59 8.13
C LEU B 611 12.31 18.21 7.55
N LEU B 612 11.50 19.18 7.16
CA LEU B 612 10.24 18.94 6.47
C LEU B 612 10.40 18.86 4.96
N ASP B 613 11.60 19.09 4.44
CA ASP B 613 11.85 19.09 3.01
C ASP B 613 11.11 20.23 2.31
N TYR B 614 11.14 21.41 2.93
CA TYR B 614 10.44 22.56 2.38
C TYR B 614 11.21 23.14 1.19
N VAL B 615 10.46 23.70 0.24
CA VAL B 615 11.05 24.27 -0.97
C VAL B 615 10.10 25.33 -1.50
N PRO B 616 10.54 26.59 -1.70
CA PRO B 616 9.57 27.65 -2.04
C PRO B 616 8.75 27.35 -3.28
N ILE B 617 9.34 26.76 -4.32
CA ILE B 617 8.55 26.34 -5.46
C ILE B 617 7.54 25.31 -4.99
N GLY B 618 6.34 25.35 -5.55
CA GLY B 618 5.26 24.52 -5.09
C GLY B 618 4.22 25.31 -4.31
N PRO B 619 4.27 25.26 -2.97
CA PRO B 619 5.29 24.62 -2.11
C PRO B 619 5.13 23.12 -1.99
N ARG B 620 6.16 22.44 -1.46
CA ARG B 620 6.09 21.02 -1.17
C ARG B 620 6.73 20.77 0.20
N PHE B 621 6.30 19.70 0.85
CA PHE B 621 6.86 19.28 2.13
C PHE B 621 6.22 17.96 2.52
N SER B 622 6.70 17.40 3.63
CA SER B 622 6.20 16.13 4.15
C SER B 622 5.18 16.43 5.25
N ASN B 623 3.91 16.18 4.95
CA ASN B 623 2.85 16.44 5.92
C ASN B 623 3.02 15.56 7.15
N LEU B 624 3.42 14.31 6.96
CA LEU B 624 3.48 13.35 8.07
C LEU B 624 4.45 13.81 9.14
N VAL B 625 5.63 14.28 8.73
CA VAL B 625 6.62 14.74 9.70
C VAL B 625 6.10 15.95 10.46
N LEU B 626 5.38 16.85 9.77
CA LEU B 626 4.84 18.02 10.44
C LEU B 626 3.82 17.61 11.50
N GLN B 627 2.86 16.74 11.21
CA GLN B 627 1.92 16.29 12.26
C GLN B 627 2.78 15.65 13.35
N ALA B 628 3.67 14.71 13.06
CA ALA B 628 4.39 14.05 14.15
C ALA B 628 5.05 15.07 15.07
N LEU B 629 5.71 16.08 14.50
CA LEU B 629 6.38 17.08 15.31
C LEU B 629 5.38 17.89 16.14
N LEU B 630 4.22 18.30 15.59
CA LEU B 630 3.28 19.21 16.31
C LEU B 630 2.46 18.43 17.33
N VAL B 631 2.53 17.11 17.38
CA VAL B 631 1.87 16.28 18.44
C VAL B 631 2.97 15.92 19.41
N LEU B 632 4.24 15.77 18.99
CA LEU B 632 5.28 15.50 19.97
C LEU B 632 5.57 16.72 20.84
N LEU B 633 5.43 17.92 20.29
CA LEU B 633 5.84 19.11 21.04
C LEU B 633 4.94 19.42 22.23
N LYS B 634 3.88 18.65 22.46
CA LYS B 634 2.91 18.98 23.50
C LYS B 634 2.54 17.77 24.37
N LYS B 635 3.46 16.84 24.53
N LYS B 635 3.46 16.84 24.53
CA LYS B 635 3.23 15.64 25.34
CA LYS B 635 3.23 15.65 25.34
C LYS B 635 4.13 15.69 26.57
C LYS B 635 4.13 15.68 26.57
N ALA B 636 3.52 15.69 27.75
CA ALA B 636 4.30 15.73 28.98
C ALA B 636 4.92 14.35 29.23
N PRO B 637 6.02 14.31 29.97
CA PRO B 637 6.64 13.01 30.29
C PRO B 637 5.87 12.32 31.40
N PRO B 638 6.26 11.08 31.73
CA PRO B 638 5.64 10.41 32.89
C PRO B 638 5.74 11.27 34.15
N GLN B 639 4.97 10.91 35.18
CA GLN B 639 4.87 11.76 36.35
C GLN B 639 6.23 11.99 37.00
N GLY B 640 6.51 13.25 37.33
CA GLY B 640 7.67 13.60 38.12
C GLY B 640 8.96 13.84 37.36
N ARG B 641 8.91 13.96 36.04
CA ARG B 641 10.10 14.16 35.23
C ARG B 641 9.95 15.40 34.36
N LYS B 642 11.09 15.95 33.95
CA LYS B 642 11.13 17.27 33.33
C LYS B 642 11.90 17.19 32.02
N LEU B 643 11.62 18.16 31.14
CA LEU B 643 12.19 18.17 29.80
C LEU B 643 12.31 19.60 29.31
N LEU B 644 13.14 19.80 28.30
CA LEU B 644 13.31 21.11 27.67
C LEU B 644 13.69 20.91 26.21
N ILE B 645 12.99 21.58 25.30
CA ILE B 645 13.20 21.44 23.87
C ILE B 645 13.59 22.80 23.31
N ILE B 646 14.65 22.83 22.51
CA ILE B 646 15.13 24.04 21.84
C ILE B 646 15.14 23.78 20.35
N GLY B 647 14.61 24.73 19.59
CA GLY B 647 14.59 24.62 18.14
C GLY B 647 15.35 25.74 17.45
N THR B 648 15.65 25.54 16.17
CA THR B 648 16.38 26.54 15.38
C THR B 648 15.82 26.57 13.97
N THR B 649 15.66 27.77 13.42
CA THR B 649 15.07 27.94 12.11
C THR B 649 15.55 29.27 11.53
N SER B 650 15.32 29.43 10.22
CA SER B 650 15.71 30.65 9.52
C SER B 650 14.57 31.26 8.70
N ARG B 651 13.42 30.60 8.61
CA ARG B 651 12.26 31.08 7.87
C ARG B 651 11.09 31.15 8.84
N LYS B 652 10.92 32.31 9.49
CA LYS B 652 9.91 32.43 10.52
C LYS B 652 8.50 32.52 9.94
N ASP B 653 8.33 33.23 8.81
CA ASP B 653 6.99 33.43 8.27
C ASP B 653 6.37 32.12 7.81
N VAL B 654 7.15 31.26 7.14
CA VAL B 654 6.62 29.98 6.70
C VAL B 654 6.15 29.16 7.89
N LEU B 655 6.92 29.15 8.96
CA LEU B 655 6.48 28.47 10.19
C LEU B 655 5.22 29.12 10.74
N GLN B 656 5.11 30.45 10.61
CA GLN B 656 3.93 31.14 11.12
C GLN B 656 2.67 30.69 10.39
N GLU B 657 2.76 30.53 9.07
CA GLU B 657 1.56 30.14 8.32
C GLU B 657 1.10 28.73 8.66
N MET B 658 2.02 27.80 8.92
CA MET B 658 1.66 26.42 9.23
C MET B 658 1.09 26.25 10.63
N GLU B 659 0.81 27.32 11.35
CA GLU B 659 0.22 27.24 12.71
C GLU B 659 1.16 26.47 13.61
N MET B 660 2.44 26.80 13.60
CA MET B 660 3.43 26.13 14.44
C MET B 660 3.85 26.94 15.65
N LEU B 661 3.83 28.27 15.56
CA LEU B 661 4.27 29.09 16.69
C LEU B 661 3.38 28.94 17.91
N ASN B 662 2.17 28.39 17.74
CA ASN B 662 1.30 28.17 18.89
C ASN B 662 1.91 27.16 19.85
N ALA B 663 2.52 26.10 19.32
CA ALA B 663 3.12 25.09 20.17
C ALA B 663 4.27 25.66 20.99
N PHE B 664 5.14 26.45 20.36
CA PHE B 664 6.29 27.01 21.06
C PHE B 664 5.83 28.06 22.06
N SER B 665 6.47 28.06 23.24
CA SER B 665 6.08 28.96 24.32
C SER B 665 6.67 30.36 24.19
N THR B 666 7.87 30.49 23.64
CA THR B 666 8.51 31.79 23.52
C THR B 666 9.56 31.72 22.42
N THR B 667 9.90 32.89 21.89
CA THR B 667 10.87 33.00 20.81
C THR B 667 11.87 34.10 21.14
N ILE B 668 13.10 33.92 20.64
CA ILE B 668 14.19 34.85 20.87
C ILE B 668 14.79 35.23 19.52
N HIS B 669 15.25 36.46 19.40
CA HIS B 669 15.73 37.01 18.13
C HIS B 669 17.22 37.28 18.22
N VAL B 670 17.98 36.77 17.26
CA VAL B 670 19.42 36.97 17.17
C VAL B 670 19.70 37.90 15.99
N PRO B 671 20.23 39.10 16.21
CA PRO B 671 20.43 40.03 15.09
C PRO B 671 21.79 39.90 14.43
N ASN B 672 22.02 40.69 13.39
CA ASN B 672 23.28 40.73 12.65
C ASN B 672 24.05 41.98 13.05
N ILE B 673 25.29 42.06 12.55
CA ILE B 673 26.11 43.25 12.79
C ILE B 673 25.51 44.41 12.02
N ALA B 674 25.33 45.55 12.72
CA ALA B 674 24.64 46.70 12.13
C ALA B 674 25.32 48.03 12.42
N THR B 675 26.57 48.02 12.88
CA THR B 675 27.29 49.25 13.16
C THR B 675 28.77 49.04 12.92
N GLY B 676 29.46 50.12 12.55
CA GLY B 676 30.90 50.04 12.37
C GLY B 676 31.63 49.75 13.66
N GLU B 677 31.14 50.25 14.79
CA GLU B 677 31.81 50.01 16.06
C GLU B 677 31.84 48.53 16.40
N GLN B 678 30.73 47.83 16.19
CA GLN B 678 30.70 46.41 16.47
C GLN B 678 31.66 45.64 15.56
N LEU B 679 31.71 46.00 14.28
CA LEU B 679 32.66 45.36 13.38
C LEU B 679 34.10 45.59 13.82
N LEU B 680 34.41 46.82 14.24
CA LEU B 680 35.76 47.12 14.71
C LEU B 680 36.09 46.31 15.97
N GLU B 681 35.12 46.20 16.88
CA GLU B 681 35.35 45.40 18.09
C GLU B 681 35.60 43.94 17.75
N ALA B 682 34.81 43.39 16.81
CA ALA B 682 35.02 42.01 16.41
C ALA B 682 36.39 41.82 15.77
N LEU B 683 36.79 42.75 14.90
CA LEU B 683 38.09 42.66 14.27
C LEU B 683 39.21 42.71 15.31
N GLU B 684 39.10 43.62 16.29
CA GLU B 684 40.10 43.69 17.34
C GLU B 684 40.16 42.37 18.12
N LEU B 685 38.99 41.81 18.46
CA LEU B 685 38.99 40.60 19.26
C LEU B 685 39.59 39.42 18.49
N LEU B 686 39.31 39.34 17.19
CA LEU B 686 39.90 38.27 16.39
C LEU B 686 41.41 38.41 16.32
N GLY B 687 41.93 39.62 16.46
CA GLY B 687 43.37 39.83 16.51
C GLY B 687 44.11 39.44 15.26
N ASN B 688 43.60 39.86 14.09
CA ASN B 688 44.21 39.54 12.81
C ASN B 688 44.95 40.72 12.19
N PHE B 689 44.30 41.85 12.03
CA PHE B 689 44.92 43.02 11.39
C PHE B 689 45.69 43.84 12.40
N LYS B 690 46.65 44.62 11.89
CA LYS B 690 47.52 45.43 12.71
C LYS B 690 46.88 46.80 12.98
N ASP B 691 47.61 47.66 13.70
CA ASP B 691 47.05 48.94 14.13
C ASP B 691 46.78 49.85 12.94
N LYS B 692 47.77 50.02 12.06
CA LYS B 692 47.63 50.96 10.95
C LYS B 692 46.48 50.55 10.03
N GLU B 693 46.43 49.27 9.67
CA GLU B 693 45.34 48.79 8.83
C GLU B 693 44.00 48.95 9.56
N ARG B 694 43.99 48.79 10.88
CA ARG B 694 42.77 49.02 11.64
C ARG B 694 42.31 50.46 11.53
N THR B 695 43.24 51.41 11.63
CA THR B 695 42.88 52.81 11.49
C THR B 695 42.35 53.11 10.10
N THR B 696 43.01 52.57 9.07
CA THR B 696 42.53 52.78 7.71
C THR B 696 41.13 52.22 7.51
N ILE B 697 40.89 51.01 8.02
CA ILE B 697 39.57 50.38 7.87
C ILE B 697 38.52 51.20 8.60
N ALA B 698 38.84 51.66 9.81
CA ALA B 698 37.89 52.47 10.57
C ALA B 698 37.57 53.77 9.83
N GLN B 699 38.60 54.41 9.28
CA GLN B 699 38.38 55.66 8.56
C GLN B 699 37.49 55.44 7.33
N GLN B 700 37.73 54.37 6.58
CA GLN B 700 36.98 54.16 5.35
C GLN B 700 35.56 53.66 5.63
N VAL B 701 35.37 52.89 6.70
CA VAL B 701 34.09 52.26 6.97
C VAL B 701 33.17 53.12 7.83
N LYS B 702 33.62 54.29 8.26
CA LYS B 702 32.84 55.16 9.13
C LYS B 702 31.98 56.14 8.33
N GLY B 703 31.62 55.80 7.10
CA GLY B 703 30.77 56.64 6.29
C GLY B 703 29.73 55.87 5.52
N LYS B 704 29.35 54.70 6.02
CA LYS B 704 28.37 53.85 5.36
C LYS B 704 27.74 52.94 6.41
N LYS B 705 26.75 52.17 5.98
CA LYS B 705 26.06 51.19 6.81
C LYS B 705 26.61 49.80 6.54
N VAL B 706 26.46 48.92 7.53
CA VAL B 706 26.98 47.56 7.46
C VAL B 706 25.88 46.59 7.88
N TRP B 707 25.77 45.48 7.14
CA TRP B 707 24.78 44.44 7.44
C TRP B 707 25.36 43.12 6.96
N ILE B 708 25.96 42.36 7.89
CA ILE B 708 26.72 41.17 7.54
C ILE B 708 26.59 40.14 8.64
N GLY B 709 26.68 38.86 8.26
CA GLY B 709 26.67 37.78 9.23
C GLY B 709 28.07 37.41 9.70
N ILE B 710 28.13 36.82 10.89
CA ILE B 710 29.42 36.54 11.52
C ILE B 710 30.20 35.51 10.71
N LYS B 711 29.54 34.44 10.28
CA LYS B 711 30.24 33.39 9.55
C LYS B 711 30.78 33.92 8.22
N LYS B 712 29.98 34.74 7.53
CA LYS B 712 30.47 35.34 6.30
C LYS B 712 31.65 36.25 6.57
N LEU B 713 31.65 36.94 7.71
CA LEU B 713 32.79 37.77 8.08
C LEU B 713 34.04 36.92 8.26
N LEU B 714 33.92 35.79 8.95
CA LEU B 714 35.07 34.90 9.10
C LEU B 714 35.58 34.43 7.75
N MET B 715 34.67 34.04 6.87
CA MET B 715 35.07 33.55 5.55
C MET B 715 35.79 34.65 4.77
N LEU B 716 35.26 35.88 4.81
CA LEU B 716 35.89 36.98 4.09
C LEU B 716 37.28 37.28 4.65
N ILE B 717 37.42 37.25 5.98
CA ILE B 717 38.74 37.51 6.57
C ILE B 717 39.74 36.46 6.10
N GLU B 718 39.34 35.19 6.16
CA GLU B 718 40.25 34.12 5.76
C GLU B 718 40.62 34.24 4.29
N MET B 719 39.65 34.54 3.43
CA MET B 719 39.95 34.70 2.01
C MET B 719 40.88 35.87 1.77
N SER B 720 40.66 36.99 2.45
CA SER B 720 41.47 38.18 2.21
C SER B 720 42.89 38.00 2.71
N LEU B 721 43.08 37.24 3.79
CA LEU B 721 44.44 37.05 4.31
C LEU B 721 45.38 36.42 3.29
N GLN B 722 44.85 35.72 2.29
CA GLN B 722 45.71 34.99 1.36
C GLN B 722 46.58 35.93 0.54
N MET B 723 46.04 37.05 0.10
CA MET B 723 46.77 37.95 -0.78
C MET B 723 48.02 38.49 -0.09
N ASP B 724 48.86 39.15 -0.88
CA ASP B 724 50.10 39.69 -0.38
C ASP B 724 49.83 40.84 0.59
N PRO B 725 50.81 41.20 1.43
CA PRO B 725 50.54 42.19 2.47
C PRO B 725 50.11 43.55 1.94
N GLU B 726 50.48 43.90 0.71
CA GLU B 726 50.18 45.23 0.20
C GLU B 726 48.67 45.42 -0.01
N TYR B 727 48.01 44.42 -0.59
CA TYR B 727 46.63 44.56 -1.06
C TYR B 727 45.62 43.88 -0.16
N ARG B 728 46.00 43.46 1.05
CA ARG B 728 45.06 42.80 1.94
C ARG B 728 43.89 43.72 2.28
N VAL B 729 44.19 44.95 2.69
CA VAL B 729 43.13 45.88 3.08
C VAL B 729 42.23 46.20 1.89
N ARG B 730 42.82 46.43 0.72
CA ARG B 730 42.03 46.76 -0.46
C ARG B 730 41.09 45.60 -0.82
N LYS B 731 41.61 44.37 -0.81
CA LYS B 731 40.77 43.22 -1.13
C LYS B 731 39.65 43.05 -0.11
N PHE B 732 39.97 43.18 1.18
CA PHE B 732 38.94 43.04 2.20
C PHE B 732 37.85 44.09 2.04
N LEU B 733 38.25 45.34 1.80
CA LEU B 733 37.26 46.40 1.61
C LEU B 733 36.41 46.16 0.38
N ALA B 734 37.03 45.72 -0.72
CA ALA B 734 36.28 45.45 -1.93
C ALA B 734 35.26 44.34 -1.71
N LEU B 735 35.67 43.26 -1.03
CA LEU B 735 34.75 42.16 -0.77
C LEU B 735 33.62 42.61 0.14
N LEU B 736 33.93 43.43 1.15
CA LEU B 736 32.88 43.94 2.01
C LEU B 736 31.89 44.80 1.23
N ARG B 737 32.41 45.64 0.33
CA ARG B 737 31.50 46.46 -0.47
C ARG B 737 30.63 45.59 -1.36
N GLU B 738 31.21 44.55 -1.97
CA GLU B 738 30.45 43.68 -2.85
C GLU B 738 29.35 42.96 -2.07
N GLU B 739 29.67 42.47 -0.87
CA GLU B 739 28.68 41.75 -0.08
C GLU B 739 27.62 42.67 0.49
N GLY B 740 27.93 43.95 0.68
CA GLY B 740 26.99 44.87 1.29
C GLY B 740 25.63 44.89 0.60
N ALA B 741 24.57 44.75 1.40
CA ALA B 741 23.21 44.73 0.86
C ALA B 741 22.27 45.36 1.88
N SER B 742 21.13 45.82 1.39
CA SER B 742 20.16 46.44 2.26
C SER B 742 19.55 45.41 3.22
N PRO B 743 19.22 45.82 4.45
CA PRO B 743 18.62 44.88 5.42
C PRO B 743 17.36 44.22 4.87
N ASN C 213 -37.50 -25.94 30.65
CA ASN C 213 -37.85 -26.98 29.67
C ASN C 213 -37.57 -28.47 29.97
N PRO C 214 -36.32 -28.95 29.89
CA PRO C 214 -35.96 -30.15 30.67
C PRO C 214 -35.71 -29.88 32.14
N ASP C 215 -35.81 -28.64 32.60
CA ASP C 215 -35.43 -28.24 33.94
C ASP C 215 -33.93 -28.41 34.18
N TRP C 216 -33.15 -28.30 33.11
CA TRP C 216 -31.69 -28.43 33.22
C TRP C 216 -31.15 -27.51 34.30
N ASN C 217 -30.51 -28.11 35.29
CA ASN C 217 -29.93 -27.37 36.41
C ASN C 217 -28.46 -27.09 36.13
N PHE C 218 -28.11 -25.81 36.00
CA PHE C 218 -26.75 -25.41 35.68
C PHE C 218 -25.99 -24.84 36.87
N GLU C 219 -26.64 -24.70 38.03
CA GLU C 219 -25.95 -24.22 39.22
C GLU C 219 -24.90 -25.21 39.71
N LYS C 220 -25.20 -26.51 39.61
CA LYS C 220 -24.27 -27.53 40.07
C LYS C 220 -23.06 -27.63 39.16
N MET C 221 -23.25 -27.45 37.85
CA MET C 221 -22.21 -27.76 36.89
C MET C 221 -21.03 -26.81 36.98
N GLY C 222 -21.26 -25.59 37.47
CA GLY C 222 -20.23 -24.56 37.55
C GLY C 222 -20.59 -23.29 36.80
N ILE C 223 -21.39 -23.42 35.73
CA ILE C 223 -21.78 -22.27 34.93
C ILE C 223 -22.85 -21.48 35.68
N GLY C 224 -22.64 -20.18 35.81
CA GLY C 224 -23.60 -19.31 36.47
C GLY C 224 -23.82 -18.03 35.71
N GLY C 225 -25.08 -17.60 35.61
CA GLY C 225 -25.42 -16.41 34.86
C GLY C 225 -25.89 -16.74 33.46
N LEU C 226 -25.27 -17.74 32.84
CA LEU C 226 -25.62 -18.18 31.50
C LEU C 226 -26.74 -19.22 31.59
N ASP C 227 -27.94 -18.73 31.91
CA ASP C 227 -29.08 -19.61 32.14
C ASP C 227 -29.90 -19.84 30.87
N LYS C 228 -30.45 -18.78 30.29
CA LYS C 228 -31.31 -18.93 29.13
C LYS C 228 -30.53 -19.48 27.92
N GLU C 229 -29.31 -18.98 27.72
CA GLU C 229 -28.55 -19.37 26.53
C GLU C 229 -28.31 -20.88 26.52
N PHE C 230 -27.98 -21.46 27.67
CA PHE C 230 -27.77 -22.90 27.75
C PHE C 230 -29.03 -23.66 27.38
N SER C 231 -30.17 -23.27 27.95
CA SER C 231 -31.42 -23.96 27.65
C SER C 231 -31.74 -23.88 26.16
N ASP C 232 -31.55 -22.70 25.56
CA ASP C 232 -31.83 -22.53 24.14
C ASP C 232 -30.90 -23.40 23.28
N ILE C 233 -29.61 -23.40 23.60
CA ILE C 233 -28.66 -24.19 22.83
C ILE C 233 -28.89 -25.68 23.03
N PHE C 234 -29.55 -26.07 24.12
CA PHE C 234 -29.89 -27.48 24.31
C PHE C 234 -31.13 -27.86 23.52
N ARG C 235 -32.22 -27.10 23.68
CA ARG C 235 -33.48 -27.48 23.04
C ARG C 235 -33.34 -27.53 21.53
N ARG C 236 -32.69 -26.54 20.94
CA ARG C 236 -32.77 -26.35 19.49
C ARG C 236 -31.93 -27.37 18.72
N ALA C 237 -30.81 -27.83 19.29
CA ALA C 237 -29.88 -28.64 18.50
C ALA C 237 -29.31 -29.83 19.27
N PHE C 238 -29.93 -30.25 20.38
CA PHE C 238 -29.41 -31.40 21.12
C PHE C 238 -30.46 -32.39 21.60
N ALA C 239 -31.75 -32.05 21.57
CA ALA C 239 -32.75 -32.94 22.14
C ALA C 239 -32.91 -34.22 21.32
N SER C 240 -32.35 -34.27 20.11
CA SER C 240 -32.52 -35.41 19.22
C SER C 240 -31.40 -36.44 19.35
N ARG C 241 -30.46 -36.26 20.29
CA ARG C 241 -29.44 -37.26 20.54
C ARG C 241 -29.61 -37.93 21.89
N VAL C 242 -30.80 -37.83 22.49
CA VAL C 242 -31.11 -38.47 23.76
C VAL C 242 -32.25 -39.46 23.61
N PHE C 243 -33.28 -39.12 22.84
CA PHE C 243 -34.41 -40.01 22.66
C PHE C 243 -33.94 -41.29 21.96
N PRO C 244 -34.61 -42.42 22.19
CA PRO C 244 -34.12 -43.69 21.65
C PRO C 244 -34.13 -43.68 20.13
N PRO C 245 -33.26 -44.46 19.49
CA PRO C 245 -33.15 -44.40 18.03
C PRO C 245 -34.44 -44.77 17.30
N GLU C 246 -35.29 -45.61 17.91
CA GLU C 246 -36.45 -46.12 17.18
C GLU C 246 -37.44 -45.00 16.87
N ILE C 247 -37.81 -44.21 17.87
CA ILE C 247 -38.77 -43.13 17.66
C ILE C 247 -38.15 -42.05 16.77
N VAL C 248 -36.85 -41.79 16.93
CA VAL C 248 -36.18 -40.83 16.08
C VAL C 248 -36.27 -41.26 14.62
N GLU C 249 -36.01 -42.53 14.35
CA GLU C 249 -36.12 -43.04 12.99
C GLU C 249 -37.57 -42.93 12.50
N GLN C 250 -38.53 -43.30 13.35
CA GLN C 250 -39.93 -43.24 12.93
C GLN C 250 -40.32 -41.83 12.51
N MET C 251 -40.03 -40.84 13.36
CA MET C 251 -40.33 -39.45 13.01
C MET C 251 -39.50 -38.96 11.84
N GLY C 252 -38.38 -39.61 11.54
CA GLY C 252 -37.54 -39.22 10.42
C GLY C 252 -36.87 -37.88 10.63
N CYS C 253 -35.96 -37.81 11.60
CA CYS C 253 -35.21 -36.60 11.90
C CYS C 253 -33.72 -36.88 11.81
N LYS C 254 -32.98 -35.92 11.26
CA LYS C 254 -31.52 -35.96 11.29
C LYS C 254 -31.02 -35.11 12.46
N HIS C 255 -29.70 -35.06 12.62
CA HIS C 255 -29.08 -34.41 13.77
C HIS C 255 -28.24 -33.24 13.32
N VAL C 256 -28.32 -32.13 14.07
CA VAL C 256 -27.52 -30.95 13.75
C VAL C 256 -26.04 -31.28 13.91
N LYS C 257 -25.22 -30.68 13.05
CA LYS C 257 -23.78 -30.92 13.05
C LYS C 257 -23.03 -29.60 12.95
N GLY C 258 -23.43 -28.62 13.76
CA GLY C 258 -22.72 -27.36 13.82
C GLY C 258 -23.29 -26.38 14.80
N ILE C 259 -22.43 -25.62 15.47
CA ILE C 259 -22.85 -24.54 16.36
C ILE C 259 -21.80 -23.44 16.30
N LEU C 260 -22.25 -22.20 16.47
CA LEU C 260 -21.36 -21.05 16.49
C LEU C 260 -21.60 -20.23 17.75
N LEU C 261 -20.52 -19.79 18.38
CA LEU C 261 -20.58 -18.98 19.58
C LEU C 261 -19.71 -17.74 19.39
N TYR C 262 -20.27 -16.57 19.69
CA TYR C 262 -19.52 -15.33 19.53
C TYR C 262 -19.76 -14.43 20.73
N GLY C 263 -18.67 -13.83 21.23
CA GLY C 263 -18.75 -12.91 22.34
C GLY C 263 -17.38 -12.42 22.77
N PRO C 264 -17.34 -11.51 23.74
CA PRO C 264 -16.04 -11.02 24.21
C PRO C 264 -15.30 -12.09 24.98
N PRO C 265 -13.96 -12.00 25.04
CA PRO C 265 -13.20 -13.04 25.73
C PRO C 265 -13.44 -13.04 27.23
N GLY C 266 -13.13 -14.18 27.84
CA GLY C 266 -13.25 -14.31 29.29
C GLY C 266 -14.66 -14.22 29.81
N CYS C 267 -15.62 -14.90 29.16
CA CYS C 267 -17.00 -14.90 29.58
C CYS C 267 -17.55 -16.29 29.85
N GLY C 268 -16.74 -17.33 29.72
CA GLY C 268 -17.19 -18.68 30.03
C GLY C 268 -17.76 -19.45 28.86
N LYS C 269 -17.01 -19.55 27.78
CA LYS C 269 -17.43 -20.31 26.60
C LYS C 269 -16.85 -21.71 26.56
N THR C 270 -15.54 -21.87 26.77
CA THR C 270 -14.86 -23.19 26.73
C THR C 270 -15.38 -24.00 27.90
N LEU C 271 -15.79 -23.41 29.01
CA LEU C 271 -16.43 -24.15 30.08
C LEU C 271 -17.76 -24.72 29.63
N LEU C 272 -18.56 -23.91 28.93
CA LEU C 272 -19.84 -24.40 28.41
C LEU C 272 -19.62 -25.56 27.44
N ALA C 273 -18.63 -25.42 26.56
CA ALA C 273 -18.38 -26.47 25.58
C ALA C 273 -18.02 -27.78 26.26
N ARG C 274 -17.05 -27.74 27.17
CA ARG C 274 -16.64 -28.98 27.85
C ARG C 274 -17.78 -29.55 28.69
N GLN C 275 -18.55 -28.71 29.37
CA GLN C 275 -19.65 -29.21 30.19
C GLN C 275 -20.69 -29.91 29.33
N ILE C 276 -21.10 -29.30 28.22
CA ILE C 276 -22.12 -29.92 27.38
C ILE C 276 -21.56 -31.20 26.75
N GLY C 277 -20.28 -31.21 26.41
CA GLY C 277 -19.69 -32.42 25.86
C GLY C 277 -19.66 -33.55 26.86
N LYS C 278 -19.38 -33.25 28.13
CA LYS C 278 -19.31 -34.28 29.16
C LYS C 278 -20.70 -34.70 29.65
N MET C 279 -21.72 -33.88 29.42
CA MET C 279 -23.06 -34.25 29.89
C MET C 279 -23.55 -35.54 29.22
N LEU C 280 -23.31 -35.67 27.92
CA LEU C 280 -23.86 -36.78 27.14
C LEU C 280 -22.98 -38.03 27.15
N ASN C 281 -21.90 -38.03 27.94
CA ASN C 281 -21.05 -39.21 28.10
C ASN C 281 -20.47 -39.63 26.75
N ALA C 282 -19.67 -38.74 26.17
CA ALA C 282 -19.05 -38.95 24.88
C ALA C 282 -17.54 -38.84 25.03
N ARG C 283 -16.83 -39.05 23.92
CA ARG C 283 -15.38 -38.89 23.92
C ARG C 283 -15.01 -37.48 24.33
N GLU C 284 -13.92 -37.37 25.10
CA GLU C 284 -13.44 -36.05 25.49
C GLU C 284 -13.02 -35.26 24.25
N PRO C 285 -13.18 -33.94 24.26
CA PRO C 285 -13.01 -33.17 23.04
C PRO C 285 -11.57 -33.16 22.53
N LYS C 286 -11.43 -32.85 21.25
CA LYS C 286 -10.16 -32.52 20.65
C LYS C 286 -10.00 -31.00 20.66
N VAL C 287 -8.87 -30.52 20.13
CA VAL C 287 -8.60 -29.09 20.07
C VAL C 287 -7.80 -28.77 18.81
N VAL C 288 -8.00 -27.56 18.30
CA VAL C 288 -7.23 -27.03 17.18
C VAL C 288 -7.13 -25.53 17.38
N ASN C 289 -6.26 -24.90 16.59
CA ASN C 289 -6.11 -23.45 16.60
C ASN C 289 -6.22 -22.92 15.17
N GLY C 290 -6.91 -21.79 15.02
CA GLY C 290 -7.21 -21.26 13.72
C GLY C 290 -5.98 -20.83 12.95
N PRO C 291 -5.29 -19.79 13.44
CA PRO C 291 -4.08 -19.33 12.75
C PRO C 291 -2.95 -20.35 12.72
N GLU C 292 -3.08 -21.48 13.43
CA GLU C 292 -2.05 -22.51 13.40
C GLU C 292 -2.22 -23.43 12.19
N ILE C 293 -3.45 -23.89 11.93
CA ILE C 293 -3.66 -24.84 10.85
C ILE C 293 -3.16 -24.28 9.53
N LEU C 294 -3.13 -22.95 9.41
CA LEU C 294 -2.41 -22.30 8.32
C LEU C 294 -0.93 -22.50 8.62
N ASN C 295 -0.49 -23.74 8.43
CA ASN C 295 0.83 -24.18 8.85
C ASN C 295 1.88 -23.73 7.84
N LYS C 296 3.08 -24.30 7.93
CA LYS C 296 4.20 -23.89 7.11
C LYS C 296 3.78 -23.43 5.72
N TYR C 297 3.00 -24.26 5.01
CA TYR C 297 2.58 -23.92 3.66
C TYR C 297 1.48 -24.88 3.23
N VAL C 298 1.08 -24.78 1.95
CA VAL C 298 -0.03 -25.56 1.44
C VAL C 298 0.39 -27.02 1.28
N GLY C 299 -0.61 -27.88 1.08
CA GLY C 299 -0.38 -29.31 0.99
C GLY C 299 -0.45 -29.93 2.37
N GLU C 300 0.42 -29.47 3.26
CA GLU C 300 0.27 -29.78 4.68
C GLU C 300 -0.92 -29.06 5.29
N SER C 301 -1.33 -27.93 4.70
CA SER C 301 -2.53 -27.24 5.16
C SER C 301 -3.78 -28.07 4.99
N GLU C 302 -3.79 -29.01 4.04
CA GLU C 302 -4.89 -29.94 3.88
C GLU C 302 -4.56 -31.33 4.43
N ALA C 303 -3.34 -31.54 4.92
CA ALA C 303 -3.00 -32.77 5.62
C ALA C 303 -3.29 -32.67 7.10
N ASN C 304 -3.05 -31.50 7.70
CA ASN C 304 -3.43 -31.29 9.10
C ASN C 304 -4.94 -31.41 9.28
N ILE C 305 -5.70 -30.84 8.35
CA ILE C 305 -7.15 -31.00 8.39
C ILE C 305 -7.52 -32.47 8.35
N ARG C 306 -6.83 -33.24 7.51
CA ARG C 306 -7.17 -34.66 7.35
C ARG C 306 -6.98 -35.43 8.65
N LYS C 307 -5.96 -35.09 9.44
CA LYS C 307 -5.63 -35.86 10.63
C LYS C 307 -6.50 -35.48 11.83
N LEU C 308 -7.82 -35.42 11.65
CA LEU C 308 -8.72 -35.15 12.77
C LEU C 308 -9.95 -36.06 12.73
N PHE C 309 -10.39 -36.43 11.52
CA PHE C 309 -11.64 -37.14 11.35
C PHE C 309 -11.45 -38.62 11.03
N ALA C 310 -10.21 -39.09 10.93
CA ALA C 310 -9.99 -40.52 10.63
C ALA C 310 -10.60 -41.40 11.71
N ASP C 311 -10.45 -41.01 12.98
CA ASP C 311 -10.99 -41.81 14.06
C ASP C 311 -12.50 -41.95 13.95
N ALA C 312 -13.19 -40.86 13.63
CA ALA C 312 -14.65 -40.90 13.52
C ALA C 312 -15.09 -41.84 12.40
N GLU C 313 -14.45 -41.74 11.23
CA GLU C 313 -14.81 -42.61 10.12
C GLU C 313 -14.54 -44.07 10.46
N GLU C 314 -13.39 -44.34 11.07
CA GLU C 314 -13.06 -45.71 11.44
C GLU C 314 -14.06 -46.27 12.45
N GLU C 315 -14.45 -45.47 13.43
CA GLU C 315 -15.41 -45.92 14.43
C GLU C 315 -16.78 -46.14 13.79
N GLN C 316 -17.17 -45.27 12.85
CA GLN C 316 -18.42 -45.48 12.13
C GLN C 316 -18.40 -46.82 11.42
N ARG C 317 -17.34 -47.08 10.64
CA ARG C 317 -17.28 -48.33 9.89
C ARG C 317 -17.31 -49.53 10.81
N ARG C 318 -16.51 -49.49 11.89
CA ARG C 318 -16.42 -50.64 12.78
C ARG C 318 -17.73 -50.90 13.51
N LEU C 319 -18.34 -49.85 14.07
CA LEU C 319 -19.54 -49.98 14.90
C LEU C 319 -20.81 -49.59 14.16
N GLY C 320 -20.72 -49.28 12.87
CA GLY C 320 -21.92 -48.84 12.16
C GLY C 320 -22.43 -47.53 12.72
N ALA C 321 -23.76 -47.38 12.70
CA ALA C 321 -24.41 -46.17 13.18
C ALA C 321 -24.80 -46.29 14.65
N ASN C 322 -23.84 -46.66 15.50
CA ASN C 322 -24.08 -46.75 16.93
C ASN C 322 -22.91 -46.21 17.75
N SER C 323 -21.99 -45.48 17.12
CA SER C 323 -20.80 -45.01 17.81
C SER C 323 -21.15 -43.85 18.73
N GLY C 324 -20.11 -43.26 19.34
CA GLY C 324 -20.28 -42.14 20.24
C GLY C 324 -19.94 -40.82 19.58
N LEU C 325 -20.45 -39.74 20.19
CA LEU C 325 -20.19 -38.41 19.66
C LEU C 325 -18.71 -38.07 19.80
N HIS C 326 -18.16 -37.44 18.78
CA HIS C 326 -16.75 -37.06 18.73
C HIS C 326 -16.70 -35.55 18.52
N ILE C 327 -16.75 -34.80 19.62
CA ILE C 327 -16.77 -33.35 19.51
C ILE C 327 -15.44 -32.85 19.00
N ILE C 328 -15.48 -31.77 18.21
CA ILE C 328 -14.28 -31.08 17.75
C ILE C 328 -14.50 -29.60 18.02
N ILE C 329 -13.59 -29.01 18.80
CA ILE C 329 -13.71 -27.61 19.23
C ILE C 329 -12.66 -26.80 18.47
N PHE C 330 -13.10 -26.03 17.48
CA PHE C 330 -12.22 -25.12 16.78
C PHE C 330 -11.89 -23.93 17.68
N ASP C 331 -11.14 -22.98 17.14
CA ASP C 331 -10.81 -21.77 17.89
C ASP C 331 -10.36 -20.71 16.91
N GLU C 332 -10.80 -19.47 17.16
CA GLU C 332 -10.49 -18.34 16.30
C GLU C 332 -10.83 -18.66 14.84
N ILE C 333 -12.02 -19.24 14.65
CA ILE C 333 -12.42 -19.77 13.35
C ILE C 333 -12.46 -18.71 12.27
N ASP C 334 -12.50 -17.43 12.64
CA ASP C 334 -12.58 -16.37 11.64
C ASP C 334 -11.26 -16.13 10.93
N ALA C 335 -10.16 -16.73 11.39
CA ALA C 335 -8.88 -16.60 10.72
C ALA C 335 -8.73 -17.61 9.58
N ILE C 336 -9.00 -18.87 9.85
CA ILE C 336 -8.97 -19.91 8.82
C ILE C 336 -10.38 -19.98 8.22
N CYS C 337 -10.62 -19.10 7.25
CA CYS C 337 -11.91 -18.88 6.60
C CYS C 337 -12.20 -17.39 6.58
N LYS C 338 -11.47 -16.65 5.75
CA LYS C 338 -11.59 -15.19 5.76
C LYS C 338 -11.26 -14.65 4.38
N GLN C 339 -12.25 -14.06 3.74
CA GLN C 339 -12.05 -13.19 2.59
C GLN C 339 -12.71 -11.84 2.75
N ARG C 340 -13.60 -11.67 3.73
CA ARG C 340 -14.19 -10.36 3.98
C ARG C 340 -13.15 -9.36 4.47
N GLY C 341 -12.10 -9.84 5.14
CA GLY C 341 -11.05 -8.93 5.59
C GLY C 341 -10.34 -8.25 4.45
N SER C 342 -10.20 -8.94 3.31
CA SER C 342 -9.63 -8.30 2.13
C SER C 342 -10.48 -7.12 1.67
N MET C 343 -11.77 -7.05 2.02
CA MET C 343 -12.67 -5.96 1.57
C MET C 343 -12.56 -4.80 2.56
N ALA C 344 -11.39 -4.53 3.13
CA ALA C 344 -11.15 -3.39 4.03
C ALA C 344 -9.87 -2.72 3.55
N GLY C 345 -9.61 -1.47 3.94
CA GLY C 345 -8.44 -0.74 3.45
C GLY C 345 -7.21 -1.62 3.58
N SER C 346 -6.59 -2.05 2.48
CA SER C 346 -5.34 -2.87 2.47
C SER C 346 -5.62 -4.37 2.69
N THR C 347 -4.63 -5.17 3.15
CA THR C 347 -4.71 -6.62 3.35
C THR C 347 -5.08 -7.33 2.05
N GLY C 348 -5.35 -8.63 2.15
CA GLY C 348 -5.65 -9.45 1.00
C GLY C 348 -5.00 -10.81 1.09
N VAL C 349 -5.78 -11.88 0.93
CA VAL C 349 -5.27 -13.23 1.08
C VAL C 349 -6.24 -14.23 0.44
N HIS C 350 -5.69 -15.30 -0.13
CA HIS C 350 -6.48 -16.36 -0.73
C HIS C 350 -7.05 -17.29 0.34
N ASP C 351 -8.07 -18.05 -0.05
CA ASP C 351 -8.76 -18.98 0.83
C ASP C 351 -8.87 -20.33 0.14
N THR C 352 -8.30 -21.37 0.76
CA THR C 352 -8.40 -22.71 0.22
C THR C 352 -8.88 -23.71 1.27
N VAL C 353 -8.47 -23.53 2.53
CA VAL C 353 -8.74 -24.54 3.54
C VAL C 353 -10.24 -24.64 3.83
N VAL C 354 -10.96 -23.52 3.71
CA VAL C 354 -12.40 -23.55 3.96
C VAL C 354 -13.07 -24.55 3.04
N ASN C 355 -12.57 -24.72 1.82
CA ASN C 355 -13.16 -25.69 0.91
C ASN C 355 -13.04 -27.11 1.46
N GLN C 356 -11.85 -27.49 1.91
CA GLN C 356 -11.65 -28.82 2.46
C GLN C 356 -12.50 -29.02 3.72
N LEU C 357 -12.54 -28.01 4.58
CA LEU C 357 -13.34 -28.13 5.80
C LEU C 357 -14.82 -28.29 5.47
N LEU C 358 -15.32 -27.52 4.51
CA LEU C 358 -16.72 -27.64 4.10
C LEU C 358 -17.01 -29.01 3.52
N SER C 359 -16.10 -29.52 2.67
CA SER C 359 -16.30 -30.84 2.10
C SER C 359 -16.35 -31.90 3.20
N LYS C 360 -15.48 -31.80 4.19
CA LYS C 360 -15.49 -32.77 5.28
C LYS C 360 -16.77 -32.67 6.10
N ILE C 361 -17.22 -31.45 6.38
CA ILE C 361 -18.41 -31.27 7.22
C ILE C 361 -19.63 -31.89 6.55
N ASP C 362 -19.81 -31.64 5.25
CA ASP C 362 -20.94 -32.17 4.51
C ASP C 362 -20.51 -32.45 3.07
N GLY C 363 -21.26 -33.35 2.42
CA GLY C 363 -20.93 -33.80 1.08
C GLY C 363 -20.80 -35.33 1.04
N VAL C 364 -19.83 -35.80 0.27
CA VAL C 364 -19.59 -37.23 0.20
C VAL C 364 -18.99 -37.72 1.52
N GLU C 365 -19.12 -39.04 1.76
CA GLU C 365 -18.63 -39.71 2.96
C GLU C 365 -18.93 -38.89 4.21
N GLN C 366 -20.10 -38.28 4.27
CA GLN C 366 -20.52 -37.56 5.47
C GLN C 366 -20.76 -38.54 6.61
N LEU C 367 -20.69 -38.04 7.84
CA LEU C 367 -20.82 -38.85 9.03
C LEU C 367 -22.07 -38.45 9.80
N ASN C 368 -22.48 -39.32 10.72
CA ASN C 368 -23.62 -39.08 11.59
C ASN C 368 -23.24 -39.11 13.06
N ASN C 369 -21.95 -39.02 13.37
CA ASN C 369 -21.45 -39.08 14.74
C ASN C 369 -20.40 -38.00 14.97
N ILE C 370 -20.64 -36.81 14.43
CA ILE C 370 -19.70 -35.71 14.54
C ILE C 370 -20.47 -34.46 14.94
N LEU C 371 -19.73 -33.47 15.45
CA LEU C 371 -20.33 -32.20 15.84
C LEU C 371 -19.22 -31.16 15.97
N VAL C 372 -19.38 -30.03 15.28
CA VAL C 372 -18.37 -28.98 15.24
C VAL C 372 -18.91 -27.76 15.95
N ILE C 373 -18.10 -27.22 16.87
CA ILE C 373 -18.44 -26.03 17.65
C ILE C 373 -17.40 -24.97 17.36
N GLY C 374 -17.81 -23.88 16.73
CA GLY C 374 -16.92 -22.77 16.41
C GLY C 374 -17.04 -21.67 17.43
N MET C 375 -15.90 -21.06 17.76
CA MET C 375 -15.82 -20.00 18.76
C MET C 375 -15.10 -18.82 18.12
N THR C 376 -15.66 -17.62 18.26
CA THR C 376 -15.02 -16.44 17.67
C THR C 376 -15.21 -15.23 18.55
N ASN C 377 -14.28 -14.28 18.41
CA ASN C 377 -14.36 -12.99 19.08
C ASN C 377 -14.99 -11.90 18.22
N ARG C 378 -14.97 -12.05 16.89
N ARG C 378 -14.98 -12.05 16.89
CA ARG C 378 -15.56 -11.09 15.98
CA ARG C 378 -15.56 -11.09 15.98
C ARG C 378 -16.60 -11.79 15.13
C ARG C 378 -16.60 -11.78 15.11
N PRO C 379 -17.88 -11.41 15.18
CA PRO C 379 -18.91 -12.10 14.39
C PRO C 379 -19.15 -11.56 12.99
N ASP C 380 -18.47 -10.49 12.58
CA ASP C 380 -18.76 -9.82 11.31
C ASP C 380 -17.71 -10.11 10.24
N LEU C 381 -16.79 -11.03 10.48
CA LEU C 381 -15.79 -11.43 9.49
C LEU C 381 -15.87 -12.92 9.19
N ILE C 382 -17.06 -13.50 9.30
CA ILE C 382 -17.28 -14.91 8.99
C ILE C 382 -17.97 -15.00 7.63
N ASP C 383 -17.36 -15.78 6.72
CA ASP C 383 -17.91 -15.91 5.38
C ASP C 383 -19.27 -16.60 5.42
N GLU C 384 -20.20 -16.09 4.62
CA GLU C 384 -21.58 -16.58 4.66
C GLU C 384 -21.68 -18.05 4.29
N ALA C 385 -20.66 -18.60 3.62
CA ALA C 385 -20.74 -19.95 3.11
C ALA C 385 -20.87 -20.99 4.21
N LEU C 386 -20.58 -20.63 5.46
CA LEU C 386 -20.60 -21.56 6.57
C LEU C 386 -21.80 -21.35 7.50
N LEU C 387 -22.73 -20.48 7.13
CA LEU C 387 -23.90 -20.18 7.96
C LEU C 387 -25.18 -20.48 7.19
N ARG C 388 -25.19 -21.59 6.46
CA ARG C 388 -26.36 -22.07 5.73
C ARG C 388 -26.86 -23.37 6.35
N PRO C 389 -28.15 -23.68 6.21
CA PRO C 389 -28.65 -24.93 6.77
C PRO C 389 -27.90 -26.13 6.24
N GLY C 390 -27.68 -27.11 7.11
CA GLY C 390 -26.83 -28.26 6.83
C GLY C 390 -25.42 -28.04 7.36
N ARG C 391 -24.89 -26.84 7.16
CA ARG C 391 -23.65 -26.41 7.79
C ARG C 391 -24.00 -25.81 9.16
N LEU C 392 -23.07 -25.07 9.75
CA LEU C 392 -23.31 -24.46 11.05
C LEU C 392 -24.66 -23.73 11.06
N GLU C 393 -25.61 -24.21 11.87
CA GLU C 393 -26.96 -23.66 11.89
C GLU C 393 -27.20 -22.72 13.07
N VAL C 394 -27.02 -23.21 14.29
CA VAL C 394 -27.35 -22.44 15.49
C VAL C 394 -26.20 -21.50 15.81
N LYS C 395 -26.56 -20.27 16.20
CA LYS C 395 -25.58 -19.21 16.43
C LYS C 395 -26.00 -18.47 17.68
N MET C 396 -25.12 -18.41 18.68
CA MET C 396 -25.47 -17.80 19.96
C MET C 396 -24.40 -16.82 20.42
N GLU C 397 -24.81 -15.97 21.36
CA GLU C 397 -24.02 -14.87 21.87
C GLU C 397 -23.84 -15.06 23.37
N ILE C 398 -22.62 -14.87 23.84
CA ILE C 398 -22.30 -14.94 25.26
C ILE C 398 -21.71 -13.59 25.67
N GLY C 399 -22.37 -12.90 26.59
CA GLY C 399 -22.04 -11.54 26.93
C GLY C 399 -21.54 -11.38 28.36
N LEU C 400 -21.21 -10.14 28.70
CA LEU C 400 -20.67 -9.86 30.02
C LEU C 400 -21.72 -10.16 31.09
N PRO C 401 -21.32 -10.68 32.25
CA PRO C 401 -22.31 -11.00 33.28
C PRO C 401 -23.00 -9.77 33.83
N ASP C 402 -24.25 -9.95 34.23
CA ASP C 402 -25.03 -8.90 34.87
C ASP C 402 -24.84 -8.98 36.39
N GLU C 403 -25.66 -8.24 37.14
CA GLU C 403 -25.46 -8.15 38.58
C GLU C 403 -25.60 -9.52 39.25
N LYS C 404 -26.62 -10.29 38.87
CA LYS C 404 -26.83 -11.59 39.47
C LYS C 404 -25.71 -12.56 39.11
N GLY C 405 -25.17 -12.43 37.89
CA GLY C 405 -24.12 -13.34 37.46
C GLY C 405 -22.89 -13.27 38.34
N ARG C 406 -22.51 -12.07 38.75
CA ARG C 406 -21.33 -11.94 39.61
C ARG C 406 -21.55 -12.64 40.95
N LEU C 407 -22.73 -12.46 41.54
CA LEU C 407 -23.02 -13.14 42.80
C LEU C 407 -22.95 -14.65 42.64
N GLN C 408 -23.60 -15.18 41.59
CA GLN C 408 -23.58 -16.63 41.39
C GLN C 408 -22.17 -17.15 41.13
N ILE C 409 -21.38 -16.43 40.34
CA ILE C 409 -20.03 -16.87 40.03
C ILE C 409 -19.17 -16.86 41.29
N LEU C 410 -19.30 -15.82 42.11
CA LEU C 410 -18.53 -15.78 43.35
C LEU C 410 -18.92 -16.93 44.28
N HIS C 411 -20.22 -17.23 44.37
CA HIS C 411 -20.65 -18.37 45.18
C HIS C 411 -20.06 -19.67 44.65
N ILE C 412 -20.08 -19.87 43.33
CA ILE C 412 -19.59 -21.12 42.77
C ILE C 412 -18.07 -21.24 42.94
N HIS C 413 -17.35 -20.13 42.86
CA HIS C 413 -15.89 -20.15 42.90
C HIS C 413 -15.32 -20.12 44.31
N THR C 414 -16.15 -19.98 45.34
CA THR C 414 -15.69 -19.91 46.73
C THR C 414 -16.55 -20.82 47.59
N ALA C 415 -16.78 -22.04 47.14
CA ALA C 415 -17.50 -23.03 47.92
C ALA C 415 -16.57 -24.04 48.60
N ARG C 416 -15.42 -24.32 48.00
CA ARG C 416 -14.50 -25.29 48.61
C ARG C 416 -14.01 -24.79 49.96
N MET C 417 -13.63 -23.52 50.05
CA MET C 417 -13.06 -22.98 51.28
C MET C 417 -14.12 -22.55 52.28
N ARG C 418 -15.40 -22.62 51.92
CA ARG C 418 -16.48 -22.36 52.86
C ARG C 418 -17.06 -23.64 53.44
N GLY C 419 -16.57 -24.80 53.02
CA GLY C 419 -17.01 -26.07 53.57
C GLY C 419 -16.05 -26.61 54.60
N HIS C 420 -14.76 -26.39 54.37
CA HIS C 420 -13.72 -26.80 55.30
C HIS C 420 -13.46 -25.75 56.38
N GLN C 421 -14.31 -24.73 56.48
CA GLN C 421 -14.23 -23.71 57.53
C GLN C 421 -12.89 -22.98 57.48
N LEU C 422 -12.67 -22.27 56.38
CA LEU C 422 -11.49 -21.43 56.18
C LEU C 422 -11.82 -19.95 56.13
N LEU C 423 -12.85 -19.56 55.39
CA LEU C 423 -13.19 -18.15 55.24
C LEU C 423 -13.69 -17.58 56.56
N SER C 424 -13.56 -16.27 56.70
CA SER C 424 -13.93 -15.55 57.91
C SER C 424 -15.39 -15.13 57.87
N ALA C 425 -15.90 -14.73 59.04
CA ALA C 425 -17.30 -14.36 59.18
C ALA C 425 -17.58 -12.90 58.82
N ASP C 426 -16.54 -12.06 58.76
CA ASP C 426 -16.70 -10.65 58.45
C ASP C 426 -16.66 -10.38 56.95
N VAL C 427 -16.97 -11.38 56.13
CA VAL C 427 -16.96 -11.27 54.68
C VAL C 427 -18.41 -11.24 54.19
N ASP C 428 -18.71 -10.31 53.29
CA ASP C 428 -20.04 -10.19 52.70
C ASP C 428 -19.90 -10.27 51.19
N ILE C 429 -20.52 -11.29 50.59
CA ILE C 429 -20.40 -11.50 49.15
C ILE C 429 -21.13 -10.40 48.39
N LYS C 430 -22.27 -9.94 48.93
CA LYS C 430 -23.07 -8.95 48.20
C LYS C 430 -22.29 -7.66 47.98
N GLU C 431 -21.57 -7.20 48.99
CA GLU C 431 -20.79 -5.98 48.85
C GLU C 431 -19.73 -6.14 47.76
N LEU C 432 -19.00 -7.26 47.78
CA LEU C 432 -17.99 -7.49 46.76
C LEU C 432 -18.61 -7.55 45.38
N ALA C 433 -19.81 -8.13 45.27
CA ALA C 433 -20.51 -8.18 43.99
C ALA C 433 -20.87 -6.78 43.51
N VAL C 434 -21.36 -5.93 44.42
CA VAL C 434 -21.84 -4.61 44.00
C VAL C 434 -20.70 -3.63 43.77
N GLU C 435 -19.51 -3.90 44.30
CA GLU C 435 -18.37 -3.01 44.12
C GLU C 435 -17.56 -3.31 42.87
N THR C 436 -17.89 -4.38 42.15
CA THR C 436 -17.23 -4.73 40.90
C THR C 436 -18.20 -4.52 39.75
N LYS C 437 -17.80 -3.71 38.77
CA LYS C 437 -18.69 -3.28 37.69
C LYS C 437 -18.04 -3.60 36.35
N ASN C 438 -18.79 -4.28 35.48
CA ASN C 438 -18.29 -4.70 34.18
C ASN C 438 -17.03 -5.53 34.30
N PHE C 439 -17.08 -6.51 35.21
CA PHE C 439 -16.01 -7.47 35.40
C PHE C 439 -16.29 -8.73 34.60
N SER C 440 -15.29 -9.20 33.86
CA SER C 440 -15.45 -10.41 33.09
C SER C 440 -15.47 -11.63 34.02
N GLY C 441 -15.59 -12.81 33.42
CA GLY C 441 -15.69 -14.02 34.21
C GLY C 441 -14.39 -14.38 34.90
N ALA C 442 -13.30 -14.45 34.13
CA ALA C 442 -12.03 -14.94 34.66
C ALA C 442 -11.45 -14.01 35.72
N GLU C 443 -11.74 -12.71 35.64
CA GLU C 443 -11.11 -11.78 36.55
C GLU C 443 -11.61 -11.95 37.98
N LEU C 444 -12.84 -12.43 38.16
CA LEU C 444 -13.30 -12.76 39.50
C LEU C 444 -12.46 -13.88 40.11
N GLU C 445 -12.15 -14.91 39.31
CA GLU C 445 -11.25 -15.96 39.76
C GLU C 445 -9.88 -15.38 40.12
N GLY C 446 -9.36 -14.51 39.26
CA GLY C 446 -8.07 -13.90 39.53
C GLY C 446 -8.05 -13.16 40.86
N LEU C 447 -9.11 -12.38 41.11
CA LEU C 447 -9.24 -11.70 42.40
C LEU C 447 -9.22 -12.71 43.54
N VAL C 448 -10.22 -13.60 43.56
CA VAL C 448 -10.35 -14.57 44.65
C VAL C 448 -9.05 -15.33 44.87
N ARG C 449 -8.19 -15.41 43.85
CA ARG C 449 -6.89 -16.04 44.02
C ARG C 449 -5.90 -15.09 44.69
N ALA C 450 -5.84 -13.84 44.24
CA ALA C 450 -4.86 -12.91 44.80
C ALA C 450 -5.13 -12.65 46.28
N ALA C 451 -6.41 -12.58 46.66
CA ALA C 451 -6.73 -12.41 48.07
C ALA C 451 -6.16 -13.54 48.92
N GLN C 452 -6.38 -14.78 48.47
CA GLN C 452 -5.84 -15.93 49.19
C GLN C 452 -4.32 -15.88 49.21
N SER C 453 -3.71 -15.43 48.12
CA SER C 453 -2.25 -15.34 48.08
C SER C 453 -1.73 -14.41 49.18
N THR C 454 -2.36 -13.24 49.33
CA THR C 454 -1.93 -12.32 50.37
C THR C 454 -2.16 -12.90 51.75
N ALA C 455 -3.33 -13.53 51.96
CA ALA C 455 -3.64 -14.11 53.26
C ALA C 455 -2.63 -15.18 53.64
N MET C 456 -2.21 -15.99 52.66
CA MET C 456 -1.18 -17.00 52.92
C MET C 456 0.18 -16.35 53.16
N ASN C 457 0.48 -15.26 52.44
CA ASN C 457 1.77 -14.60 52.60
C ASN C 457 1.93 -14.06 54.01
N ARG C 458 0.84 -13.60 54.62
CA ARG C 458 0.99 -12.98 55.95
C ARG C 458 1.67 -13.91 56.95
N HIS C 459 1.50 -15.22 56.83
CA HIS C 459 1.98 -16.17 57.82
C HIS C 459 3.28 -16.86 57.45
N ILE C 460 3.97 -16.41 56.41
CA ILE C 460 5.23 -17.03 55.98
C ILE C 460 6.35 -16.33 56.77
N LYS C 461 6.58 -16.81 57.99
CA LYS C 461 7.63 -16.28 58.85
C LYS C 461 8.93 -17.00 58.50
N ALA C 462 9.70 -16.37 57.60
CA ALA C 462 11.01 -16.87 57.24
C ALA C 462 11.92 -15.69 56.93
N SER C 463 13.24 -15.88 57.31
CA SER C 463 14.23 -14.83 57.02
C SER C 463 15.41 -15.48 56.32
N THR C 464 15.60 -16.77 56.58
CA THR C 464 16.65 -17.53 55.97
C THR C 464 16.17 -18.89 55.52
N LYS C 465 16.42 -19.20 54.26
CA LYS C 465 16.00 -20.49 53.70
C LYS C 465 14.50 -20.72 53.91
N VAL C 466 13.70 -19.66 53.62
CA VAL C 466 12.25 -19.75 53.66
C VAL C 466 11.80 -20.64 54.81
N GLU C 467 10.64 -21.30 54.65
CA GLU C 467 10.07 -22.28 55.58
C GLU C 467 8.85 -21.70 56.29
N VAL C 468 7.84 -22.52 56.50
CA VAL C 468 6.60 -22.12 57.16
C VAL C 468 6.69 -22.11 58.68
N ASP C 469 5.88 -21.27 59.30
CA ASP C 469 5.79 -21.18 60.76
C ASP C 469 4.52 -21.80 61.32
N MET C 470 4.68 -22.82 62.17
CA MET C 470 3.53 -23.47 62.79
C MET C 470 2.98 -22.70 63.98
N GLU C 471 3.79 -21.84 64.60
CA GLU C 471 3.31 -21.08 65.75
C GLU C 471 2.12 -20.20 65.37
N LYS C 472 2.22 -19.51 64.24
CA LYS C 472 1.11 -18.69 63.75
C LYS C 472 0.13 -19.49 62.90
N ALA C 473 0.62 -20.44 62.12
CA ALA C 473 -0.26 -21.23 61.26
C ALA C 473 -1.19 -22.08 62.11
N GLU C 474 -2.48 -22.02 61.79
CA GLU C 474 -3.54 -22.73 62.52
C GLU C 474 -4.88 -22.17 62.10
N SER C 475 -5.08 -20.87 62.32
CA SER C 475 -6.33 -20.18 61.99
C SER C 475 -6.18 -19.35 60.73
N LEU C 476 -5.55 -19.91 59.70
CA LEU C 476 -5.52 -19.24 58.40
C LEU C 476 -6.91 -18.85 57.96
N GLN C 477 -7.17 -17.55 57.88
CA GLN C 477 -8.51 -17.02 57.58
C GLN C 477 -8.38 -15.83 56.65
N VAL C 478 -8.82 -15.99 55.41
CA VAL C 478 -8.94 -14.85 54.52
C VAL C 478 -9.91 -13.86 55.13
N THR C 479 -9.51 -12.60 55.19
CA THR C 479 -10.32 -11.55 55.81
C THR C 479 -10.68 -10.51 54.77
N ARG C 480 -11.73 -9.73 55.08
CA ARG C 480 -12.22 -8.75 54.11
C ARG C 480 -11.12 -7.82 53.65
N GLY C 481 -10.16 -7.49 54.52
CA GLY C 481 -9.06 -6.65 54.10
C GLY C 481 -8.30 -7.25 52.93
N ASP C 482 -8.01 -8.55 52.99
CA ASP C 482 -7.32 -9.22 51.89
C ASP C 482 -8.14 -9.23 50.62
N PHE C 483 -9.45 -8.99 50.70
CA PHE C 483 -10.27 -8.82 49.51
C PHE C 483 -10.31 -7.38 49.04
N LEU C 484 -10.12 -6.41 49.93
CA LEU C 484 -10.11 -5.01 49.54
C LEU C 484 -8.74 -4.56 49.04
N ALA C 485 -7.68 -4.94 49.74
CA ALA C 485 -6.33 -4.63 49.24
C ALA C 485 -6.12 -5.24 47.86
N SER C 486 -6.75 -6.38 47.59
CA SER C 486 -6.60 -7.00 46.28
C SER C 486 -7.32 -6.21 45.20
N LEU C 487 -8.39 -5.60 45.52
CA LEU C 487 -9.23 -4.89 44.57
C LEU C 487 -8.66 -3.53 44.17
N GLU C 488 -7.58 -3.07 44.83
CA GLU C 488 -7.04 -1.74 44.58
C GLU C 488 -5.72 -1.75 43.82
N ASN C 489 -4.98 -2.84 43.86
CA ASN C 489 -3.65 -2.91 43.22
C ASN C 489 -3.50 -4.07 42.26
N ASP C 490 -4.10 -5.22 42.55
CA ASP C 490 -3.76 -6.44 41.83
C ASP C 490 -4.46 -6.52 40.48
N ILE C 491 -5.77 -6.52 40.48
CA ILE C 491 -6.55 -6.78 39.26
C ILE C 491 -6.98 -5.46 38.64
N LYS C 492 -7.01 -5.42 37.30
CA LYS C 492 -7.41 -4.25 36.54
C LYS C 492 -8.36 -4.70 35.44
N PRO C 493 -9.63 -4.31 35.47
CA PRO C 493 -10.55 -4.73 34.41
C PRO C 493 -10.19 -4.13 33.07
N ALA C 494 -10.62 -4.80 32.01
CA ALA C 494 -10.38 -4.36 30.64
C ALA C 494 -11.54 -3.55 30.08
N PHE C 495 -12.77 -4.04 30.24
CA PHE C 495 -13.96 -3.31 29.82
C PHE C 495 -14.48 -2.43 30.95
N GLY C 496 -13.64 -1.54 31.47
CA GLY C 496 -14.02 -0.72 32.59
C GLY C 496 -13.27 0.59 32.70
N THR C 497 -13.35 1.23 33.86
CA THR C 497 -12.70 2.52 34.08
C THR C 497 -11.19 2.40 33.80
N ASN C 498 -10.59 3.56 33.47
CA ASN C 498 -9.15 3.64 33.23
C ASN C 498 -8.60 4.75 34.12
N GLN C 499 -7.88 4.37 35.17
CA GLN C 499 -7.43 5.32 36.18
C GLN C 499 -6.07 5.93 35.88
N GLU C 500 -5.46 5.61 34.73
CA GLU C 500 -4.20 6.21 34.32
C GLU C 500 -4.38 7.11 33.10
N ASP C 501 -5.61 7.53 32.82
CA ASP C 501 -5.91 8.42 31.70
C ASP C 501 -6.43 9.77 32.13
N TYR C 502 -7.19 9.82 33.22
CA TYR C 502 -7.64 11.09 33.79
C TYR C 502 -6.72 11.57 34.91
N ALA C 503 -5.59 10.91 35.12
CA ALA C 503 -4.62 11.32 36.13
C ALA C 503 -3.55 12.24 35.59
N SER C 504 -3.34 12.27 34.27
CA SER C 504 -2.30 13.10 33.66
C SER C 504 -2.89 14.14 32.71
N TYR C 505 -4.17 14.46 32.84
CA TYR C 505 -4.82 15.50 32.04
C TYR C 505 -5.20 16.72 32.88
N ILE C 506 -5.90 16.50 33.99
CA ILE C 506 -6.22 17.58 34.93
C ILE C 506 -5.05 17.66 35.92
N MET C 507 -4.02 18.41 35.52
N MET C 507 -4.02 18.41 35.51
CA MET C 507 -2.78 18.45 36.27
CA MET C 507 -2.78 18.45 36.27
C MET C 507 -2.84 19.43 37.44
C MET C 507 -2.88 19.42 37.46
N ASN C 508 -3.28 20.66 37.20
CA ASN C 508 -3.30 21.70 38.22
C ASN C 508 -4.69 21.93 38.82
N GLY C 509 -5.65 21.07 38.52
CA GLY C 509 -6.97 21.22 39.10
C GLY C 509 -7.80 22.28 38.40
N ILE C 510 -8.93 22.61 39.01
CA ILE C 510 -9.91 23.53 38.44
C ILE C 510 -10.13 24.65 39.46
N ILE C 511 -10.09 25.89 38.98
CA ILE C 511 -10.25 27.08 39.80
C ILE C 511 -11.37 27.94 39.24
N LYS C 512 -12.32 28.31 40.09
CA LYS C 512 -13.47 29.11 39.67
C LYS C 512 -13.06 30.58 39.64
N TRP C 513 -12.86 31.12 38.44
CA TRP C 513 -12.47 32.52 38.27
C TRP C 513 -13.57 33.37 37.67
N GLY C 514 -14.80 32.86 37.60
CA GLY C 514 -15.89 33.62 37.04
C GLY C 514 -17.11 32.75 36.81
N ASP C 515 -18.03 33.29 36.01
CA ASP C 515 -19.30 32.64 35.70
C ASP C 515 -19.15 31.52 34.69
N PRO C 516 -18.35 31.70 33.62
CA PRO C 516 -18.33 30.68 32.56
C PRO C 516 -18.02 29.28 33.05
N VAL C 517 -17.14 29.14 34.04
CA VAL C 517 -16.83 27.81 34.56
C VAL C 517 -18.08 27.17 35.14
N THR C 518 -18.81 27.93 35.96
CA THR C 518 -20.02 27.39 36.57
C THR C 518 -21.06 27.04 35.52
N ARG C 519 -21.24 27.91 34.52
CA ARG C 519 -22.22 27.63 33.48
C ARG C 519 -21.87 26.36 32.71
N VAL C 520 -20.60 26.20 32.35
CA VAL C 520 -20.17 25.03 31.59
C VAL C 520 -20.37 23.77 32.41
N LEU C 521 -20.01 23.82 33.70
CA LEU C 521 -20.19 22.64 34.55
C LEU C 521 -21.66 22.28 34.69
N ASP C 522 -22.53 23.28 34.86
CA ASP C 522 -23.95 22.99 34.99
C ASP C 522 -24.49 22.35 33.71
N ASP C 523 -24.10 22.88 32.55
CA ASP C 523 -24.57 22.28 31.30
C ASP C 523 -24.05 20.86 31.14
N GLY C 524 -22.79 20.61 31.52
CA GLY C 524 -22.28 19.25 31.47
C GLY C 524 -23.07 18.31 32.35
N GLU C 525 -23.44 18.76 33.56
CA GLU C 525 -24.24 17.92 34.44
C GLU C 525 -25.60 17.63 33.82
N LEU C 526 -26.24 18.64 33.22
CA LEU C 526 -27.53 18.40 32.59
C LEU C 526 -27.42 17.37 31.47
N LEU C 527 -26.39 17.49 30.63
CA LEU C 527 -26.22 16.51 29.57
C LEU C 527 -25.98 15.12 30.13
N VAL C 528 -25.14 15.01 31.16
CA VAL C 528 -24.80 13.67 31.66
C VAL C 528 -26.00 13.05 32.37
N GLN C 529 -26.92 13.85 32.89
CA GLN C 529 -28.12 13.28 33.49
C GLN C 529 -29.24 13.03 32.49
N GLN C 530 -29.22 13.68 31.32
CA GLN C 530 -30.25 13.36 30.33
C GLN C 530 -30.01 12.00 29.70
N THR C 531 -28.76 11.65 29.42
CA THR C 531 -28.46 10.39 28.74
C THR C 531 -28.70 9.17 29.63
N LYS C 532 -28.97 9.36 30.93
CA LYS C 532 -29.16 8.26 31.85
C LYS C 532 -30.63 8.02 32.22
N ASN C 533 -31.49 9.03 32.08
CA ASN C 533 -32.89 8.92 32.46
C ASN C 533 -33.80 9.30 31.29
N SER C 534 -33.53 8.75 30.11
CA SER C 534 -34.34 9.02 28.94
C SER C 534 -34.48 7.74 28.13
N ASP C 535 -35.56 7.68 27.33
CA ASP C 535 -35.87 6.51 26.53
C ASP C 535 -36.16 6.85 25.07
N ARG C 536 -36.03 8.12 24.67
CA ARG C 536 -36.28 8.53 23.30
C ARG C 536 -35.04 9.08 22.61
N THR C 537 -33.93 9.22 23.33
CA THR C 537 -32.68 9.73 22.76
C THR C 537 -31.51 8.94 23.34
N PRO C 538 -31.31 7.71 22.87
CA PRO C 538 -30.24 6.89 23.45
C PRO C 538 -28.84 7.43 23.23
N LEU C 539 -28.65 8.27 22.20
CA LEU C 539 -27.33 8.80 21.85
C LEU C 539 -27.39 10.32 21.82
N VAL C 540 -26.48 10.96 22.54
CA VAL C 540 -26.32 12.41 22.52
C VAL C 540 -24.85 12.75 22.36
N SER C 541 -24.58 13.97 21.93
CA SER C 541 -23.22 14.43 21.73
C SER C 541 -23.17 15.94 21.97
N VAL C 542 -21.98 16.42 22.28
CA VAL C 542 -21.77 17.84 22.58
C VAL C 542 -20.35 18.21 22.17
N LEU C 543 -20.21 19.40 21.58
CA LEU C 543 -18.93 19.88 21.06
C LEU C 543 -18.49 21.09 21.85
N LEU C 544 -17.24 21.08 22.31
CA LEU C 544 -16.64 22.19 23.03
C LEU C 544 -15.66 22.91 22.10
N GLU C 545 -15.70 24.24 22.12
CA GLU C 545 -14.88 25.04 21.22
C GLU C 545 -14.45 26.32 21.92
N GLY C 546 -13.39 26.93 21.39
CA GLY C 546 -12.85 28.15 21.95
C GLY C 546 -11.50 28.51 21.36
N PRO C 547 -10.99 29.68 21.70
CA PRO C 547 -9.67 30.09 21.22
C PRO C 547 -8.58 29.23 21.82
N PRO C 548 -7.43 29.13 21.17
CA PRO C 548 -6.37 28.25 21.70
C PRO C 548 -5.83 28.75 23.03
N HIS C 549 -5.33 27.80 23.83
CA HIS C 549 -4.80 28.05 25.17
C HIS C 549 -5.87 28.47 26.16
N SER C 550 -7.14 28.17 25.89
CA SER C 550 -8.21 28.52 26.81
C SER C 550 -8.46 27.45 27.86
N GLY C 551 -7.81 26.30 27.77
CA GLY C 551 -7.97 25.26 28.76
C GLY C 551 -9.30 24.54 28.68
N LYS C 552 -9.52 23.82 27.57
CA LYS C 552 -10.76 23.06 27.39
C LYS C 552 -10.56 21.55 27.41
N THR C 553 -9.35 21.06 27.16
CA THR C 553 -9.10 19.63 27.27
C THR C 553 -9.20 19.15 28.71
N ALA C 554 -9.19 20.06 29.68
CA ALA C 554 -9.32 19.70 31.08
C ALA C 554 -10.76 19.69 31.55
N LEU C 555 -11.62 20.53 30.96
CA LEU C 555 -13.02 20.54 31.34
C LEU C 555 -13.73 19.28 30.86
N ALA C 556 -13.35 18.77 29.69
CA ALA C 556 -13.95 17.53 29.21
C ALA C 556 -13.66 16.37 30.16
N ALA C 557 -12.41 16.24 30.59
CA ALA C 557 -12.05 15.18 31.52
C ALA C 557 -12.79 15.33 32.84
N LYS C 558 -12.90 16.55 33.34
CA LYS C 558 -13.60 16.77 34.61
C LYS C 558 -15.07 16.42 34.48
N ILE C 559 -15.71 16.79 33.36
CA ILE C 559 -17.11 16.44 33.16
C ILE C 559 -17.29 14.93 33.11
N ALA C 560 -16.43 14.27 32.35
CA ALA C 560 -16.56 12.81 32.19
C ALA C 560 -16.36 12.10 33.52
N GLU C 561 -15.31 12.47 34.26
CA GLU C 561 -14.98 11.78 35.51
C GLU C 561 -16.05 11.96 36.57
N GLU C 562 -16.86 13.02 36.50
CA GLU C 562 -17.90 13.24 37.50
C GLU C 562 -19.14 12.39 37.25
N SER C 563 -19.27 11.82 36.06
CA SER C 563 -20.45 11.02 35.74
C SER C 563 -20.52 9.76 36.59
N ASN C 564 -19.37 9.10 36.80
CA ASN C 564 -19.30 7.80 37.46
C ASN C 564 -19.89 6.69 36.59
N PHE C 565 -19.82 6.85 35.27
CA PHE C 565 -20.23 5.78 34.37
C PHE C 565 -19.27 4.59 34.49
N PRO C 566 -19.76 3.37 34.24
CA PRO C 566 -18.86 2.21 34.28
C PRO C 566 -17.73 2.27 33.27
N PHE C 567 -17.98 2.81 32.08
CA PHE C 567 -17.01 2.81 30.99
C PHE C 567 -16.65 4.25 30.65
N ILE C 568 -15.36 4.58 30.75
CA ILE C 568 -14.85 5.91 30.45
C ILE C 568 -13.49 5.73 29.80
N LYS C 569 -13.38 6.04 28.52
CA LYS C 569 -12.17 5.78 27.76
C LYS C 569 -11.87 6.95 26.82
N ILE C 570 -10.67 7.51 26.95
CA ILE C 570 -10.22 8.60 26.10
C ILE C 570 -9.56 8.04 24.84
N CYS C 571 -9.65 8.80 23.75
CA CYS C 571 -9.13 8.40 22.45
C CYS C 571 -8.27 9.51 21.87
N SER C 572 -7.37 10.03 22.69
CA SER C 572 -6.55 11.17 22.29
C SER C 572 -5.72 10.83 21.04
N PRO C 573 -5.20 11.86 20.37
CA PRO C 573 -4.38 11.68 19.22
C PRO C 573 -2.93 11.56 19.64
N ASP C 574 -2.61 11.51 20.93
CA ASP C 574 -1.24 11.47 21.43
C ASP C 574 -0.63 10.07 21.41
N LYS C 575 -1.45 9.04 21.24
N LYS C 575 -1.45 9.04 21.24
CA LYS C 575 -0.97 7.67 21.18
CA LYS C 575 -0.97 7.67 21.18
C LYS C 575 -0.74 7.18 19.76
C LYS C 575 -0.74 7.18 19.76
N MET C 576 -0.96 8.04 18.77
CA MET C 576 -0.83 7.68 17.36
C MET C 576 0.13 8.67 16.71
N ILE C 577 1.42 8.37 16.76
CA ILE C 577 2.46 9.22 16.20
C ILE C 577 3.10 8.44 15.06
N GLY C 578 2.73 8.78 13.83
CA GLY C 578 3.27 8.14 12.65
C GLY C 578 2.32 7.19 11.93
N PHE C 579 1.12 6.96 12.45
CA PHE C 579 0.18 6.06 11.79
C PHE C 579 -0.23 6.60 10.43
N SER C 580 -0.61 5.68 9.54
CA SER C 580 -1.13 6.04 8.23
C SER C 580 -2.65 6.11 8.29
N GLU C 581 -3.23 6.57 7.17
CA GLU C 581 -4.65 6.92 7.16
C GLU C 581 -5.55 5.70 7.39
N THR C 582 -5.00 4.47 7.10
CA THR C 582 -5.82 3.28 7.31
C THR C 582 -5.80 2.84 8.77
N ALA C 583 -4.62 2.86 9.38
CA ALA C 583 -4.50 2.42 10.77
C ALA C 583 -5.27 3.33 11.70
N LYS C 584 -5.37 4.61 11.36
CA LYS C 584 -6.21 5.46 12.18
C LYS C 584 -7.66 4.97 12.18
N CYS C 585 -8.20 4.73 10.97
CA CYS C 585 -9.57 4.25 10.88
C CYS C 585 -9.75 2.98 11.68
N GLN C 586 -8.78 2.07 11.59
CA GLN C 586 -8.90 0.81 12.33
C GLN C 586 -8.92 1.03 13.83
N ALA C 587 -8.01 1.87 14.34
CA ALA C 587 -7.97 2.09 15.78
C ALA C 587 -9.23 2.77 16.28
N MET C 588 -9.72 3.77 15.55
CA MET C 588 -10.95 4.43 15.98
C MET C 588 -12.11 3.45 15.98
N LYS C 589 -12.25 2.63 14.95
CA LYS C 589 -13.36 1.68 14.91
C LYS C 589 -13.29 0.71 16.08
N LYS C 590 -12.08 0.25 16.42
CA LYS C 590 -11.96 -0.67 17.55
C LYS C 590 -12.35 -0.01 18.86
N ILE C 591 -11.87 1.22 19.09
CA ILE C 591 -12.19 1.90 20.34
C ILE C 591 -13.69 2.13 20.46
N PHE C 592 -14.35 2.53 19.36
CA PHE C 592 -15.79 2.71 19.41
C PHE C 592 -16.52 1.38 19.58
N ASP C 593 -16.01 0.32 18.95
CA ASP C 593 -16.66 -0.98 19.05
C ASP C 593 -16.64 -1.50 20.48
N ASP C 594 -15.54 -1.28 21.20
CA ASP C 594 -15.49 -1.73 22.58
C ASP C 594 -16.55 -1.07 23.44
N ALA C 595 -17.12 0.05 23.01
CA ALA C 595 -18.09 0.79 23.82
C ALA C 595 -19.52 0.33 23.60
N TYR C 596 -19.77 -0.63 22.70
CA TYR C 596 -21.10 -1.19 22.50
C TYR C 596 -21.34 -2.43 23.35
N LYS C 597 -20.53 -2.65 24.39
CA LYS C 597 -20.64 -3.84 25.23
C LYS C 597 -20.93 -3.51 26.69
N SER C 598 -21.49 -2.34 26.96
CA SER C 598 -21.84 -1.95 28.32
C SER C 598 -23.14 -1.15 28.30
N GLN C 599 -23.83 -1.18 29.45
CA GLN C 599 -25.12 -0.51 29.56
C GLN C 599 -24.99 1.01 29.67
N LEU C 600 -23.77 1.53 29.78
CA LEU C 600 -23.54 2.96 29.84
C LEU C 600 -22.13 3.23 29.34
N SER C 601 -21.95 4.27 28.53
CA SER C 601 -20.63 4.55 27.98
C SER C 601 -20.43 6.04 27.76
N CYS C 602 -19.19 6.49 27.99
CA CYS C 602 -18.78 7.86 27.69
C CYS C 602 -17.44 7.82 26.97
N VAL C 603 -17.35 8.55 25.85
CA VAL C 603 -16.13 8.58 25.05
C VAL C 603 -15.75 10.04 24.79
N VAL C 604 -14.45 10.28 24.70
CA VAL C 604 -13.90 11.63 24.56
C VAL C 604 -12.94 11.63 23.38
N VAL C 605 -13.04 12.67 22.55
CA VAL C 605 -12.16 12.85 21.40
C VAL C 605 -11.50 14.21 21.52
N ASP C 606 -10.17 14.23 21.41
CA ASP C 606 -9.38 15.43 21.64
C ASP C 606 -8.73 15.89 20.34
N ASP C 607 -8.64 17.18 20.12
CA ASP C 607 -8.13 17.75 18.86
C ASP C 607 -8.81 17.04 17.69
N ILE C 608 -10.01 17.47 17.29
CA ILE C 608 -10.71 16.90 16.12
C ILE C 608 -10.09 17.59 14.92
N GLU C 609 -8.93 18.27 15.02
CA GLU C 609 -8.26 18.84 13.82
C GLU C 609 -6.80 18.44 13.80
N ARG C 610 -6.43 17.47 14.55
CA ARG C 610 -5.14 16.85 14.40
C ARG C 610 -5.30 15.38 14.06
N LEU C 611 -6.53 14.87 14.08
CA LEU C 611 -6.84 13.59 13.48
C LEU C 611 -7.00 13.76 11.97
N LEU C 612 -7.52 14.91 11.54
CA LEU C 612 -7.78 15.10 10.13
C LEU C 612 -6.54 15.63 9.41
N ASP C 613 -5.61 16.24 10.14
CA ASP C 613 -4.39 16.77 9.55
C ASP C 613 -4.73 17.94 8.64
N TYR C 614 -5.38 18.97 9.17
CA TYR C 614 -5.74 20.18 8.42
C TYR C 614 -4.58 21.17 8.60
N VAL C 615 -3.74 21.26 7.56
CA VAL C 615 -2.68 22.27 7.50
C VAL C 615 -3.15 23.37 6.54
N PRO C 616 -3.21 24.63 6.97
CA PRO C 616 -3.79 25.69 6.13
C PRO C 616 -3.32 25.71 4.68
N ILE C 617 -2.01 25.59 4.41
CA ILE C 617 -1.56 25.56 3.03
C ILE C 617 -2.27 24.40 2.33
N GLY C 618 -2.60 24.54 1.08
CA GLY C 618 -3.41 23.56 0.40
C GLY C 618 -4.82 24.05 0.17
N PRO C 619 -5.78 23.63 1.01
CA PRO C 619 -5.64 22.81 2.22
C PRO C 619 -5.53 21.32 1.94
N ARG C 620 -5.14 20.53 2.94
N ARG C 620 -5.13 20.54 2.94
CA ARG C 620 -5.01 19.08 2.80
CA ARG C 620 -4.99 19.10 2.83
C ARG C 620 -5.57 18.41 4.04
C ARG C 620 -5.62 18.43 4.04
N PHE C 621 -6.06 17.19 3.86
CA PHE C 621 -6.60 16.40 4.96
C PHE C 621 -6.93 15.01 4.44
N SER C 622 -7.14 14.08 5.37
CA SER C 622 -7.48 12.70 5.05
C SER C 622 -8.99 12.58 4.98
N ASN C 623 -9.53 12.54 3.75
CA ASN C 623 -10.98 12.47 3.59
C ASN C 623 -11.55 11.19 4.19
N LEU C 624 -10.78 10.09 4.17
CA LEU C 624 -11.29 8.83 4.68
C LEU C 624 -11.64 8.93 6.17
N VAL C 625 -10.76 9.56 6.95
CA VAL C 625 -11.01 9.70 8.38
C VAL C 625 -12.25 10.53 8.62
N LEU C 626 -12.42 11.61 7.84
CA LEU C 626 -13.62 12.44 7.98
C LEU C 626 -14.88 11.65 7.66
N GLN C 627 -14.84 10.82 6.61
CA GLN C 627 -16.04 10.09 6.21
C GLN C 627 -16.36 8.97 7.18
N ALA C 628 -15.35 8.43 7.86
CA ALA C 628 -15.63 7.47 8.93
C ALA C 628 -16.20 8.17 10.16
N LEU C 629 -15.60 9.31 10.52
CA LEU C 629 -16.01 10.01 11.74
C LEU C 629 -17.42 10.57 11.61
N LEU C 630 -17.81 11.03 10.42
CA LEU C 630 -19.13 11.61 10.23
C LEU C 630 -20.19 10.54 9.98
N VAL C 631 -19.80 9.26 10.00
CA VAL C 631 -20.76 8.17 10.05
C VAL C 631 -20.87 7.57 11.43
N LEU C 632 -19.79 7.59 12.22
CA LEU C 632 -19.88 6.99 13.56
C LEU C 632 -20.73 7.82 14.51
N LEU C 633 -20.70 9.15 14.37
CA LEU C 633 -21.41 10.04 15.30
C LEU C 633 -22.93 10.05 15.10
N LYS C 634 -23.52 9.22 14.23
CA LYS C 634 -24.97 9.19 14.05
C LYS C 634 -25.52 7.77 14.12
N LYS C 635 -24.80 6.87 14.77
N LYS C 635 -24.80 6.87 14.77
CA LYS C 635 -25.18 5.46 14.86
CA LYS C 635 -25.18 5.46 14.86
C LYS C 635 -25.56 5.11 16.28
C LYS C 635 -25.57 5.12 16.29
N ALA C 636 -26.77 4.58 16.46
CA ALA C 636 -27.24 4.20 17.78
C ALA C 636 -26.63 2.86 18.20
N PRO C 637 -26.48 2.61 19.49
CA PRO C 637 -25.98 1.31 19.94
C PRO C 637 -26.94 0.20 19.56
N PRO C 638 -26.57 -1.06 19.81
CA PRO C 638 -27.45 -2.18 19.41
C PRO C 638 -28.86 -2.05 19.95
N GLN C 639 -29.01 -2.02 21.27
CA GLN C 639 -30.34 -1.94 21.86
C GLN C 639 -30.22 -1.61 23.34
N GLY C 640 -31.06 -0.68 23.80
CA GLY C 640 -31.16 -0.40 25.22
C GLY C 640 -29.84 -0.05 25.88
N ARG C 641 -28.93 0.59 25.15
CA ARG C 641 -27.63 0.98 25.68
C ARG C 641 -27.40 2.46 25.40
N LYS C 642 -26.83 3.16 26.38
CA LYS C 642 -26.72 4.61 26.35
C LYS C 642 -25.26 5.02 26.18
N LEU C 643 -25.01 5.90 25.22
CA LEU C 643 -23.67 6.36 24.86
C LEU C 643 -23.65 7.88 24.86
N LEU C 644 -22.54 8.44 25.34
CA LEU C 644 -22.31 9.88 25.28
C LEU C 644 -20.94 10.13 24.65
N ILE C 645 -20.88 11.10 23.74
CA ILE C 645 -19.65 11.45 23.03
C ILE C 645 -19.37 12.92 23.28
N ILE C 646 -18.14 13.23 23.70
CA ILE C 646 -17.69 14.60 23.85
C ILE C 646 -16.47 14.80 22.96
N GLY C 647 -16.40 15.94 22.30
CA GLY C 647 -15.28 16.26 21.44
C GLY C 647 -14.78 17.66 21.73
N THR C 648 -13.48 17.85 21.48
CA THR C 648 -12.84 19.14 21.70
C THR C 648 -12.21 19.63 20.40
N THR C 649 -12.13 20.94 20.26
CA THR C 649 -11.55 21.56 19.07
C THR C 649 -11.25 23.02 19.37
N SER C 650 -10.37 23.60 18.55
CA SER C 650 -10.01 25.00 18.63
C SER C 650 -10.49 25.83 17.45
N ARG C 651 -10.46 25.27 16.25
N ARG C 651 -10.45 25.26 16.25
CA ARG C 651 -10.93 25.97 15.05
CA ARG C 651 -10.93 25.95 15.05
C ARG C 651 -12.38 25.61 14.81
C ARG C 651 -12.39 25.59 14.84
N LYS C 652 -13.27 26.60 14.91
CA LYS C 652 -14.69 26.41 14.65
C LYS C 652 -15.14 27.06 13.34
N ASP C 653 -14.19 27.54 12.53
CA ASP C 653 -14.51 28.12 11.23
C ASP C 653 -14.04 27.25 10.08
N VAL C 654 -13.34 26.15 10.37
CA VAL C 654 -12.99 25.15 9.37
C VAL C 654 -13.80 23.87 9.56
N LEU C 655 -14.45 23.70 10.70
CA LEU C 655 -15.36 22.59 10.90
C LEU C 655 -16.78 22.90 10.43
N GLN C 656 -17.11 24.18 10.23
CA GLN C 656 -18.40 24.53 9.66
C GLN C 656 -18.42 24.30 8.15
N GLU C 657 -17.28 24.53 7.47
CA GLU C 657 -17.26 24.42 6.03
C GLU C 657 -17.35 22.97 5.57
N MET C 658 -16.91 22.03 6.40
CA MET C 658 -16.99 20.61 6.09
C MET C 658 -18.35 20.00 6.40
N GLU C 659 -19.31 20.81 6.85
CA GLU C 659 -20.65 20.34 7.18
C GLU C 659 -20.64 19.39 8.38
N MET C 660 -19.71 19.59 9.31
CA MET C 660 -19.64 18.75 10.50
C MET C 660 -20.62 19.19 11.59
N LEU C 661 -20.90 20.49 11.68
CA LEU C 661 -21.70 21.00 12.79
C LEU C 661 -23.13 20.49 12.78
N ASN C 662 -23.60 19.94 11.66
CA ASN C 662 -24.95 19.39 11.60
C ASN C 662 -25.03 17.96 12.15
N ALA C 663 -23.90 17.38 12.56
CA ALA C 663 -23.90 16.07 13.19
C ALA C 663 -23.86 16.14 14.70
N PHE C 664 -23.52 17.29 15.28
CA PHE C 664 -23.45 17.46 16.72
C PHE C 664 -24.75 18.09 17.21
N SER C 665 -25.32 17.52 18.27
CA SER C 665 -26.64 17.93 18.72
C SER C 665 -26.64 19.26 19.47
N THR C 666 -25.47 19.75 19.88
CA THR C 666 -25.41 21.02 20.59
C THR C 666 -23.98 21.55 20.50
N THR C 667 -23.68 22.59 21.28
CA THR C 667 -22.36 23.19 21.30
C THR C 667 -22.26 24.13 22.49
N ILE C 668 -21.06 24.24 23.04
CA ILE C 668 -20.79 25.09 24.19
C ILE C 668 -19.57 25.96 23.87
N HIS C 669 -19.49 27.11 24.53
CA HIS C 669 -18.44 28.08 24.30
C HIS C 669 -17.66 28.32 25.58
N VAL C 670 -16.34 28.17 25.51
CA VAL C 670 -15.44 28.40 26.64
C VAL C 670 -14.65 29.67 26.34
N PRO C 671 -14.91 30.78 27.04
CA PRO C 671 -14.27 32.06 26.67
C PRO C 671 -12.92 32.27 27.32
N ASN C 672 -12.32 33.43 27.04
CA ASN C 672 -11.05 33.84 27.61
C ASN C 672 -11.29 34.78 28.79
N ILE C 673 -10.23 35.14 29.48
CA ILE C 673 -10.31 36.18 30.51
C ILE C 673 -10.30 37.53 29.81
N ALA C 674 -11.33 38.34 30.10
CA ALA C 674 -11.57 39.56 29.33
C ALA C 674 -11.86 40.78 30.18
N THR C 675 -11.50 40.78 31.46
CA THR C 675 -11.73 41.94 32.31
C THR C 675 -10.71 41.93 33.44
N GLY C 676 -10.36 43.13 33.93
CA GLY C 676 -9.35 43.23 34.97
C GLY C 676 -9.78 42.55 36.25
N GLU C 677 -11.08 42.62 36.58
CA GLU C 677 -11.57 42.01 37.81
C GLU C 677 -11.35 40.50 37.80
N GLN C 678 -11.63 39.85 36.67
CA GLN C 678 -11.41 38.41 36.58
C GLN C 678 -9.94 38.06 36.73
N LEU C 679 -9.06 38.85 36.11
CA LEU C 679 -7.63 38.60 36.26
C LEU C 679 -7.20 38.73 37.73
N LEU C 680 -7.68 39.77 38.41
CA LEU C 680 -7.33 39.95 39.82
C LEU C 680 -7.86 38.79 40.66
N GLU C 681 -9.09 38.34 40.39
CA GLU C 681 -9.65 37.23 41.15
C GLU C 681 -8.83 35.96 40.93
N ALA C 682 -8.44 35.69 39.68
CA ALA C 682 -7.63 34.51 39.40
C ALA C 682 -6.28 34.59 40.11
N LEU C 683 -5.64 35.77 40.06
CA LEU C 683 -4.37 35.93 40.76
C LEU C 683 -4.51 35.70 42.26
N GLU C 684 -5.57 36.25 42.85
CA GLU C 684 -5.78 36.05 44.28
C GLU C 684 -6.00 34.57 44.60
N LEU C 685 -6.82 33.90 43.81
CA LEU C 685 -7.14 32.50 44.11
C LEU C 685 -5.92 31.61 43.95
N LEU C 686 -5.10 31.85 42.93
CA LEU C 686 -3.84 31.12 42.82
C LEU C 686 -2.93 31.43 44.00
N GLY C 687 -2.87 32.70 44.42
CA GLY C 687 -2.18 33.07 45.64
C GLY C 687 -0.68 33.11 45.53
N ASN C 688 -0.15 33.98 44.66
CA ASN C 688 1.30 34.14 44.50
C ASN C 688 1.76 35.54 44.89
N PHE C 689 1.15 36.58 44.33
CA PHE C 689 1.51 37.95 44.68
C PHE C 689 0.67 38.41 45.87
N LYS C 690 1.32 39.14 46.78
CA LYS C 690 0.67 39.57 48.02
C LYS C 690 0.04 40.95 47.82
N ASP C 691 -0.45 41.53 48.92
CA ASP C 691 -1.32 42.71 48.82
C ASP C 691 -0.57 43.89 48.20
N LYS C 692 0.71 44.05 48.50
CA LYS C 692 1.48 45.16 47.95
C LYS C 692 1.52 45.08 46.43
N GLU C 693 2.12 44.01 45.90
CA GLU C 693 2.20 43.85 44.45
C GLU C 693 0.82 43.77 43.83
N ARG C 694 -0.15 43.17 44.52
CA ARG C 694 -1.51 43.12 44.01
C ARG C 694 -2.05 44.52 43.77
N THR C 695 -1.88 45.40 44.75
CA THR C 695 -2.31 46.79 44.58
C THR C 695 -1.55 47.46 43.46
N THR C 696 -0.24 47.25 43.40
CA THR C 696 0.55 47.81 42.30
C THR C 696 0.08 47.27 40.96
N ILE C 697 -0.08 45.94 40.85
CA ILE C 697 -0.59 45.34 39.63
C ILE C 697 -2.07 45.62 39.42
N ALA C 698 -2.78 46.04 40.46
CA ALA C 698 -4.18 46.41 40.35
C ALA C 698 -4.37 47.85 39.89
N GLN C 699 -3.29 48.57 39.61
CA GLN C 699 -3.35 49.96 39.17
C GLN C 699 -3.02 50.12 37.69
N GLN C 700 -1.90 49.56 37.23
CA GLN C 700 -1.54 49.69 35.82
C GLN C 700 -2.54 49.00 34.91
N VAL C 701 -3.36 48.10 35.43
CA VAL C 701 -4.18 47.23 34.60
C VAL C 701 -5.58 47.81 34.42
N LYS C 702 -5.77 49.08 34.76
CA LYS C 702 -7.06 49.71 34.54
C LYS C 702 -7.28 49.89 33.04
N GLY C 703 -8.37 49.30 32.53
CA GLY C 703 -8.63 49.26 31.11
C GLY C 703 -9.00 47.85 30.70
N LYS C 704 -10.16 47.69 30.08
CA LYS C 704 -10.74 46.36 29.85
C LYS C 704 -10.26 45.80 28.51
N LYS C 705 -8.95 45.62 28.40
CA LYS C 705 -8.31 45.12 27.18
C LYS C 705 -7.34 44.00 27.52
N VAL C 706 -7.73 43.09 28.39
CA VAL C 706 -6.90 41.96 28.80
C VAL C 706 -7.44 40.73 28.08
N TRP C 707 -6.76 40.32 27.01
CA TRP C 707 -7.11 39.14 26.24
C TRP C 707 -6.00 38.12 26.42
N ILE C 708 -6.27 37.07 27.20
CA ILE C 708 -5.25 36.11 27.56
C ILE C 708 -5.94 34.82 27.99
N GLY C 709 -5.35 33.68 27.59
CA GLY C 709 -5.86 32.39 27.99
C GLY C 709 -5.32 31.96 29.35
N ILE C 710 -6.05 31.04 29.98
CA ILE C 710 -5.68 30.62 31.33
C ILE C 710 -4.34 29.89 31.32
N LYS C 711 -4.12 29.03 30.31
CA LYS C 711 -2.86 28.29 30.27
C LYS C 711 -1.67 29.23 30.19
N LYS C 712 -1.77 30.28 29.37
CA LYS C 712 -0.65 31.19 29.21
C LYS C 712 -0.32 31.91 30.53
N LEU C 713 -1.33 32.12 31.38
CA LEU C 713 -1.11 32.87 32.61
C LEU C 713 -0.16 32.14 33.55
N LEU C 714 -0.31 30.82 33.67
CA LEU C 714 0.59 30.06 34.53
C LEU C 714 2.02 30.14 34.05
N MET C 715 2.23 30.02 32.74
CA MET C 715 3.56 30.13 32.19
C MET C 715 4.14 31.52 32.44
N LEU C 716 3.33 32.57 32.27
CA LEU C 716 3.82 33.92 32.51
C LEU C 716 4.21 34.12 33.97
N ILE C 717 3.38 33.62 34.90
CA ILE C 717 3.68 33.77 36.31
C ILE C 717 4.99 33.05 36.65
N GLU C 718 5.15 31.82 36.15
CA GLU C 718 6.35 31.06 36.45
C GLU C 718 7.59 31.71 35.86
N MET C 719 7.48 32.26 34.65
CA MET C 719 8.61 32.97 34.06
C MET C 719 8.96 34.21 34.87
N SER C 720 7.94 34.93 35.35
CA SER C 720 8.20 36.15 36.10
C SER C 720 8.85 35.85 37.44
N LEU C 721 8.43 34.78 38.11
CA LEU C 721 8.91 34.51 39.46
C LEU C 721 10.43 34.33 39.54
N GLN C 722 11.08 33.97 38.43
CA GLN C 722 12.48 33.59 38.49
C GLN C 722 13.41 34.77 38.76
N MET C 723 12.96 36.00 38.56
CA MET C 723 13.83 37.15 38.72
C MET C 723 13.98 37.54 40.19
N ASP C 724 14.64 38.66 40.44
CA ASP C 724 14.90 39.11 41.79
C ASP C 724 13.61 39.64 42.45
N PRO C 725 13.60 39.71 43.78
CA PRO C 725 12.35 40.09 44.47
C PRO C 725 11.80 41.45 44.06
N GLU C 726 12.66 42.43 43.80
CA GLU C 726 12.21 43.79 43.57
C GLU C 726 11.92 44.11 42.10
N TYR C 727 12.20 43.18 41.18
CA TYR C 727 11.98 43.39 39.76
C TYR C 727 10.80 42.60 39.22
N ARG C 728 10.12 41.82 40.04
CA ARG C 728 9.11 40.89 39.53
C ARG C 728 7.92 41.62 38.91
N VAL C 729 7.44 42.69 39.57
CA VAL C 729 6.25 43.37 39.09
C VAL C 729 6.49 43.98 37.72
N ARG C 730 7.62 44.65 37.54
CA ARG C 730 7.92 45.26 36.25
C ARG C 730 8.04 44.20 35.17
N LYS C 731 8.70 43.09 35.46
N LYS C 731 8.70 43.09 35.46
CA LYS C 731 8.84 42.02 34.48
CA LYS C 731 8.84 42.02 34.48
C LYS C 731 7.48 41.47 34.08
C LYS C 731 7.48 41.47 34.08
N PHE C 732 6.61 41.22 35.06
CA PHE C 732 5.29 40.68 34.75
C PHE C 732 4.48 41.67 33.91
N LEU C 733 4.53 42.95 34.26
CA LEU C 733 3.79 43.94 33.48
C LEU C 733 4.32 44.03 32.06
N ALA C 734 5.65 44.01 31.90
CA ALA C 734 6.23 44.06 30.55
C ALA C 734 5.81 42.84 29.74
N LEU C 735 5.83 41.65 30.35
CA LEU C 735 5.43 40.45 29.63
C LEU C 735 3.95 40.51 29.24
N LEU C 736 3.10 41.01 30.14
CA LEU C 736 1.69 41.13 29.82
C LEU C 736 1.46 42.12 28.68
N ARG C 737 2.22 43.22 28.66
CA ARG C 737 2.06 44.20 27.60
C ARG C 737 2.56 43.66 26.26
N GLU C 738 3.66 42.91 26.28
CA GLU C 738 4.23 42.43 25.03
C GLU C 738 3.37 41.35 24.38
N GLU C 739 2.62 40.60 25.18
CA GLU C 739 1.78 39.54 24.62
C GLU C 739 0.71 40.11 23.71
N GLY C 740 0.26 41.34 23.96
CA GLY C 740 -0.77 41.96 23.14
C GLY C 740 -2.17 41.57 23.55
N ALA C 741 -3.18 42.12 22.87
CA ALA C 741 -4.56 41.79 23.14
C ALA C 741 -5.22 41.09 21.96
N SER C 742 -5.22 41.70 20.78
CA SER C 742 -5.82 41.18 19.56
C SER C 742 -7.12 40.43 19.87
N PRO C 743 -8.15 41.14 20.38
CA PRO C 743 -9.42 40.48 20.71
C PRO C 743 -10.08 39.84 19.49
N ILE D 211 -37.76 -49.88 -16.62
CA ILE D 211 -36.90 -48.70 -16.51
C ILE D 211 -36.64 -48.13 -17.91
N ILE D 212 -37.48 -48.52 -18.86
CA ILE D 212 -37.35 -48.06 -20.24
C ILE D 212 -37.81 -46.61 -20.33
N ASN D 213 -38.33 -46.07 -19.22
CA ASN D 213 -38.66 -44.66 -19.08
C ASN D 213 -39.52 -44.13 -20.22
N PRO D 214 -40.66 -44.75 -20.50
CA PRO D 214 -41.57 -44.14 -21.50
C PRO D 214 -42.00 -42.74 -21.11
N ASP D 215 -42.19 -42.50 -19.82
CA ASP D 215 -42.46 -41.18 -19.27
C ASP D 215 -42.00 -41.17 -17.82
N TRP D 216 -41.97 -39.98 -17.23
CA TRP D 216 -41.46 -39.81 -15.88
C TRP D 216 -42.46 -39.04 -15.02
N ASN D 217 -42.69 -39.55 -13.81
CA ASN D 217 -43.50 -38.87 -12.80
C ASN D 217 -42.55 -38.47 -11.67
N PHE D 218 -42.12 -37.21 -11.72
CA PHE D 218 -41.10 -36.67 -10.83
C PHE D 218 -41.42 -36.89 -9.35
N GLU D 219 -42.70 -36.85 -9.00
CA GLU D 219 -43.09 -36.67 -7.61
C GLU D 219 -42.49 -37.73 -6.70
N LYS D 220 -42.50 -39.00 -7.13
CA LYS D 220 -42.08 -40.07 -6.26
C LYS D 220 -40.56 -40.26 -6.22
N MET D 221 -39.80 -39.50 -7.00
CA MET D 221 -38.35 -39.63 -7.00
C MET D 221 -37.68 -38.80 -5.92
N GLY D 222 -38.44 -38.04 -5.14
CA GLY D 222 -37.88 -37.17 -4.13
C GLY D 222 -37.76 -35.72 -4.52
N ILE D 223 -38.30 -35.32 -5.67
CA ILE D 223 -38.23 -33.94 -6.14
C ILE D 223 -39.64 -33.48 -6.47
N GLY D 224 -39.92 -32.21 -6.16
CA GLY D 224 -41.21 -31.63 -6.45
C GLY D 224 -41.15 -30.13 -6.66
N GLY D 225 -41.73 -29.65 -7.75
CA GLY D 225 -41.71 -28.23 -8.07
C GLY D 225 -40.90 -27.96 -9.32
N LEU D 226 -39.79 -28.67 -9.49
CA LEU D 226 -38.98 -28.59 -10.70
C LEU D 226 -39.58 -29.50 -11.77
N ASP D 227 -40.81 -29.15 -12.17
CA ASP D 227 -41.58 -29.98 -13.09
C ASP D 227 -41.36 -29.59 -14.55
N LYS D 228 -41.56 -28.31 -14.87
CA LYS D 228 -41.44 -27.87 -16.25
C LYS D 228 -39.99 -27.94 -16.73
N GLU D 229 -39.04 -27.54 -15.89
CA GLU D 229 -37.63 -27.53 -16.26
C GLU D 229 -36.99 -28.91 -16.21
N PHE D 230 -37.79 -29.97 -16.09
CA PHE D 230 -37.31 -31.34 -16.18
C PHE D 230 -37.49 -31.92 -17.57
N SER D 231 -38.66 -31.69 -18.16
CA SER D 231 -38.98 -32.26 -19.47
C SER D 231 -38.04 -31.75 -20.55
N ASP D 232 -37.68 -30.47 -20.49
CA ASP D 232 -36.82 -29.91 -21.53
C ASP D 232 -35.49 -30.64 -21.58
N ILE D 233 -34.81 -30.76 -20.44
CA ILE D 233 -33.52 -31.47 -20.41
C ILE D 233 -33.72 -32.92 -20.81
N PHE D 234 -34.76 -33.57 -20.24
CA PHE D 234 -35.04 -34.96 -20.58
C PHE D 234 -35.08 -35.15 -22.10
N ARG D 235 -35.99 -34.45 -22.76
CA ARG D 235 -36.14 -34.60 -24.20
C ARG D 235 -34.83 -34.28 -24.91
N ARG D 236 -34.25 -33.12 -24.63
CA ARG D 236 -33.11 -32.66 -25.39
C ARG D 236 -31.96 -33.66 -25.35
N ALA D 237 -31.46 -33.97 -24.15
CA ALA D 237 -30.18 -34.66 -24.03
C ALA D 237 -30.29 -36.08 -23.51
N PHE D 238 -31.50 -36.61 -23.29
CA PHE D 238 -31.61 -37.98 -22.78
C PHE D 238 -32.57 -38.83 -23.59
N ALA D 239 -33.07 -38.35 -24.73
CA ALA D 239 -33.96 -39.17 -25.56
C ALA D 239 -33.20 -40.16 -26.42
N SER D 240 -31.89 -39.99 -26.58
CA SER D 240 -31.10 -40.87 -27.43
C SER D 240 -30.35 -41.92 -26.63
N ARG D 241 -30.42 -41.88 -25.31
CA ARG D 241 -29.95 -42.97 -24.47
C ARG D 241 -31.06 -43.98 -24.17
N VAL D 242 -32.23 -43.78 -24.77
CA VAL D 242 -33.36 -44.70 -24.70
C VAL D 242 -33.76 -44.97 -26.15
N PHE D 243 -34.88 -45.65 -26.36
CA PHE D 243 -35.37 -45.96 -27.69
C PHE D 243 -34.62 -47.18 -28.22
N PRO D 244 -35.24 -48.05 -29.00
CA PRO D 244 -34.56 -49.26 -29.49
C PRO D 244 -33.24 -48.90 -30.16
N PRO D 245 -32.14 -49.55 -29.76
CA PRO D 245 -30.82 -49.15 -30.31
C PRO D 245 -30.67 -49.41 -31.79
N GLU D 246 -31.45 -50.34 -32.37
CA GLU D 246 -31.23 -50.70 -33.77
C GLU D 246 -31.50 -49.53 -34.69
N ILE D 247 -32.63 -48.83 -34.48
CA ILE D 247 -32.92 -47.67 -35.31
C ILE D 247 -31.90 -46.57 -35.06
N VAL D 248 -31.42 -46.45 -33.82
CA VAL D 248 -30.42 -45.44 -33.51
C VAL D 248 -29.13 -45.71 -34.27
N GLU D 249 -28.79 -46.99 -34.47
CA GLU D 249 -27.60 -47.33 -35.24
C GLU D 249 -27.63 -46.68 -36.61
N GLN D 250 -28.78 -46.78 -37.29
CA GLN D 250 -28.93 -46.11 -38.59
C GLN D 250 -28.96 -44.60 -38.42
N MET D 251 -29.59 -44.10 -37.36
CA MET D 251 -29.63 -42.66 -37.14
C MET D 251 -28.23 -42.07 -37.17
N GLY D 252 -27.28 -42.72 -36.47
CA GLY D 252 -25.93 -42.23 -36.40
C GLY D 252 -25.72 -41.06 -35.47
N CYS D 253 -26.78 -40.55 -34.83
CA CYS D 253 -26.65 -39.41 -33.94
C CYS D 253 -25.77 -39.76 -32.75
N LYS D 254 -24.93 -38.83 -32.36
CA LYS D 254 -24.09 -38.98 -31.18
C LYS D 254 -24.82 -38.46 -29.94
N HIS D 255 -24.35 -38.90 -28.78
CA HIS D 255 -25.00 -38.59 -27.52
C HIS D 255 -24.37 -37.38 -26.86
N VAL D 256 -25.21 -36.49 -26.32
CA VAL D 256 -24.72 -35.27 -25.72
C VAL D 256 -23.78 -35.59 -24.57
N LYS D 257 -22.77 -34.74 -24.38
CA LYS D 257 -21.78 -34.91 -23.32
C LYS D 257 -21.54 -33.60 -22.60
N GLY D 258 -22.62 -32.92 -22.21
CA GLY D 258 -22.49 -31.72 -21.40
C GLY D 258 -23.82 -31.14 -20.98
N ILE D 259 -23.90 -30.67 -19.73
CA ILE D 259 -25.09 -29.99 -19.23
C ILE D 259 -24.65 -28.95 -18.22
N LEU D 260 -25.33 -27.80 -18.21
CA LEU D 260 -25.02 -26.71 -17.29
C LEU D 260 -26.29 -26.30 -16.56
N LEU D 261 -26.19 -26.13 -15.25
CA LEU D 261 -27.31 -25.71 -14.41
C LEU D 261 -26.89 -24.48 -13.61
N TYR D 262 -27.72 -23.45 -13.61
CA TYR D 262 -27.45 -22.26 -12.82
C TYR D 262 -28.70 -21.79 -12.10
N GLY D 263 -28.50 -21.24 -10.90
CA GLY D 263 -29.58 -20.73 -10.09
C GLY D 263 -29.10 -20.34 -8.71
N PRO D 264 -29.99 -19.76 -7.90
CA PRO D 264 -29.60 -19.36 -6.55
C PRO D 264 -29.32 -20.57 -5.67
N PRO D 265 -28.52 -20.39 -4.61
CA PRO D 265 -28.18 -21.55 -3.77
C PRO D 265 -29.40 -22.13 -3.08
N GLY D 266 -29.34 -23.44 -2.82
CA GLY D 266 -30.39 -24.12 -2.11
C GLY D 266 -31.71 -24.21 -2.84
N CYS D 267 -31.68 -24.67 -4.09
CA CYS D 267 -32.89 -24.91 -4.87
C CYS D 267 -33.03 -26.34 -5.34
N GLY D 268 -32.03 -27.19 -5.09
CA GLY D 268 -32.09 -28.58 -5.48
C GLY D 268 -31.25 -28.96 -6.68
N LYS D 269 -30.13 -28.29 -6.91
CA LYS D 269 -29.31 -28.59 -8.07
C LYS D 269 -28.60 -29.94 -7.92
N THR D 270 -27.99 -30.18 -6.77
CA THR D 270 -27.30 -31.45 -6.55
C THR D 270 -28.30 -32.61 -6.52
N LEU D 271 -29.47 -32.39 -5.91
CA LEU D 271 -30.44 -33.48 -5.79
C LEU D 271 -30.84 -34.04 -7.14
N LEU D 272 -30.75 -33.22 -8.20
CA LEU D 272 -31.15 -33.69 -9.53
C LEU D 272 -30.09 -34.59 -10.16
N ALA D 273 -28.81 -34.33 -9.89
CA ALA D 273 -27.75 -35.13 -10.50
C ALA D 273 -27.77 -36.57 -9.99
N ARG D 274 -27.88 -36.74 -8.67
CA ARG D 274 -27.90 -38.09 -8.11
C ARG D 274 -29.18 -38.84 -8.44
N GLN D 275 -30.21 -38.17 -8.94
CA GLN D 275 -31.40 -38.86 -9.43
C GLN D 275 -31.34 -39.14 -10.92
N ILE D 276 -30.67 -38.29 -11.70
CA ILE D 276 -30.45 -38.61 -13.11
C ILE D 276 -29.49 -39.78 -13.23
N GLY D 277 -28.50 -39.85 -12.33
CA GLY D 277 -27.56 -40.95 -12.38
C GLY D 277 -28.22 -42.31 -12.16
N LYS D 278 -29.14 -42.38 -11.19
CA LYS D 278 -29.84 -43.62 -10.89
C LYS D 278 -31.08 -43.83 -11.75
N MET D 279 -31.28 -43.02 -12.79
CA MET D 279 -32.37 -43.22 -13.72
C MET D 279 -31.91 -43.70 -15.09
N LEU D 280 -30.61 -43.66 -15.38
CA LEU D 280 -30.08 -44.15 -16.64
C LEU D 280 -29.29 -45.45 -16.47
N ASN D 281 -29.34 -46.06 -15.29
CA ASN D 281 -28.62 -47.30 -15.01
C ASN D 281 -27.12 -47.13 -15.28
N ALA D 282 -26.52 -46.22 -14.52
CA ALA D 282 -25.14 -45.81 -14.71
C ALA D 282 -24.31 -46.21 -13.48
N ARG D 283 -23.03 -45.81 -13.50
CA ARG D 283 -22.13 -46.05 -12.39
C ARG D 283 -22.43 -45.03 -11.29
N GLU D 284 -21.62 -45.03 -10.22
CA GLU D 284 -21.85 -44.08 -9.14
C GLU D 284 -21.17 -42.75 -9.44
N PRO D 285 -21.71 -41.64 -8.93
CA PRO D 285 -21.19 -40.32 -9.31
C PRO D 285 -19.83 -40.03 -8.68
N LYS D 286 -18.85 -39.76 -9.52
CA LYS D 286 -17.59 -39.17 -9.05
C LYS D 286 -17.82 -37.70 -8.71
N VAL D 287 -16.98 -37.18 -7.82
CA VAL D 287 -17.13 -35.81 -7.33
C VAL D 287 -15.80 -35.09 -7.44
N VAL D 288 -15.86 -33.78 -7.63
CA VAL D 288 -14.70 -32.90 -7.71
C VAL D 288 -15.13 -31.53 -7.20
N ASN D 289 -14.14 -30.73 -6.80
CA ASN D 289 -14.38 -29.37 -6.36
C ASN D 289 -13.55 -28.41 -7.18
N GLY D 290 -14.00 -27.16 -7.23
CA GLY D 290 -13.37 -26.16 -8.07
C GLY D 290 -12.21 -25.47 -7.40
N PRO D 291 -12.45 -24.88 -6.22
CA PRO D 291 -11.37 -24.15 -5.54
C PRO D 291 -10.22 -25.03 -5.05
N GLU D 292 -10.39 -26.35 -5.00
CA GLU D 292 -9.34 -27.24 -4.54
C GLU D 292 -8.44 -27.74 -5.67
N ILE D 293 -9.00 -28.04 -6.83
CA ILE D 293 -8.19 -28.47 -7.96
C ILE D 293 -7.27 -27.36 -8.46
N LEU D 294 -7.53 -26.12 -8.09
CA LEU D 294 -6.64 -25.02 -8.43
C LEU D 294 -5.48 -24.97 -7.43
N ASN D 295 -4.77 -26.10 -7.30
CA ASN D 295 -3.66 -26.17 -6.37
C ASN D 295 -2.47 -25.36 -6.88
N LYS D 296 -1.52 -25.12 -5.98
CA LYS D 296 -0.30 -24.43 -6.37
C LYS D 296 0.52 -25.27 -7.33
N TYR D 297 0.55 -26.59 -7.12
CA TYR D 297 1.33 -27.48 -7.97
C TYR D 297 0.76 -27.46 -9.37
N VAL D 298 1.47 -26.80 -10.28
CA VAL D 298 1.08 -26.78 -11.70
C VAL D 298 1.75 -27.98 -12.37
N GLY D 299 0.93 -28.90 -12.87
CA GLY D 299 1.41 -30.16 -13.38
C GLY D 299 0.83 -31.31 -12.58
N GLU D 300 0.77 -31.14 -11.26
CA GLU D 300 0.04 -32.09 -10.42
C GLU D 300 -1.46 -31.89 -10.55
N SER D 301 -1.91 -30.66 -10.83
CA SER D 301 -3.31 -30.45 -11.17
C SER D 301 -3.69 -31.21 -12.43
N GLU D 302 -2.80 -31.18 -13.43
CA GLU D 302 -3.01 -31.99 -14.62
C GLU D 302 -3.00 -33.48 -14.28
N ALA D 303 -2.18 -33.89 -13.31
CA ALA D 303 -2.18 -35.28 -12.87
C ALA D 303 -3.54 -35.65 -12.26
N ASN D 304 -4.10 -34.75 -11.45
CA ASN D 304 -5.43 -35.00 -10.89
C ASN D 304 -6.47 -35.08 -12.00
N ILE D 305 -6.37 -34.19 -13.00
CA ILE D 305 -7.30 -34.23 -14.12
C ILE D 305 -7.22 -35.57 -14.83
N ARG D 306 -6.00 -36.05 -15.08
CA ARG D 306 -5.84 -37.36 -15.70
C ARG D 306 -6.47 -38.45 -14.86
N LYS D 307 -6.13 -38.50 -13.57
CA LYS D 307 -6.67 -39.53 -12.69
C LYS D 307 -8.19 -39.51 -12.68
N LEU D 308 -8.79 -38.32 -12.84
CA LEU D 308 -10.25 -38.23 -12.79
C LEU D 308 -10.89 -39.09 -13.86
N PHE D 309 -10.34 -39.06 -15.08
CA PHE D 309 -10.89 -39.83 -16.18
C PHE D 309 -10.29 -41.22 -16.29
N ALA D 310 -9.17 -41.48 -15.63
CA ALA D 310 -8.42 -42.72 -15.80
C ALA D 310 -9.31 -43.95 -15.98
N ASP D 311 -10.23 -44.18 -15.04
CA ASP D 311 -11.00 -45.42 -15.05
C ASP D 311 -11.94 -45.50 -16.24
N ALA D 312 -12.64 -44.40 -16.55
CA ALA D 312 -13.54 -44.40 -17.69
C ALA D 312 -12.76 -44.54 -18.99
N GLU D 313 -11.62 -43.87 -19.10
CA GLU D 313 -10.75 -44.03 -20.25
C GLU D 313 -10.37 -45.49 -20.44
N GLU D 314 -9.96 -46.13 -19.34
CA GLU D 314 -9.59 -47.55 -19.39
C GLU D 314 -10.77 -48.41 -19.83
N GLU D 315 -11.96 -48.15 -19.31
CA GLU D 315 -13.12 -48.95 -19.68
C GLU D 315 -13.44 -48.79 -21.16
N GLN D 316 -13.37 -47.56 -21.67
CA GLN D 316 -13.61 -47.35 -23.11
C GLN D 316 -12.52 -48.03 -23.93
N ARG D 317 -11.29 -48.07 -23.42
CA ARG D 317 -10.18 -48.66 -24.18
C ARG D 317 -10.37 -50.16 -24.39
N ARG D 318 -10.97 -50.86 -23.42
CA ARG D 318 -11.08 -52.31 -23.47
C ARG D 318 -12.55 -52.70 -23.35
N LEU D 319 -12.97 -53.66 -24.18
CA LEU D 319 -14.32 -54.21 -24.11
C LEU D 319 -15.36 -53.09 -24.10
N GLY D 320 -15.17 -52.14 -25.01
CA GLY D 320 -16.02 -50.97 -25.08
C GLY D 320 -17.28 -51.20 -25.89
N ALA D 321 -17.80 -50.10 -26.45
CA ALA D 321 -19.02 -50.00 -27.24
C ALA D 321 -20.27 -50.05 -26.38
N ASN D 322 -20.18 -50.46 -25.11
CA ASN D 322 -21.30 -50.30 -24.17
C ASN D 322 -20.80 -49.91 -22.78
N SER D 323 -19.64 -49.28 -22.69
CA SER D 323 -19.05 -48.98 -21.40
C SER D 323 -20.01 -48.15 -20.55
N GLY D 324 -20.12 -48.52 -19.28
CA GLY D 324 -21.03 -47.84 -18.37
C GLY D 324 -20.79 -46.35 -18.30
N LEU D 325 -21.86 -45.57 -18.37
CA LEU D 325 -21.75 -44.12 -18.32
C LEU D 325 -21.06 -43.69 -17.03
N HIS D 326 -19.85 -43.14 -17.14
CA HIS D 326 -19.08 -42.73 -15.97
C HIS D 326 -19.40 -41.26 -15.70
N ILE D 327 -20.57 -41.03 -15.10
CA ILE D 327 -21.00 -39.67 -14.81
C ILE D 327 -19.97 -38.97 -13.94
N ILE D 328 -19.87 -37.65 -14.11
CA ILE D 328 -19.01 -36.81 -13.29
C ILE D 328 -19.82 -35.62 -12.82
N ILE D 329 -19.45 -35.06 -11.67
CA ILE D 329 -20.07 -33.87 -11.11
C ILE D 329 -18.98 -32.88 -10.78
N PHE D 330 -19.07 -31.68 -11.36
CA PHE D 330 -18.04 -30.65 -11.23
C PHE D 330 -18.70 -29.41 -10.65
N ASP D 331 -18.74 -29.34 -9.32
CA ASP D 331 -19.39 -28.23 -8.64
C ASP D 331 -18.48 -27.00 -8.64
N GLU D 332 -19.10 -25.82 -8.65
CA GLU D 332 -18.39 -24.55 -8.66
C GLU D 332 -17.35 -24.53 -9.78
N ILE D 333 -17.86 -24.55 -11.01
CA ILE D 333 -17.01 -24.61 -12.19
C ILE D 333 -16.77 -23.21 -12.77
N ASP D 334 -16.96 -22.17 -11.96
CA ASP D 334 -16.69 -20.80 -12.38
C ASP D 334 -15.35 -20.28 -11.86
N ALA D 335 -14.51 -21.17 -11.34
CA ALA D 335 -13.17 -20.79 -10.88
C ALA D 335 -12.06 -21.56 -11.57
N ILE D 336 -12.24 -22.86 -11.81
CA ILE D 336 -11.28 -23.61 -12.63
C ILE D 336 -11.27 -23.07 -14.04
N CYS D 337 -12.28 -22.28 -14.40
CA CYS D 337 -12.41 -21.61 -15.68
C CYS D 337 -12.57 -20.13 -15.36
N LYS D 338 -13.12 -19.35 -16.29
CA LYS D 338 -13.33 -17.93 -16.01
C LYS D 338 -12.01 -17.19 -15.88
N GLN D 339 -11.32 -17.03 -17.01
CA GLN D 339 -10.28 -16.00 -17.09
C GLN D 339 -10.84 -14.62 -16.85
N ARG D 340 -12.16 -14.44 -16.97
CA ARG D 340 -12.80 -13.14 -16.76
C ARG D 340 -12.81 -12.79 -15.28
N GLY D 341 -11.63 -12.42 -14.79
CA GLY D 341 -11.49 -11.87 -13.45
C GLY D 341 -11.26 -10.37 -13.53
N SER D 342 -11.71 -9.77 -14.62
CA SER D 342 -11.52 -8.34 -14.91
C SER D 342 -12.27 -7.36 -14.00
N MET D 343 -12.93 -7.80 -12.93
CA MET D 343 -13.62 -6.88 -12.05
C MET D 343 -12.65 -6.28 -11.04
N ALA D 344 -11.55 -5.70 -11.54
CA ALA D 344 -10.43 -5.09 -10.79
C ALA D 344 -9.44 -6.02 -10.11
N GLY D 345 -9.55 -7.33 -10.38
CA GLY D 345 -8.65 -8.35 -9.80
C GLY D 345 -7.72 -8.88 -10.86
N SER D 346 -6.90 -9.87 -10.53
CA SER D 346 -5.90 -10.44 -11.43
C SER D 346 -6.15 -11.92 -11.65
N THR D 347 -6.00 -12.37 -12.89
CA THR D 347 -6.13 -13.77 -13.27
C THR D 347 -5.07 -14.10 -14.30
N GLY D 348 -4.30 -15.17 -14.05
CA GLY D 348 -3.09 -15.40 -14.81
C GLY D 348 -3.04 -16.67 -15.63
N VAL D 349 -2.19 -17.61 -15.22
CA VAL D 349 -1.81 -18.73 -16.07
C VAL D 349 -2.62 -19.99 -15.74
N HIS D 350 -3.75 -19.85 -15.05
CA HIS D 350 -4.58 -21.00 -14.74
C HIS D 350 -5.29 -21.55 -15.97
N ASP D 351 -5.16 -20.88 -17.11
CA ASP D 351 -5.87 -21.32 -18.32
C ASP D 351 -5.48 -22.74 -18.69
N THR D 352 -4.30 -23.19 -18.27
CA THR D 352 -3.92 -24.58 -18.46
C THR D 352 -5.02 -25.50 -17.94
N VAL D 353 -5.48 -25.26 -16.71
CA VAL D 353 -6.56 -26.06 -16.13
C VAL D 353 -7.74 -26.11 -17.07
N VAL D 354 -8.06 -24.98 -17.72
CA VAL D 354 -9.11 -24.97 -18.72
C VAL D 354 -8.69 -25.80 -19.93
N ASN D 355 -7.57 -25.42 -20.54
CA ASN D 355 -7.22 -25.99 -21.84
C ASN D 355 -7.15 -27.51 -21.76
N GLN D 356 -6.35 -28.04 -20.83
CA GLN D 356 -6.31 -29.47 -20.59
C GLN D 356 -7.72 -30.02 -20.58
N LEU D 357 -8.55 -29.52 -19.64
CA LEU D 357 -9.91 -30.02 -19.52
C LEU D 357 -10.61 -30.01 -20.87
N LEU D 358 -10.57 -28.87 -21.56
CA LEU D 358 -11.24 -28.79 -22.86
C LEU D 358 -10.76 -29.91 -23.78
N SER D 359 -9.44 -30.00 -23.96
CA SER D 359 -8.92 -31.07 -24.80
C SER D 359 -9.47 -32.41 -24.35
N LYS D 360 -9.40 -32.67 -23.05
CA LYS D 360 -9.80 -33.98 -22.55
C LYS D 360 -11.25 -34.28 -22.89
N ILE D 361 -12.13 -33.27 -22.78
CA ILE D 361 -13.52 -33.54 -23.14
C ILE D 361 -13.64 -33.70 -24.65
N ASP D 362 -12.99 -32.83 -25.42
CA ASP D 362 -12.96 -33.00 -26.87
C ASP D 362 -11.77 -32.20 -27.40
N GLY D 363 -10.69 -32.90 -27.73
CA GLY D 363 -9.58 -32.29 -28.44
C GLY D 363 -9.50 -32.85 -29.84
N VAL D 364 -8.39 -33.49 -30.16
CA VAL D 364 -8.31 -34.31 -31.37
C VAL D 364 -8.72 -35.75 -31.09
N GLU D 365 -8.69 -36.18 -29.83
CA GLU D 365 -9.20 -37.47 -29.39
C GLU D 365 -10.53 -37.28 -28.69
N GLN D 366 -11.33 -38.34 -28.67
CA GLN D 366 -12.67 -38.27 -28.09
C GLN D 366 -13.02 -39.61 -27.47
N LEU D 367 -14.03 -39.59 -26.60
CA LEU D 367 -14.59 -40.77 -25.98
C LEU D 367 -16.08 -40.83 -26.25
N ASN D 368 -16.70 -41.94 -25.84
CA ASN D 368 -18.13 -42.12 -26.06
C ASN D 368 -18.83 -42.75 -24.86
N ASN D 369 -18.25 -42.65 -23.67
CA ASN D 369 -18.85 -43.22 -22.46
C ASN D 369 -18.72 -42.25 -21.30
N ILE D 370 -18.90 -40.96 -21.57
CA ILE D 370 -18.71 -39.92 -20.57
C ILE D 370 -19.88 -38.94 -20.62
N LEU D 371 -20.00 -38.14 -19.57
CA LEU D 371 -21.01 -37.09 -19.48
C LEU D 371 -20.61 -36.15 -18.35
N VAL D 372 -20.66 -34.84 -18.62
CA VAL D 372 -20.21 -33.84 -17.67
C VAL D 372 -21.38 -32.93 -17.32
N ILE D 373 -21.61 -32.75 -16.03
CA ILE D 373 -22.67 -31.92 -15.49
C ILE D 373 -22.03 -30.84 -14.63
N GLY D 374 -22.30 -29.57 -14.95
CA GLY D 374 -21.74 -28.46 -14.22
C GLY D 374 -22.83 -27.66 -13.53
N MET D 375 -22.51 -27.15 -12.36
CA MET D 375 -23.44 -26.38 -11.55
C MET D 375 -22.76 -25.09 -11.12
N THR D 376 -23.49 -23.97 -11.25
CA THR D 376 -22.90 -22.67 -10.99
C THR D 376 -23.92 -21.74 -10.35
N ASN D 377 -23.41 -20.73 -9.66
CA ASN D 377 -24.25 -19.70 -9.03
C ASN D 377 -24.21 -18.37 -9.78
N ARG D 378 -23.14 -18.10 -10.52
N ARG D 378 -23.14 -18.10 -10.52
CA ARG D 378 -23.01 -16.86 -11.29
CA ARG D 378 -23.00 -16.86 -11.29
C ARG D 378 -22.95 -17.21 -12.77
C ARG D 378 -22.95 -17.21 -12.77
N PRO D 379 -24.04 -17.06 -13.51
CA PRO D 379 -24.07 -17.47 -14.93
C PRO D 379 -23.48 -16.48 -15.91
N ASP D 380 -22.83 -15.41 -15.45
CA ASP D 380 -22.25 -14.41 -16.34
C ASP D 380 -20.73 -14.41 -16.34
N LEU D 381 -20.10 -15.28 -15.55
CA LEU D 381 -18.64 -15.32 -15.43
C LEU D 381 -18.04 -16.59 -16.04
N ILE D 382 -18.83 -17.38 -16.75
CA ILE D 382 -18.33 -18.57 -17.41
C ILE D 382 -17.79 -18.19 -18.77
N ASP D 383 -16.61 -18.72 -19.11
CA ASP D 383 -15.99 -18.42 -20.40
C ASP D 383 -16.87 -18.87 -21.54
N GLU D 384 -16.91 -18.07 -22.59
CA GLU D 384 -17.71 -18.43 -23.77
C GLU D 384 -17.12 -19.64 -24.48
N ALA D 385 -15.79 -19.81 -24.42
CA ALA D 385 -15.15 -20.89 -25.16
C ALA D 385 -15.60 -22.27 -24.69
N LEU D 386 -16.19 -22.36 -23.50
CA LEU D 386 -16.67 -23.62 -22.96
C LEU D 386 -18.13 -23.90 -23.30
N LEU D 387 -18.78 -23.03 -24.07
CA LEU D 387 -20.20 -23.17 -24.38
C LEU D 387 -20.46 -23.37 -25.88
N ARG D 388 -19.42 -23.63 -26.67
CA ARG D 388 -19.61 -23.86 -28.09
C ARG D 388 -20.27 -25.23 -28.31
N PRO D 389 -20.93 -25.42 -29.46
CA PRO D 389 -21.60 -26.71 -29.71
C PRO D 389 -20.62 -27.87 -29.68
N GLY D 390 -21.12 -29.02 -29.23
CA GLY D 390 -20.29 -30.18 -29.01
C GLY D 390 -19.72 -30.32 -27.62
N ARG D 391 -19.97 -29.34 -26.74
CA ARG D 391 -19.46 -29.40 -25.38
C ARG D 391 -20.28 -28.44 -24.53
N LEU D 392 -21.00 -28.97 -23.55
CA LEU D 392 -21.87 -28.18 -22.68
C LEU D 392 -22.89 -27.40 -23.52
N GLU D 393 -23.64 -28.12 -24.34
CA GLU D 393 -24.63 -27.48 -25.21
C GLU D 393 -25.83 -27.00 -24.43
N VAL D 394 -26.34 -27.80 -23.51
CA VAL D 394 -27.64 -27.56 -22.89
C VAL D 394 -27.44 -26.80 -21.58
N LYS D 395 -28.21 -25.72 -21.42
CA LYS D 395 -28.18 -24.89 -20.23
C LYS D 395 -29.58 -24.84 -19.63
N MET D 396 -29.64 -24.78 -18.30
CA MET D 396 -30.92 -24.77 -17.60
C MET D 396 -30.84 -23.92 -16.34
N GLU D 397 -31.99 -23.39 -15.94
CA GLU D 397 -32.12 -22.53 -14.78
C GLU D 397 -33.12 -23.12 -13.80
N ILE D 398 -32.76 -23.09 -12.52
CA ILE D 398 -33.63 -23.54 -11.44
C ILE D 398 -33.74 -22.41 -10.43
N GLY D 399 -34.95 -21.89 -10.23
CA GLY D 399 -35.17 -20.71 -9.44
C GLY D 399 -35.99 -21.00 -8.19
N LEU D 400 -36.23 -19.92 -7.44
CA LEU D 400 -36.96 -20.04 -6.19
C LEU D 400 -38.38 -20.54 -6.47
N PRO D 401 -38.82 -21.62 -5.84
CA PRO D 401 -40.13 -22.18 -6.18
C PRO D 401 -41.27 -21.26 -5.78
N ASP D 402 -42.37 -21.39 -6.52
CA ASP D 402 -43.59 -20.65 -6.24
C ASP D 402 -44.49 -21.47 -5.31
N GLU D 403 -45.75 -21.05 -5.16
CA GLU D 403 -46.60 -21.58 -4.09
C GLU D 403 -46.78 -23.09 -4.22
N LYS D 404 -47.18 -23.56 -5.40
N LYS D 404 -47.18 -23.57 -5.39
CA LYS D 404 -47.46 -24.98 -5.60
CA LYS D 404 -47.47 -24.99 -5.55
C LYS D 404 -46.22 -25.82 -5.33
C LYS D 404 -46.23 -25.83 -5.34
N GLY D 405 -45.06 -25.33 -5.74
CA GLY D 405 -43.83 -26.04 -5.46
C GLY D 405 -43.58 -26.18 -3.96
N ARG D 406 -43.85 -25.12 -3.21
CA ARG D 406 -43.75 -25.21 -1.76
C ARG D 406 -44.73 -26.23 -1.20
N LEU D 407 -45.95 -26.27 -1.74
CA LEU D 407 -46.92 -27.26 -1.30
C LEU D 407 -46.40 -28.67 -1.51
N GLN D 408 -45.85 -28.94 -2.70
N GLN D 408 -45.86 -28.94 -2.70
CA GLN D 408 -45.36 -30.28 -2.99
CA GLN D 408 -45.35 -30.27 -3.01
C GLN D 408 -44.16 -30.63 -2.13
C GLN D 408 -44.17 -30.62 -2.12
N ILE D 409 -43.25 -29.67 -1.90
CA ILE D 409 -42.09 -29.95 -1.06
C ILE D 409 -42.51 -30.28 0.36
N LEU D 410 -43.45 -29.50 0.91
CA LEU D 410 -43.93 -29.76 2.26
C LEU D 410 -44.65 -31.09 2.35
N HIS D 411 -45.43 -31.45 1.33
CA HIS D 411 -46.05 -32.76 1.31
C HIS D 411 -45.03 -33.89 1.27
N ILE D 412 -43.94 -33.73 0.52
CA ILE D 412 -42.92 -34.76 0.47
C ILE D 412 -42.21 -34.93 1.81
N HIS D 413 -41.80 -33.82 2.46
CA HIS D 413 -40.96 -33.96 3.66
C HIS D 413 -41.74 -34.46 4.87
N THR D 414 -43.05 -34.29 4.93
CA THR D 414 -43.85 -34.72 6.07
C THR D 414 -44.66 -35.98 5.73
N ALA D 415 -44.05 -36.89 4.98
CA ALA D 415 -44.71 -38.13 4.58
C ALA D 415 -44.64 -39.20 5.67
N ARG D 416 -43.44 -39.45 6.20
CA ARG D 416 -43.27 -40.54 7.16
C ARG D 416 -44.12 -40.31 8.42
N MET D 417 -44.10 -39.09 8.96
CA MET D 417 -44.83 -38.84 10.20
C MET D 417 -46.32 -39.15 10.05
N ARG D 418 -46.86 -38.99 8.84
CA ARG D 418 -48.24 -39.36 8.61
C ARG D 418 -48.41 -40.87 8.48
N GLY D 419 -47.37 -41.59 8.07
CA GLY D 419 -47.49 -43.03 7.93
C GLY D 419 -47.66 -43.74 9.26
N HIS D 420 -46.95 -43.29 10.29
CA HIS D 420 -46.96 -43.93 11.59
C HIS D 420 -47.87 -43.23 12.59
N GLN D 421 -48.73 -42.32 12.13
CA GLN D 421 -49.69 -41.63 12.99
C GLN D 421 -48.98 -40.88 14.12
N LEU D 422 -48.17 -39.91 13.72
CA LEU D 422 -47.46 -39.04 14.66
C LEU D 422 -47.83 -37.57 14.51
N LEU D 423 -48.52 -37.18 13.44
CA LEU D 423 -48.91 -35.81 13.19
C LEU D 423 -50.38 -35.62 13.56
N SER D 424 -50.64 -34.70 14.48
CA SER D 424 -52.00 -34.45 14.93
C SER D 424 -52.85 -33.95 13.76
N ALA D 425 -54.17 -33.92 13.99
CA ALA D 425 -55.11 -33.52 12.97
C ALA D 425 -55.25 -32.00 12.86
N ASP D 426 -54.61 -31.24 13.75
CA ASP D 426 -54.75 -29.79 13.74
C ASP D 426 -53.80 -29.10 12.76
N VAL D 427 -52.90 -29.84 12.12
CA VAL D 427 -51.94 -29.26 11.19
C VAL D 427 -52.50 -29.35 9.77
N ASP D 428 -52.66 -28.21 9.12
CA ASP D 428 -53.12 -28.15 7.74
C ASP D 428 -52.01 -27.55 6.88
N ILE D 429 -51.66 -28.25 5.80
CA ILE D 429 -50.50 -27.85 5.01
C ILE D 429 -50.78 -26.57 4.22
N LYS D 430 -52.03 -26.33 3.82
CA LYS D 430 -52.32 -25.20 2.95
C LYS D 430 -51.92 -23.88 3.60
N GLU D 431 -52.32 -23.66 4.85
CA GLU D 431 -52.04 -22.39 5.51
C GLU D 431 -50.54 -22.18 5.66
N LEU D 432 -49.82 -23.21 6.10
CA LEU D 432 -48.37 -23.08 6.26
C LEU D 432 -47.70 -22.82 4.92
N ALA D 433 -48.20 -23.43 3.85
CA ALA D 433 -47.64 -23.19 2.53
C ALA D 433 -47.86 -21.75 2.09
N VAL D 434 -49.06 -21.21 2.31
CA VAL D 434 -49.34 -19.85 1.85
C VAL D 434 -48.54 -18.83 2.67
N GLU D 435 -48.38 -19.08 3.98
CA GLU D 435 -47.72 -18.12 4.85
C GLU D 435 -46.20 -18.24 4.86
N THR D 436 -45.61 -18.85 3.83
CA THR D 436 -44.16 -18.93 3.68
C THR D 436 -43.81 -18.44 2.27
N LYS D 437 -43.27 -17.22 2.19
CA LYS D 437 -43.03 -16.55 0.92
C LYS D 437 -41.54 -16.38 0.68
N ASN D 438 -41.12 -16.67 -0.55
CA ASN D 438 -39.71 -16.58 -0.95
C ASN D 438 -38.83 -17.46 -0.04
N PHE D 439 -39.34 -18.64 0.30
CA PHE D 439 -38.57 -19.64 1.03
C PHE D 439 -37.86 -20.55 0.04
N SER D 440 -36.53 -20.61 0.13
CA SER D 440 -35.78 -21.51 -0.71
C SER D 440 -36.05 -22.97 -0.29
N GLY D 441 -35.47 -23.89 -1.03
CA GLY D 441 -35.79 -25.30 -0.81
C GLY D 441 -35.44 -25.79 0.58
N ALA D 442 -34.23 -25.46 1.04
CA ALA D 442 -33.73 -26.03 2.29
C ALA D 442 -34.48 -25.51 3.50
N GLU D 443 -34.86 -24.23 3.48
CA GLU D 443 -35.47 -23.64 4.67
C GLU D 443 -36.72 -24.39 5.11
N LEU D 444 -37.42 -25.04 4.18
CA LEU D 444 -38.60 -25.81 4.56
C LEU D 444 -38.21 -27.04 5.39
N GLU D 445 -37.16 -27.75 4.96
CA GLU D 445 -36.66 -28.86 5.77
C GLU D 445 -36.20 -28.35 7.13
N GLY D 446 -35.56 -27.19 7.17
CA GLY D 446 -35.18 -26.61 8.45
C GLY D 446 -36.38 -26.35 9.34
N LEU D 447 -37.45 -25.80 8.77
CA LEU D 447 -38.66 -25.54 9.54
C LEU D 447 -39.23 -26.83 10.11
N VAL D 448 -39.31 -27.87 9.27
CA VAL D 448 -39.88 -29.13 9.74
C VAL D 448 -39.04 -29.70 10.88
N ARG D 449 -37.71 -29.69 10.72
CA ARG D 449 -36.85 -30.21 11.78
C ARG D 449 -37.03 -29.41 13.07
N ALA D 450 -37.09 -28.07 12.96
CA ALA D 450 -37.23 -27.26 14.16
C ALA D 450 -38.56 -27.54 14.86
N ALA D 451 -39.64 -27.66 14.09
CA ALA D 451 -40.94 -27.95 14.70
C ALA D 451 -40.92 -29.30 15.41
N GLN D 452 -40.36 -30.32 14.75
CA GLN D 452 -40.29 -31.63 15.38
C GLN D 452 -39.46 -31.58 16.65
N SER D 453 -38.33 -30.89 16.62
CA SER D 453 -37.49 -30.78 17.81
C SER D 453 -38.23 -30.10 18.95
N THR D 454 -38.92 -29.00 18.66
CA THR D 454 -39.64 -28.28 19.71
C THR D 454 -40.73 -29.16 20.30
N ALA D 455 -41.49 -29.87 19.46
CA ALA D 455 -42.54 -30.74 19.97
C ALA D 455 -41.95 -31.94 20.70
N MET D 456 -40.71 -32.29 20.40
CA MET D 456 -40.07 -33.48 20.97
C MET D 456 -39.22 -33.16 22.19
N ASN D 457 -39.18 -31.90 22.63
CA ASN D 457 -38.49 -31.54 23.86
C ASN D 457 -39.40 -31.58 25.09
N ARG D 458 -40.70 -31.42 24.91
CA ARG D 458 -41.62 -31.45 26.04
C ARG D 458 -41.68 -32.82 26.70
N HIS D 459 -41.15 -33.86 26.07
CA HIS D 459 -41.21 -35.21 26.59
C HIS D 459 -39.87 -35.70 27.16
N ILE D 460 -38.95 -34.79 27.46
CA ILE D 460 -37.71 -35.13 28.14
C ILE D 460 -37.79 -34.61 29.57
N LYS D 461 -37.61 -35.51 30.53
CA LYS D 461 -37.67 -35.18 31.95
C LYS D 461 -36.60 -35.95 32.70
N ALA D 462 -35.40 -36.03 32.13
CA ALA D 462 -34.29 -36.78 32.72
C ALA D 462 -33.21 -35.77 33.11
N SER D 463 -33.10 -35.49 34.40
CA SER D 463 -32.13 -34.53 34.93
C SER D 463 -30.96 -35.22 35.61
N THR D 464 -30.82 -36.54 35.47
CA THR D 464 -29.72 -37.31 36.08
C THR D 464 -29.01 -38.06 34.96
N LYS D 465 -28.03 -37.39 34.34
CA LYS D 465 -27.26 -37.89 33.20
C LYS D 465 -28.09 -37.99 31.93
N VAL D 466 -29.37 -37.61 31.97
CA VAL D 466 -30.26 -37.55 30.81
C VAL D 466 -30.16 -38.82 29.96
N GLU D 467 -31.15 -39.71 30.11
CA GLU D 467 -31.26 -40.88 29.24
C GLU D 467 -32.53 -40.85 28.41
N VAL D 468 -33.71 -40.89 29.05
CA VAL D 468 -34.98 -40.82 28.34
C VAL D 468 -36.08 -40.66 29.37
N ASP D 469 -37.21 -40.10 28.95
CA ASP D 469 -38.39 -40.00 29.82
C ASP D 469 -39.56 -40.87 29.37
N MET D 470 -40.02 -41.73 30.27
CA MET D 470 -41.20 -42.53 30.03
C MET D 470 -42.45 -41.76 30.48
N GLU D 471 -43.60 -42.43 30.36
CA GLU D 471 -44.90 -41.86 30.74
C GLU D 471 -45.38 -40.84 29.72
N LYS D 472 -44.50 -40.44 28.79
CA LYS D 472 -44.90 -39.62 27.66
C LYS D 472 -44.16 -40.02 26.38
N ALA D 473 -43.37 -41.10 26.40
CA ALA D 473 -42.72 -41.55 25.18
C ALA D 473 -43.75 -41.84 24.09
N GLU D 474 -44.95 -42.25 24.49
CA GLU D 474 -46.10 -42.25 23.61
C GLU D 474 -46.87 -40.93 23.80
N SER D 475 -47.81 -40.69 22.90
CA SER D 475 -48.56 -39.44 22.82
C SER D 475 -47.71 -38.36 22.17
N LEU D 476 -46.56 -38.71 21.60
CA LEU D 476 -45.74 -37.73 20.91
C LEU D 476 -46.47 -37.23 19.67
N GLN D 477 -46.51 -35.91 19.51
CA GLN D 477 -47.20 -35.29 18.38
C GLN D 477 -46.38 -34.08 17.93
N VAL D 478 -46.87 -33.41 16.89
CA VAL D 478 -46.34 -32.13 16.44
C VAL D 478 -47.55 -31.26 16.13
N THR D 479 -47.91 -30.38 17.06
CA THR D 479 -49.11 -29.59 16.94
C THR D 479 -48.81 -28.23 16.32
N ARG D 480 -49.86 -27.56 15.84
CA ARG D 480 -49.69 -26.30 15.13
C ARG D 480 -48.92 -25.27 15.95
N GLY D 481 -49.05 -25.32 17.27
CA GLY D 481 -48.38 -24.32 18.09
C GLY D 481 -46.88 -24.31 17.88
N ASP D 482 -46.26 -25.50 17.82
CA ASP D 482 -44.82 -25.56 17.61
C ASP D 482 -44.44 -25.08 16.23
N PHE D 483 -45.24 -25.42 15.21
CA PHE D 483 -44.99 -24.88 13.88
C PHE D 483 -44.96 -23.36 13.90
N LEU D 484 -45.96 -22.75 14.52
CA LEU D 484 -46.03 -21.29 14.57
C LEU D 484 -44.85 -20.70 15.35
N ALA D 485 -44.52 -21.31 16.50
CA ALA D 485 -43.40 -20.79 17.28
C ALA D 485 -42.10 -20.86 16.50
N SER D 486 -41.84 -21.99 15.84
CA SER D 486 -40.63 -22.14 15.04
C SER D 486 -40.61 -21.12 13.91
N LEU D 487 -41.74 -20.91 13.29
CA LEU D 487 -41.77 -19.95 12.19
C LEU D 487 -41.53 -18.52 12.66
N GLU D 488 -41.77 -18.25 13.94
CA GLU D 488 -41.67 -16.88 14.44
C GLU D 488 -40.27 -16.55 14.95
N ASN D 489 -39.58 -17.51 15.55
CA ASN D 489 -38.35 -17.23 16.27
C ASN D 489 -37.13 -17.99 15.80
N ASP D 490 -37.29 -19.04 14.98
CA ASP D 490 -36.19 -19.96 14.73
C ASP D 490 -35.75 -20.05 13.27
N ILE D 491 -36.50 -19.49 12.34
CA ILE D 491 -36.15 -19.54 10.92
C ILE D 491 -36.06 -18.12 10.38
N LYS D 492 -35.00 -17.81 9.68
CA LYS D 492 -34.76 -16.49 9.10
C LYS D 492 -34.46 -16.63 7.61
N PRO D 493 -35.43 -16.35 6.74
CA PRO D 493 -35.15 -16.50 5.29
C PRO D 493 -34.15 -15.48 4.79
N ALA D 494 -33.50 -15.82 3.68
CA ALA D 494 -32.47 -14.97 3.09
C ALA D 494 -33.03 -14.01 2.05
N PHE D 495 -33.98 -14.47 1.21
CA PHE D 495 -34.63 -13.61 0.23
C PHE D 495 -36.00 -13.13 0.70
N GLY D 496 -36.16 -12.84 1.99
CA GLY D 496 -37.44 -12.47 2.56
C GLY D 496 -37.35 -11.21 3.39
N THR D 497 -38.51 -10.80 3.90
CA THR D 497 -38.58 -9.61 4.73
C THR D 497 -37.76 -9.79 6.00
N ASN D 498 -37.15 -8.70 6.46
CA ASN D 498 -36.38 -8.69 7.71
C ASN D 498 -37.04 -7.66 8.63
N GLN D 499 -37.88 -8.13 9.53
CA GLN D 499 -38.64 -7.23 10.39
C GLN D 499 -37.72 -6.52 11.40
N GLU D 500 -36.81 -7.25 11.99
CA GLU D 500 -36.01 -6.69 13.07
C GLU D 500 -35.32 -5.40 12.65
N ASP D 501 -34.83 -5.34 11.42
CA ASP D 501 -34.08 -4.17 10.96
C ASP D 501 -34.87 -2.88 11.23
N TYR D 502 -36.16 -2.88 10.89
CA TYR D 502 -36.94 -1.65 10.99
C TYR D 502 -36.98 -1.12 12.41
N ALA D 503 -36.73 -1.94 13.40
CA ALA D 503 -36.75 -1.47 14.77
C ALA D 503 -35.67 -0.43 15.06
N SER D 504 -34.69 -0.28 14.17
CA SER D 504 -33.59 0.66 14.39
C SER D 504 -33.71 1.94 13.57
N TYR D 505 -34.76 2.08 12.76
CA TYR D 505 -34.98 3.29 11.97
C TYR D 505 -36.25 4.02 12.36
N ILE D 506 -37.39 3.34 12.39
CA ILE D 506 -38.66 3.97 12.80
C ILE D 506 -38.73 3.79 14.32
N MET D 507 -38.08 4.72 15.02
CA MET D 507 -37.88 4.56 16.46
C MET D 507 -39.09 5.02 17.26
N ASN D 508 -39.49 6.28 17.09
CA ASN D 508 -40.56 6.89 17.89
C ASN D 508 -41.87 7.00 17.12
N GLY D 509 -42.08 6.14 16.13
CA GLY D 509 -43.35 6.14 15.43
C GLY D 509 -43.52 7.34 14.49
N ILE D 510 -44.77 7.59 14.13
CA ILE D 510 -45.13 8.69 13.25
C ILE D 510 -46.32 9.42 13.86
N ILE D 511 -46.21 10.75 13.95
CA ILE D 511 -47.26 11.59 14.52
C ILE D 511 -47.68 12.61 13.47
N LYS D 512 -48.99 12.69 13.23
CA LYS D 512 -49.56 13.64 12.27
C LYS D 512 -49.55 15.02 12.89
N TRP D 513 -48.61 15.87 12.44
CA TRP D 513 -48.52 17.24 12.93
C TRP D 513 -48.95 18.28 11.90
N GLY D 514 -49.16 17.87 10.65
CA GLY D 514 -49.56 18.82 9.63
C GLY D 514 -49.98 18.14 8.35
N ASP D 515 -50.46 18.95 7.42
CA ASP D 515 -50.88 18.44 6.11
C ASP D 515 -49.76 17.70 5.38
N PRO D 516 -48.51 18.16 5.40
CA PRO D 516 -47.48 17.51 4.58
C PRO D 516 -47.34 16.01 4.85
N VAL D 517 -47.53 15.56 6.09
CA VAL D 517 -47.41 14.14 6.39
C VAL D 517 -48.45 13.36 5.59
N THR D 518 -49.70 13.81 5.62
CA THR D 518 -50.75 13.13 4.87
C THR D 518 -50.45 13.17 3.37
N ARG D 519 -50.00 14.33 2.87
CA ARG D 519 -49.70 14.43 1.44
C ARG D 519 -48.64 13.42 1.04
N VAL D 520 -47.54 13.37 1.80
CA VAL D 520 -46.43 12.48 1.46
C VAL D 520 -46.87 11.02 1.52
N LEU D 521 -47.63 10.66 2.56
CA LEU D 521 -48.05 9.27 2.68
C LEU D 521 -48.99 8.89 1.53
N ASP D 522 -49.90 9.77 1.15
CA ASP D 522 -50.79 9.47 0.03
C ASP D 522 -50.02 9.28 -1.27
N ASP D 523 -49.05 10.17 -1.53
CA ASP D 523 -48.27 10.01 -2.76
C ASP D 523 -47.47 8.72 -2.74
N GLY D 524 -46.89 8.37 -1.59
CA GLY D 524 -46.19 7.11 -1.49
C GLY D 524 -47.09 5.93 -1.77
N GLU D 525 -48.32 5.96 -1.24
CA GLU D 525 -49.25 4.87 -1.47
C GLU D 525 -49.61 4.76 -2.95
N LEU D 526 -49.84 5.89 -3.62
CA LEU D 526 -50.13 5.81 -5.06
C LEU D 526 -48.94 5.23 -5.83
N LEU D 527 -47.72 5.66 -5.50
CA LEU D 527 -46.56 5.08 -6.16
C LEU D 527 -46.49 3.57 -5.93
N VAL D 528 -46.77 3.12 -4.70
CA VAL D 528 -46.76 1.69 -4.44
C VAL D 528 -47.79 0.97 -5.30
N GLN D 529 -49.00 1.53 -5.41
CA GLN D 529 -50.04 0.93 -6.23
C GLN D 529 -49.91 1.24 -7.71
N GLN D 530 -48.79 1.82 -8.16
CA GLN D 530 -48.49 1.86 -9.59
C GLN D 530 -47.52 0.79 -10.03
N THR D 531 -46.62 0.34 -9.16
CA THR D 531 -45.66 -0.70 -9.50
C THR D 531 -46.18 -2.10 -9.19
N LYS D 532 -47.50 -2.26 -9.07
CA LYS D 532 -48.10 -3.56 -8.81
C LYS D 532 -49.28 -3.89 -9.72
N ASN D 533 -49.91 -2.90 -10.35
CA ASN D 533 -51.03 -3.10 -11.27
C ASN D 533 -50.75 -2.41 -12.60
N SER D 534 -49.54 -2.60 -13.11
CA SER D 534 -49.13 -1.98 -14.37
C SER D 534 -48.42 -3.00 -15.23
N ASP D 535 -48.49 -2.80 -16.55
CA ASP D 535 -47.87 -3.70 -17.51
C ASP D 535 -46.85 -3.02 -18.42
N ARG D 536 -46.79 -1.69 -18.44
CA ARG D 536 -45.88 -0.96 -19.30
C ARG D 536 -44.85 -0.15 -18.52
N THR D 537 -44.80 -0.29 -17.20
CA THR D 537 -43.84 0.44 -16.36
C THR D 537 -43.33 -0.49 -15.27
N PRO D 538 -42.49 -1.46 -15.63
CA PRO D 538 -41.98 -2.39 -14.61
C PRO D 538 -41.10 -1.73 -13.57
N LEU D 539 -40.52 -0.57 -13.85
CA LEU D 539 -39.60 0.11 -12.94
C LEU D 539 -40.13 1.48 -12.59
N VAL D 540 -40.02 1.84 -11.31
CA VAL D 540 -40.40 3.16 -10.82
C VAL D 540 -39.39 3.59 -9.76
N SER D 541 -38.97 4.85 -9.82
CA SER D 541 -38.01 5.39 -8.88
C SER D 541 -38.48 6.75 -8.38
N VAL D 542 -38.25 7.03 -7.10
CA VAL D 542 -38.69 8.26 -6.48
C VAL D 542 -37.59 8.76 -5.54
N LEU D 543 -37.54 10.08 -5.35
CA LEU D 543 -36.52 10.72 -4.55
C LEU D 543 -37.17 11.62 -3.50
N LEU D 544 -36.77 11.45 -2.24
CA LEU D 544 -37.19 12.33 -1.16
C LEU D 544 -36.05 13.28 -0.82
N GLU D 545 -36.39 14.52 -0.52
CA GLU D 545 -35.39 15.52 -0.18
C GLU D 545 -36.00 16.58 0.73
N GLY D 546 -35.13 17.29 1.44
CA GLY D 546 -35.55 18.33 2.34
C GLY D 546 -34.42 18.82 3.22
N PRO D 547 -34.68 19.86 4.00
CA PRO D 547 -33.64 20.41 4.87
C PRO D 547 -33.24 19.41 5.95
N PRO D 548 -32.03 19.51 6.48
CA PRO D 548 -31.57 18.53 7.46
C PRO D 548 -32.42 18.54 8.73
N HIS D 549 -32.53 17.37 9.36
CA HIS D 549 -33.32 17.16 10.56
C HIS D 549 -34.82 17.33 10.34
N SER D 550 -35.30 17.02 9.14
CA SER D 550 -36.74 17.06 8.86
C SER D 550 -37.39 15.68 8.81
N GLY D 551 -36.64 14.62 9.09
CA GLY D 551 -37.18 13.28 9.07
C GLY D 551 -37.44 12.74 7.68
N LYS D 552 -36.37 12.56 6.90
CA LYS D 552 -36.46 12.05 5.54
C LYS D 552 -36.15 10.55 5.45
N THR D 553 -35.92 9.89 6.57
CA THR D 553 -35.61 8.46 6.60
C THR D 553 -36.70 7.65 7.28
N ALA D 554 -37.20 8.12 8.42
CA ALA D 554 -38.28 7.42 9.11
C ALA D 554 -39.61 7.56 8.41
N LEU D 555 -39.65 8.24 7.26
CA LEU D 555 -40.79 8.18 6.37
C LEU D 555 -40.60 7.20 5.24
N ALA D 556 -39.37 7.08 4.71
CA ALA D 556 -39.08 6.02 3.76
C ALA D 556 -39.29 4.65 4.40
N ALA D 557 -38.81 4.47 5.63
CA ALA D 557 -38.99 3.19 6.32
C ALA D 557 -40.47 2.88 6.51
N LYS D 558 -41.28 3.89 6.85
CA LYS D 558 -42.70 3.66 7.04
C LYS D 558 -43.41 3.39 5.72
N ILE D 559 -43.01 4.05 4.64
CA ILE D 559 -43.64 3.80 3.35
C ILE D 559 -43.35 2.39 2.88
N ALA D 560 -42.10 1.95 3.01
CA ALA D 560 -41.75 0.61 2.55
C ALA D 560 -42.46 -0.46 3.36
N GLU D 561 -42.61 -0.26 4.67
CA GLU D 561 -43.13 -1.30 5.54
C GLU D 561 -44.60 -1.62 5.27
N GLU D 562 -45.32 -0.73 4.59
CA GLU D 562 -46.74 -0.94 4.32
C GLU D 562 -46.99 -1.45 2.91
N SER D 563 -45.95 -1.83 2.17
CA SER D 563 -46.13 -2.41 0.86
C SER D 563 -46.51 -3.89 0.92
N ASN D 564 -46.10 -4.59 1.97
CA ASN D 564 -46.27 -6.04 2.07
C ASN D 564 -45.52 -6.79 0.98
N PHE D 565 -44.47 -6.18 0.44
CA PHE D 565 -43.71 -6.81 -0.63
C PHE D 565 -42.85 -7.96 -0.06
N PRO D 566 -42.68 -9.05 -0.81
CA PRO D 566 -41.88 -10.17 -0.27
C PRO D 566 -40.46 -9.79 0.09
N PHE D 567 -39.81 -8.91 -0.68
CA PHE D 567 -38.39 -8.64 -0.57
C PHE D 567 -38.19 -7.16 -0.28
N ILE D 568 -37.74 -6.84 0.93
CA ILE D 568 -37.55 -5.45 1.34
C ILE D 568 -36.20 -5.29 2.04
N LYS D 569 -35.21 -4.83 1.30
CA LYS D 569 -33.87 -4.60 1.84
C LYS D 569 -33.69 -3.12 2.17
N ILE D 570 -32.59 -2.82 2.85
CA ILE D 570 -32.22 -1.45 3.17
C ILE D 570 -30.70 -1.36 3.09
N CYS D 571 -30.19 -0.59 2.14
CA CYS D 571 -28.77 -0.36 1.98
C CYS D 571 -28.41 0.97 2.63
N SER D 572 -27.53 0.94 3.62
CA SER D 572 -27.13 2.12 4.36
C SER D 572 -25.62 2.22 4.43
N PRO D 573 -25.07 3.43 4.57
CA PRO D 573 -23.61 3.60 4.56
C PRO D 573 -22.92 3.24 5.85
N ASP D 574 -23.66 2.91 6.93
CA ASP D 574 -23.04 2.63 8.21
C ASP D 574 -22.59 1.18 8.35
N LYS D 575 -22.97 0.30 7.43
CA LYS D 575 -22.50 -1.08 7.42
C LYS D 575 -21.27 -1.26 6.55
N MET D 576 -20.74 -0.18 5.97
N MET D 576 -20.74 -0.18 5.97
CA MET D 576 -19.59 -0.23 5.09
CA MET D 576 -19.58 -0.22 5.07
C MET D 576 -18.55 0.80 5.52
C MET D 576 -18.54 0.79 5.52
N ILE D 577 -18.28 0.86 6.83
CA ILE D 577 -17.35 1.85 7.35
C ILE D 577 -15.92 1.42 7.06
N GLY D 578 -15.14 2.31 6.45
CA GLY D 578 -13.75 2.05 6.15
C GLY D 578 -13.49 1.31 4.84
N PHE D 579 -14.53 1.00 4.08
CA PHE D 579 -14.36 0.26 2.83
C PHE D 579 -13.60 1.11 1.81
N SER D 580 -13.22 0.46 0.72
CA SER D 580 -12.61 1.11 -0.43
C SER D 580 -13.65 1.24 -1.55
N GLU D 581 -13.22 1.84 -2.66
CA GLU D 581 -14.15 2.09 -3.76
C GLU D 581 -14.67 0.78 -4.35
N THR D 582 -13.76 -0.13 -4.68
CA THR D 582 -14.17 -1.37 -5.33
C THR D 582 -15.08 -2.19 -4.42
N ALA D 583 -14.77 -2.23 -3.12
CA ALA D 583 -15.62 -2.96 -2.19
C ALA D 583 -17.03 -2.40 -2.16
N LYS D 584 -17.14 -1.07 -2.13
CA LYS D 584 -18.47 -0.45 -2.13
C LYS D 584 -19.22 -0.76 -3.41
N CYS D 585 -18.53 -0.69 -4.55
CA CYS D 585 -19.19 -1.01 -5.81
C CYS D 585 -19.67 -2.45 -5.84
N GLN D 586 -18.86 -3.38 -5.32
CA GLN D 586 -19.27 -4.77 -5.27
C GLN D 586 -20.47 -4.97 -4.36
N ALA D 587 -20.46 -4.33 -3.20
CA ALA D 587 -21.59 -4.47 -2.28
C ALA D 587 -22.87 -3.95 -2.93
N MET D 588 -22.80 -2.77 -3.56
CA MET D 588 -23.98 -2.23 -4.22
C MET D 588 -24.46 -3.16 -5.32
N LYS D 589 -23.56 -3.56 -6.22
CA LYS D 589 -23.98 -4.42 -7.33
C LYS D 589 -24.56 -5.73 -6.81
N LYS D 590 -24.11 -6.21 -5.66
CA LYS D 590 -24.63 -7.48 -5.14
C LYS D 590 -26.02 -7.30 -4.54
N ILE D 591 -26.25 -6.20 -3.82
CA ILE D 591 -27.58 -5.98 -3.25
C ILE D 591 -28.60 -5.82 -4.37
N PHE D 592 -28.29 -5.04 -5.40
CA PHE D 592 -29.19 -4.90 -6.54
C PHE D 592 -29.33 -6.18 -7.34
N ASP D 593 -28.44 -7.14 -7.15
CA ASP D 593 -28.49 -8.40 -7.88
C ASP D 593 -29.28 -9.48 -7.16
N ASP D 594 -29.75 -9.21 -5.95
CA ASP D 594 -30.65 -10.10 -5.25
C ASP D 594 -32.10 -9.60 -5.31
N ALA D 595 -32.36 -8.55 -6.07
CA ALA D 595 -33.71 -8.06 -6.29
C ALA D 595 -34.27 -8.47 -7.64
N TYR D 596 -33.46 -9.03 -8.51
CA TYR D 596 -33.92 -9.59 -9.78
C TYR D 596 -34.41 -11.02 -9.65
N LYS D 597 -34.26 -11.64 -8.48
N LYS D 597 -34.25 -11.63 -8.48
CA LYS D 597 -34.61 -13.04 -8.29
CA LYS D 597 -34.59 -13.03 -8.25
C LYS D 597 -35.93 -13.22 -7.56
C LYS D 597 -35.95 -13.22 -7.59
N SER D 598 -36.70 -12.14 -7.37
CA SER D 598 -37.99 -12.21 -6.71
C SER D 598 -39.04 -11.52 -7.57
N GLN D 599 -40.27 -12.03 -7.48
CA GLN D 599 -41.33 -11.53 -8.35
C GLN D 599 -41.62 -10.05 -8.08
N LEU D 600 -41.33 -9.57 -6.88
CA LEU D 600 -41.47 -8.16 -6.55
C LEU D 600 -40.36 -7.77 -5.58
N SER D 601 -40.17 -6.47 -5.41
CA SER D 601 -39.09 -5.99 -4.56
C SER D 601 -39.30 -4.52 -4.22
N CYS D 602 -38.56 -4.06 -3.21
CA CYS D 602 -38.51 -2.65 -2.86
C CYS D 602 -37.18 -2.40 -2.15
N VAL D 603 -36.22 -1.82 -2.87
CA VAL D 603 -34.88 -1.56 -2.36
C VAL D 603 -34.77 -0.09 -2.00
N VAL D 604 -34.15 0.20 -0.86
CA VAL D 604 -34.07 1.54 -0.31
C VAL D 604 -32.61 1.94 -0.14
N VAL D 605 -32.29 3.18 -0.52
CA VAL D 605 -30.98 3.77 -0.33
C VAL D 605 -31.17 5.08 0.42
N ASP D 606 -30.33 5.32 1.44
CA ASP D 606 -30.47 6.51 2.26
C ASP D 606 -29.14 7.25 2.36
N ASP D 607 -29.23 8.58 2.43
CA ASP D 607 -28.07 9.46 2.55
C ASP D 607 -27.09 9.21 1.39
N ILE D 608 -27.57 9.54 0.20
CA ILE D 608 -26.76 9.35 -1.00
C ILE D 608 -25.45 10.14 -0.89
N GLU D 609 -25.50 11.35 -0.34
CA GLU D 609 -24.31 12.19 -0.34
C GLU D 609 -23.19 11.62 0.52
N ARG D 610 -23.49 10.67 1.41
CA ARG D 610 -22.47 10.04 2.24
C ARG D 610 -21.91 8.77 1.63
N LEU D 611 -22.45 8.32 0.49
CA LEU D 611 -21.85 7.21 -0.24
C LEU D 611 -20.80 7.70 -1.23
N LEU D 612 -21.09 8.80 -1.91
CA LEU D 612 -20.15 9.38 -2.87
C LEU D 612 -18.94 10.01 -2.19
N ASP D 613 -18.96 10.16 -0.87
CA ASP D 613 -17.89 10.82 -0.13
C ASP D 613 -17.71 12.26 -0.61
N TYR D 614 -18.76 13.07 -0.39
CA TYR D 614 -18.79 14.45 -0.86
C TYR D 614 -18.38 15.39 0.28
N VAL D 615 -17.55 16.36 -0.04
CA VAL D 615 -17.08 17.36 0.92
C VAL D 615 -16.94 18.69 0.19
N PRO D 616 -17.60 19.77 0.64
CA PRO D 616 -17.64 20.99 -0.19
C PRO D 616 -16.28 21.53 -0.58
N ILE D 617 -15.28 21.50 0.31
CA ILE D 617 -13.94 21.91 -0.09
C ILE D 617 -13.48 21.01 -1.23
N GLY D 618 -12.77 21.60 -2.19
CA GLY D 618 -12.44 20.89 -3.40
C GLY D 618 -13.28 21.34 -4.59
N PRO D 619 -14.34 20.59 -4.91
CA PRO D 619 -14.91 19.44 -4.20
C PRO D 619 -14.19 18.12 -4.46
N ARG D 620 -14.50 17.09 -3.67
CA ARG D 620 -13.99 15.74 -3.86
C ARG D 620 -15.14 14.75 -3.78
N PHE D 621 -15.01 13.67 -4.53
CA PHE D 621 -15.99 12.57 -4.49
C PHE D 621 -15.41 11.41 -5.28
N SER D 622 -16.20 10.34 -5.40
CA SER D 622 -15.80 9.13 -6.10
C SER D 622 -16.60 9.02 -7.39
N ASN D 623 -15.91 9.17 -8.52
CA ASN D 623 -16.58 9.10 -9.82
C ASN D 623 -17.12 7.70 -10.10
N LEU D 624 -16.38 6.66 -9.71
CA LEU D 624 -16.77 5.30 -10.03
C LEU D 624 -18.14 4.96 -9.43
N VAL D 625 -18.34 5.34 -8.16
CA VAL D 625 -19.60 5.03 -7.50
C VAL D 625 -20.75 5.77 -8.18
N LEU D 626 -20.50 7.01 -8.59
CA LEU D 626 -21.54 7.78 -9.27
C LEU D 626 -21.95 7.11 -10.58
N GLN D 627 -20.96 6.68 -11.38
CA GLN D 627 -21.28 6.02 -12.64
C GLN D 627 -22.03 4.72 -12.40
N ALA D 628 -21.58 3.93 -11.43
CA ALA D 628 -22.28 2.69 -11.12
C ALA D 628 -23.72 2.95 -10.70
N LEU D 629 -23.92 3.97 -9.86
CA LEU D 629 -25.27 4.27 -9.38
C LEU D 629 -26.18 4.69 -10.53
N LEU D 630 -25.68 5.54 -11.43
CA LEU D 630 -26.52 5.96 -12.56
C LEU D 630 -26.89 4.76 -13.43
N VAL D 631 -25.88 3.98 -13.84
CA VAL D 631 -26.17 2.86 -14.74
C VAL D 631 -27.16 1.90 -14.09
N LEU D 632 -26.99 1.64 -12.79
CA LEU D 632 -27.94 0.78 -12.09
C LEU D 632 -29.33 1.38 -12.05
N LEU D 633 -29.42 2.68 -11.78
CA LEU D 633 -30.73 3.32 -11.68
C LEU D 633 -31.49 3.27 -13.01
N LYS D 634 -30.78 3.23 -14.14
CA LYS D 634 -31.44 3.16 -15.43
C LYS D 634 -31.47 1.75 -16.01
N LYS D 635 -31.46 0.72 -15.17
CA LYS D 635 -31.59 -0.66 -15.65
C LYS D 635 -32.99 -1.18 -15.41
N ALA D 636 -33.43 -2.08 -16.30
CA ALA D 636 -34.72 -2.73 -16.20
C ALA D 636 -34.55 -4.21 -15.88
N PRO D 637 -35.31 -4.75 -14.93
CA PRO D 637 -35.12 -6.15 -14.53
C PRO D 637 -35.58 -7.09 -15.64
N PRO D 638 -35.26 -8.38 -15.54
CA PRO D 638 -35.72 -9.33 -16.55
C PRO D 638 -37.23 -9.31 -16.68
N GLN D 639 -37.72 -9.96 -17.73
CA GLN D 639 -39.14 -9.90 -18.05
C GLN D 639 -39.98 -10.45 -16.89
N GLY D 640 -41.17 -9.87 -16.73
CA GLY D 640 -42.14 -10.40 -15.80
C GLY D 640 -41.92 -10.05 -14.35
N ARG D 641 -40.93 -9.21 -14.04
CA ARG D 641 -40.64 -8.82 -12.67
C ARG D 641 -40.72 -7.32 -12.53
N LYS D 642 -40.90 -6.86 -11.29
CA LYS D 642 -41.11 -5.45 -11.00
C LYS D 642 -40.20 -5.02 -9.86
N LEU D 643 -39.92 -3.73 -9.80
CA LEU D 643 -38.97 -3.19 -8.84
C LEU D 643 -39.42 -1.80 -8.42
N LEU D 644 -38.86 -1.30 -7.32
CA LEU D 644 -39.16 0.04 -6.83
C LEU D 644 -37.99 0.52 -5.98
N ILE D 645 -37.51 1.72 -6.26
CA ILE D 645 -36.34 2.28 -5.57
C ILE D 645 -36.75 3.59 -4.91
N ILE D 646 -36.41 3.74 -3.63
CA ILE D 646 -36.67 4.96 -2.88
C ILE D 646 -35.36 5.47 -2.33
N GLY D 647 -35.08 6.76 -2.56
CA GLY D 647 -33.85 7.36 -2.10
C GLY D 647 -34.12 8.61 -1.27
N THR D 648 -33.09 9.01 -0.53
CA THR D 648 -33.16 10.19 0.32
C THR D 648 -31.88 11.00 0.18
N THR D 649 -32.00 12.31 0.34
CA THR D 649 -30.86 13.20 0.24
C THR D 649 -31.18 14.50 0.97
N SER D 650 -30.14 15.32 1.19
CA SER D 650 -30.27 16.58 1.89
C SER D 650 -29.71 17.76 1.11
N ARG D 651 -29.15 17.54 -0.08
CA ARG D 651 -28.56 18.60 -0.91
C ARG D 651 -29.05 18.39 -2.34
N LYS D 652 -30.18 19.00 -2.68
CA LYS D 652 -30.76 18.80 -4.00
C LYS D 652 -29.90 19.45 -5.09
N ASP D 653 -29.40 20.66 -4.84
CA ASP D 653 -28.69 21.40 -5.88
C ASP D 653 -27.43 20.66 -6.33
N VAL D 654 -26.66 20.15 -5.37
CA VAL D 654 -25.42 19.44 -5.72
C VAL D 654 -25.74 18.28 -6.64
N LEU D 655 -26.76 17.49 -6.30
CA LEU D 655 -27.16 16.39 -7.16
C LEU D 655 -27.60 16.89 -8.53
N GLN D 656 -28.32 18.02 -8.57
CA GLN D 656 -28.72 18.57 -9.86
C GLN D 656 -27.52 18.94 -10.71
N GLU D 657 -26.39 19.28 -10.06
CA GLU D 657 -25.19 19.60 -10.82
C GLU D 657 -24.64 18.38 -11.55
N MET D 658 -24.63 17.22 -10.89
CA MET D 658 -24.08 16.00 -11.48
C MET D 658 -25.02 15.35 -12.48
N GLU D 659 -26.17 15.94 -12.77
CA GLU D 659 -27.17 15.43 -13.69
C GLU D 659 -27.82 14.14 -13.21
N MET D 660 -27.73 13.83 -11.91
CA MET D 660 -28.42 12.67 -11.37
C MET D 660 -29.92 12.87 -11.29
N LEU D 661 -30.40 14.12 -11.30
CA LEU D 661 -31.82 14.37 -11.14
C LEU D 661 -32.63 13.97 -12.36
N ASN D 662 -32.00 13.67 -13.49
CA ASN D 662 -32.72 13.22 -14.67
C ASN D 662 -32.98 11.72 -14.67
N ALA D 663 -32.36 10.96 -13.77
CA ALA D 663 -32.56 9.53 -13.67
C ALA D 663 -33.67 9.14 -12.70
N PHE D 664 -34.24 10.09 -11.97
CA PHE D 664 -35.29 9.84 -11.01
C PHE D 664 -36.63 10.30 -11.59
N SER D 665 -37.61 9.39 -11.58
CA SER D 665 -38.88 9.67 -12.25
C SER D 665 -39.62 10.81 -11.57
N THR D 666 -39.61 10.87 -10.24
CA THR D 666 -40.38 11.86 -9.52
C THR D 666 -39.64 12.23 -8.23
N THR D 667 -40.02 13.39 -7.67
CA THR D 667 -39.43 13.88 -6.44
C THR D 667 -40.53 14.44 -5.56
N ILE D 668 -40.27 14.45 -4.24
CA ILE D 668 -41.22 14.95 -3.25
C ILE D 668 -40.47 15.85 -2.29
N HIS D 669 -41.20 16.78 -1.67
CA HIS D 669 -40.62 17.76 -0.76
C HIS D 669 -41.16 17.53 0.65
N VAL D 670 -40.26 17.50 1.62
CA VAL D 670 -40.59 17.28 3.02
C VAL D 670 -40.34 18.61 3.76
N PRO D 671 -41.38 19.31 4.22
CA PRO D 671 -41.16 20.64 4.82
C PRO D 671 -40.83 20.59 6.30
N ASN D 672 -40.69 21.77 6.92
CA ASN D 672 -40.41 21.91 8.33
C ASN D 672 -41.54 22.67 9.02
N ILE D 673 -41.61 22.54 10.34
CA ILE D 673 -42.63 23.21 11.13
C ILE D 673 -42.40 24.72 11.02
N ALA D 674 -43.31 25.42 10.33
CA ALA D 674 -43.25 26.89 10.30
C ALA D 674 -44.66 27.46 10.53
N THR D 675 -45.06 27.50 11.80
CA THR D 675 -46.15 28.35 12.28
C THR D 675 -46.38 28.04 13.76
N GLY D 676 -47.04 28.95 14.49
CA GLY D 676 -47.26 28.71 15.90
C GLY D 676 -48.19 27.54 16.17
N GLU D 677 -49.29 27.46 15.43
CA GLU D 677 -50.30 26.43 15.68
C GLU D 677 -49.77 25.03 15.43
N GLN D 678 -48.97 24.84 14.39
CA GLN D 678 -48.41 23.53 14.08
C GLN D 678 -47.34 23.09 15.08
N LEU D 679 -46.87 24.01 15.93
CA LEU D 679 -46.04 23.63 17.07
C LEU D 679 -46.88 23.35 18.31
N LEU D 680 -47.92 24.18 18.54
CA LEU D 680 -48.82 23.92 19.66
C LEU D 680 -49.60 22.63 19.48
N GLU D 681 -49.71 22.13 18.25
CA GLU D 681 -50.34 20.82 18.01
C GLU D 681 -49.37 19.67 18.29
N ALA D 682 -48.12 19.81 17.83
CA ALA D 682 -47.13 18.76 18.08
C ALA D 682 -46.83 18.63 19.56
N LEU D 683 -46.74 19.75 20.28
CA LEU D 683 -46.49 19.68 21.71
C LEU D 683 -47.61 18.96 22.45
N GLU D 684 -48.84 19.02 21.93
CA GLU D 684 -49.94 18.29 22.54
C GLU D 684 -49.91 16.82 22.16
N LEU D 685 -49.70 16.52 20.88
CA LEU D 685 -49.68 15.12 20.46
C LEU D 685 -48.56 14.35 21.15
N LEU D 686 -47.38 14.96 21.27
CA LEU D 686 -46.31 14.32 22.03
C LEU D 686 -46.73 14.10 23.47
N GLY D 687 -47.36 15.09 24.08
CA GLY D 687 -47.95 14.92 25.40
C GLY D 687 -46.96 15.00 26.54
N ASN D 688 -46.23 16.11 26.64
CA ASN D 688 -45.27 16.32 27.72
C ASN D 688 -45.62 17.54 28.56
N PHE D 689 -45.81 18.70 27.95
CA PHE D 689 -46.16 19.91 28.69
C PHE D 689 -47.66 19.95 28.92
N LYS D 690 -48.07 20.63 30.00
CA LYS D 690 -49.44 20.59 30.44
C LYS D 690 -50.11 21.97 30.26
N ASP D 691 -51.40 22.01 30.60
CA ASP D 691 -52.26 23.13 30.20
C ASP D 691 -51.72 24.47 30.69
N LYS D 692 -51.33 24.56 31.95
CA LYS D 692 -50.87 25.84 32.48
C LYS D 692 -49.64 26.33 31.72
N GLU D 693 -48.68 25.42 31.50
CA GLU D 693 -47.48 25.80 30.75
C GLU D 693 -47.78 25.99 29.28
N ARG D 694 -48.70 25.17 28.73
CA ARG D 694 -49.07 25.30 27.33
C ARG D 694 -49.66 26.68 27.03
N THR D 695 -50.44 27.21 27.96
CA THR D 695 -51.06 28.52 27.75
C THR D 695 -49.99 29.60 27.57
N THR D 696 -48.97 29.59 28.42
CA THR D 696 -47.90 30.57 28.29
C THR D 696 -47.08 30.34 27.03
N ILE D 697 -46.81 29.08 26.70
CA ILE D 697 -46.05 28.79 25.48
C ILE D 697 -46.79 29.33 24.27
N ALA D 698 -48.12 29.13 24.22
CA ALA D 698 -48.91 29.69 23.14
C ALA D 698 -48.86 31.22 23.16
N GLN D 699 -49.08 31.80 24.33
CA GLN D 699 -49.08 33.26 24.44
C GLN D 699 -47.80 33.85 23.88
N GLN D 700 -46.67 33.16 24.04
CA GLN D 700 -45.42 33.68 23.51
C GLN D 700 -45.24 33.37 22.03
N VAL D 701 -45.43 32.11 21.63
CA VAL D 701 -45.06 31.68 20.29
C VAL D 701 -46.03 32.24 19.25
N LYS D 702 -47.33 32.29 19.57
CA LYS D 702 -48.34 32.57 18.56
C LYS D 702 -48.04 33.85 17.79
N GLY D 703 -47.49 34.86 18.46
CA GLY D 703 -47.23 36.13 17.81
C GLY D 703 -45.87 36.18 17.13
N LYS D 704 -45.55 35.17 16.33
CA LYS D 704 -44.26 35.10 15.65
C LYS D 704 -44.29 33.90 14.70
N LYS D 705 -43.25 33.78 13.90
CA LYS D 705 -43.00 32.62 13.04
C LYS D 705 -41.85 31.80 13.61
N VAL D 706 -41.79 30.54 13.19
CA VAL D 706 -40.80 29.60 13.71
C VAL D 706 -40.16 28.84 12.56
N TRP D 707 -39.04 28.20 12.84
CA TRP D 707 -38.31 27.41 11.84
C TRP D 707 -37.50 26.37 12.60
N ILE D 708 -37.96 25.12 12.58
CA ILE D 708 -37.31 24.05 13.33
C ILE D 708 -37.72 22.72 12.72
N GLY D 709 -36.74 21.84 12.55
CA GLY D 709 -37.04 20.49 12.13
C GLY D 709 -37.67 19.68 13.25
N ILE D 710 -38.28 18.56 12.86
CA ILE D 710 -39.03 17.76 13.83
C ILE D 710 -38.09 17.06 14.80
N LYS D 711 -36.95 16.56 14.31
CA LYS D 711 -36.04 15.83 15.18
C LYS D 711 -35.50 16.73 16.29
N LYS D 712 -35.13 17.97 15.95
CA LYS D 712 -34.57 18.86 16.96
C LYS D 712 -35.57 19.15 18.08
N LEU D 713 -36.87 19.08 17.78
CA LEU D 713 -37.87 19.41 18.79
C LEU D 713 -37.84 18.39 19.94
N LEU D 714 -37.71 17.11 19.62
CA LEU D 714 -37.63 16.10 20.68
C LEU D 714 -36.41 16.31 21.56
N MET D 715 -35.26 16.59 20.94
CA MET D 715 -34.05 16.81 21.71
C MET D 715 -34.15 18.05 22.58
N LEU D 716 -34.75 19.14 22.10
CA LEU D 716 -34.97 20.28 22.97
C LEU D 716 -35.92 19.95 24.12
N ILE D 717 -37.02 19.25 23.83
CA ILE D 717 -38.03 19.00 24.85
C ILE D 717 -37.46 18.13 25.95
N GLU D 718 -36.60 17.16 25.60
CA GLU D 718 -35.95 16.35 26.62
C GLU D 718 -34.65 16.96 27.13
N MET D 719 -34.20 18.07 26.53
CA MET D 719 -33.19 18.90 27.18
C MET D 719 -33.79 19.71 28.32
N SER D 720 -35.03 20.16 28.16
CA SER D 720 -35.65 21.04 29.14
C SER D 720 -36.38 20.30 30.27
N LEU D 721 -36.72 19.02 30.09
CA LEU D 721 -37.46 18.30 31.12
C LEU D 721 -36.60 17.93 32.32
N GLN D 722 -35.29 18.10 32.25
CA GLN D 722 -34.40 17.69 33.33
C GLN D 722 -34.21 18.77 34.39
N MET D 723 -34.77 19.96 34.19
CA MET D 723 -34.69 21.01 35.20
C MET D 723 -35.73 20.78 36.29
N ASP D 724 -35.84 21.74 37.20
CA ASP D 724 -36.78 21.64 38.30
C ASP D 724 -38.20 21.93 37.80
N PRO D 725 -39.22 21.52 38.57
CA PRO D 725 -40.60 21.67 38.09
C PRO D 725 -41.00 23.10 37.77
N GLU D 726 -40.42 24.10 38.45
CA GLU D 726 -40.83 25.49 38.30
C GLU D 726 -39.97 26.26 37.31
N TYR D 727 -39.16 25.57 36.50
CA TYR D 727 -38.34 26.24 35.51
C TYR D 727 -38.36 25.56 34.15
N ARG D 728 -39.22 24.55 33.95
CA ARG D 728 -39.24 23.82 32.69
C ARG D 728 -39.84 24.63 31.55
N VAL D 729 -40.43 25.79 31.82
CA VAL D 729 -41.04 26.61 30.78
C VAL D 729 -40.13 27.72 30.29
N ARG D 730 -39.17 28.17 31.10
N ARG D 730 -39.17 28.17 31.10
CA ARG D 730 -38.29 29.26 30.70
CA ARG D 730 -38.28 29.25 30.70
C ARG D 730 -37.07 28.76 29.92
C ARG D 730 -37.07 28.75 29.92
N LYS D 731 -36.49 27.63 30.34
CA LYS D 731 -35.35 27.09 29.61
C LYS D 731 -35.74 26.67 28.20
N PHE D 732 -36.94 26.10 28.04
CA PHE D 732 -37.40 25.72 26.72
C PHE D 732 -37.45 26.92 25.78
N LEU D 733 -38.08 28.01 26.23
CA LEU D 733 -38.16 29.20 25.39
C LEU D 733 -36.77 29.78 25.13
N ALA D 734 -35.92 29.84 26.16
CA ALA D 734 -34.59 30.38 25.98
C ALA D 734 -33.83 29.58 24.93
N LEU D 735 -33.93 28.25 24.97
CA LEU D 735 -33.29 27.42 23.96
C LEU D 735 -33.90 27.66 22.59
N LEU D 736 -35.23 27.83 22.54
CA LEU D 736 -35.89 28.07 21.26
C LEU D 736 -35.52 29.41 20.65
N ARG D 737 -35.01 30.35 21.45
CA ARG D 737 -34.64 31.65 20.92
C ARG D 737 -33.24 31.69 20.30
N GLU D 738 -32.44 30.62 20.47
CA GLU D 738 -31.12 30.55 19.86
C GLU D 738 -31.12 29.70 18.60
N GLU D 739 -31.52 28.43 18.72
CA GLU D 739 -31.60 27.55 17.56
C GLU D 739 -32.94 27.72 16.86
N GLY D 740 -34.04 27.65 17.60
CA GLY D 740 -35.35 27.90 17.02
C GLY D 740 -35.51 29.36 16.63
N ALA D 741 -36.46 29.60 15.73
CA ALA D 741 -36.71 30.94 15.20
C ALA D 741 -35.42 31.55 14.66
N SER D 742 -34.54 30.71 14.13
CA SER D 742 -33.22 31.12 13.63
C SER D 742 -33.09 30.65 12.19
N PRO D 743 -33.75 31.33 11.24
CA PRO D 743 -33.70 30.92 9.83
C PRO D 743 -32.32 31.04 9.22
N PRO E 214 -4.95 -39.09 -57.59
CA PRO E 214 -4.53 -37.80 -58.16
C PRO E 214 -5.69 -36.82 -58.34
N ASP E 215 -6.86 -37.17 -57.84
CA ASP E 215 -8.04 -36.32 -57.94
C ASP E 215 -8.14 -35.42 -56.72
N TRP E 216 -9.08 -34.47 -56.79
CA TRP E 216 -9.34 -33.51 -55.72
C TRP E 216 -10.79 -33.59 -55.28
N ASN E 217 -11.22 -34.81 -54.97
CA ASN E 217 -12.57 -35.04 -54.46
C ASN E 217 -12.59 -34.74 -52.95
N PHE E 218 -12.79 -33.46 -52.65
CA PHE E 218 -12.97 -33.01 -51.27
C PHE E 218 -14.43 -33.05 -50.82
N GLU E 219 -15.33 -33.60 -51.62
CA GLU E 219 -16.71 -33.76 -51.20
C GLU E 219 -17.01 -35.13 -50.63
N LYS E 220 -16.24 -36.14 -50.98
CA LYS E 220 -16.50 -37.50 -50.53
C LYS E 220 -15.80 -37.79 -49.21
N MET E 221 -14.96 -36.88 -48.73
CA MET E 221 -14.17 -37.06 -47.52
C MET E 221 -14.76 -36.33 -46.32
N GLY E 222 -15.77 -35.49 -46.52
CA GLY E 222 -16.41 -34.73 -45.46
C GLY E 222 -16.32 -33.23 -45.63
N ILE E 223 -15.24 -32.74 -46.24
CA ILE E 223 -15.07 -31.31 -46.41
C ILE E 223 -16.18 -30.77 -47.29
N GLY E 224 -16.60 -29.54 -47.00
CA GLY E 224 -17.72 -28.93 -47.72
C GLY E 224 -17.32 -27.73 -48.56
N GLY E 225 -17.55 -26.53 -48.01
CA GLY E 225 -17.33 -25.32 -48.79
C GLY E 225 -15.91 -25.17 -49.29
N LEU E 226 -14.94 -25.61 -48.50
CA LEU E 226 -13.53 -25.44 -48.86
C LEU E 226 -13.24 -26.09 -50.21
N ASP E 227 -12.93 -25.27 -51.21
CA ASP E 227 -12.61 -25.78 -52.55
C ASP E 227 -11.33 -25.19 -53.12
N LYS E 228 -11.06 -23.91 -52.88
CA LYS E 228 -9.87 -23.27 -53.42
C LYS E 228 -8.67 -23.42 -52.50
N GLU E 229 -8.90 -23.33 -51.19
CA GLU E 229 -7.80 -23.48 -50.23
C GLU E 229 -7.15 -24.85 -50.38
N PHE E 230 -7.96 -25.90 -50.50
CA PHE E 230 -7.42 -27.25 -50.68
C PHE E 230 -6.58 -27.33 -51.94
N SER E 231 -7.12 -26.85 -53.07
CA SER E 231 -6.40 -26.94 -54.33
C SER E 231 -5.07 -26.22 -54.25
N ASP E 232 -5.07 -24.99 -53.72
CA ASP E 232 -3.84 -24.21 -53.64
C ASP E 232 -2.83 -24.87 -52.70
N ILE E 233 -3.30 -25.34 -51.54
CA ILE E 233 -2.40 -25.95 -50.57
C ILE E 233 -1.76 -27.20 -51.15
N PHE E 234 -2.57 -28.05 -51.80
CA PHE E 234 -2.03 -29.26 -52.40
C PHE E 234 -1.06 -28.93 -53.52
N ARG E 235 -1.36 -27.91 -54.32
CA ARG E 235 -0.47 -27.54 -55.41
C ARG E 235 0.88 -27.07 -54.89
N ARG E 236 0.88 -26.20 -53.86
CA ARG E 236 2.10 -25.56 -53.45
C ARG E 236 2.96 -26.41 -52.51
N ALA E 237 2.35 -27.21 -51.66
CA ALA E 237 3.08 -27.98 -50.65
C ALA E 237 3.11 -29.47 -50.94
N PHE E 238 1.95 -30.10 -51.09
CA PHE E 238 1.87 -31.55 -51.27
C PHE E 238 1.90 -31.89 -52.75
N ALA E 239 2.92 -31.37 -53.43
CA ALA E 239 3.12 -31.58 -54.85
C ALA E 239 4.52 -32.06 -55.16
N SER E 240 5.53 -31.57 -54.43
CA SER E 240 6.90 -32.02 -54.65
C SER E 240 7.08 -33.50 -54.39
N ARG E 241 6.12 -34.15 -53.71
CA ARG E 241 6.25 -35.54 -53.28
C ARG E 241 5.31 -36.49 -54.02
N VAL E 242 4.82 -36.11 -55.19
CA VAL E 242 3.82 -36.87 -55.93
C VAL E 242 4.39 -37.45 -57.23
N PHE E 243 5.15 -36.65 -57.96
CA PHE E 243 5.82 -37.02 -59.22
C PHE E 243 7.06 -37.89 -59.07
N PRO E 244 7.53 -38.49 -60.17
CA PRO E 244 8.52 -39.58 -60.07
C PRO E 244 9.73 -39.15 -59.27
N PRO E 245 10.23 -40.02 -58.39
CA PRO E 245 11.36 -39.62 -57.55
C PRO E 245 12.59 -39.21 -58.35
N GLU E 246 12.81 -39.85 -59.51
CA GLU E 246 14.03 -39.60 -60.26
C GLU E 246 14.09 -38.16 -60.76
N ILE E 247 12.99 -37.65 -61.30
CA ILE E 247 12.98 -36.29 -61.82
C ILE E 247 13.15 -35.29 -60.69
N VAL E 248 12.50 -35.54 -59.55
CA VAL E 248 12.64 -34.67 -58.39
C VAL E 248 14.10 -34.64 -57.94
N GLU E 249 14.73 -35.81 -57.83
CA GLU E 249 16.14 -35.85 -57.47
C GLU E 249 16.99 -35.10 -58.48
N GLN E 250 16.62 -35.19 -59.76
CA GLN E 250 17.36 -34.45 -60.79
C GLN E 250 17.29 -32.96 -60.54
N MET E 251 16.11 -32.42 -60.20
CA MET E 251 16.07 -31.02 -59.78
C MET E 251 16.63 -30.83 -58.38
N GLY E 252 16.41 -31.78 -57.48
CA GLY E 252 16.91 -31.63 -56.12
C GLY E 252 16.34 -30.42 -55.42
N CYS E 253 15.01 -30.32 -55.38
CA CYS E 253 14.32 -29.19 -54.77
C CYS E 253 13.82 -29.61 -53.39
N LYS E 254 14.12 -28.80 -52.37
CA LYS E 254 13.68 -29.08 -51.02
C LYS E 254 12.18 -28.94 -50.90
N HIS E 255 11.55 -29.83 -50.14
CA HIS E 255 10.12 -29.82 -49.96
C HIS E 255 9.69 -28.77 -48.95
N VAL E 256 8.41 -28.41 -48.99
CA VAL E 256 7.87 -27.46 -48.03
C VAL E 256 7.86 -28.11 -46.64
N LYS E 257 8.04 -27.26 -45.61
CA LYS E 257 8.16 -27.75 -44.24
C LYS E 257 7.32 -26.93 -43.28
N GLY E 258 6.15 -26.46 -43.70
CA GLY E 258 5.31 -25.69 -42.82
C GLY E 258 4.05 -25.15 -43.49
N ILE E 259 2.95 -25.13 -42.75
CA ILE E 259 1.69 -24.55 -43.25
C ILE E 259 0.99 -23.86 -42.08
N LEU E 260 0.34 -22.74 -42.37
CA LEU E 260 -0.36 -21.95 -41.37
C LEU E 260 -1.81 -21.75 -41.79
N LEU E 261 -2.72 -21.89 -40.82
CA LEU E 261 -4.15 -21.74 -41.06
C LEU E 261 -4.73 -20.75 -40.06
N TYR E 262 -5.61 -19.89 -40.53
CA TYR E 262 -6.32 -18.97 -39.64
C TYR E 262 -7.75 -18.78 -40.14
N GLY E 263 -8.64 -18.46 -39.21
CA GLY E 263 -10.04 -18.23 -39.53
C GLY E 263 -10.91 -18.27 -38.30
N PRO E 264 -12.20 -17.96 -38.46
CA PRO E 264 -13.11 -18.00 -37.33
C PRO E 264 -13.22 -19.41 -36.78
N PRO E 265 -13.46 -19.54 -35.48
CA PRO E 265 -13.51 -20.89 -34.88
C PRO E 265 -14.68 -21.70 -35.41
N GLY E 266 -14.48 -23.01 -35.41
CA GLY E 266 -15.54 -23.92 -35.85
C GLY E 266 -15.93 -23.75 -37.30
N CYS E 267 -14.96 -23.64 -38.20
CA CYS E 267 -15.21 -23.50 -39.62
C CYS E 267 -14.66 -24.66 -40.45
N GLY E 268 -14.14 -25.71 -39.80
CA GLY E 268 -13.62 -26.85 -40.52
C GLY E 268 -12.12 -26.80 -40.75
N LYS E 269 -11.36 -26.57 -39.67
CA LYS E 269 -9.90 -26.52 -39.77
C LYS E 269 -9.26 -27.87 -39.46
N THR E 270 -9.53 -28.43 -38.29
CA THR E 270 -8.92 -29.71 -37.92
C THR E 270 -9.32 -30.82 -38.88
N LEU E 271 -10.55 -30.76 -39.40
CA LEU E 271 -11.00 -31.80 -40.33
C LEU E 271 -10.09 -31.87 -41.54
N LEU E 272 -9.75 -30.71 -42.12
CA LEU E 272 -8.84 -30.69 -43.26
C LEU E 272 -7.46 -31.20 -42.87
N ALA E 273 -6.97 -30.79 -41.71
CA ALA E 273 -5.62 -31.20 -41.30
C ALA E 273 -5.54 -32.72 -41.17
N ARG E 274 -6.53 -33.34 -40.53
CA ARG E 274 -6.50 -34.79 -40.37
C ARG E 274 -6.79 -35.53 -41.68
N GLN E 275 -7.63 -34.96 -42.55
CA GLN E 275 -7.92 -35.64 -43.81
C GLN E 275 -6.74 -35.57 -44.78
N ILE E 276 -5.95 -34.50 -44.72
CA ILE E 276 -4.84 -34.35 -45.65
C ILE E 276 -3.81 -35.47 -45.45
N GLY E 277 -3.52 -35.81 -44.19
CA GLY E 277 -2.56 -36.87 -43.94
C GLY E 277 -2.99 -38.20 -44.52
N LYS E 278 -4.27 -38.55 -44.35
CA LYS E 278 -4.77 -39.80 -44.90
C LYS E 278 -4.85 -39.74 -46.43
N MET E 279 -5.02 -38.55 -47.00
CA MET E 279 -4.91 -38.44 -48.45
C MET E 279 -3.51 -38.80 -48.91
N LEU E 280 -2.50 -38.42 -48.13
CA LEU E 280 -1.16 -38.97 -48.28
C LEU E 280 -1.10 -40.32 -47.56
N ASN E 281 0.11 -40.85 -47.40
CA ASN E 281 0.33 -42.12 -46.69
C ASN E 281 1.38 -41.88 -45.62
N ALA E 282 0.94 -41.48 -44.43
CA ALA E 282 1.81 -41.21 -43.30
C ALA E 282 1.33 -42.00 -42.09
N ARG E 283 2.05 -41.85 -40.98
CA ARG E 283 1.78 -42.60 -39.77
C ARG E 283 0.88 -41.78 -38.83
N GLU E 284 0.73 -42.25 -37.60
CA GLU E 284 -0.13 -41.62 -36.61
C GLU E 284 0.18 -40.13 -36.51
N PRO E 285 -0.78 -39.23 -36.76
CA PRO E 285 -0.53 -37.80 -36.60
C PRO E 285 -0.58 -37.42 -35.12
N LYS E 286 0.51 -36.88 -34.61
CA LYS E 286 0.58 -36.49 -33.21
C LYS E 286 -0.29 -35.27 -32.96
N VAL E 287 -0.39 -34.89 -31.68
CA VAL E 287 -1.16 -33.72 -31.28
C VAL E 287 -0.50 -33.10 -30.06
N VAL E 288 -0.39 -31.77 -30.06
CA VAL E 288 0.20 -31.03 -28.96
C VAL E 288 -0.61 -29.76 -28.73
N ASN E 289 -0.87 -29.45 -27.47
CA ASN E 289 -1.61 -28.26 -27.10
C ASN E 289 -0.68 -27.07 -26.96
N GLY E 290 -1.21 -25.88 -27.23
CA GLY E 290 -0.43 -24.67 -27.22
C GLY E 290 0.02 -24.25 -25.84
N PRO E 291 -0.94 -23.81 -25.00
CA PRO E 291 -0.56 -23.37 -23.65
C PRO E 291 0.07 -24.46 -22.81
N GLU E 292 -0.34 -25.73 -22.99
CA GLU E 292 0.23 -26.81 -22.21
C GLU E 292 1.75 -26.88 -22.37
N ILE E 293 2.25 -26.54 -23.56
CA ILE E 293 3.70 -26.59 -23.78
C ILE E 293 4.41 -25.61 -22.86
N LEU E 294 3.78 -24.47 -22.58
CA LEU E 294 4.33 -23.48 -21.65
C LEU E 294 3.77 -23.71 -20.24
N ASN E 295 4.02 -24.91 -19.73
CA ASN E 295 3.55 -25.29 -18.41
C ASN E 295 4.64 -24.97 -17.37
N LYS E 296 4.48 -25.49 -16.16
CA LYS E 296 5.39 -25.16 -15.07
C LYS E 296 6.84 -25.42 -15.43
N TYR E 297 7.10 -26.52 -16.13
CA TYR E 297 8.47 -26.95 -16.44
C TYR E 297 8.77 -26.76 -17.91
N VAL E 298 9.94 -26.19 -18.19
CA VAL E 298 10.47 -26.04 -19.54
C VAL E 298 11.90 -26.56 -19.55
N GLY E 299 12.35 -26.96 -20.72
CA GLY E 299 13.62 -27.67 -20.85
C GLY E 299 13.39 -29.15 -20.80
N GLU E 300 12.76 -29.63 -19.72
CA GLU E 300 12.25 -31.00 -19.71
C GLU E 300 11.12 -31.17 -20.72
N SER E 301 10.24 -30.17 -20.82
CA SER E 301 9.24 -30.18 -21.90
C SER E 301 9.89 -29.90 -23.25
N GLU E 302 10.98 -29.14 -23.28
CA GLU E 302 11.73 -29.00 -24.52
C GLU E 302 12.35 -30.33 -24.92
N ALA E 303 12.86 -31.09 -23.95
CA ALA E 303 13.33 -32.44 -24.24
C ALA E 303 12.19 -33.34 -24.68
N ASN E 304 10.99 -33.13 -24.14
CA ASN E 304 9.82 -33.87 -24.62
C ASN E 304 9.50 -33.52 -26.06
N ILE E 305 9.67 -32.26 -26.45
CA ILE E 305 9.54 -31.87 -27.86
C ILE E 305 10.57 -32.59 -28.70
N ARG E 306 11.81 -32.62 -28.21
CA ARG E 306 12.87 -33.32 -28.92
C ARG E 306 12.52 -34.78 -29.12
N LYS E 307 11.98 -35.43 -28.09
CA LYS E 307 11.56 -36.83 -28.23
C LYS E 307 10.34 -36.95 -29.14
N LEU E 308 9.47 -35.94 -29.15
CA LEU E 308 8.33 -35.94 -30.06
C LEU E 308 8.81 -36.02 -31.51
N PHE E 309 9.87 -35.30 -31.83
CA PHE E 309 10.44 -35.34 -33.17
C PHE E 309 11.52 -36.41 -33.34
N ALA E 310 11.92 -37.08 -32.25
CA ALA E 310 13.01 -38.06 -32.34
C ALA E 310 12.60 -39.30 -33.13
N ASP E 311 11.32 -39.67 -33.08
CA ASP E 311 10.85 -40.79 -33.89
C ASP E 311 11.19 -40.58 -35.36
N ALA E 312 11.00 -39.34 -35.85
CA ALA E 312 11.41 -39.01 -37.20
C ALA E 312 12.90 -38.79 -37.32
N GLU E 313 13.55 -38.29 -36.27
CA GLU E 313 15.00 -38.01 -36.33
C GLU E 313 15.80 -39.29 -36.57
N GLU E 314 15.60 -40.28 -35.71
CA GLU E 314 16.35 -41.53 -35.85
C GLU E 314 16.03 -42.20 -37.16
N GLU E 315 14.74 -42.25 -37.52
CA GLU E 315 14.34 -42.85 -38.79
C GLU E 315 14.94 -42.09 -39.97
N GLN E 316 15.14 -40.78 -39.83
CA GLN E 316 15.71 -39.97 -40.90
C GLN E 316 17.15 -40.37 -41.11
N ARG E 317 17.96 -40.38 -40.05
CA ARG E 317 19.38 -40.67 -40.28
C ARG E 317 19.58 -42.14 -40.62
N ARG E 318 18.65 -43.00 -40.17
CA ARG E 318 18.70 -44.41 -40.54
C ARG E 318 18.36 -44.60 -42.02
N LEU E 319 17.38 -43.82 -42.53
CA LEU E 319 16.98 -43.82 -43.93
C LEU E 319 16.86 -42.36 -44.37
N GLY E 320 17.97 -41.80 -44.85
CA GLY E 320 17.99 -40.38 -45.16
C GLY E 320 16.98 -39.96 -46.19
N ALA E 321 16.90 -40.71 -47.29
CA ALA E 321 16.04 -40.36 -48.43
C ALA E 321 14.94 -41.38 -48.67
N ASN E 322 14.72 -42.30 -47.74
CA ASN E 322 13.71 -43.34 -47.91
C ASN E 322 12.92 -43.52 -46.62
N SER E 323 12.49 -42.42 -46.01
CA SER E 323 11.65 -42.43 -44.83
C SER E 323 10.30 -41.80 -45.15
N GLY E 324 9.32 -42.04 -44.28
CA GLY E 324 7.98 -41.53 -44.46
C GLY E 324 7.75 -40.19 -43.77
N LEU E 325 6.50 -39.74 -43.84
CA LEU E 325 6.10 -38.44 -43.32
C LEU E 325 5.72 -38.56 -41.85
N HIS E 326 6.24 -37.64 -41.04
CA HIS E 326 5.94 -37.58 -39.61
C HIS E 326 5.18 -36.27 -39.37
N ILE E 327 3.86 -36.32 -39.52
CA ILE E 327 3.03 -35.13 -39.43
C ILE E 327 2.77 -34.81 -37.97
N ILE E 328 3.00 -33.56 -37.59
CA ILE E 328 2.67 -33.05 -36.26
C ILE E 328 1.76 -31.84 -36.44
N ILE E 329 0.69 -31.80 -35.65
CA ILE E 329 -0.32 -30.74 -35.73
C ILE E 329 -0.21 -29.87 -34.49
N PHE E 330 -0.21 -28.56 -34.70
CA PHE E 330 -0.07 -27.59 -33.61
C PHE E 330 -1.41 -26.90 -33.37
N ASP E 331 -1.85 -26.90 -32.11
CA ASP E 331 -3.10 -26.26 -31.72
C ASP E 331 -2.77 -25.02 -30.88
N GLU E 332 -3.38 -23.90 -31.24
CA GLU E 332 -3.19 -22.64 -30.54
C GLU E 332 -1.70 -22.28 -30.47
N ILE E 333 -1.09 -22.19 -31.66
CA ILE E 333 0.32 -21.83 -31.75
C ILE E 333 0.58 -20.43 -31.23
N ASP E 334 -0.47 -19.61 -31.07
CA ASP E 334 -0.28 -18.25 -30.59
C ASP E 334 0.34 -18.23 -29.19
N ALA E 335 -0.14 -19.12 -28.30
CA ALA E 335 0.39 -19.14 -26.94
C ALA E 335 1.87 -19.49 -26.92
N ILE E 336 2.26 -20.52 -27.68
CA ILE E 336 3.64 -20.98 -27.67
C ILE E 336 4.57 -19.85 -28.11
N CYS E 337 4.37 -19.34 -29.33
CA CYS E 337 5.15 -18.24 -29.84
C CYS E 337 4.54 -16.91 -29.41
N LYS E 338 4.96 -15.82 -30.04
CA LYS E 338 4.46 -14.47 -29.78
C LYS E 338 5.27 -13.83 -28.67
N GLN E 339 4.94 -14.11 -27.41
CA GLN E 339 5.70 -13.61 -26.26
C GLN E 339 6.06 -12.14 -26.45
N ARG E 340 5.05 -11.29 -26.57
CA ARG E 340 5.21 -9.88 -26.88
C ARG E 340 5.59 -9.09 -25.63
N GLY E 341 6.11 -7.89 -25.86
CA GLY E 341 6.44 -6.98 -24.78
C GLY E 341 5.61 -5.71 -24.83
N SER E 342 4.35 -5.83 -25.25
CA SER E 342 3.45 -4.70 -25.38
C SER E 342 2.01 -5.09 -25.08
N MET E 343 1.13 -4.09 -25.12
CA MET E 343 -0.29 -4.26 -24.78
C MET E 343 -0.43 -4.79 -23.36
N GLY E 348 8.96 -14.35 -21.07
CA GLY E 348 10.11 -14.68 -20.24
C GLY E 348 10.56 -16.11 -20.41
N VAL E 349 9.94 -17.01 -19.65
CA VAL E 349 10.28 -18.44 -19.76
C VAL E 349 9.97 -18.96 -21.15
N HIS E 350 9.08 -18.29 -21.88
CA HIS E 350 8.66 -18.74 -23.20
C HIS E 350 9.68 -18.44 -24.28
N ASP E 351 10.60 -17.50 -24.04
CA ASP E 351 11.65 -17.22 -25.01
C ASP E 351 12.50 -18.45 -25.25
N THR E 352 12.78 -19.22 -24.20
CA THR E 352 13.52 -20.47 -24.37
C THR E 352 12.79 -21.40 -25.33
N VAL E 353 11.48 -21.54 -25.18
CA VAL E 353 10.73 -22.44 -26.04
C VAL E 353 10.67 -21.95 -27.48
N VAL E 354 10.46 -20.64 -27.70
CA VAL E 354 10.42 -20.16 -29.08
C VAL E 354 11.79 -20.37 -29.74
N ASN E 355 12.87 -20.08 -29.03
CA ASN E 355 14.20 -20.28 -29.61
C ASN E 355 14.45 -21.76 -29.90
N GLN E 356 14.08 -22.64 -28.97
CA GLN E 356 14.29 -24.07 -29.18
C GLN E 356 13.49 -24.56 -30.38
N LEU E 357 12.23 -24.12 -30.49
CA LEU E 357 11.40 -24.54 -31.61
C LEU E 357 11.98 -24.04 -32.93
N LEU E 358 12.45 -22.79 -32.96
CA LEU E 358 13.06 -22.28 -34.18
C LEU E 358 14.30 -23.08 -34.55
N SER E 359 15.14 -23.39 -33.56
CA SER E 359 16.35 -24.16 -33.85
C SER E 359 16.01 -25.55 -34.39
N LYS E 360 15.03 -26.21 -33.78
CA LYS E 360 14.68 -27.57 -34.18
C LYS E 360 14.04 -27.59 -35.57
N ILE E 361 13.13 -26.65 -35.84
CA ILE E 361 12.44 -26.64 -37.12
C ILE E 361 13.43 -26.43 -38.26
N ASP E 362 14.29 -25.41 -38.13
CA ASP E 362 15.30 -25.10 -39.15
C ASP E 362 16.53 -24.58 -38.40
N GLY E 363 17.47 -25.48 -38.15
CA GLY E 363 18.72 -25.12 -37.49
C GLY E 363 19.91 -25.64 -38.25
N VAL E 364 21.04 -25.80 -37.55
CA VAL E 364 22.23 -26.35 -38.20
C VAL E 364 21.95 -27.77 -38.68
N GLU E 365 21.25 -28.56 -37.87
CA GLU E 365 20.87 -29.90 -38.29
C GLU E 365 19.80 -29.81 -39.38
N GLN E 366 19.89 -30.70 -40.36
CA GLN E 366 18.97 -30.73 -41.48
C GLN E 366 18.03 -31.93 -41.33
N LEU E 367 16.73 -31.66 -41.33
CA LEU E 367 15.70 -32.68 -41.28
C LEU E 367 14.76 -32.47 -42.46
N ASN E 368 14.43 -33.57 -43.16
CA ASN E 368 13.65 -33.50 -44.37
C ASN E 368 12.31 -34.21 -44.28
N ASN E 369 12.18 -35.24 -43.43
CA ASN E 369 10.96 -36.09 -43.38
C ASN E 369 9.99 -35.67 -42.27
N ILE E 370 9.79 -34.38 -42.04
CA ILE E 370 8.82 -33.87 -41.07
C ILE E 370 7.95 -32.84 -41.77
N LEU E 371 6.88 -32.45 -41.08
CA LEU E 371 5.98 -31.43 -41.58
C LEU E 371 5.18 -30.86 -40.41
N VAL E 372 5.03 -29.54 -40.39
CA VAL E 372 4.36 -28.84 -39.30
C VAL E 372 3.18 -28.06 -39.86
N ILE E 373 2.00 -28.28 -39.29
CA ILE E 373 0.79 -27.56 -39.64
C ILE E 373 0.30 -26.86 -38.38
N GLY E 374 0.29 -25.53 -38.41
CA GLY E 374 -0.17 -24.74 -37.28
C GLY E 374 -1.46 -24.03 -37.64
N MET E 375 -2.33 -23.88 -36.64
CA MET E 375 -3.62 -23.21 -36.81
C MET E 375 -3.85 -22.26 -35.66
N THR E 376 -4.47 -21.12 -35.96
CA THR E 376 -4.68 -20.09 -34.95
C THR E 376 -5.93 -19.28 -35.31
N ASN E 377 -6.28 -18.37 -34.40
CA ASN E 377 -7.44 -17.51 -34.57
C ASN E 377 -7.09 -16.03 -34.65
N ARG E 378 -5.87 -15.64 -34.32
CA ARG E 378 -5.45 -14.23 -34.33
C ARG E 378 -4.15 -14.15 -35.13
N PRO E 379 -4.24 -14.07 -36.46
CA PRO E 379 -3.02 -14.14 -37.28
C PRO E 379 -2.01 -13.05 -36.97
N ASP E 380 -2.46 -11.86 -36.57
CA ASP E 380 -1.53 -10.75 -36.35
C ASP E 380 -0.57 -11.05 -35.20
N LEU E 381 -1.05 -11.71 -34.16
CA LEU E 381 -0.18 -12.01 -33.01
C LEU E 381 0.98 -12.92 -33.37
N ILE E 382 0.94 -13.60 -34.50
CA ILE E 382 2.06 -14.43 -34.90
C ILE E 382 3.27 -13.55 -35.19
N ASP E 383 4.41 -13.87 -34.57
CA ASP E 383 5.62 -13.10 -34.77
C ASP E 383 6.15 -13.30 -36.19
N GLU E 384 6.78 -12.25 -36.72
CA GLU E 384 7.29 -12.28 -38.08
C GLU E 384 8.46 -13.22 -38.28
N ALA E 385 9.08 -13.71 -37.20
CA ALA E 385 10.22 -14.60 -37.35
C ALA E 385 9.82 -15.93 -37.99
N LEU E 386 8.63 -16.43 -37.66
CA LEU E 386 8.22 -17.75 -38.12
C LEU E 386 7.83 -17.76 -39.60
N LEU E 387 7.22 -16.67 -40.09
CA LEU E 387 6.67 -16.66 -41.45
C LEU E 387 7.70 -16.14 -42.45
N ARG E 388 8.82 -16.86 -42.52
CA ARG E 388 9.91 -16.57 -43.43
C ARG E 388 10.28 -17.81 -44.23
N PRO E 389 10.97 -17.64 -45.36
CA PRO E 389 11.24 -18.81 -46.22
C PRO E 389 11.97 -19.90 -45.47
N GLY E 390 11.63 -21.14 -45.80
CA GLY E 390 12.14 -22.31 -45.10
C GLY E 390 11.23 -22.74 -43.96
N ARG E 391 10.84 -21.80 -43.11
CA ARG E 391 9.89 -22.05 -42.06
C ARG E 391 8.47 -22.03 -42.63
N LEU E 392 7.47 -21.98 -41.77
CA LEU E 392 6.08 -21.88 -42.21
C LEU E 392 5.95 -20.73 -43.21
N GLU E 393 5.60 -21.04 -44.45
CA GLU E 393 5.50 -20.04 -45.51
C GLU E 393 4.11 -19.94 -46.11
N VAL E 394 3.49 -21.08 -46.43
CA VAL E 394 2.16 -21.08 -47.03
C VAL E 394 1.14 -20.87 -45.92
N LYS E 395 0.33 -19.81 -46.05
CA LYS E 395 -0.69 -19.47 -45.07
C LYS E 395 -2.04 -19.37 -45.77
N MET E 396 -3.09 -19.79 -45.07
CA MET E 396 -4.42 -19.84 -45.67
C MET E 396 -5.46 -19.34 -44.67
N GLU E 397 -6.55 -18.81 -45.23
CA GLU E 397 -7.69 -18.32 -44.47
C GLU E 397 -8.89 -19.21 -44.73
N ILE E 398 -9.57 -19.60 -43.67
CA ILE E 398 -10.83 -20.35 -43.75
C ILE E 398 -11.92 -19.46 -43.21
N GLY E 399 -12.93 -19.17 -44.04
CA GLY E 399 -13.98 -18.25 -43.71
C GLY E 399 -15.34 -18.91 -43.64
N LEU E 400 -16.32 -18.14 -43.19
CA LEU E 400 -17.67 -18.65 -43.06
C LEU E 400 -18.21 -19.04 -44.44
N PRO E 401 -19.00 -20.09 -44.54
CA PRO E 401 -19.50 -20.52 -45.85
C PRO E 401 -20.59 -19.60 -46.37
N ASP E 402 -20.75 -19.60 -47.69
CA ASP E 402 -21.86 -18.94 -48.34
C ASP E 402 -23.01 -19.95 -48.50
N GLU E 403 -24.02 -19.59 -49.29
CA GLU E 403 -25.17 -20.48 -49.45
C GLU E 403 -24.74 -21.81 -50.07
N LYS E 404 -23.83 -21.77 -51.05
N LYS E 404 -23.83 -21.77 -51.05
CA LYS E 404 -23.37 -23.01 -51.67
CA LYS E 404 -23.36 -23.00 -51.68
C LYS E 404 -22.71 -23.93 -50.65
C LYS E 404 -22.70 -23.93 -50.66
N GLY E 405 -21.87 -23.36 -49.79
CA GLY E 405 -21.24 -24.17 -48.75
C GLY E 405 -22.24 -24.77 -47.80
N ARG E 406 -23.26 -23.98 -47.42
CA ARG E 406 -24.30 -24.50 -46.53
C ARG E 406 -25.05 -25.66 -47.19
N LEU E 407 -25.40 -25.52 -48.46
CA LEU E 407 -26.08 -26.61 -49.16
C LEU E 407 -25.20 -27.85 -49.21
N GLN E 408 -23.92 -27.68 -49.55
CA GLN E 408 -23.03 -28.84 -49.62
C GLN E 408 -22.90 -29.52 -48.26
N ILE E 409 -22.76 -28.74 -47.20
CA ILE E 409 -22.59 -29.31 -45.87
C ILE E 409 -23.85 -30.05 -45.45
N LEU E 410 -25.02 -29.45 -45.68
CA LEU E 410 -26.27 -30.13 -45.32
C LEU E 410 -26.45 -31.41 -46.11
N HIS E 411 -26.06 -31.41 -47.39
CA HIS E 411 -26.12 -32.64 -48.16
C HIS E 411 -25.18 -33.71 -47.60
N ILE E 412 -23.97 -33.31 -47.20
CA ILE E 412 -23.02 -34.28 -46.68
C ILE E 412 -23.54 -34.90 -45.38
N HIS E 413 -23.99 -34.06 -44.45
CA HIS E 413 -24.43 -34.58 -43.16
C HIS E 413 -25.73 -35.36 -43.28
N THR E 414 -26.67 -34.89 -44.09
CA THR E 414 -27.94 -35.57 -44.28
C THR E 414 -27.85 -36.50 -45.49
N ALA E 415 -27.07 -37.56 -45.32
CA ALA E 415 -26.87 -38.58 -46.33
C ALA E 415 -27.32 -39.95 -45.87
N ARG E 416 -26.85 -40.40 -44.69
CA ARG E 416 -27.27 -41.69 -44.18
C ARG E 416 -28.77 -41.74 -43.96
N MET E 417 -29.39 -40.60 -43.64
CA MET E 417 -30.82 -40.59 -43.36
C MET E 417 -31.62 -41.07 -44.57
N ARG E 418 -31.23 -40.62 -45.77
CA ARG E 418 -31.89 -41.06 -46.99
C ARG E 418 -31.55 -42.50 -47.35
N GLY E 419 -30.54 -43.10 -46.72
CA GLY E 419 -30.14 -44.45 -47.04
C GLY E 419 -31.04 -45.54 -46.49
N HIS E 420 -32.03 -45.17 -45.67
CA HIS E 420 -32.96 -46.15 -45.10
C HIS E 420 -34.41 -45.66 -45.13
N GLN E 421 -34.72 -44.65 -45.94
CA GLN E 421 -36.08 -44.15 -46.07
C GLN E 421 -36.62 -43.65 -44.73
N LEU E 422 -35.78 -42.96 -43.96
CA LEU E 422 -36.16 -42.41 -42.67
C LEU E 422 -36.39 -40.91 -42.72
N LEU E 423 -36.44 -40.32 -43.92
CA LEU E 423 -36.66 -38.89 -44.10
C LEU E 423 -37.94 -38.66 -44.89
N SER E 424 -38.77 -37.75 -44.42
CA SER E 424 -39.99 -37.40 -45.13
C SER E 424 -39.64 -36.64 -46.41
N ALA E 425 -40.59 -36.62 -47.34
CA ALA E 425 -40.39 -35.99 -48.64
C ALA E 425 -40.62 -34.48 -48.60
N ASP E 426 -41.06 -33.93 -47.48
CA ASP E 426 -41.33 -32.50 -47.36
C ASP E 426 -40.15 -31.69 -46.83
N VAL E 427 -39.02 -32.35 -46.54
CA VAL E 427 -37.85 -31.66 -46.02
C VAL E 427 -37.00 -31.24 -47.21
N ASP E 428 -37.16 -29.99 -47.64
CA ASP E 428 -36.41 -29.45 -48.77
C ASP E 428 -35.13 -28.80 -48.26
N ILE E 429 -33.98 -29.32 -48.69
CA ILE E 429 -32.70 -28.76 -48.26
C ILE E 429 -32.55 -27.35 -48.82
N LYS E 430 -33.07 -27.10 -50.02
CA LYS E 430 -32.89 -25.79 -50.65
C LYS E 430 -33.50 -24.69 -49.80
N GLU E 431 -34.69 -24.92 -49.25
CA GLU E 431 -35.32 -23.92 -48.40
C GLU E 431 -34.50 -23.68 -47.13
N LEU E 432 -34.07 -24.75 -46.48
CA LEU E 432 -33.26 -24.62 -45.27
C LEU E 432 -31.99 -23.84 -45.55
N ALA E 433 -31.40 -24.01 -46.73
CA ALA E 433 -30.18 -23.29 -47.07
C ALA E 433 -30.41 -21.79 -47.03
N VAL E 434 -31.53 -21.33 -47.59
CA VAL E 434 -31.84 -19.91 -47.60
C VAL E 434 -32.31 -19.43 -46.23
N GLU E 435 -32.86 -20.31 -45.39
CA GLU E 435 -33.32 -19.87 -44.08
C GLU E 435 -32.16 -19.50 -43.17
N THR E 436 -31.14 -20.36 -43.07
CA THR E 436 -30.01 -20.10 -42.19
C THR E 436 -29.06 -19.12 -42.84
N LYS E 437 -28.72 -18.05 -42.12
CA LYS E 437 -27.85 -16.99 -42.63
C LYS E 437 -26.67 -16.80 -41.68
N ASN E 438 -25.48 -16.75 -42.25
CA ASN E 438 -24.24 -16.60 -41.48
C ASN E 438 -24.16 -17.63 -40.36
N PHE E 439 -24.18 -18.90 -40.77
CA PHE E 439 -24.05 -20.04 -39.88
C PHE E 439 -22.64 -20.60 -39.96
N SER E 440 -22.36 -21.57 -39.09
CA SER E 440 -21.11 -22.32 -39.10
C SER E 440 -21.42 -23.80 -39.18
N GLY E 441 -20.48 -24.57 -39.71
CA GLY E 441 -20.72 -25.99 -39.91
C GLY E 441 -21.12 -26.69 -38.62
N ALA E 442 -20.43 -26.37 -37.52
CA ALA E 442 -20.75 -27.01 -36.25
C ALA E 442 -22.20 -26.78 -35.87
N GLU E 443 -22.69 -25.55 -36.05
CA GLU E 443 -24.07 -25.26 -35.70
C GLU E 443 -25.05 -25.93 -36.66
N LEU E 444 -24.67 -26.13 -37.92
CA LEU E 444 -25.50 -26.92 -38.83
C LEU E 444 -25.64 -28.36 -38.35
N GLU E 445 -24.52 -28.96 -37.93
CA GLU E 445 -24.59 -30.31 -37.39
C GLU E 445 -25.46 -30.34 -36.14
N GLY E 446 -25.31 -29.33 -35.28
CA GLY E 446 -26.17 -29.24 -34.11
C GLY E 446 -27.64 -29.14 -34.46
N LEU E 447 -27.96 -28.37 -35.50
CA LEU E 447 -29.35 -28.27 -35.95
C LEU E 447 -29.88 -29.62 -36.38
N VAL E 448 -29.09 -30.35 -37.17
CA VAL E 448 -29.53 -31.67 -37.61
C VAL E 448 -29.77 -32.59 -36.42
N ARG E 449 -28.84 -32.57 -35.45
CA ARG E 449 -29.00 -33.41 -34.27
C ARG E 449 -30.26 -33.03 -33.49
N ALA E 450 -30.52 -31.75 -33.33
CA ALA E 450 -31.71 -31.31 -32.59
C ALA E 450 -32.98 -31.75 -33.29
N ALA E 451 -33.02 -31.62 -34.61
CA ALA E 451 -34.20 -32.06 -35.36
C ALA E 451 -34.43 -33.55 -35.18
N GLN E 452 -33.36 -34.35 -35.31
CA GLN E 452 -33.50 -35.79 -35.11
C GLN E 452 -34.00 -36.09 -33.72
N SER E 453 -33.46 -35.42 -32.70
CA SER E 453 -33.86 -35.69 -31.33
C SER E 453 -35.32 -35.38 -31.11
N THR E 454 -35.81 -34.25 -31.62
CA THR E 454 -37.22 -33.91 -31.46
C THR E 454 -38.11 -34.93 -32.17
N ALA E 455 -37.76 -35.28 -33.41
CA ALA E 455 -38.59 -36.22 -34.16
C ALA E 455 -38.67 -37.56 -33.44
N MET E 456 -37.54 -38.04 -32.92
CA MET E 456 -37.53 -39.31 -32.22
C MET E 456 -38.29 -39.23 -30.90
N ASN E 457 -38.11 -38.14 -30.15
CA ASN E 457 -38.84 -37.98 -28.89
C ASN E 457 -40.35 -37.94 -29.13
N ARG E 458 -40.76 -37.54 -30.33
CA ARG E 458 -42.19 -37.55 -30.62
C ARG E 458 -42.77 -38.96 -30.54
N HIS E 459 -41.94 -40.00 -30.61
CA HIS E 459 -42.39 -41.39 -30.56
C HIS E 459 -42.02 -42.10 -29.27
N ILE E 460 -41.56 -41.38 -28.25
CA ILE E 460 -41.26 -41.96 -26.95
C ILE E 460 -42.25 -41.36 -25.95
N LYS E 461 -43.47 -41.12 -26.43
CA LYS E 461 -44.48 -40.35 -25.70
C LYS E 461 -45.81 -41.08 -25.90
N ALA E 462 -46.92 -40.36 -25.71
CA ALA E 462 -48.25 -40.93 -25.78
C ALA E 462 -48.41 -41.94 -26.92
N SER E 463 -47.62 -41.77 -27.99
CA SER E 463 -47.62 -42.71 -29.10
C SER E 463 -46.90 -43.99 -28.65
N THR E 464 -46.60 -44.87 -29.61
CA THR E 464 -45.99 -46.16 -29.31
C THR E 464 -44.86 -46.01 -28.30
N LYS E 465 -44.76 -46.99 -27.41
CA LYS E 465 -43.79 -46.98 -26.33
C LYS E 465 -42.58 -47.84 -26.70
N VAL E 466 -41.62 -47.91 -25.79
CA VAL E 466 -40.41 -48.71 -25.98
C VAL E 466 -40.79 -50.16 -26.27
N GLU E 474 -41.11 -48.45 -36.52
CA GLU E 474 -40.72 -48.44 -37.93
C GLU E 474 -41.33 -47.22 -38.63
N SER E 475 -42.53 -46.83 -38.21
CA SER E 475 -43.20 -45.66 -38.77
C SER E 475 -42.58 -44.40 -38.16
N LEU E 476 -41.31 -44.18 -38.50
CA LEU E 476 -40.53 -43.07 -37.98
C LEU E 476 -39.97 -42.27 -39.14
N GLN E 477 -40.14 -40.95 -39.08
CA GLN E 477 -39.63 -40.06 -40.10
C GLN E 477 -39.45 -38.67 -39.50
N VAL E 478 -38.69 -37.84 -40.20
CA VAL E 478 -38.39 -36.48 -39.77
C VAL E 478 -39.21 -35.52 -40.62
N THR E 479 -39.90 -34.59 -39.97
CA THR E 479 -40.78 -33.64 -40.63
C THR E 479 -40.22 -32.22 -40.49
N ARG E 480 -40.54 -31.39 -41.48
CA ARG E 480 -40.02 -30.02 -41.50
C ARG E 480 -40.50 -29.23 -40.29
N GLY E 481 -41.62 -29.62 -39.69
CA GLY E 481 -42.08 -28.93 -38.49
C GLY E 481 -41.06 -28.96 -37.38
N ASP E 482 -40.45 -30.13 -37.15
CA ASP E 482 -39.41 -30.23 -36.13
C ASP E 482 -38.20 -29.37 -36.49
N PHE E 483 -37.84 -29.33 -37.77
CA PHE E 483 -36.73 -28.49 -38.20
C PHE E 483 -37.01 -27.03 -37.88
N LEU E 484 -38.21 -26.54 -38.20
CA LEU E 484 -38.55 -25.15 -37.91
C LEU E 484 -38.58 -24.89 -36.41
N ALA E 485 -39.12 -25.83 -35.63
CA ALA E 485 -39.13 -25.66 -34.19
C ALA E 485 -37.71 -25.56 -33.64
N SER E 486 -36.81 -26.43 -34.12
CA SER E 486 -35.43 -26.37 -33.68
C SER E 486 -34.78 -25.05 -34.08
N LEU E 487 -35.07 -24.56 -35.26
CA LEU E 487 -34.50 -23.30 -35.71
C LEU E 487 -34.90 -22.15 -34.78
N GLU E 488 -36.18 -22.13 -34.38
CA GLU E 488 -36.71 -20.99 -33.63
C GLU E 488 -36.56 -21.10 -32.12
N ASN E 489 -36.13 -22.24 -31.61
CA ASN E 489 -36.14 -22.44 -30.16
C ASN E 489 -34.83 -23.00 -29.63
N ASP E 490 -34.10 -23.76 -30.44
CA ASP E 490 -32.99 -24.58 -29.95
C ASP E 490 -31.63 -23.94 -30.17
N ILE E 491 -31.28 -23.63 -31.41
CA ILE E 491 -29.92 -23.24 -31.79
C ILE E 491 -29.86 -21.73 -31.93
N LYS E 492 -28.84 -21.13 -31.34
CA LYS E 492 -28.61 -19.69 -31.39
C LYS E 492 -27.28 -19.40 -32.08
N PRO E 493 -27.25 -18.85 -33.28
CA PRO E 493 -25.97 -18.59 -33.95
C PRO E 493 -25.17 -17.51 -33.23
N ALA E 494 -23.84 -17.59 -33.38
CA ALA E 494 -22.94 -16.64 -32.74
C ALA E 494 -22.59 -15.45 -33.63
N PHE E 495 -22.84 -15.55 -34.93
CA PHE E 495 -22.63 -14.44 -35.87
C PHE E 495 -23.95 -14.10 -36.56
N GLY E 496 -25.03 -14.04 -35.79
CA GLY E 496 -26.34 -13.80 -36.35
C GLY E 496 -27.17 -12.81 -35.57
N THR E 497 -28.41 -12.60 -36.01
CA THR E 497 -29.30 -11.63 -35.40
C THR E 497 -29.94 -12.24 -34.16
N ASN E 498 -29.50 -11.81 -32.98
CA ASN E 498 -30.10 -12.25 -31.72
C ASN E 498 -31.42 -11.54 -31.41
N GLN E 499 -32.52 -12.23 -31.74
CA GLN E 499 -33.84 -11.58 -31.69
C GLN E 499 -34.25 -11.26 -30.25
N GLU E 500 -33.82 -12.08 -29.29
CA GLU E 500 -34.23 -11.88 -27.91
C GLU E 500 -33.76 -10.56 -27.33
N ASP E 501 -32.80 -9.90 -27.95
CA ASP E 501 -32.22 -8.68 -27.39
C ASP E 501 -33.09 -7.45 -27.63
N TYR E 502 -34.04 -7.50 -28.54
CA TYR E 502 -34.84 -6.34 -28.90
C TYR E 502 -36.12 -6.21 -28.07
N ALA E 503 -36.40 -7.17 -27.20
CA ALA E 503 -37.59 -7.07 -26.37
C ALA E 503 -37.41 -6.07 -25.23
N SER E 504 -36.16 -5.74 -24.89
CA SER E 504 -35.88 -4.87 -23.77
C SER E 504 -35.50 -3.45 -24.19
N TYR E 505 -35.46 -3.15 -25.49
CA TYR E 505 -35.18 -1.80 -25.97
C TYR E 505 -36.33 -1.18 -26.74
N ILE E 506 -37.20 -1.98 -27.34
CA ILE E 506 -38.46 -1.50 -27.92
C ILE E 506 -39.58 -2.26 -27.21
N MET E 507 -40.18 -1.62 -26.22
N MET E 507 -40.18 -1.62 -26.22
CA MET E 507 -41.19 -2.26 -25.38
CA MET E 507 -41.19 -2.26 -25.38
C MET E 507 -42.62 -1.88 -25.79
C MET E 507 -42.62 -1.88 -25.79
N ASN E 508 -42.92 -0.60 -25.88
CA ASN E 508 -44.25 -0.11 -26.20
C ASN E 508 -44.41 0.23 -27.68
N GLY E 509 -43.50 -0.24 -28.53
CA GLY E 509 -43.64 -0.01 -29.95
C GLY E 509 -43.41 1.45 -30.32
N ILE E 510 -43.95 1.81 -31.47
CA ILE E 510 -43.81 3.16 -32.02
C ILE E 510 -45.16 3.61 -32.53
N ILE E 511 -45.54 4.84 -32.21
CA ILE E 511 -46.84 5.41 -32.58
C ILE E 511 -46.60 6.72 -33.31
N LYS E 512 -47.30 6.92 -34.41
CA LYS E 512 -47.10 8.10 -35.27
C LYS E 512 -47.94 9.24 -34.72
N TRP E 513 -47.32 10.07 -33.89
CA TRP E 513 -47.99 11.24 -33.31
C TRP E 513 -47.70 12.52 -34.08
N GLY E 514 -46.95 12.45 -35.17
CA GLY E 514 -46.63 13.65 -35.92
C GLY E 514 -45.75 13.34 -37.11
N ASP E 515 -45.27 14.41 -37.74
CA ASP E 515 -44.42 14.33 -38.92
C ASP E 515 -42.99 13.92 -38.59
N PRO E 516 -42.42 14.39 -37.47
CA PRO E 516 -41.01 14.08 -37.19
C PRO E 516 -40.68 12.60 -37.21
N VAL E 517 -41.59 11.76 -36.71
CA VAL E 517 -41.34 10.32 -36.72
C VAL E 517 -41.17 9.82 -38.15
N THR E 518 -42.08 10.24 -39.03
CA THR E 518 -41.99 9.83 -40.43
C THR E 518 -40.70 10.32 -41.07
N ARG E 519 -40.34 11.57 -40.79
CA ARG E 519 -39.13 12.13 -41.38
C ARG E 519 -37.89 11.36 -40.94
N VAL E 520 -37.80 11.05 -39.64
CA VAL E 520 -36.64 10.31 -39.13
C VAL E 520 -36.58 8.92 -39.73
N LEU E 521 -37.73 8.24 -39.82
CA LEU E 521 -37.73 6.90 -40.38
C LEU E 521 -37.31 6.92 -41.85
N ASP E 522 -37.78 7.92 -42.61
CA ASP E 522 -37.37 8.03 -44.01
C ASP E 522 -35.88 8.25 -44.12
N ASP E 523 -35.31 9.11 -43.27
CA ASP E 523 -33.87 9.30 -43.28
C ASP E 523 -33.13 8.00 -43.01
N GLY E 524 -33.59 7.25 -42.01
CA GLY E 524 -32.94 5.98 -41.69
C GLY E 524 -32.98 5.01 -42.85
N GLU E 525 -34.15 4.88 -43.49
CA GLU E 525 -34.26 3.95 -44.62
C GLU E 525 -33.38 4.39 -45.78
N LEU E 526 -33.29 5.70 -46.02
CA LEU E 526 -32.39 6.17 -47.09
C LEU E 526 -30.95 5.82 -46.77
N LEU E 527 -30.53 5.99 -45.51
CA LEU E 527 -29.16 5.63 -45.13
C LEU E 527 -28.90 4.14 -45.36
N VAL E 528 -29.86 3.29 -44.96
CA VAL E 528 -29.69 1.85 -45.13
C VAL E 528 -29.57 1.52 -46.62
N GLN E 529 -30.45 2.09 -47.44
CA GLN E 529 -30.39 1.83 -48.87
C GLN E 529 -29.07 2.28 -49.46
N GLN E 530 -28.56 3.44 -49.02
CA GLN E 530 -27.27 3.91 -49.54
C GLN E 530 -26.17 2.91 -49.19
N THR E 531 -26.09 2.50 -47.93
CA THR E 531 -24.98 1.63 -47.54
C THR E 531 -25.09 0.26 -48.19
N LYS E 532 -26.31 -0.20 -48.50
CA LYS E 532 -26.45 -1.53 -49.10
C LYS E 532 -26.08 -1.55 -50.58
N ASN E 533 -26.31 -0.45 -51.30
CA ASN E 533 -26.11 -0.43 -52.75
C ASN E 533 -25.10 0.63 -53.17
N SER E 534 -23.95 0.68 -52.49
CA SER E 534 -22.89 1.61 -52.84
C SER E 534 -21.57 0.84 -52.92
N ASP E 535 -20.67 1.35 -53.76
CA ASP E 535 -19.35 0.77 -53.94
C ASP E 535 -18.20 1.71 -53.61
N ARG E 536 -18.44 3.01 -53.55
CA ARG E 536 -17.41 3.98 -53.22
C ARG E 536 -17.54 4.53 -51.80
N THR E 537 -18.55 4.10 -51.05
CA THR E 537 -18.76 4.53 -49.67
C THR E 537 -19.09 3.32 -48.81
N PRO E 538 -18.10 2.45 -48.56
CA PRO E 538 -18.37 1.25 -47.76
C PRO E 538 -18.62 1.52 -46.29
N LEU E 539 -18.35 2.73 -45.80
CA LEU E 539 -18.55 3.09 -44.40
C LEU E 539 -19.45 4.31 -44.31
N VAL E 540 -20.45 4.25 -43.45
CA VAL E 540 -21.37 5.36 -43.24
C VAL E 540 -21.79 5.37 -41.77
N SER E 541 -21.86 6.56 -41.19
CA SER E 541 -22.19 6.72 -39.78
C SER E 541 -23.23 7.83 -39.64
N VAL E 542 -24.00 7.76 -38.55
CA VAL E 542 -25.05 8.75 -38.27
C VAL E 542 -25.18 8.91 -36.77
N LEU E 543 -25.56 10.11 -36.35
CA LEU E 543 -25.68 10.46 -34.95
C LEU E 543 -27.08 10.99 -34.67
N LEU E 544 -27.73 10.45 -33.64
CA LEU E 544 -29.03 10.92 -33.18
C LEU E 544 -28.85 11.67 -31.87
N GLU E 545 -29.45 12.86 -31.80
CA GLU E 545 -29.29 13.73 -30.63
C GLU E 545 -30.59 14.48 -30.39
N GLY E 546 -30.79 14.88 -29.13
CA GLY E 546 -31.99 15.59 -28.74
C GLY E 546 -32.02 15.88 -27.25
N PRO E 547 -33.13 16.41 -26.78
CA PRO E 547 -33.29 16.68 -25.34
C PRO E 547 -33.49 15.38 -24.58
N PRO E 548 -33.25 15.37 -23.28
CA PRO E 548 -33.43 14.13 -22.50
C PRO E 548 -34.89 13.72 -22.44
N HIS E 549 -35.11 12.41 -22.28
CA HIS E 549 -36.45 11.83 -22.21
C HIS E 549 -37.25 12.16 -23.48
N SER E 550 -36.75 11.66 -24.61
CA SER E 550 -37.38 11.92 -25.91
C SER E 550 -37.48 10.68 -26.79
N GLY E 551 -37.06 9.51 -26.30
CA GLY E 551 -37.13 8.31 -27.11
C GLY E 551 -36.07 8.26 -28.19
N LYS E 552 -34.80 8.24 -27.79
CA LYS E 552 -33.70 8.14 -28.73
C LYS E 552 -33.24 6.69 -28.92
N THR E 553 -33.21 5.92 -27.84
CA THR E 553 -32.81 4.52 -27.90
C THR E 553 -33.91 3.61 -28.41
N ALA E 554 -35.13 4.12 -28.58
CA ALA E 554 -36.23 3.33 -29.11
C ALA E 554 -36.48 3.59 -30.58
N LEU E 555 -35.88 4.64 -31.15
CA LEU E 555 -35.95 4.86 -32.59
C LEU E 555 -34.71 4.36 -33.32
N ALA E 556 -33.59 4.19 -32.62
CA ALA E 556 -32.40 3.65 -33.25
C ALA E 556 -32.52 2.14 -33.43
N ALA E 557 -32.99 1.44 -32.39
CA ALA E 557 -33.15 0.00 -32.50
C ALA E 557 -34.11 -0.36 -33.63
N LYS E 558 -35.19 0.41 -33.79
N LYS E 558 -35.19 0.41 -33.79
CA LYS E 558 -36.14 0.14 -34.86
CA LYS E 558 -36.14 0.14 -34.86
C LYS E 558 -35.50 0.33 -36.23
C LYS E 558 -35.50 0.33 -36.23
N ILE E 559 -34.69 1.38 -36.39
CA ILE E 559 -34.01 1.61 -37.65
C ILE E 559 -33.10 0.44 -37.97
N ALA E 560 -32.33 -0.02 -36.98
CA ALA E 560 -31.44 -1.15 -37.20
C ALA E 560 -32.22 -2.41 -37.55
N GLU E 561 -33.34 -2.64 -36.87
CA GLU E 561 -34.10 -3.87 -37.09
C GLU E 561 -34.81 -3.87 -38.44
N GLU E 562 -35.24 -2.70 -38.92
CA GLU E 562 -35.97 -2.66 -40.19
C GLU E 562 -35.15 -3.27 -41.31
N SER E 563 -33.87 -2.91 -41.40
CA SER E 563 -33.00 -3.56 -42.38
C SER E 563 -32.84 -5.04 -42.03
N ASN E 564 -32.67 -5.86 -43.07
CA ASN E 564 -32.53 -7.30 -42.92
C ASN E 564 -31.07 -7.73 -42.92
N PHE E 565 -30.19 -6.92 -42.35
CA PHE E 565 -28.77 -7.26 -42.33
C PHE E 565 -28.56 -8.54 -41.53
N PRO E 566 -27.76 -9.50 -42.03
CA PRO E 566 -27.56 -10.75 -41.27
C PRO E 566 -26.98 -10.55 -39.88
N PHE E 567 -26.06 -9.61 -39.70
CA PHE E 567 -25.36 -9.42 -38.44
C PHE E 567 -25.81 -8.11 -37.81
N ILE E 568 -26.31 -8.19 -36.57
CA ILE E 568 -26.73 -7.02 -35.82
C ILE E 568 -26.35 -7.22 -34.36
N LYS E 569 -25.88 -6.15 -33.73
CA LYS E 569 -25.39 -6.23 -32.35
C LYS E 569 -25.60 -4.88 -31.69
N ILE E 570 -25.66 -4.87 -30.37
CA ILE E 570 -25.81 -3.64 -29.58
C ILE E 570 -24.79 -3.67 -28.45
N CYS E 571 -23.92 -2.65 -28.41
CA CYS E 571 -22.95 -2.48 -27.33
C CYS E 571 -23.44 -1.37 -26.42
N SER E 572 -23.78 -1.71 -25.18
CA SER E 572 -24.39 -0.77 -24.26
C SER E 572 -23.66 -0.79 -22.92
N PRO E 573 -23.76 0.30 -22.15
CA PRO E 573 -23.07 0.33 -20.85
C PRO E 573 -23.70 -0.57 -19.80
N ASP E 574 -24.92 -1.06 -20.02
CA ASP E 574 -25.61 -1.85 -19.00
C ASP E 574 -24.84 -3.11 -18.63
N LYS E 575 -24.01 -3.62 -19.55
N LYS E 575 -24.02 -3.61 -19.56
CA LYS E 575 -23.26 -4.85 -19.33
CA LYS E 575 -23.26 -4.84 -19.35
C LYS E 575 -21.85 -4.59 -18.83
C LYS E 575 -21.86 -4.60 -18.79
N MET E 576 -21.51 -3.35 -18.49
CA MET E 576 -20.16 -2.99 -18.05
C MET E 576 -20.23 -2.19 -16.74
N ILE E 577 -21.00 -2.67 -15.79
CA ILE E 577 -21.14 -2.03 -14.49
C ILE E 577 -19.93 -2.42 -13.66
N GLY E 578 -19.05 -1.45 -13.39
CA GLY E 578 -17.91 -1.66 -12.52
C GLY E 578 -16.61 -2.01 -13.19
N PHE E 579 -16.56 -2.03 -14.53
CA PHE E 579 -15.32 -2.36 -15.22
C PHE E 579 -14.25 -1.30 -14.96
N SER E 580 -13.01 -1.67 -15.24
CA SER E 580 -11.91 -0.72 -15.24
C SER E 580 -11.92 0.05 -16.56
N GLU E 581 -10.88 0.83 -16.81
CA GLU E 581 -10.79 1.59 -18.05
C GLU E 581 -10.15 0.80 -19.19
N THR E 582 -9.61 -0.38 -18.90
CA THR E 582 -9.04 -1.23 -19.94
C THR E 582 -10.03 -2.25 -20.47
N ALA E 583 -10.89 -2.80 -19.62
CA ALA E 583 -11.85 -3.80 -20.07
C ALA E 583 -12.79 -3.23 -21.12
N LYS E 584 -13.17 -1.95 -20.97
CA LYS E 584 -14.08 -1.33 -21.93
C LYS E 584 -13.47 -1.30 -23.33
N CYS E 585 -12.19 -0.91 -23.41
CA CYS E 585 -11.54 -0.86 -24.71
C CYS E 585 -11.47 -2.24 -25.35
N GLN E 586 -11.14 -3.26 -24.57
N GLN E 586 -11.14 -3.26 -24.57
CA GLN E 586 -11.09 -4.61 -25.10
CA GLN E 586 -11.08 -4.61 -25.12
C GLN E 586 -12.45 -5.07 -25.58
C GLN E 586 -12.46 -5.08 -25.58
N ALA E 587 -13.50 -4.79 -24.81
CA ALA E 587 -14.84 -5.19 -25.21
C ALA E 587 -15.26 -4.52 -26.51
N MET E 588 -15.01 -3.21 -26.64
CA MET E 588 -15.38 -2.51 -27.86
C MET E 588 -14.60 -3.03 -29.05
N LYS E 589 -13.29 -3.24 -28.88
CA LYS E 589 -12.49 -3.75 -29.98
C LYS E 589 -12.93 -5.15 -30.38
N LYS E 590 -13.32 -5.98 -29.41
CA LYS E 590 -13.79 -7.32 -29.73
C LYS E 590 -15.09 -7.27 -30.52
N ILE E 591 -16.02 -6.41 -30.12
CA ILE E 591 -17.28 -6.29 -30.85
C ILE E 591 -17.02 -5.86 -32.29
N PHE E 592 -16.19 -4.81 -32.46
CA PHE E 592 -15.94 -4.32 -33.81
C PHE E 592 -15.10 -5.31 -34.64
N ASP E 593 -14.28 -6.12 -33.98
CA ASP E 593 -13.54 -7.15 -34.69
C ASP E 593 -14.47 -8.26 -35.17
N ASP E 594 -15.41 -8.67 -34.32
CA ASP E 594 -16.40 -9.66 -34.73
C ASP E 594 -17.22 -9.14 -35.91
N ALA E 595 -17.60 -7.86 -35.87
CA ALA E 595 -18.48 -7.34 -36.91
C ALA E 595 -17.85 -7.40 -38.29
N TYR E 596 -16.52 -7.53 -38.37
CA TYR E 596 -15.84 -7.48 -39.67
C TYR E 596 -16.01 -8.77 -40.48
N LYS E 597 -16.20 -9.92 -39.82
N LYS E 597 -16.19 -9.92 -39.82
CA LYS E 597 -16.22 -11.18 -40.55
CA LYS E 597 -16.23 -11.19 -40.55
C LYS E 597 -17.43 -11.27 -41.48
C LYS E 597 -17.43 -11.27 -41.48
N SER E 598 -18.60 -10.81 -41.05
CA SER E 598 -19.79 -10.90 -41.87
C SER E 598 -19.71 -9.91 -43.03
N GLN E 599 -20.44 -10.22 -44.10
CA GLN E 599 -20.43 -9.40 -45.30
C GLN E 599 -21.45 -8.26 -45.26
N LEU E 600 -22.13 -8.08 -44.13
CA LEU E 600 -23.05 -6.96 -43.96
C LEU E 600 -23.34 -6.85 -42.47
N SER E 601 -23.24 -5.64 -41.92
CA SER E 601 -23.28 -5.47 -40.48
C SER E 601 -24.01 -4.19 -40.11
N CYS E 602 -24.35 -4.10 -38.83
CA CYS E 602 -24.96 -2.89 -38.26
C CYS E 602 -24.75 -2.94 -36.76
N VAL E 603 -23.99 -1.98 -36.22
CA VAL E 603 -23.63 -1.95 -34.81
C VAL E 603 -24.14 -0.64 -34.20
N VAL E 604 -24.71 -0.73 -33.02
CA VAL E 604 -25.32 0.41 -32.34
C VAL E 604 -24.54 0.69 -31.06
N VAL E 605 -24.14 1.94 -30.87
CA VAL E 605 -23.50 2.40 -29.65
C VAL E 605 -24.49 3.26 -28.89
N ASP E 606 -24.65 2.98 -27.60
CA ASP E 606 -25.69 3.59 -26.78
C ASP E 606 -25.08 4.47 -25.70
N ASP E 607 -25.57 5.70 -25.60
CA ASP E 607 -25.23 6.61 -24.50
C ASP E 607 -23.71 6.81 -24.41
N ILE E 608 -23.20 7.47 -25.44
CA ILE E 608 -21.76 7.66 -25.56
C ILE E 608 -21.20 8.36 -24.32
N GLU E 609 -21.91 9.38 -23.82
CA GLU E 609 -21.41 10.13 -22.67
C GLU E 609 -21.25 9.24 -21.44
N ARG E 610 -22.26 8.41 -21.16
CA ARG E 610 -22.13 7.47 -20.05
C ARG E 610 -21.00 6.49 -20.32
N LEU E 611 -20.68 6.25 -21.59
CA LEU E 611 -19.57 5.39 -21.94
C LEU E 611 -18.24 6.05 -21.61
N LEU E 612 -18.15 7.37 -21.73
CA LEU E 612 -16.91 8.11 -21.47
C LEU E 612 -16.72 8.48 -20.00
N ASP E 613 -17.71 8.22 -19.14
CA ASP E 613 -17.62 8.59 -17.73
C ASP E 613 -17.40 10.10 -17.58
N TYR E 614 -18.39 10.86 -18.03
CA TYR E 614 -18.31 12.32 -18.07
C TYR E 614 -19.16 12.92 -16.96
N VAL E 615 -18.55 13.79 -16.15
CA VAL E 615 -19.26 14.51 -15.11
C VAL E 615 -18.87 15.99 -15.24
N PRO E 616 -19.82 16.92 -15.17
CA PRO E 616 -19.53 18.32 -15.54
C PRO E 616 -18.84 19.14 -14.46
N ILE E 617 -18.29 18.53 -13.42
CA ILE E 617 -17.60 19.27 -12.36
C ILE E 617 -16.10 19.08 -12.58
N GLY E 618 -15.49 20.01 -13.30
CA GLY E 618 -14.05 20.09 -13.42
C GLY E 618 -13.53 20.22 -14.84
N PRO E 619 -14.05 19.44 -15.80
CA PRO E 619 -14.81 18.18 -15.67
C PRO E 619 -13.85 17.00 -15.60
N ARG E 620 -14.36 15.76 -15.64
N ARG E 620 -14.35 15.76 -15.66
CA ARG E 620 -13.54 14.56 -15.62
CA ARG E 620 -13.52 14.58 -15.65
C ARG E 620 -14.03 13.60 -16.69
C ARG E 620 -14.03 13.58 -16.66
N PHE E 621 -13.11 12.81 -17.23
CA PHE E 621 -13.46 11.77 -18.21
C PHE E 621 -12.21 10.93 -18.45
N SER E 622 -12.36 9.93 -19.32
CA SER E 622 -11.30 8.99 -19.63
C SER E 622 -10.81 9.22 -21.06
N ASN E 623 -9.50 9.37 -21.22
CA ASN E 623 -8.92 9.64 -22.53
C ASN E 623 -8.85 8.39 -23.39
N LEU E 624 -8.56 7.23 -22.79
CA LEU E 624 -8.34 6.02 -23.55
C LEU E 624 -9.57 5.67 -24.38
N VAL E 625 -10.75 5.71 -23.76
CA VAL E 625 -11.98 5.35 -24.47
C VAL E 625 -12.23 6.33 -25.61
N LEU E 626 -12.01 7.63 -25.36
CA LEU E 626 -12.24 8.62 -26.41
C LEU E 626 -11.33 8.38 -27.60
N GLN E 627 -10.04 8.13 -27.35
CA GLN E 627 -9.11 7.87 -28.45
C GLN E 627 -9.49 6.61 -29.20
N ALA E 628 -9.85 5.54 -28.48
CA ALA E 628 -10.25 4.32 -29.14
C ALA E 628 -11.48 4.54 -30.02
N LEU E 629 -12.47 5.26 -29.52
CA LEU E 629 -13.67 5.52 -30.30
C LEU E 629 -13.35 6.35 -31.53
N LEU E 630 -12.54 7.40 -31.38
CA LEU E 630 -12.21 8.25 -32.52
C LEU E 630 -11.47 7.45 -33.58
N VAL E 631 -10.52 6.61 -33.18
CA VAL E 631 -9.78 5.82 -34.17
C VAL E 631 -10.71 4.81 -34.84
N LEU E 632 -11.57 4.15 -34.06
CA LEU E 632 -12.42 3.11 -34.62
C LEU E 632 -13.45 3.67 -35.59
N LEU E 633 -13.97 4.87 -35.33
CA LEU E 633 -15.03 5.39 -36.19
C LEU E 633 -14.54 5.77 -37.59
N LYS E 634 -13.29 5.52 -37.97
CA LYS E 634 -12.82 5.84 -39.32
C LYS E 634 -12.14 4.68 -40.03
N LYS E 635 -11.85 3.58 -39.35
CA LYS E 635 -11.22 2.44 -40.00
C LYS E 635 -12.21 1.77 -40.94
N ALA E 636 -11.89 1.77 -42.23
CA ALA E 636 -12.75 1.14 -43.21
C ALA E 636 -12.82 -0.36 -42.98
N PRO E 637 -13.91 -1.00 -43.41
CA PRO E 637 -13.97 -2.46 -43.31
C PRO E 637 -12.96 -3.13 -44.21
N PRO E 638 -12.42 -4.28 -43.81
CA PRO E 638 -11.40 -4.96 -44.61
C PRO E 638 -11.93 -5.55 -45.92
N GLN E 639 -11.00 -5.59 -46.89
CA GLN E 639 -11.28 -5.98 -48.28
C GLN E 639 -12.57 -5.36 -48.82
N GLY E 640 -13.63 -6.15 -48.93
CA GLY E 640 -14.77 -5.79 -49.77
C GLY E 640 -16.11 -5.85 -49.05
N ARG E 641 -16.14 -5.46 -47.78
CA ARG E 641 -17.35 -5.59 -46.98
C ARG E 641 -17.94 -4.23 -46.66
N LYS E 642 -19.01 -4.20 -45.87
CA LYS E 642 -19.77 -2.98 -45.64
C LYS E 642 -20.17 -2.89 -44.18
N LEU E 643 -20.48 -1.68 -43.72
CA LEU E 643 -20.76 -1.44 -42.31
C LEU E 643 -21.72 -0.26 -42.17
N LEU E 644 -22.28 -0.12 -40.97
CA LEU E 644 -23.15 1.00 -40.63
C LEU E 644 -23.15 1.16 -39.12
N ILE E 645 -22.81 2.35 -38.64
CA ILE E 645 -22.68 2.63 -37.21
C ILE E 645 -23.67 3.73 -36.85
N ILE E 646 -24.50 3.47 -35.85
CA ILE E 646 -25.49 4.42 -35.35
C ILE E 646 -25.16 4.74 -33.90
N GLY E 647 -25.13 6.03 -33.57
CA GLY E 647 -24.82 6.48 -32.23
C GLY E 647 -25.96 7.25 -31.62
N THR E 648 -25.96 7.35 -30.29
CA THR E 648 -26.96 8.08 -29.55
C THR E 648 -26.29 8.93 -28.49
N THR E 649 -26.83 10.11 -28.23
CA THR E 649 -26.25 11.04 -27.28
C THR E 649 -27.32 11.99 -26.78
N SER E 650 -26.98 12.74 -25.72
CA SER E 650 -27.91 13.67 -25.10
C SER E 650 -27.34 15.06 -24.86
N ARG E 651 -26.04 15.29 -25.08
CA ARG E 651 -25.41 16.59 -24.86
C ARG E 651 -24.46 16.84 -26.02
N LYS E 652 -24.97 17.52 -27.06
CA LYS E 652 -24.19 17.64 -28.29
C LYS E 652 -23.02 18.62 -28.13
N ASP E 653 -23.19 19.65 -27.31
CA ASP E 653 -22.14 20.68 -27.20
C ASP E 653 -20.84 20.10 -26.66
N VAL E 654 -20.93 19.20 -25.68
CA VAL E 654 -19.72 18.61 -25.11
C VAL E 654 -19.00 17.79 -26.18
N LEU E 655 -19.76 17.05 -26.99
CA LEU E 655 -19.15 16.32 -28.10
C LEU E 655 -18.52 17.28 -29.11
N GLN E 656 -19.15 18.43 -29.34
CA GLN E 656 -18.54 19.43 -30.21
C GLN E 656 -17.18 19.86 -29.68
N GLU E 657 -17.09 20.09 -28.37
CA GLU E 657 -15.81 20.49 -27.79
C GLU E 657 -14.81 19.35 -27.70
N MET E 658 -15.27 18.11 -27.72
CA MET E 658 -14.38 16.95 -27.67
C MET E 658 -13.93 16.49 -29.05
N GLU E 659 -14.29 17.22 -30.11
CA GLU E 659 -13.88 16.98 -31.49
C GLU E 659 -14.54 15.77 -32.11
N MET E 660 -15.37 15.02 -31.38
CA MET E 660 -15.96 13.82 -31.93
C MET E 660 -16.92 14.13 -33.08
N LEU E 661 -17.69 15.22 -32.97
CA LEU E 661 -18.77 15.48 -33.91
C LEU E 661 -18.26 15.65 -35.34
N ASN E 662 -16.99 15.93 -35.54
CA ASN E 662 -16.42 16.01 -36.89
C ASN E 662 -15.96 14.65 -37.41
N ALA E 663 -16.16 13.59 -36.63
CA ALA E 663 -15.90 12.24 -37.10
C ALA E 663 -17.15 11.56 -37.68
N PHE E 664 -18.33 11.86 -37.15
CA PHE E 664 -19.56 11.35 -37.72
C PHE E 664 -19.84 12.03 -39.06
N SER E 665 -20.72 11.41 -39.84
CA SER E 665 -21.01 11.87 -41.19
C SER E 665 -22.28 12.69 -41.31
N THR E 666 -23.30 12.39 -40.49
CA THR E 666 -24.57 13.10 -40.58
C THR E 666 -25.21 13.13 -39.21
N THR E 667 -26.13 14.08 -39.03
CA THR E 667 -26.80 14.29 -37.75
C THR E 667 -28.30 14.41 -37.98
N ILE E 668 -29.06 13.93 -36.99
CA ILE E 668 -30.52 13.98 -37.02
C ILE E 668 -31.00 14.45 -35.66
N HIS E 669 -32.03 15.30 -35.66
CA HIS E 669 -32.56 15.91 -34.46
C HIS E 669 -33.94 15.33 -34.16
N VAL E 670 -34.11 14.83 -32.93
CA VAL E 670 -35.37 14.27 -32.48
C VAL E 670 -36.04 15.31 -31.57
N PRO E 671 -37.15 15.93 -31.97
CA PRO E 671 -37.75 16.99 -31.16
C PRO E 671 -38.73 16.45 -30.13
N ASN E 672 -39.22 17.38 -29.31
CA ASN E 672 -40.22 17.08 -28.29
C ASN E 672 -41.60 17.55 -28.74
N ILE E 673 -42.62 17.13 -28.01
CA ILE E 673 -43.98 17.58 -28.28
C ILE E 673 -44.08 19.07 -27.95
N ALA E 674 -44.70 19.83 -28.85
CA ALA E 674 -44.76 21.28 -28.72
C ALA E 674 -46.18 21.81 -28.55
N THR E 675 -47.10 21.44 -29.44
CA THR E 675 -48.41 22.04 -29.49
C THR E 675 -49.47 21.11 -28.90
N GLY E 676 -50.63 21.71 -28.58
CA GLY E 676 -51.68 20.95 -27.93
C GLY E 676 -52.30 19.89 -28.84
N GLU E 677 -52.39 20.17 -30.14
CA GLU E 677 -53.01 19.23 -31.05
C GLU E 677 -52.26 17.90 -31.07
N GLN E 678 -50.92 17.96 -31.08
CA GLN E 678 -50.14 16.73 -31.06
C GLN E 678 -50.35 15.97 -29.75
N LEU E 679 -50.45 16.69 -28.63
CA LEU E 679 -50.76 16.03 -27.37
C LEU E 679 -52.10 15.31 -27.44
N LEU E 680 -53.11 15.97 -28.00
CA LEU E 680 -54.42 15.33 -28.14
C LEU E 680 -54.32 14.08 -29.00
N GLU E 681 -53.61 14.17 -30.13
CA GLU E 681 -53.47 13.02 -31.01
C GLU E 681 -52.79 11.86 -30.30
N ALA E 682 -51.70 12.14 -29.60
CA ALA E 682 -50.98 11.07 -28.90
C ALA E 682 -51.85 10.45 -27.82
N LEU E 683 -52.56 11.28 -27.04
CA LEU E 683 -53.41 10.74 -26.00
C LEU E 683 -54.51 9.86 -26.58
N GLU E 684 -55.13 10.30 -27.68
CA GLU E 684 -56.17 9.49 -28.30
C GLU E 684 -55.60 8.16 -28.80
N LEU E 685 -54.45 8.21 -29.49
CA LEU E 685 -53.89 7.00 -30.07
C LEU E 685 -53.51 6.00 -28.98
N LEU E 686 -52.90 6.48 -27.89
CA LEU E 686 -52.63 5.61 -26.75
C LEU E 686 -53.95 5.00 -26.27
N GLY E 687 -54.82 5.86 -25.75
CA GLY E 687 -56.17 5.49 -25.39
C GLY E 687 -56.31 5.22 -23.91
N ASN E 688 -56.69 6.25 -23.14
CA ASN E 688 -57.03 6.09 -21.74
C ASN E 688 -58.24 6.89 -21.30
N PHE E 689 -58.61 7.96 -22.01
CA PHE E 689 -59.66 8.87 -21.59
C PHE E 689 -60.81 8.84 -22.58
N LYS E 690 -62.01 9.07 -22.08
CA LYS E 690 -63.22 9.02 -22.89
C LYS E 690 -63.45 10.38 -23.56
N ASP E 691 -64.58 10.49 -24.26
CA ASP E 691 -64.85 11.71 -25.02
C ASP E 691 -64.97 12.92 -24.11
N LYS E 692 -65.69 12.78 -22.99
CA LYS E 692 -65.92 13.91 -22.10
C LYS E 692 -64.59 14.40 -21.51
N GLU E 693 -63.78 13.47 -21.01
CA GLU E 693 -62.47 13.85 -20.47
C GLU E 693 -61.58 14.43 -21.56
N ARG E 694 -61.67 13.89 -22.78
CA ARG E 694 -60.90 14.43 -23.88
C ARG E 694 -61.24 15.90 -24.11
N THR E 695 -62.53 16.22 -24.20
CA THR E 695 -62.94 17.60 -24.41
C THR E 695 -62.52 18.49 -23.25
N THR E 696 -62.68 17.99 -22.02
CA THR E 696 -62.31 18.79 -20.86
C THR E 696 -60.82 19.11 -20.87
N ILE E 697 -59.98 18.12 -21.19
CA ILE E 697 -58.54 18.36 -21.26
C ILE E 697 -58.22 19.34 -22.37
N ALA E 698 -58.85 19.17 -23.53
CA ALA E 698 -58.57 20.04 -24.67
C ALA E 698 -58.91 21.49 -24.35
N GLN E 699 -60.01 21.71 -23.63
CA GLN E 699 -60.42 23.08 -23.33
C GLN E 699 -59.27 23.87 -22.71
N GLN E 700 -58.62 23.31 -21.70
CA GLN E 700 -57.49 23.99 -21.07
C GLN E 700 -56.24 23.93 -21.94
N VAL E 701 -55.98 22.78 -22.56
CA VAL E 701 -54.70 22.58 -23.24
C VAL E 701 -54.55 23.53 -24.42
N LYS E 702 -55.61 23.70 -25.21
CA LYS E 702 -55.51 24.48 -26.43
C LYS E 702 -55.22 25.95 -26.17
N GLY E 703 -55.38 26.42 -24.94
CA GLY E 703 -55.17 27.81 -24.59
C GLY E 703 -53.73 28.18 -24.33
N LYS E 704 -52.79 27.26 -24.51
CA LYS E 704 -51.37 27.53 -24.26
C LYS E 704 -50.55 26.51 -25.02
N LYS E 705 -49.22 26.59 -24.87
CA LYS E 705 -48.29 25.68 -25.53
C LYS E 705 -47.56 24.85 -24.49
N VAL E 706 -47.21 23.62 -24.86
CA VAL E 706 -46.67 22.64 -23.94
C VAL E 706 -45.27 22.24 -24.40
N TRP E 707 -44.51 21.64 -23.50
CA TRP E 707 -43.16 21.16 -23.80
C TRP E 707 -42.87 19.98 -22.89
N ILE E 708 -42.86 18.77 -23.45
CA ILE E 708 -42.69 17.56 -22.66
C ILE E 708 -42.33 16.42 -23.59
N GLY E 709 -41.52 15.49 -23.09
CA GLY E 709 -41.15 14.32 -23.85
C GLY E 709 -42.18 13.20 -23.75
N ILE E 710 -42.03 12.22 -24.63
CA ILE E 710 -43.02 11.14 -24.74
C ILE E 710 -42.98 10.24 -23.51
N LYS E 711 -41.78 9.86 -23.06
CA LYS E 711 -41.66 8.96 -21.93
C LYS E 711 -42.29 9.56 -20.68
N LYS E 712 -42.04 10.86 -20.45
CA LYS E 712 -42.68 11.53 -19.31
C LYS E 712 -44.20 11.52 -19.44
N LEU E 713 -44.70 11.63 -20.67
CA LEU E 713 -46.14 11.56 -20.88
C LEU E 713 -46.68 10.20 -20.45
N LEU E 714 -45.99 9.12 -20.84
CA LEU E 714 -46.42 7.80 -20.41
C LEU E 714 -46.39 7.68 -18.89
N MET E 715 -45.32 8.17 -18.27
CA MET E 715 -45.21 8.09 -16.81
C MET E 715 -46.35 8.83 -16.13
N LEU E 716 -46.66 10.04 -16.61
CA LEU E 716 -47.74 10.82 -16.01
C LEU E 716 -49.09 10.13 -16.18
N ILE E 717 -49.35 9.56 -17.36
CA ILE E 717 -50.62 8.87 -17.56
C ILE E 717 -50.73 7.69 -16.59
N GLU E 718 -49.66 6.91 -16.46
CA GLU E 718 -49.71 5.76 -15.56
C GLU E 718 -49.89 6.18 -14.11
N MET E 719 -49.22 7.26 -13.70
CA MET E 719 -49.39 7.75 -12.34
C MET E 719 -50.83 8.23 -12.10
N SER E 720 -51.38 8.95 -13.06
CA SER E 720 -52.72 9.51 -12.89
C SER E 720 -53.78 8.43 -12.82
N LEU E 721 -53.63 7.36 -13.63
CA LEU E 721 -54.72 6.40 -13.76
C LEU E 721 -55.08 5.72 -12.44
N GLN E 722 -54.21 5.75 -11.43
CA GLN E 722 -54.49 5.04 -10.18
C GLN E 722 -55.62 5.70 -9.39
N MET E 723 -55.76 7.02 -9.49
CA MET E 723 -56.77 7.72 -8.69
C MET E 723 -58.17 7.25 -9.05
N ASP E 724 -59.13 7.66 -8.21
CA ASP E 724 -60.52 7.31 -8.43
C ASP E 724 -61.06 8.03 -9.67
N PRO E 725 -62.09 7.47 -10.32
CA PRO E 725 -62.52 8.02 -11.61
C PRO E 725 -62.86 9.50 -11.57
N GLU E 726 -63.44 9.98 -10.48
CA GLU E 726 -63.90 11.37 -10.44
C GLU E 726 -62.73 12.35 -10.58
N TYR E 727 -61.65 12.12 -9.85
CA TYR E 727 -60.56 13.08 -9.77
C TYR E 727 -59.49 12.89 -10.83
N ARG E 728 -59.51 11.77 -11.57
CA ARG E 728 -58.43 11.47 -12.50
C ARG E 728 -58.04 12.70 -13.32
N VAL E 729 -58.98 13.22 -14.11
CA VAL E 729 -58.70 14.37 -14.96
C VAL E 729 -57.97 15.44 -14.14
N ARG E 730 -58.60 15.88 -13.05
CA ARG E 730 -58.00 16.95 -12.26
C ARG E 730 -56.56 16.61 -11.91
N LYS E 731 -56.33 15.42 -11.34
CA LYS E 731 -54.97 15.06 -10.96
C LYS E 731 -54.03 15.22 -12.14
N PHE E 732 -54.38 14.62 -13.28
CA PHE E 732 -53.52 14.71 -14.44
C PHE E 732 -53.20 16.17 -14.74
N LEU E 733 -54.24 16.99 -14.84
CA LEU E 733 -54.02 18.39 -15.15
C LEU E 733 -52.98 18.99 -14.21
N ALA E 734 -53.17 18.78 -12.90
CA ALA E 734 -52.24 19.35 -11.93
C ALA E 734 -50.81 18.99 -12.30
N LEU E 735 -50.56 17.70 -12.53
CA LEU E 735 -49.20 17.28 -12.84
C LEU E 735 -48.67 18.03 -14.04
N LEU E 736 -49.45 18.11 -15.11
CA LEU E 736 -48.97 18.74 -16.33
C LEU E 736 -48.62 20.21 -16.07
N ARG E 737 -49.33 20.85 -15.14
CA ARG E 737 -49.02 22.23 -14.81
C ARG E 737 -47.76 22.34 -13.96
N GLU E 738 -47.57 21.38 -13.04
CA GLU E 738 -46.46 21.49 -12.09
C GLU E 738 -45.13 21.18 -12.77
N GLU E 739 -45.13 20.25 -13.73
CA GLU E 739 -43.91 19.84 -14.40
C GLU E 739 -43.72 20.50 -15.75
N GLY E 740 -44.80 20.95 -16.40
CA GLY E 740 -44.73 21.49 -17.74
C GLY E 740 -44.08 22.86 -17.82
N ALA E 741 -43.45 23.32 -16.75
CA ALA E 741 -42.77 24.60 -16.74
C ALA E 741 -41.43 24.47 -17.45
N SER E 742 -41.34 25.03 -18.65
CA SER E 742 -40.13 24.96 -19.46
C SER E 742 -40.34 25.82 -20.70
N PRO E 743 -39.26 26.13 -21.45
CA PRO E 743 -39.42 26.92 -22.67
C PRO E 743 -40.39 26.29 -23.66
N PHE F 218 35.16 -17.60 -57.06
CA PHE F 218 34.43 -17.36 -55.83
C PHE F 218 32.99 -17.84 -55.95
N GLU F 219 32.44 -17.74 -57.16
CA GLU F 219 31.07 -18.16 -57.41
C GLU F 219 30.87 -19.67 -57.32
N LYS F 220 31.96 -20.44 -57.27
CA LYS F 220 31.83 -21.90 -57.21
C LYS F 220 31.10 -22.34 -55.95
N MET F 221 31.38 -21.68 -54.82
CA MET F 221 30.78 -22.08 -53.55
C MET F 221 29.41 -21.45 -53.32
N GLY F 222 28.88 -20.71 -54.28
CA GLY F 222 27.52 -20.23 -54.20
C GLY F 222 27.33 -18.91 -53.50
N ILE F 223 28.36 -18.10 -53.38
CA ILE F 223 28.25 -16.76 -52.81
C ILE F 223 28.82 -15.77 -53.82
N GLY F 224 28.04 -14.72 -54.13
CA GLY F 224 28.44 -13.72 -55.08
C GLY F 224 28.27 -12.32 -54.53
N GLY F 225 28.90 -11.37 -55.21
CA GLY F 225 28.85 -9.98 -54.79
C GLY F 225 29.77 -9.64 -53.64
N LEU F 226 30.67 -10.55 -53.25
CA LEU F 226 31.58 -10.32 -52.13
C LEU F 226 32.98 -10.82 -52.44
N ASP F 227 33.38 -10.79 -53.72
CA ASP F 227 34.70 -11.28 -54.09
C ASP F 227 35.80 -10.48 -53.41
N LYS F 228 35.66 -9.15 -53.42
CA LYS F 228 36.65 -8.30 -52.77
C LYS F 228 36.68 -8.55 -51.27
N GLU F 229 35.51 -8.80 -50.67
CA GLU F 229 35.47 -9.10 -49.24
C GLU F 229 36.22 -10.38 -48.94
N PHE F 230 36.04 -11.42 -49.77
CA PHE F 230 36.78 -12.66 -49.56
C PHE F 230 38.27 -12.45 -49.74
N SER F 231 38.66 -11.65 -50.73
CA SER F 231 40.08 -11.35 -50.91
C SER F 231 40.65 -10.64 -49.69
N ASP F 232 39.90 -9.69 -49.13
CA ASP F 232 40.35 -9.00 -47.92
C ASP F 232 40.48 -9.97 -46.75
N ILE F 233 39.50 -10.86 -46.58
CA ILE F 233 39.57 -11.82 -45.50
C ILE F 233 40.80 -12.71 -45.64
N PHE F 234 41.05 -13.18 -46.87
CA PHE F 234 42.21 -14.03 -47.11
C PHE F 234 43.51 -13.29 -46.84
N ARG F 235 43.61 -12.03 -47.28
CA ARG F 235 44.83 -11.27 -47.08
C ARG F 235 45.07 -10.99 -45.60
N ARG F 236 44.01 -10.76 -44.84
CA ARG F 236 44.15 -10.36 -43.44
C ARG F 236 44.06 -11.51 -42.46
N ALA F 237 43.29 -12.55 -42.76
CA ALA F 237 43.04 -13.61 -41.80
C ALA F 237 44.03 -14.78 -41.95
N PHE F 238 44.06 -15.39 -43.12
CA PHE F 238 44.82 -16.62 -43.33
C PHE F 238 46.21 -16.37 -43.93
N ALA F 239 46.59 -15.11 -44.13
CA ALA F 239 47.93 -14.83 -44.65
C ALA F 239 49.00 -15.29 -43.67
N SER F 240 48.80 -15.04 -42.37
CA SER F 240 49.79 -15.44 -41.38
C SER F 240 49.94 -16.95 -41.33
N ARG F 241 48.82 -17.67 -41.32
CA ARG F 241 48.89 -19.14 -41.27
C ARG F 241 49.56 -19.70 -42.52
N VAL F 242 49.23 -19.16 -43.68
CA VAL F 242 49.81 -19.61 -44.94
C VAL F 242 51.12 -18.88 -45.20
N HIS F 255 48.42 -14.85 -34.00
CA HIS F 255 47.41 -15.00 -35.06
C HIS F 255 46.09 -14.34 -34.66
N VAL F 256 45.37 -13.82 -35.65
CA VAL F 256 44.08 -13.20 -35.38
C VAL F 256 43.09 -14.26 -34.93
N LYS F 257 42.36 -13.96 -33.86
CA LYS F 257 41.41 -14.89 -33.26
C LYS F 257 40.08 -14.17 -32.96
N GLY F 258 39.60 -13.40 -33.94
CA GLY F 258 38.34 -12.70 -33.78
C GLY F 258 37.74 -12.19 -35.06
N ILE F 259 36.45 -12.45 -35.28
CA ILE F 259 35.72 -11.97 -36.45
C ILE F 259 34.29 -11.66 -36.03
N LEU F 260 33.76 -10.56 -36.55
CA LEU F 260 32.38 -10.14 -36.28
C LEU F 260 31.72 -9.78 -37.60
N LEU F 261 30.82 -10.65 -38.06
CA LEU F 261 30.07 -10.42 -39.30
C LEU F 261 28.66 -9.95 -38.94
N TYR F 262 28.26 -8.81 -39.50
CA TYR F 262 26.94 -8.27 -39.20
C TYR F 262 26.22 -7.87 -40.48
N GLY F 263 24.89 -8.02 -40.51
CA GLY F 263 24.06 -7.67 -41.68
C GLY F 263 22.56 -7.62 -41.34
N PRO F 264 21.64 -7.23 -42.26
CA PRO F 264 20.21 -7.24 -41.99
C PRO F 264 19.68 -8.67 -42.04
N PRO F 265 18.55 -9.00 -41.40
CA PRO F 265 18.09 -10.40 -41.28
C PRO F 265 18.07 -11.27 -42.53
N GLY F 266 18.52 -12.52 -42.39
CA GLY F 266 18.45 -13.49 -43.50
C GLY F 266 19.02 -12.97 -44.80
N CYS F 267 20.26 -12.51 -44.81
CA CYS F 267 20.93 -12.06 -46.05
C CYS F 267 21.90 -13.14 -46.52
N GLY F 268 22.31 -14.06 -45.63
CA GLY F 268 23.28 -15.12 -45.95
C GLY F 268 24.62 -14.85 -45.29
N LYS F 269 24.74 -15.13 -43.98
CA LYS F 269 26.01 -14.97 -43.22
C LYS F 269 26.47 -16.36 -42.74
N THR F 270 25.55 -17.31 -42.52
CA THR F 270 25.88 -18.67 -42.13
C THR F 270 26.61 -19.40 -43.25
N LEU F 271 26.21 -19.15 -44.50
CA LEU F 271 26.93 -19.73 -45.63
C LEU F 271 28.38 -19.27 -45.64
N LEU F 272 28.61 -17.97 -45.42
CA LEU F 272 29.98 -17.46 -45.39
C LEU F 272 30.79 -18.12 -44.28
N ALA F 273 30.21 -18.24 -43.09
CA ALA F 273 30.93 -18.84 -41.97
C ALA F 273 31.26 -20.30 -42.27
N ARG F 274 30.29 -21.05 -42.81
CA ARG F 274 30.53 -22.46 -43.10
C ARG F 274 31.57 -22.62 -44.21
N GLN F 275 31.54 -21.74 -45.21
CA GLN F 275 32.53 -21.83 -46.28
C GLN F 275 33.93 -21.48 -45.77
N ILE F 276 34.01 -20.50 -44.86
CA ILE F 276 35.31 -20.18 -44.24
C ILE F 276 35.82 -21.37 -43.46
N GLY F 277 34.94 -22.03 -42.70
CA GLY F 277 35.36 -23.21 -41.97
C GLY F 277 35.82 -24.33 -42.89
N LYS F 278 35.08 -24.58 -43.97
CA LYS F 278 35.43 -25.66 -44.89
C LYS F 278 36.72 -25.37 -45.64
N MET F 279 36.94 -24.11 -46.01
CA MET F 279 38.09 -23.78 -46.86
C MET F 279 39.39 -24.19 -46.20
N LEU F 280 39.52 -23.93 -44.90
CA LEU F 280 40.70 -24.36 -44.17
C LEU F 280 40.64 -25.87 -43.93
N ASN F 281 41.81 -26.50 -43.92
CA ASN F 281 41.92 -27.92 -43.64
C ASN F 281 41.82 -28.23 -42.15
N ALA F 282 41.67 -27.20 -41.30
CA ALA F 282 41.56 -27.41 -39.87
C ALA F 282 40.28 -28.17 -39.53
N ARG F 283 40.14 -28.49 -38.25
CA ARG F 283 39.00 -29.26 -37.77
C ARG F 283 37.68 -28.59 -38.16
N GLU F 284 36.60 -29.35 -38.01
CA GLU F 284 35.26 -28.85 -38.30
C GLU F 284 34.83 -27.89 -37.20
N PRO F 285 34.44 -26.66 -37.52
CA PRO F 285 34.03 -25.72 -36.47
C PRO F 285 32.75 -26.16 -35.76
N LYS F 286 32.61 -25.68 -34.53
CA LYS F 286 31.43 -25.90 -33.71
C LYS F 286 30.59 -24.63 -33.67
N VAL F 287 29.28 -24.80 -33.61
CA VAL F 287 28.33 -23.70 -33.70
C VAL F 287 27.35 -23.79 -32.54
N VAL F 288 27.19 -22.68 -31.81
CA VAL F 288 26.17 -22.54 -30.78
C VAL F 288 25.45 -21.22 -31.01
N ASN F 289 24.12 -21.26 -30.99
CA ASN F 289 23.30 -20.12 -31.33
C ASN F 289 22.38 -19.78 -30.17
N GLY F 290 22.26 -18.48 -29.88
CA GLY F 290 21.33 -18.00 -28.89
C GLY F 290 21.80 -18.18 -27.47
N PRO F 291 20.93 -17.87 -26.49
CA PRO F 291 21.27 -17.98 -25.07
C PRO F 291 21.05 -19.38 -24.48
N GLU F 292 21.60 -20.39 -25.15
CA GLU F 292 21.49 -21.75 -24.65
C GLU F 292 22.39 -22.00 -23.45
N ILE F 293 23.44 -21.20 -23.28
CA ILE F 293 24.32 -21.36 -22.12
C ILE F 293 23.61 -21.03 -20.82
N LEU F 294 22.56 -20.22 -20.87
CA LEU F 294 21.85 -19.85 -19.65
C LEU F 294 21.24 -21.09 -19.00
N ASN F 295 21.28 -21.12 -17.67
CA ASN F 295 20.75 -22.25 -16.92
C ASN F 295 20.18 -21.79 -15.59
N GLU F 300 26.69 -22.83 -13.98
CA GLU F 300 26.52 -23.80 -15.05
C GLU F 300 26.92 -23.20 -16.40
N SER F 301 26.54 -21.94 -16.61
CA SER F 301 26.91 -21.27 -17.86
C SER F 301 28.43 -21.17 -17.99
N GLU F 302 29.11 -20.82 -16.90
CA GLU F 302 30.57 -20.76 -16.93
C GLU F 302 31.17 -22.13 -17.21
N ALA F 303 30.62 -23.18 -16.60
CA ALA F 303 31.09 -24.53 -16.88
C ALA F 303 30.87 -24.91 -18.33
N ASN F 304 29.71 -24.54 -18.88
CA ASN F 304 29.44 -24.81 -20.29
C ASN F 304 30.45 -24.09 -21.18
N ILE F 305 30.78 -22.85 -20.85
CA ILE F 305 31.78 -22.11 -21.61
C ILE F 305 33.13 -22.80 -21.52
N ARG F 306 33.51 -23.22 -20.32
CA ARG F 306 34.79 -23.90 -20.14
C ARG F 306 34.86 -25.19 -20.94
N LYS F 307 33.73 -25.89 -21.07
CA LYS F 307 33.71 -27.14 -21.82
C LYS F 307 34.25 -26.95 -23.24
N LEU F 308 33.97 -25.79 -23.85
CA LEU F 308 34.35 -25.58 -25.25
C LEU F 308 35.86 -25.60 -25.42
N PHE F 309 36.60 -24.99 -24.50
CA PHE F 309 38.03 -24.77 -24.66
C PHE F 309 38.88 -25.94 -24.19
N ALA F 310 38.27 -27.01 -23.70
CA ALA F 310 39.05 -28.14 -23.19
C ALA F 310 39.91 -28.75 -24.27
N ASP F 311 39.34 -28.99 -25.45
CA ASP F 311 40.10 -29.60 -26.53
C ASP F 311 41.23 -28.68 -26.99
N ALA F 312 40.95 -27.38 -27.12
CA ALA F 312 42.00 -26.45 -27.54
C ALA F 312 43.13 -26.41 -26.54
N GLU F 313 42.80 -26.36 -25.24
CA GLU F 313 43.85 -26.34 -24.22
C GLU F 313 44.66 -27.63 -24.24
N GLU F 314 43.99 -28.77 -24.38
CA GLU F 314 44.71 -30.04 -24.41
C GLU F 314 45.64 -30.12 -25.61
N GLU F 315 45.17 -29.69 -26.79
CA GLU F 315 46.02 -29.73 -27.97
C GLU F 315 47.20 -28.78 -27.83
N GLN F 316 46.97 -27.58 -27.28
CA GLN F 316 48.06 -26.65 -27.08
C GLN F 316 49.09 -27.21 -26.11
N ARG F 317 48.64 -27.88 -25.06
CA ARG F 317 49.56 -28.43 -24.07
C ARG F 317 50.34 -29.61 -24.62
N ARG F 318 49.70 -30.44 -25.46
CA ARG F 318 50.33 -31.66 -25.94
C ARG F 318 51.18 -31.42 -27.18
N LEU F 319 50.56 -30.94 -28.27
CA LEU F 319 51.26 -30.73 -29.52
C LEU F 319 51.93 -29.37 -29.63
N GLY F 320 51.72 -28.48 -28.66
CA GLY F 320 52.36 -27.19 -28.71
C GLY F 320 51.93 -26.40 -29.93
N ALA F 321 52.90 -25.78 -30.60
CA ALA F 321 52.59 -24.93 -31.75
C ALA F 321 51.95 -25.73 -32.88
N ASN F 322 52.45 -26.94 -33.13
CA ASN F 322 51.95 -27.78 -34.22
C ASN F 322 50.60 -28.37 -33.83
N SER F 323 49.61 -27.48 -33.72
CA SER F 323 48.27 -27.86 -33.33
C SER F 323 47.27 -27.31 -34.34
N GLY F 324 46.16 -28.03 -34.50
CA GLY F 324 45.15 -27.63 -35.47
C GLY F 324 44.38 -26.40 -35.01
N LEU F 325 43.85 -25.68 -35.99
CA LEU F 325 43.11 -24.45 -35.71
C LEU F 325 41.68 -24.78 -35.29
N HIS F 326 41.15 -23.97 -34.38
CA HIS F 326 39.78 -24.09 -33.89
C HIS F 326 38.97 -22.87 -34.33
N ILE F 327 37.78 -23.12 -34.85
CA ILE F 327 36.85 -22.05 -35.23
C ILE F 327 35.52 -22.34 -34.54
N ILE F 328 34.99 -21.32 -33.86
CA ILE F 328 33.74 -21.42 -33.13
C ILE F 328 32.81 -20.31 -33.62
N ILE F 329 31.55 -20.63 -33.84
CA ILE F 329 30.57 -19.70 -34.37
C ILE F 329 29.54 -19.40 -33.28
N PHE F 330 29.31 -18.12 -33.02
CA PHE F 330 28.30 -17.64 -32.07
C PHE F 330 27.27 -16.82 -32.84
N ASP F 331 26.07 -17.36 -32.99
CA ASP F 331 24.96 -16.67 -33.65
C ASP F 331 24.24 -15.76 -32.67
N GLU F 332 23.79 -14.61 -33.18
CA GLU F 332 23.11 -13.60 -32.37
C GLU F 332 23.78 -13.45 -31.00
N ILE F 333 25.11 -13.27 -31.03
CA ILE F 333 25.87 -13.17 -29.79
C ILE F 333 25.37 -12.04 -28.91
N ASP F 334 24.63 -11.09 -29.47
CA ASP F 334 24.03 -10.03 -28.67
C ASP F 334 23.18 -10.60 -27.54
N ALA F 335 22.57 -11.76 -27.74
CA ALA F 335 21.73 -12.36 -26.71
C ALA F 335 22.55 -12.68 -25.46
N ILE F 336 23.75 -13.21 -25.64
CA ILE F 336 24.57 -13.58 -24.49
C ILE F 336 25.57 -12.47 -24.12
N CYS F 337 25.93 -11.61 -25.07
CA CYS F 337 26.85 -10.51 -24.83
C CYS F 337 26.12 -9.19 -24.98
N LYS F 338 26.20 -8.36 -23.95
CA LYS F 338 25.56 -7.05 -23.96
C LYS F 338 26.08 -6.18 -22.83
N VAL F 349 24.05 -13.21 -14.08
CA VAL F 349 24.51 -14.27 -14.96
C VAL F 349 25.14 -13.68 -16.21
N HIS F 350 24.57 -12.58 -16.70
CA HIS F 350 25.10 -11.95 -17.91
C HIS F 350 26.52 -11.44 -17.69
N ASP F 351 26.74 -10.72 -16.60
CA ASP F 351 28.08 -10.17 -16.34
C ASP F 351 29.10 -11.28 -16.12
N THR F 352 28.74 -12.28 -15.32
CA THR F 352 29.67 -13.39 -15.08
C THR F 352 29.97 -14.13 -16.38
N VAL F 353 28.94 -14.36 -17.20
CA VAL F 353 29.14 -15.05 -18.47
C VAL F 353 30.10 -14.24 -19.36
N VAL F 354 29.86 -12.93 -19.46
CA VAL F 354 30.69 -12.08 -20.31
C VAL F 354 32.13 -12.10 -19.82
N ASN F 355 32.34 -12.00 -18.52
CA ASN F 355 33.69 -12.05 -17.97
C ASN F 355 34.33 -13.39 -18.29
N GLN F 356 33.56 -14.47 -18.21
CA GLN F 356 34.11 -15.80 -18.50
C GLN F 356 34.58 -15.88 -19.95
N LEU F 357 33.75 -15.41 -20.88
CA LEU F 357 34.16 -15.44 -22.30
C LEU F 357 35.38 -14.56 -22.52
N LEU F 358 35.40 -13.37 -21.92
CA LEU F 358 36.54 -12.48 -22.12
C LEU F 358 37.83 -13.11 -21.58
N SER F 359 37.75 -13.76 -20.41
CA SER F 359 38.93 -14.38 -19.85
C SER F 359 39.42 -15.54 -20.72
N LYS F 360 38.51 -16.40 -21.17
CA LYS F 360 38.94 -17.55 -21.95
C LYS F 360 39.48 -17.15 -23.32
N ILE F 361 38.84 -16.16 -23.96
CA ILE F 361 39.31 -15.72 -25.27
C ILE F 361 40.71 -15.15 -25.17
N ASP F 362 40.96 -14.33 -24.14
CA ASP F 362 42.29 -13.75 -23.93
C ASP F 362 42.44 -13.50 -22.43
N GLY F 363 43.16 -14.39 -21.75
CA GLY F 363 43.41 -14.28 -20.33
C GLY F 363 44.86 -14.60 -20.03
N VAL F 364 45.07 -15.26 -18.88
CA VAL F 364 46.42 -15.67 -18.50
C VAL F 364 46.98 -16.66 -19.51
N GLU F 365 46.16 -17.61 -19.95
CA GLU F 365 46.57 -18.59 -20.95
C GLU F 365 46.29 -18.05 -22.34
N GLN F 366 47.31 -18.07 -23.20
CA GLN F 366 47.20 -17.57 -24.56
C GLN F 366 47.14 -18.75 -25.52
N LEU F 367 46.14 -18.76 -26.39
CA LEU F 367 45.96 -19.80 -27.39
C LEU F 367 46.01 -19.17 -28.78
N ASN F 368 46.84 -19.74 -29.65
CA ASN F 368 46.99 -19.25 -31.02
C ASN F 368 46.33 -20.17 -32.03
N ASN F 369 45.42 -21.04 -31.59
CA ASN F 369 44.74 -21.99 -32.47
C ASN F 369 43.23 -21.89 -32.31
N ILE F 370 42.70 -20.69 -32.03
CA ILE F 370 41.28 -20.47 -31.86
C ILE F 370 40.86 -19.27 -32.71
N LEU F 371 39.57 -19.24 -33.04
CA LEU F 371 39.02 -18.15 -33.85
C LEU F 371 37.52 -18.13 -33.64
N VAL F 372 37.00 -17.03 -33.08
CA VAL F 372 35.58 -16.90 -32.77
C VAL F 372 34.95 -15.97 -33.78
N ILE F 373 33.86 -16.42 -34.41
CA ILE F 373 33.14 -15.66 -35.41
C ILE F 373 31.75 -15.38 -34.86
N GLY F 374 31.38 -14.10 -34.79
CA GLY F 374 30.09 -13.70 -34.26
C GLY F 374 29.17 -13.11 -35.31
N MET F 375 28.02 -13.75 -35.52
CA MET F 375 27.01 -13.27 -36.45
C MET F 375 26.06 -12.34 -35.72
N THR F 376 25.75 -11.19 -36.34
CA THR F 376 24.89 -10.21 -35.70
C THR F 376 24.08 -9.44 -36.75
N ASN F 377 23.05 -8.75 -36.26
CA ASN F 377 22.27 -7.84 -37.07
C ASN F 377 22.11 -6.46 -36.45
N ARG F 378 22.45 -6.30 -35.17
N ARG F 378 22.45 -6.30 -35.17
CA ARG F 378 22.36 -5.02 -34.47
CA ARG F 378 22.36 -5.02 -34.47
C ARG F 378 23.71 -4.76 -33.80
C ARG F 378 23.71 -4.75 -33.80
N PRO F 379 24.72 -4.31 -34.56
CA PRO F 379 26.05 -4.13 -33.97
C PRO F 379 26.09 -3.12 -32.84
N ASP F 380 25.17 -2.15 -32.83
CA ASP F 380 25.23 -1.10 -31.82
C ASP F 380 25.05 -1.64 -30.40
N LEU F 381 24.48 -2.83 -30.24
CA LEU F 381 24.19 -3.38 -28.93
C LEU F 381 25.27 -4.32 -28.41
N ILE F 382 26.33 -4.55 -29.18
CA ILE F 382 27.39 -5.46 -28.76
C ILE F 382 28.30 -4.76 -27.77
N ASP F 383 28.95 -5.56 -26.92
CA ASP F 383 29.85 -5.02 -25.91
C ASP F 383 31.10 -4.44 -26.57
N GLU F 384 31.45 -3.21 -26.18
CA GLU F 384 32.63 -2.56 -26.76
C GLU F 384 33.91 -3.28 -26.38
N ALA F 385 34.01 -3.73 -25.13
CA ALA F 385 35.25 -4.36 -24.66
C ALA F 385 35.63 -5.55 -25.53
N LEU F 386 34.64 -6.31 -26.02
CA LEU F 386 34.93 -7.45 -26.87
C LEU F 386 35.55 -7.05 -28.20
N LEU F 387 35.40 -5.79 -28.61
CA LEU F 387 35.89 -5.32 -29.89
C LEU F 387 37.34 -4.82 -29.83
N ARG F 388 37.97 -4.84 -28.66
CA ARG F 388 39.33 -4.37 -28.54
C ARG F 388 40.28 -5.32 -29.26
N PRO F 389 41.47 -4.85 -29.63
CA PRO F 389 42.40 -5.72 -30.37
C PRO F 389 42.73 -6.98 -29.58
N GLY F 390 42.86 -8.10 -30.30
CA GLY F 390 43.17 -9.38 -29.72
C GLY F 390 41.96 -10.26 -29.45
N ARG F 391 40.76 -9.67 -29.43
CA ARG F 391 39.52 -10.42 -29.20
C ARG F 391 38.62 -10.42 -30.42
N LEU F 392 38.33 -9.25 -30.99
CA LEU F 392 37.57 -9.13 -32.22
C LEU F 392 38.20 -8.03 -33.06
N GLU F 393 38.75 -8.40 -34.22
CA GLU F 393 39.50 -7.48 -35.06
C GLU F 393 38.92 -7.33 -36.46
N VAL F 394 38.45 -8.42 -37.06
CA VAL F 394 37.95 -8.40 -38.44
C VAL F 394 36.44 -8.20 -38.35
N LYS F 395 36.02 -6.93 -38.44
CA LYS F 395 34.60 -6.57 -38.43
C LYS F 395 34.15 -6.33 -39.86
N MET F 396 33.11 -7.05 -40.29
CA MET F 396 32.67 -7.01 -41.67
C MET F 396 31.15 -6.83 -41.73
N GLU F 397 30.71 -6.10 -42.75
CA GLU F 397 29.31 -5.80 -42.98
C GLU F 397 28.84 -6.50 -44.24
N ILE F 398 27.58 -6.98 -44.21
CA ILE F 398 26.93 -7.56 -45.38
C ILE F 398 25.57 -6.91 -45.52
N GLY F 399 25.24 -6.50 -46.75
CA GLY F 399 23.98 -5.84 -47.01
C GLY F 399 23.15 -6.57 -48.06
N LEU F 400 22.13 -5.90 -48.57
CA LEU F 400 21.26 -6.52 -49.56
C LEU F 400 21.97 -6.61 -50.92
N PRO F 401 21.62 -7.59 -51.75
CA PRO F 401 22.29 -7.73 -53.05
C PRO F 401 21.97 -6.60 -54.00
N ASP F 402 22.54 -6.65 -55.20
CA ASP F 402 22.24 -5.69 -56.26
C ASP F 402 21.99 -6.45 -57.56
N GLU F 403 21.88 -5.73 -58.68
CA GLU F 403 21.59 -6.36 -59.95
C GLU F 403 22.59 -7.48 -60.25
N LYS F 404 23.87 -7.17 -60.15
CA LYS F 404 24.89 -8.19 -60.40
C LYS F 404 24.83 -9.30 -59.35
N GLY F 405 24.59 -8.94 -58.10
CA GLY F 405 24.44 -9.96 -57.07
C GLY F 405 23.25 -10.85 -57.31
N ARG F 406 22.13 -10.26 -57.73
CA ARG F 406 20.94 -11.06 -58.05
C ARG F 406 21.22 -11.99 -59.22
N LEU F 407 21.90 -11.49 -60.25
CA LEU F 407 22.27 -12.35 -61.37
C LEU F 407 23.14 -13.50 -60.91
N GLN F 408 24.13 -13.21 -60.06
CA GLN F 408 25.02 -14.26 -59.58
C GLN F 408 24.23 -15.32 -58.81
N ILE F 409 23.32 -14.88 -57.93
CA ILE F 409 22.54 -15.83 -57.14
C ILE F 409 21.68 -16.70 -58.05
N LEU F 410 21.01 -16.08 -59.02
CA LEU F 410 20.13 -16.83 -59.91
C LEU F 410 20.92 -17.84 -60.74
N HIS F 411 22.10 -17.45 -61.22
CA HIS F 411 22.95 -18.41 -61.92
C HIS F 411 23.37 -19.55 -60.98
N ILE F 412 23.68 -19.22 -59.73
CA ILE F 412 24.11 -20.23 -58.78
C ILE F 412 23.01 -21.28 -58.58
N HIS F 413 21.78 -20.81 -58.37
CA HIS F 413 20.68 -21.72 -58.09
C HIS F 413 20.07 -22.35 -59.33
N THR F 414 20.43 -21.87 -60.52
CA THR F 414 19.92 -22.40 -61.77
C THR F 414 20.93 -23.32 -62.47
N ALA F 415 22.06 -23.62 -61.83
CA ALA F 415 23.09 -24.42 -62.47
C ALA F 415 22.59 -25.83 -62.77
N ARG F 416 22.01 -26.51 -61.78
CA ARG F 416 21.53 -27.86 -61.99
C ARG F 416 20.41 -27.89 -63.02
N MET F 417 19.53 -26.88 -62.99
CA MET F 417 18.46 -26.81 -63.99
C MET F 417 19.04 -26.76 -65.40
N ARG F 418 20.05 -25.92 -65.61
CA ARG F 418 20.69 -25.81 -66.92
C ARG F 418 21.42 -27.10 -67.29
N GLY F 419 22.04 -27.77 -66.32
CA GLY F 419 22.84 -28.94 -66.64
C GLY F 419 22.03 -30.05 -67.28
N HIS F 420 20.81 -30.29 -66.78
CA HIS F 420 19.97 -31.39 -67.22
C HIS F 420 18.91 -30.95 -68.23
N GLN F 421 19.07 -29.78 -68.85
CA GLN F 421 18.13 -29.28 -69.84
C GLN F 421 16.72 -29.18 -69.26
N LEU F 422 16.63 -28.71 -68.02
CA LEU F 422 15.37 -28.55 -67.31
C LEU F 422 14.88 -27.11 -67.33
N LEU F 423 15.15 -26.38 -68.42
CA LEU F 423 14.77 -24.97 -68.53
C LEU F 423 14.35 -24.68 -69.96
N SER F 424 13.22 -24.01 -70.11
CA SER F 424 12.82 -23.53 -71.42
C SER F 424 13.74 -22.39 -71.87
N ALA F 425 13.92 -22.27 -73.18
CA ALA F 425 14.74 -21.21 -73.74
C ALA F 425 14.08 -19.84 -73.69
N ASP F 426 12.86 -19.75 -73.17
CA ASP F 426 12.11 -18.50 -73.14
C ASP F 426 12.32 -17.70 -71.85
N VAL F 427 13.21 -18.14 -70.97
CA VAL F 427 13.47 -17.48 -69.69
C VAL F 427 14.85 -16.84 -69.75
N ASP F 428 14.91 -15.56 -69.39
CA ASP F 428 16.16 -14.81 -69.33
C ASP F 428 16.37 -14.32 -67.90
N ILE F 429 17.57 -14.56 -67.36
CA ILE F 429 17.86 -14.18 -65.99
C ILE F 429 17.85 -12.67 -65.82
N LYS F 430 18.27 -11.93 -66.86
CA LYS F 430 18.40 -10.48 -66.73
C LYS F 430 17.07 -9.82 -66.40
N GLU F 431 16.01 -10.18 -67.12
CA GLU F 431 14.71 -9.58 -66.87
C GLU F 431 14.23 -9.90 -65.47
N LEU F 432 14.33 -11.16 -65.07
CA LEU F 432 13.89 -11.58 -63.74
C LEU F 432 14.64 -10.81 -62.66
N ALA F 433 15.95 -10.66 -62.81
CA ALA F 433 16.73 -9.88 -61.85
C ALA F 433 16.31 -8.41 -61.86
N VAL F 434 15.91 -7.90 -63.03
CA VAL F 434 15.43 -6.52 -63.10
C VAL F 434 14.14 -6.35 -62.31
N GLU F 435 13.26 -7.37 -62.34
CA GLU F 435 11.97 -7.29 -61.68
C GLU F 435 11.97 -7.91 -60.28
N THR F 436 13.10 -7.85 -59.57
CA THR F 436 13.18 -8.39 -58.21
C THR F 436 13.92 -7.43 -57.30
N LYS F 437 13.57 -6.15 -57.38
CA LYS F 437 14.24 -5.12 -56.59
C LYS F 437 14.06 -5.39 -55.09
N ASN F 438 15.13 -5.18 -54.34
CA ASN F 438 15.14 -5.30 -52.89
C ASN F 438 14.68 -6.70 -52.45
N PHE F 439 15.48 -7.68 -52.82
CA PHE F 439 15.28 -9.07 -52.46
C PHE F 439 16.50 -9.60 -51.71
N SER F 440 16.46 -10.87 -51.36
CA SER F 440 17.61 -11.57 -50.81
C SER F 440 17.64 -12.98 -51.37
N GLY F 441 18.70 -13.71 -51.04
CA GLY F 441 18.86 -15.05 -51.60
C GLY F 441 17.69 -15.96 -51.26
N ALA F 442 17.17 -15.86 -50.03
CA ALA F 442 16.07 -16.73 -49.62
C ALA F 442 14.84 -16.52 -50.50
N GLU F 443 14.57 -15.25 -50.81
CA GLU F 443 13.38 -14.90 -51.62
C GLU F 443 13.56 -15.44 -53.03
N LEU F 444 14.77 -15.39 -53.60
CA LEU F 444 15.03 -15.93 -54.93
C LEU F 444 14.92 -17.45 -54.94
N GLU F 445 15.41 -18.12 -53.89
CA GLU F 445 15.22 -19.55 -53.77
C GLU F 445 13.74 -19.90 -53.71
N GLY F 446 12.96 -19.13 -52.94
CA GLY F 446 11.54 -19.37 -52.86
C GLY F 446 10.85 -19.18 -54.20
N LEU F 447 11.27 -18.17 -54.96
CA LEU F 447 10.70 -17.96 -56.29
C LEU F 447 11.02 -19.13 -57.21
N VAL F 448 12.26 -19.62 -57.18
CA VAL F 448 12.62 -20.76 -58.01
C VAL F 448 11.79 -21.98 -57.62
N ARG F 449 11.65 -22.23 -56.33
CA ARG F 449 10.88 -23.38 -55.87
C ARG F 449 9.41 -23.25 -56.27
N ALA F 450 8.84 -22.05 -56.12
CA ALA F 450 7.45 -21.84 -56.49
C ALA F 450 7.25 -22.04 -57.98
N ALA F 451 8.20 -21.57 -58.80
CA ALA F 451 8.09 -21.77 -60.24
C ALA F 451 8.19 -23.24 -60.61
N GLN F 452 9.11 -23.97 -59.98
CA GLN F 452 9.17 -25.41 -60.22
C GLN F 452 7.86 -26.06 -59.87
N SER F 453 7.30 -25.70 -58.70
CA SER F 453 6.02 -26.26 -58.28
C SER F 453 4.92 -25.93 -59.27
N THR F 454 4.91 -24.70 -59.80
CA THR F 454 3.85 -24.30 -60.72
C THR F 454 3.95 -25.04 -62.05
N ALA F 455 5.14 -25.08 -62.65
CA ALA F 455 5.31 -25.82 -63.89
C ALA F 455 4.93 -27.29 -63.71
N MET F 456 5.45 -27.89 -62.63
CA MET F 456 5.15 -29.27 -62.28
C MET F 456 3.65 -29.52 -62.10
N ASN F 457 2.95 -28.63 -61.38
CA ASN F 457 1.50 -28.78 -61.19
C ASN F 457 0.77 -28.65 -62.51
N ARG F 458 1.23 -27.74 -63.37
CA ARG F 458 0.62 -27.59 -64.69
C ARG F 458 0.74 -28.90 -65.47
N HIS F 459 1.89 -29.57 -65.37
CA HIS F 459 2.04 -30.84 -66.09
C HIS F 459 1.08 -31.91 -65.58
N ILE F 460 0.58 -31.79 -64.35
CA ILE F 460 -0.36 -32.76 -63.78
C ILE F 460 0.22 -34.16 -63.76
N ALA F 473 5.48 -36.97 -68.13
CA ALA F 473 6.55 -36.40 -67.31
C ALA F 473 7.73 -35.99 -68.19
N GLU F 474 7.90 -36.69 -69.31
CA GLU F 474 9.01 -36.41 -70.21
C GLU F 474 8.84 -35.04 -70.86
N SER F 475 9.98 -34.43 -71.20
CA SER F 475 10.01 -33.16 -71.91
C SER F 475 9.37 -32.03 -71.09
N LEU F 476 9.42 -32.15 -69.77
CA LEU F 476 8.89 -31.10 -68.90
C LEU F 476 9.76 -29.86 -69.00
N GLN F 477 9.11 -28.70 -69.12
CA GLN F 477 9.80 -27.42 -69.26
C GLN F 477 9.14 -26.38 -68.36
N VAL F 478 9.93 -25.41 -67.93
CA VAL F 478 9.49 -24.35 -67.04
C VAL F 478 9.42 -23.07 -67.87
N THR F 479 8.24 -22.73 -68.35
CA THR F 479 8.08 -21.53 -69.17
C THR F 479 8.13 -20.28 -68.31
N ARG F 480 8.48 -19.16 -68.94
CA ARG F 480 8.56 -17.89 -68.23
C ARG F 480 7.23 -17.52 -67.59
N GLY F 481 6.13 -17.99 -68.16
CA GLY F 481 4.83 -17.71 -67.56
C GLY F 481 4.72 -18.23 -66.15
N ASP F 482 5.29 -19.42 -65.89
CA ASP F 482 5.29 -19.95 -64.53
C ASP F 482 6.05 -19.04 -63.58
N PHE F 483 7.23 -18.55 -64.02
CA PHE F 483 7.99 -17.66 -63.16
C PHE F 483 7.20 -16.38 -62.87
N LEU F 484 6.58 -15.83 -63.91
CA LEU F 484 5.81 -14.59 -63.73
C LEU F 484 4.65 -14.78 -62.77
N ALA F 485 3.91 -15.89 -62.93
CA ALA F 485 2.79 -16.15 -62.04
C ALA F 485 3.28 -16.36 -60.60
N SER F 486 4.37 -17.10 -60.42
CA SER F 486 4.90 -17.32 -59.09
C SER F 486 5.30 -16.01 -58.43
N LEU F 487 5.92 -15.12 -59.15
CA LEU F 487 6.27 -13.82 -58.59
C LEU F 487 5.03 -13.01 -58.25
N GLU F 488 4.02 -13.06 -59.12
CA GLU F 488 2.84 -12.22 -58.93
C GLU F 488 2.03 -12.62 -57.70
N ASN F 489 1.84 -13.93 -57.48
CA ASN F 489 0.89 -14.40 -56.48
C ASN F 489 1.51 -15.19 -55.34
N ASP F 490 2.80 -15.50 -55.40
CA ASP F 490 3.41 -16.38 -54.39
C ASP F 490 4.43 -15.68 -53.53
N ILE F 491 5.42 -15.02 -54.12
CA ILE F 491 6.51 -14.39 -53.38
C ILE F 491 6.11 -12.98 -53.01
N LYS F 492 6.49 -12.56 -51.80
CA LYS F 492 6.22 -11.21 -51.32
C LYS F 492 7.47 -10.70 -50.61
N PRO F 493 7.99 -9.53 -50.96
CA PRO F 493 9.15 -8.99 -50.25
C PRO F 493 8.82 -8.65 -48.81
N ALA F 494 9.82 -8.78 -47.95
CA ALA F 494 9.69 -8.41 -46.54
C ALA F 494 10.26 -7.03 -46.23
N PHE F 495 11.23 -6.57 -47.01
CA PHE F 495 11.80 -5.24 -46.86
C PHE F 495 11.51 -4.34 -48.07
N GLY F 496 10.54 -4.73 -48.89
CA GLY F 496 10.22 -3.98 -50.09
C GLY F 496 8.87 -3.30 -50.02
N THR F 497 8.26 -3.06 -51.18
CA THR F 497 6.97 -2.40 -51.23
C THR F 497 5.88 -3.28 -50.62
N ASN F 498 4.68 -2.74 -50.53
CA ASN F 498 3.54 -3.42 -49.91
C ASN F 498 2.47 -3.82 -50.91
N GLN F 499 2.05 -2.89 -51.77
CA GLN F 499 1.09 -3.17 -52.83
C GLN F 499 -0.34 -3.29 -52.30
N GLU F 500 -0.51 -3.26 -50.97
CA GLU F 500 -1.83 -3.21 -50.36
C GLU F 500 -2.04 -1.90 -49.61
N ASP F 501 -1.17 -1.60 -48.66
CA ASP F 501 -1.07 -0.24 -48.14
C ASP F 501 -0.36 0.63 -49.17
N TYR F 502 -0.81 1.87 -49.31
CA TYR F 502 -0.54 2.73 -50.46
C TYR F 502 -1.38 2.32 -51.67
N ALA F 503 -2.18 1.25 -51.56
CA ALA F 503 -3.10 0.85 -52.61
C ALA F 503 -4.54 0.79 -52.13
N SER F 504 -4.80 1.07 -50.84
CA SER F 504 -6.14 1.10 -50.28
C SER F 504 -6.61 2.50 -49.93
N TYR F 505 -5.70 3.37 -49.50
CA TYR F 505 -6.08 4.73 -49.14
C TYR F 505 -6.63 5.49 -50.34
N ILE F 506 -6.03 5.29 -51.52
CA ILE F 506 -6.52 5.91 -52.74
C ILE F 506 -7.69 5.10 -53.24
N MET F 507 -8.90 5.47 -52.80
CA MET F 507 -10.07 4.63 -53.07
C MET F 507 -10.67 4.97 -54.43
N ASN F 508 -10.74 6.25 -54.78
CA ASN F 508 -11.33 6.66 -56.05
C ASN F 508 -10.41 7.60 -56.83
N GLY F 509 -9.10 7.50 -56.62
CA GLY F 509 -8.16 8.27 -57.40
C GLY F 509 -8.24 9.76 -57.12
N ILE F 510 -7.63 10.52 -58.04
CA ILE F 510 -7.54 11.98 -57.94
C ILE F 510 -8.07 12.58 -59.23
N ILE F 511 -8.83 13.67 -59.10
CA ILE F 511 -9.41 14.37 -60.23
C ILE F 511 -8.95 15.83 -60.20
N LYS F 512 -8.58 16.35 -61.36
CA LYS F 512 -8.04 17.71 -61.47
C LYS F 512 -9.19 18.72 -61.53
N TRP F 513 -9.78 18.96 -60.36
CA TRP F 513 -10.88 19.91 -60.28
C TRP F 513 -10.40 21.36 -60.32
N GLY F 514 -9.13 21.60 -60.02
CA GLY F 514 -8.62 22.96 -60.03
C GLY F 514 -7.10 22.98 -60.00
N ASP F 515 -6.56 24.20 -60.03
CA ASP F 515 -5.11 24.37 -60.02
C ASP F 515 -4.43 23.78 -58.79
N PRO F 516 -4.98 23.89 -57.57
CA PRO F 516 -4.20 23.50 -56.39
C PRO F 516 -3.64 22.08 -56.43
N VAL F 517 -4.38 21.12 -56.98
CA VAL F 517 -3.84 19.77 -57.10
C VAL F 517 -2.69 19.74 -58.10
N THR F 518 -2.85 20.43 -59.23
CA THR F 518 -1.82 20.54 -60.26
C THR F 518 -0.67 21.44 -59.82
N ARG F 519 -0.72 21.97 -58.61
N ARG F 519 -0.73 21.98 -58.61
CA ARG F 519 0.41 22.65 -57.98
CA ARG F 519 0.41 22.65 -57.98
C ARG F 519 1.07 21.78 -56.93
C ARG F 519 1.07 21.77 -56.93
N VAL F 520 0.27 21.13 -56.08
CA VAL F 520 0.81 20.28 -55.03
C VAL F 520 1.58 19.10 -55.63
N LEU F 521 1.02 18.48 -56.68
CA LEU F 521 1.70 17.33 -57.26
C LEU F 521 3.06 17.72 -57.85
N ASP F 522 3.12 18.87 -58.52
CA ASP F 522 4.40 19.34 -59.05
C ASP F 522 5.37 19.72 -57.93
N ASP F 523 4.86 20.28 -56.83
CA ASP F 523 5.72 20.53 -55.69
C ASP F 523 6.33 19.24 -55.16
N GLY F 524 5.51 18.19 -55.04
CA GLY F 524 6.03 16.90 -54.63
C GLY F 524 7.05 16.35 -55.60
N GLU F 525 6.80 16.53 -56.90
CA GLU F 525 7.77 16.10 -57.91
C GLU F 525 9.11 16.80 -57.72
N LEU F 526 9.06 18.12 -57.49
CA LEU F 526 10.30 18.87 -57.28
C LEU F 526 11.02 18.40 -56.02
N LEU F 527 10.27 18.11 -54.95
CA LEU F 527 10.88 17.57 -53.75
C LEU F 527 11.58 16.24 -54.03
N VAL F 528 10.91 15.36 -54.79
CA VAL F 528 11.51 14.07 -55.13
C VAL F 528 12.80 14.28 -55.93
N GLN F 529 12.76 15.17 -56.91
CA GLN F 529 13.96 15.45 -57.71
C GLN F 529 15.08 15.97 -56.83
N GLN F 530 14.77 16.88 -55.91
CA GLN F 530 15.80 17.41 -55.01
C GLN F 530 16.43 16.29 -54.20
N THR F 531 15.59 15.46 -53.56
CA THR F 531 16.14 14.44 -52.66
C THR F 531 16.95 13.39 -53.44
N LYS F 532 16.56 13.11 -54.68
CA LYS F 532 17.27 12.07 -55.43
C LYS F 532 18.64 12.54 -55.89
N ASN F 533 18.75 13.79 -56.33
CA ASN F 533 20.00 14.34 -56.86
C ASN F 533 20.53 15.39 -55.89
N SER F 534 21.32 14.94 -54.92
CA SER F 534 21.94 15.82 -53.96
C SER F 534 22.82 14.99 -53.03
N ASP F 535 23.85 15.63 -52.48
CA ASP F 535 24.74 15.00 -51.53
C ASP F 535 24.79 15.71 -50.18
N ARG F 536 24.25 16.92 -50.08
CA ARG F 536 24.22 17.67 -48.83
C ARG F 536 22.87 17.58 -48.14
N THR F 537 21.98 16.70 -48.60
CA THR F 537 20.63 16.56 -48.06
C THR F 537 20.33 15.09 -47.80
N PRO F 538 20.91 14.52 -46.74
CA PRO F 538 20.62 13.11 -46.41
C PRO F 538 19.26 12.90 -45.75
N LEU F 539 18.41 13.93 -45.67
CA LEU F 539 17.13 13.81 -44.99
C LEU F 539 16.27 15.00 -45.37
N VAL F 540 15.01 14.74 -45.76
CA VAL F 540 14.09 15.82 -46.11
C VAL F 540 12.76 15.60 -45.41
N SER F 541 12.06 16.69 -45.11
CA SER F 541 10.83 16.64 -44.33
C SER F 541 9.83 17.68 -44.84
N VAL F 542 8.61 17.23 -45.11
CA VAL F 542 7.53 18.11 -45.56
C VAL F 542 6.28 17.83 -44.74
N LEU F 543 5.46 18.87 -44.58
CA LEU F 543 4.21 18.80 -43.82
C LEU F 543 3.06 19.36 -44.64
N LEU F 544 2.00 18.57 -44.79
CA LEU F 544 0.79 18.99 -45.47
C LEU F 544 -0.17 19.62 -44.45
N GLU F 545 -0.88 20.66 -44.89
CA GLU F 545 -1.82 21.35 -44.02
C GLU F 545 -3.11 21.64 -44.78
N GLY F 546 -4.24 21.38 -44.14
CA GLY F 546 -5.53 21.68 -44.68
C GLY F 546 -6.63 21.34 -43.70
N PRO F 547 -7.82 21.94 -43.87
CA PRO F 547 -8.91 21.67 -42.94
C PRO F 547 -9.41 20.24 -43.10
N PRO F 548 -10.15 19.72 -42.12
CA PRO F 548 -10.63 18.34 -42.21
C PRO F 548 -11.54 18.14 -43.41
N HIS F 549 -11.53 16.91 -43.94
CA HIS F 549 -12.30 16.55 -45.12
C HIS F 549 -11.83 17.34 -46.35
N SER F 550 -10.54 17.17 -46.67
CA SER F 550 -9.98 17.79 -47.86
C SER F 550 -9.01 16.88 -48.61
N GLY F 551 -8.85 15.62 -48.21
CA GLY F 551 -7.97 14.71 -48.93
C GLY F 551 -6.49 14.98 -48.73
N LYS F 552 -6.08 15.30 -47.51
CA LYS F 552 -4.65 15.52 -47.25
C LYS F 552 -3.84 14.25 -47.41
N THR F 553 -4.40 13.11 -46.95
CA THR F 553 -3.71 11.81 -46.91
C THR F 553 -3.60 11.22 -48.30
N ALA F 554 -4.60 11.32 -49.17
CA ALA F 554 -4.59 10.72 -50.49
C ALA F 554 -3.51 11.35 -51.37
N LEU F 555 -3.36 12.67 -51.29
CA LEU F 555 -2.33 13.34 -52.07
C LEU F 555 -0.94 12.87 -51.65
N ALA F 556 -0.72 12.72 -50.34
CA ALA F 556 0.57 12.22 -49.87
C ALA F 556 0.82 10.81 -50.37
N ALA F 557 -0.20 9.96 -50.33
CA ALA F 557 -0.04 8.59 -50.83
C ALA F 557 0.31 8.58 -52.31
N LYS F 558 -0.37 9.41 -53.10
CA LYS F 558 -0.09 9.45 -54.53
C LYS F 558 1.32 9.97 -54.80
N ILE F 559 1.75 11.01 -54.08
CA ILE F 559 3.09 11.55 -54.28
C ILE F 559 4.12 10.49 -53.93
N ALA F 560 3.91 9.77 -52.83
CA ALA F 560 4.85 8.71 -52.45
C ALA F 560 4.87 7.62 -53.52
N GLU F 561 3.71 7.26 -54.07
CA GLU F 561 3.67 6.24 -55.11
C GLU F 561 4.45 6.67 -56.34
N GLU F 562 4.28 7.93 -56.77
CA GLU F 562 4.98 8.40 -57.96
C GLU F 562 6.48 8.59 -57.73
N SER F 563 6.93 8.56 -56.48
CA SER F 563 8.36 8.74 -56.20
C SER F 563 9.19 7.55 -56.67
N ASN F 564 8.57 6.40 -56.92
CA ASN F 564 9.23 5.24 -57.49
C ASN F 564 10.36 4.73 -56.59
N PHE F 565 10.27 4.97 -55.30
CA PHE F 565 11.28 4.43 -54.40
C PHE F 565 11.09 2.92 -54.23
N PRO F 566 12.18 2.15 -54.13
CA PRO F 566 12.02 0.70 -53.93
C PRO F 566 11.26 0.34 -52.65
N PHE F 567 11.36 1.16 -51.61
CA PHE F 567 10.77 0.86 -50.31
C PHE F 567 9.77 1.94 -49.94
N ILE F 568 8.58 1.52 -49.52
CA ILE F 568 7.52 2.44 -49.11
C ILE F 568 6.83 1.85 -47.88
N LYS F 569 6.23 2.72 -47.08
CA LYS F 569 5.50 2.27 -45.90
C LYS F 569 4.56 3.39 -45.46
N ILE F 570 3.55 3.00 -44.67
CA ILE F 570 2.58 3.96 -44.13
C ILE F 570 2.27 3.58 -42.69
N CYS F 571 2.75 4.39 -41.74
CA CYS F 571 2.57 4.13 -40.32
C CYS F 571 1.38 4.93 -39.80
N SER F 572 0.19 4.48 -40.18
CA SER F 572 -1.04 5.11 -39.73
C SER F 572 -1.40 4.66 -38.31
N PRO F 573 -2.25 5.41 -37.62
CA PRO F 573 -2.64 5.03 -36.26
C PRO F 573 -3.73 3.96 -36.20
N ASP F 574 -4.28 3.55 -37.34
CA ASP F 574 -5.32 2.52 -37.33
C ASP F 574 -4.79 1.20 -36.79
N LYS F 575 -3.57 0.84 -37.15
N LYS F 575 -3.57 0.83 -37.16
CA LYS F 575 -3.02 -0.45 -36.74
CA LYS F 575 -3.02 -0.46 -36.74
C LYS F 575 -2.89 -0.54 -35.23
C LYS F 575 -2.89 -0.54 -35.23
N MET F 576 -2.44 0.54 -34.59
CA MET F 576 -2.24 0.57 -33.14
C MET F 576 -3.46 1.20 -32.49
N ILE F 577 -4.24 0.38 -31.79
CA ILE F 577 -5.43 0.83 -31.07
C ILE F 577 -5.30 0.36 -29.62
N GLY F 578 -5.42 1.29 -28.68
CA GLY F 578 -5.24 0.96 -27.28
C GLY F 578 -3.80 0.73 -26.88
N PHE F 579 -2.85 0.94 -27.79
CA PHE F 579 -1.45 0.73 -27.49
C PHE F 579 -0.98 1.69 -26.40
N SER F 580 -0.07 1.21 -25.56
CA SER F 580 0.58 2.07 -24.58
C SER F 580 1.69 2.87 -25.24
N GLU F 581 2.08 3.97 -24.59
CA GLU F 581 3.11 4.84 -25.14
C GLU F 581 4.35 4.04 -25.53
N THR F 582 4.76 3.11 -24.66
CA THR F 582 5.96 2.32 -24.95
C THR F 582 5.80 1.52 -26.23
N ALA F 583 4.63 0.91 -26.42
CA ALA F 583 4.40 0.14 -27.64
C ALA F 583 4.46 1.02 -28.87
N LYS F 584 3.88 2.23 -28.79
CA LYS F 584 3.93 3.15 -29.92
C LYS F 584 5.37 3.51 -30.26
N CYS F 585 6.16 3.84 -29.24
CA CYS F 585 7.55 4.21 -29.49
C CYS F 585 8.33 3.07 -30.09
N GLN F 586 8.14 1.85 -29.58
CA GLN F 586 8.84 0.70 -30.12
C GLN F 586 8.44 0.42 -31.57
N ALA F 587 7.15 0.55 -31.87
CA ALA F 587 6.70 0.33 -33.25
C ALA F 587 7.32 1.36 -34.20
N MET F 588 7.33 2.64 -33.79
CA MET F 588 7.93 3.66 -34.64
C MET F 588 9.42 3.39 -34.83
N LYS F 589 10.12 3.04 -33.76
CA LYS F 589 11.55 2.76 -33.87
C LYS F 589 11.80 1.58 -34.80
N LYS F 590 10.98 0.53 -34.70
CA LYS F 590 11.15 -0.62 -35.58
C LYS F 590 10.93 -0.24 -37.03
N ILE F 591 9.87 0.52 -37.30
CA ILE F 591 9.57 0.87 -38.70
C ILE F 591 10.70 1.71 -39.28
N PHE F 592 11.23 2.65 -38.50
CA PHE F 592 12.28 3.52 -39.03
C PHE F 592 13.60 2.76 -39.17
N ASP F 593 13.90 1.86 -38.24
CA ASP F 593 15.09 1.02 -38.38
C ASP F 593 15.00 0.17 -39.64
N ASP F 594 13.82 -0.41 -39.90
CA ASP F 594 13.64 -1.19 -41.12
C ASP F 594 13.83 -0.32 -42.36
N ALA F 595 13.25 0.88 -42.35
CA ALA F 595 13.39 1.77 -43.50
C ALA F 595 14.84 2.19 -43.72
N TYR F 596 15.63 2.28 -42.64
CA TYR F 596 17.02 2.69 -42.78
C TYR F 596 17.82 1.72 -43.64
N LYS F 597 17.40 0.46 -43.72
CA LYS F 597 18.21 -0.59 -44.33
C LYS F 597 18.06 -0.67 -45.85
N SER F 598 17.64 0.41 -46.49
CA SER F 598 17.57 0.49 -47.95
C SER F 598 18.50 1.60 -48.44
N GLN F 599 18.45 1.85 -49.74
CA GLN F 599 19.29 2.89 -50.35
C GLN F 599 18.60 4.25 -50.31
N LEU F 600 17.37 4.32 -50.79
CA LEU F 600 16.58 5.54 -50.77
C LEU F 600 15.17 5.18 -50.33
N SER F 601 14.69 5.83 -49.27
CA SER F 601 13.43 5.44 -48.63
C SER F 601 12.53 6.66 -48.44
N CYS F 602 11.23 6.40 -48.51
CA CYS F 602 10.19 7.39 -48.25
C CYS F 602 9.25 6.86 -47.19
N VAL F 603 8.77 7.75 -46.32
CA VAL F 603 7.84 7.38 -45.26
C VAL F 603 6.80 8.49 -45.11
N VAL F 604 5.57 8.10 -44.82
CA VAL F 604 4.46 9.02 -44.65
C VAL F 604 3.79 8.73 -43.32
N VAL F 605 3.60 9.77 -42.52
CA VAL F 605 2.87 9.69 -41.25
C VAL F 605 1.70 10.66 -41.32
N ASP F 606 0.51 10.19 -40.99
CA ASP F 606 -0.71 10.98 -41.11
C ASP F 606 -1.45 11.02 -39.78
N ASP F 607 -2.20 12.10 -39.59
CA ASP F 607 -2.96 12.34 -38.36
C ASP F 607 -2.02 12.33 -37.15
N ILE F 608 -1.10 13.30 -37.15
CA ILE F 608 -0.11 13.38 -36.08
C ILE F 608 -0.79 13.57 -34.73
N GLU F 609 -1.84 14.41 -34.68
CA GLU F 609 -2.49 14.67 -33.41
C GLU F 609 -3.09 13.40 -32.81
N ARG F 610 -3.61 12.50 -33.64
CA ARG F 610 -4.13 11.24 -33.13
C ARG F 610 -2.99 10.36 -32.62
N LEU F 611 -1.83 10.43 -33.26
CA LEU F 611 -0.68 9.63 -32.82
C LEU F 611 -0.33 9.93 -31.37
N LEU F 612 -0.21 11.20 -31.03
CA LEU F 612 -0.01 11.64 -29.65
C LEU F 612 -1.33 12.22 -29.16
N ASP F 613 -2.04 11.46 -28.33
CA ASP F 613 -3.37 11.82 -27.88
C ASP F 613 -3.46 13.31 -27.57
N TYR F 614 -4.41 13.99 -28.21
CA TYR F 614 -4.63 15.41 -27.97
C TYR F 614 -6.11 15.69 -27.94
N VAL F 615 -6.56 16.33 -26.87
CA VAL F 615 -7.97 16.70 -26.70
C VAL F 615 -8.02 18.17 -26.30
N PRO F 616 -8.89 18.99 -26.90
CA PRO F 616 -8.84 20.43 -26.60
C PRO F 616 -9.00 20.76 -25.13
N ILE F 617 -9.84 20.03 -24.40
CA ILE F 617 -10.05 20.32 -22.99
C ILE F 617 -8.78 20.02 -22.21
N GLY F 618 -8.46 20.89 -21.25
CA GLY F 618 -7.21 20.86 -20.53
C GLY F 618 -6.16 21.82 -21.07
N PRO F 619 -5.50 21.51 -22.20
CA PRO F 619 -5.48 20.26 -22.97
C PRO F 619 -4.65 19.17 -22.29
N ARG F 620 -4.78 17.92 -22.72
CA ARG F 620 -3.97 16.82 -22.21
C ARG F 620 -3.33 16.10 -23.37
N PHE F 621 -2.03 15.86 -23.29
CA PHE F 621 -1.30 15.22 -24.38
C PHE F 621 -0.10 14.47 -23.82
N SER F 622 0.11 13.25 -24.32
CA SER F 622 1.23 12.44 -23.87
C SER F 622 2.55 13.07 -24.31
N ASN F 623 3.36 13.46 -23.33
CA ASN F 623 4.62 14.14 -23.61
C ASN F 623 5.70 13.19 -24.10
N LEU F 624 5.68 11.94 -23.63
CA LEU F 624 6.74 11.00 -23.98
C LEU F 624 6.83 10.80 -25.49
N VAL F 625 5.69 10.61 -26.15
CA VAL F 625 5.68 10.36 -27.58
C VAL F 625 6.22 11.58 -28.33
N LEU F 626 5.93 12.78 -27.83
CA LEU F 626 6.44 13.99 -28.49
C LEU F 626 7.96 14.00 -28.50
N GLN F 627 8.58 13.72 -27.36
CA GLN F 627 10.04 13.67 -27.29
C GLN F 627 10.59 12.56 -28.17
N ALA F 628 9.96 11.38 -28.12
CA ALA F 628 10.45 10.26 -28.93
C ALA F 628 10.40 10.60 -30.42
N LEU F 629 9.33 11.27 -30.86
CA LEU F 629 9.21 11.64 -32.26
C LEU F 629 10.18 12.76 -32.63
N LEU F 630 10.39 13.71 -31.73
CA LEU F 630 11.33 14.80 -32.00
C LEU F 630 12.75 14.26 -32.18
N VAL F 631 13.17 13.35 -31.30
CA VAL F 631 14.52 12.80 -31.40
C VAL F 631 14.69 12.06 -32.71
N LEU F 632 13.69 11.29 -33.11
CA LEU F 632 13.77 10.46 -34.31
C LEU F 632 13.63 11.24 -35.60
N LEU F 633 13.02 12.42 -35.57
CA LEU F 633 12.75 13.18 -36.79
C LEU F 633 13.97 13.96 -37.28
N LYS F 634 15.05 14.03 -36.51
CA LYS F 634 16.28 14.73 -36.92
C LYS F 634 17.45 13.77 -36.70
N LYS F 635 17.66 12.87 -37.66
CA LYS F 635 18.77 11.93 -37.60
C LYS F 635 19.06 11.38 -38.98
N ALA F 636 20.25 11.68 -39.51
CA ALA F 636 20.58 11.29 -40.87
C ALA F 636 20.78 9.78 -40.97
N PRO F 637 20.53 9.21 -42.15
CA PRO F 637 20.72 7.77 -42.33
C PRO F 637 22.20 7.43 -42.53
N PRO F 638 22.53 6.15 -42.65
CA PRO F 638 23.93 5.78 -42.91
C PRO F 638 24.43 6.39 -44.20
N GLN F 639 25.75 6.44 -44.32
CA GLN F 639 26.38 7.08 -45.46
C GLN F 639 25.91 6.45 -46.77
N GLY F 640 25.58 7.30 -47.75
CA GLY F 640 25.16 6.83 -49.05
C GLY F 640 23.69 6.47 -49.15
N ARG F 641 22.87 6.95 -48.22
CA ARG F 641 21.44 6.63 -48.22
C ARG F 641 20.65 7.91 -47.97
N LYS F 642 19.40 7.91 -48.44
CA LYS F 642 18.55 9.10 -48.42
C LYS F 642 17.18 8.76 -47.87
N LEU F 643 16.58 9.71 -47.16
CA LEU F 643 15.30 9.49 -46.48
C LEU F 643 14.40 10.71 -46.66
N LEU F 644 13.15 10.45 -47.03
CA LEU F 644 12.12 11.47 -47.18
C LEU F 644 10.99 11.18 -46.20
N ILE F 645 10.53 12.23 -45.51
CA ILE F 645 9.45 12.11 -44.54
C ILE F 645 8.36 13.10 -44.90
N ILE F 646 7.13 12.59 -45.01
CA ILE F 646 5.96 13.42 -45.31
C ILE F 646 4.96 13.25 -44.18
N GLY F 647 4.66 14.33 -43.48
CA GLY F 647 3.67 14.33 -42.41
C GLY F 647 2.42 15.05 -42.85
N THR F 648 1.29 14.68 -42.24
CA THR F 648 0.02 15.33 -42.51
C THR F 648 -0.69 15.62 -41.20
N THR F 649 -1.49 16.67 -41.19
CA THR F 649 -2.20 17.12 -40.00
C THR F 649 -3.24 18.15 -40.42
N SER F 650 -4.05 18.59 -39.46
CA SER F 650 -5.11 19.57 -39.74
C SER F 650 -5.24 20.64 -38.67
N ARG F 651 -4.30 20.73 -37.74
CA ARG F 651 -4.39 21.67 -36.61
C ARG F 651 -3.07 22.43 -36.46
N LYS F 652 -2.62 23.04 -37.55
CA LYS F 652 -1.32 23.71 -37.58
C LYS F 652 -1.01 24.50 -36.31
N ASP F 653 -2.00 25.26 -35.81
CA ASP F 653 -1.75 26.12 -34.67
C ASP F 653 -1.26 25.33 -33.46
N VAL F 654 -1.97 24.25 -33.12
CA VAL F 654 -1.58 23.45 -31.96
C VAL F 654 -0.20 22.86 -32.17
N LEU F 655 0.05 22.30 -33.36
CA LEU F 655 1.36 21.70 -33.63
C LEU F 655 2.48 22.73 -33.51
N GLN F 656 2.20 23.99 -33.85
CA GLN F 656 3.18 25.05 -33.64
C GLN F 656 3.35 25.37 -32.16
N GLU F 657 2.27 25.30 -31.38
CA GLU F 657 2.37 25.60 -29.96
C GLU F 657 3.30 24.61 -29.24
N MET F 658 3.50 23.42 -29.78
CA MET F 658 4.39 22.43 -29.19
C MET F 658 5.84 22.62 -29.59
N GLU F 659 6.15 23.63 -30.40
CA GLU F 659 7.51 23.87 -30.89
C GLU F 659 7.95 22.78 -31.85
N MET F 660 7.04 22.28 -32.67
CA MET F 660 7.33 21.21 -33.62
C MET F 660 7.33 21.65 -35.08
N LEU F 661 6.66 22.75 -35.41
CA LEU F 661 6.59 23.18 -36.80
C LEU F 661 7.95 23.55 -37.37
N ASN F 662 8.94 23.79 -36.50
CA ASN F 662 10.27 24.15 -36.99
C ASN F 662 11.02 22.96 -37.57
N ALA F 663 10.79 21.75 -37.02
CA ALA F 663 11.54 20.59 -37.46
C ALA F 663 11.27 20.29 -38.94
N PHE F 664 10.00 20.37 -39.36
CA PHE F 664 9.68 20.10 -40.76
C PHE F 664 10.36 21.12 -41.65
N SER F 665 11.03 20.63 -42.70
CA SER F 665 11.78 21.52 -43.57
C SER F 665 10.86 22.40 -44.40
N THR F 666 9.78 21.83 -44.95
CA THR F 666 8.87 22.58 -45.79
C THR F 666 7.42 22.26 -45.42
N THR F 667 6.53 23.18 -45.79
CA THR F 667 5.10 23.01 -45.56
C THR F 667 4.32 23.36 -46.83
N ILE F 668 3.19 22.69 -47.01
CA ILE F 668 2.32 22.89 -48.16
C ILE F 668 0.89 23.04 -47.67
N HIS F 669 0.08 23.77 -48.46
CA HIS F 669 -1.29 24.08 -48.12
C HIS F 669 -2.23 23.46 -49.15
N VAL F 670 -3.29 22.82 -48.67
CA VAL F 670 -4.28 22.15 -49.50
C VAL F 670 -5.61 22.90 -49.36
N PRO F 671 -6.05 23.66 -50.35
CA PRO F 671 -7.26 24.46 -50.20
C PRO F 671 -8.52 23.64 -50.42
N ASN F 672 -9.66 24.30 -50.19
CA ASN F 672 -10.97 23.72 -50.39
C ASN F 672 -11.60 24.27 -51.67
N ILE F 673 -12.84 23.88 -51.93
CA ILE F 673 -13.59 24.37 -53.08
C ILE F 673 -14.29 25.66 -52.68
N ALA F 674 -13.92 26.77 -53.31
CA ALA F 674 -14.44 28.08 -52.95
C ALA F 674 -15.54 28.55 -53.89
N THR F 675 -15.26 28.62 -55.19
CA THR F 675 -16.20 29.16 -56.16
C THR F 675 -17.08 28.07 -56.74
N GLY F 676 -18.26 28.47 -57.21
CA GLY F 676 -19.18 27.54 -57.83
C GLY F 676 -18.69 26.95 -59.12
N GLU F 677 -17.79 27.66 -59.82
CA GLU F 677 -17.22 27.12 -61.06
C GLU F 677 -16.44 25.84 -60.78
N GLN F 678 -15.65 25.84 -59.70
CA GLN F 678 -14.91 24.64 -59.34
C GLN F 678 -15.84 23.50 -59.00
N LEU F 679 -16.94 23.79 -58.29
CA LEU F 679 -17.92 22.75 -57.96
C LEU F 679 -18.54 22.17 -59.23
N LEU F 680 -18.89 23.04 -60.18
CA LEU F 680 -19.46 22.55 -61.44
C LEU F 680 -18.44 21.70 -62.20
N GLU F 681 -17.18 22.12 -62.21
CA GLU F 681 -16.16 21.33 -62.88
C GLU F 681 -16.01 19.97 -62.24
N ALA F 682 -16.02 19.91 -60.90
CA ALA F 682 -15.93 18.63 -60.20
C ALA F 682 -17.13 17.75 -60.52
N LEU F 683 -18.32 18.33 -60.54
CA LEU F 683 -19.51 17.55 -60.88
C LEU F 683 -19.41 17.00 -62.29
N GLU F 684 -18.95 17.82 -63.24
CA GLU F 684 -18.79 17.35 -64.62
C GLU F 684 -17.76 16.21 -64.68
N LEU F 685 -16.66 16.34 -63.95
CA LEU F 685 -15.65 15.30 -63.96
C LEU F 685 -16.21 13.99 -63.40
N LEU F 686 -16.97 14.07 -62.31
CA LEU F 686 -17.57 12.86 -61.76
C LEU F 686 -18.66 12.30 -62.67
N GLY F 687 -19.29 13.15 -63.47
CA GLY F 687 -20.27 12.69 -64.43
C GLY F 687 -21.45 11.98 -63.83
N ASN F 688 -22.03 12.55 -62.77
CA ASN F 688 -23.18 11.96 -62.09
C ASN F 688 -24.48 12.70 -62.35
N PHE F 689 -24.45 13.83 -63.05
CA PHE F 689 -25.66 14.59 -63.34
C PHE F 689 -25.61 15.07 -64.78
N LYS F 690 -26.77 15.06 -65.44
CA LYS F 690 -26.85 15.39 -66.85
C LYS F 690 -26.99 16.90 -67.04
N ASP F 691 -27.10 17.31 -68.31
CA ASP F 691 -27.09 18.74 -68.63
C ASP F 691 -28.31 19.46 -68.05
N LYS F 692 -29.48 18.84 -68.12
CA LYS F 692 -30.70 19.52 -67.70
C LYS F 692 -30.61 19.95 -66.24
N GLU F 693 -30.24 19.03 -65.35
CA GLU F 693 -30.09 19.37 -63.94
C GLU F 693 -28.87 20.25 -63.72
N ARG F 694 -27.81 20.05 -64.50
CA ARG F 694 -26.62 20.89 -64.37
C ARG F 694 -26.94 22.35 -64.61
N THR F 695 -27.86 22.63 -65.54
CA THR F 695 -28.24 24.01 -65.80
C THR F 695 -28.79 24.68 -64.55
N THR F 696 -29.75 24.02 -63.90
CA THR F 696 -30.33 24.58 -62.68
C THR F 696 -29.27 24.69 -61.57
N ILE F 697 -28.42 23.67 -61.45
CA ILE F 697 -27.40 23.69 -60.40
C ILE F 697 -26.48 24.90 -60.59
N ALA F 698 -26.01 25.10 -61.82
CA ALA F 698 -25.12 26.23 -62.10
C ALA F 698 -25.85 27.55 -61.86
N GLN F 699 -27.09 27.67 -62.36
CA GLN F 699 -27.84 28.89 -62.13
C GLN F 699 -27.96 29.19 -60.64
N GLN F 700 -28.12 28.14 -59.82
CA GLN F 700 -28.27 28.34 -58.39
C GLN F 700 -26.95 28.76 -57.73
N VAL F 701 -25.85 28.10 -58.10
CA VAL F 701 -24.61 28.23 -57.34
C VAL F 701 -23.63 29.20 -57.99
N LYS F 702 -23.68 29.31 -59.33
CA LYS F 702 -22.68 30.09 -60.03
C LYS F 702 -22.59 31.52 -59.50
N GLY F 703 -23.73 32.09 -59.11
CA GLY F 703 -23.74 33.43 -58.58
C GLY F 703 -23.64 33.46 -57.06
N LYS F 704 -22.63 32.80 -56.51
CA LYS F 704 -22.42 32.76 -55.06
C LYS F 704 -21.09 32.10 -54.78
N LYS F 705 -20.76 31.97 -53.50
CA LYS F 705 -19.56 31.30 -53.04
C LYS F 705 -19.95 30.12 -52.16
N VAL F 706 -19.11 29.10 -52.14
CA VAL F 706 -19.37 27.89 -51.36
C VAL F 706 -18.12 27.52 -50.57
N TRP F 707 -18.32 26.78 -49.48
CA TRP F 707 -17.25 26.33 -48.59
C TRP F 707 -17.53 24.85 -48.27
N ILE F 708 -16.96 23.96 -49.09
CA ILE F 708 -17.18 22.52 -48.94
C ILE F 708 -15.87 21.79 -49.16
N GLY F 709 -15.78 20.60 -48.58
CA GLY F 709 -14.67 19.70 -48.80
C GLY F 709 -15.01 18.65 -49.85
N ILE F 710 -13.98 18.11 -50.50
CA ILE F 710 -14.20 17.19 -51.61
C ILE F 710 -14.90 15.93 -51.13
N LYS F 711 -14.49 15.38 -49.99
CA LYS F 711 -15.08 14.14 -49.48
C LYS F 711 -16.57 14.32 -49.19
N LYS F 712 -16.92 15.44 -48.56
CA LYS F 712 -18.33 15.69 -48.27
C LYS F 712 -19.14 15.79 -49.55
N LEU F 713 -18.54 16.26 -50.64
CA LEU F 713 -19.26 16.32 -51.91
C LEU F 713 -19.63 14.92 -52.39
N LEU F 714 -18.70 13.98 -52.30
CA LEU F 714 -19.02 12.61 -52.69
C LEU F 714 -20.10 12.03 -51.79
N MET F 715 -20.01 12.27 -50.49
CA MET F 715 -21.04 11.76 -49.60
C MET F 715 -22.41 12.33 -49.94
N LEU F 716 -22.49 13.63 -50.20
CA LEU F 716 -23.77 14.24 -50.55
C LEU F 716 -24.30 13.70 -51.88
N ILE F 717 -23.41 13.50 -52.86
CA ILE F 717 -23.84 12.97 -54.15
C ILE F 717 -24.43 11.57 -53.97
N GLU F 718 -23.74 10.73 -53.21
CA GLU F 718 -24.24 9.38 -52.97
C GLU F 718 -25.58 9.41 -52.24
N MET F 719 -25.73 10.28 -51.25
CA MET F 719 -27.01 10.40 -50.57
C MET F 719 -28.11 10.83 -51.52
N SER F 720 -27.82 11.82 -52.38
CA SER F 720 -28.85 12.34 -53.28
C SER F 720 -29.28 11.29 -54.30
N LEU F 721 -28.33 10.52 -54.84
CA LEU F 721 -28.67 9.59 -55.92
C LEU F 721 -29.75 8.59 -55.52
N GLN F 722 -29.90 8.29 -54.23
CA GLN F 722 -30.84 7.25 -53.81
C GLN F 722 -32.30 7.65 -54.01
N MET F 723 -32.57 8.94 -54.19
CA MET F 723 -33.95 9.40 -54.33
C MET F 723 -34.47 9.10 -55.74
N ASP F 724 -35.76 9.34 -55.94
CA ASP F 724 -36.39 9.05 -57.21
C ASP F 724 -35.86 9.98 -58.30
N PRO F 725 -36.00 9.59 -59.57
CA PRO F 725 -35.38 10.39 -60.64
C PRO F 725 -35.89 11.81 -60.71
N GLU F 726 -37.10 12.10 -60.25
CA GLU F 726 -37.70 13.42 -60.38
C GLU F 726 -37.46 14.31 -59.16
N TYR F 727 -36.67 13.85 -58.18
CA TYR F 727 -36.37 14.65 -57.00
C TYR F 727 -34.88 14.68 -56.69
N ARG F 728 -34.03 14.46 -57.69
CA ARG F 728 -32.59 14.38 -57.48
C ARG F 728 -31.90 15.74 -57.47
N VAL F 729 -32.64 16.83 -57.66
CA VAL F 729 -32.07 18.18 -57.59
C VAL F 729 -32.49 18.89 -56.32
N ARG F 730 -33.77 18.76 -55.92
CA ARG F 730 -34.24 19.43 -54.72
C ARG F 730 -33.50 18.92 -53.48
N LYS F 731 -33.32 17.60 -53.39
CA LYS F 731 -32.64 17.03 -52.23
C LYS F 731 -31.20 17.50 -52.15
N PHE F 732 -30.49 17.47 -53.29
CA PHE F 732 -29.09 17.87 -53.30
C PHE F 732 -28.93 19.33 -52.89
N LEU F 733 -29.74 20.21 -53.48
CA LEU F 733 -29.64 21.63 -53.15
C LEU F 733 -30.02 21.88 -51.69
N ALA F 734 -31.04 21.19 -51.20
CA ALA F 734 -31.43 21.36 -49.80
C ALA F 734 -30.28 20.98 -48.88
N LEU F 735 -29.65 19.83 -49.14
CA LEU F 735 -28.53 19.42 -48.29
C LEU F 735 -27.37 20.40 -48.39
N LEU F 736 -27.04 20.84 -49.60
CA LEU F 736 -25.93 21.78 -49.78
C LEU F 736 -26.20 23.08 -49.02
N ARG F 737 -27.42 23.59 -49.11
CA ARG F 737 -27.76 24.81 -48.40
C ARG F 737 -27.70 24.60 -46.89
N GLU F 738 -28.16 23.44 -46.40
CA GLU F 738 -28.04 23.14 -44.99
C GLU F 738 -26.59 23.08 -44.54
N GLU F 739 -25.67 22.73 -45.44
CA GLU F 739 -24.25 22.68 -45.11
C GLU F 739 -23.54 24.02 -45.31
N GLY F 740 -24.22 25.02 -45.84
CA GLY F 740 -23.59 26.30 -46.17
C GLY F 740 -22.86 26.94 -45.01
N ALA F 741 -21.69 27.51 -45.29
CA ALA F 741 -20.87 28.16 -44.28
C ALA F 741 -19.80 29.00 -44.97
N SER F 742 -18.97 29.66 -44.15
CA SER F 742 -17.87 30.47 -44.63
C SER F 742 -16.62 30.17 -43.81
N PRO F 743 -15.42 30.43 -44.36
CA PRO F 743 -14.19 30.22 -43.60
C PRO F 743 -13.98 31.26 -42.50
PB ADP G . 49.80 -5.37 11.41
O1B ADP G . 50.33 -6.45 12.33
O2B ADP G . 49.79 -5.73 9.94
O3B ADP G . 48.52 -4.73 11.91
PA ADP G . 52.43 -4.55 11.80
O1A ADP G . 52.61 -4.70 13.29
O2A ADP G . 52.83 -5.69 10.89
O3A ADP G . 50.88 -4.19 11.52
O5' ADP G . 53.23 -3.24 11.33
C5' ADP G . 54.62 -3.14 11.64
C4' ADP G . 55.31 -2.04 10.84
O4' ADP G . 54.72 -0.77 11.11
C3' ADP G . 56.77 -1.96 11.23
O3' ADP G . 57.60 -2.00 10.06
C2' ADP G . 56.92 -0.66 11.96
O2' ADP G . 58.14 0.01 11.63
C1' ADP G . 55.71 0.17 11.54
N9 ADP G . 55.15 1.00 12.64
C8 ADP G . 53.89 1.44 12.68
N7 ADP G . 53.67 2.17 13.80
C5 ADP G . 54.81 2.20 14.50
C6 ADP G . 55.24 2.79 15.78
N6 ADP G . 54.38 3.50 16.53
N1 ADP G . 56.53 2.59 16.16
C2 ADP G . 57.39 1.87 15.41
N3 ADP G . 57.05 1.30 14.24
C4 ADP G . 55.79 1.43 13.73
H5'1 ADP G . 55.11 -4.10 11.44
H5'2 ADP G . 54.73 -2.93 12.71
H4' ADP G . 55.23 -2.28 9.77
H3' ADP G . 57.02 -2.80 11.90
HO3' ADP G . 58.53 -2.02 10.32
H2' ADP G . 56.87 -0.87 13.04
HO2' ADP G . 58.88 -0.50 11.97
H1' ADP G . 56.01 0.82 10.70
H8 ADP G . 53.14 1.24 11.91
HN61 ADP G . 54.66 3.93 17.40
HN62 ADP G . 53.43 3.64 16.19
H2 ADP G . 58.40 1.74 15.76
PG ATP H . 28.52 21.92 -21.52
O1G ATP H . 28.22 20.55 -22.03
O2G ATP H . 28.31 22.08 -20.01
O3G ATP H . 27.75 23.04 -22.24
PB ATP H . 31.18 23.28 -21.22
O1B ATP H . 30.79 24.70 -21.42
O2B ATP H . 31.48 22.88 -19.78
O3B ATP H . 30.06 22.28 -21.75
PA ATP H . 33.60 21.81 -22.02
O1A ATP H . 33.21 20.54 -22.67
O2A ATP H . 33.99 21.67 -20.55
O3A ATP H . 32.43 22.88 -22.10
O5' ATP H . 34.80 22.50 -22.78
C5' ATP H . 34.63 23.10 -24.09
C4' ATP H . 35.63 22.52 -25.06
O4' ATP H . 36.60 23.56 -25.31
C3' ATP H . 36.44 21.37 -24.43
O3' ATP H . 36.87 20.58 -25.53
C2' ATP H . 37.69 22.08 -23.94
O2' ATP H . 38.75 21.15 -24.08
C1' ATP H . 37.90 23.06 -25.07
N9 ATP H . 38.73 24.20 -24.67
C8 ATP H . 39.96 24.51 -25.16
N7 ATP H . 40.49 25.59 -24.62
C5 ATP H . 39.53 26.01 -23.72
C6 ATP H . 39.48 27.09 -22.82
N6 ATP H . 40.45 28.00 -22.69
N1 ATP H . 38.37 27.21 -22.05
C2 ATP H . 37.40 26.31 -22.17
N3 ATP H . 37.34 25.25 -22.98
C4 ATP H . 38.44 25.16 -23.73
H5'1 ATP H . 34.74 24.05 -24.03
H5'2 ATP H . 33.73 22.89 -24.41
H4' ATP H . 35.20 22.23 -25.87
H3' ATP H . 35.96 20.86 -23.77
HO3' ATP H . 36.20 20.11 -25.77
H2' ATP H . 37.62 22.47 -23.05
HO2' ATP H . 38.67 20.78 -24.85
H1' ATP H . 38.26 22.63 -25.85
H8 ATP H . 40.39 24.02 -25.82
HN61 ATP H . 40.39 28.62 -22.09
HN62 ATP H . 41.15 27.95 -23.19
H2 ATP H . 36.66 26.44 -21.62
MG MG I . 29.76 20.72 -19.40
PB ADP J . 20.87 -7.64 33.22
O1B ADP J . 20.16 -8.76 33.93
O2B ADP J . 20.13 -6.32 33.28
O3B ADP J . 21.40 -7.98 31.85
PA ADP J . 22.92 -8.60 34.86
O1A ADP J . 22.09 -8.97 36.06
O2A ADP J . 23.28 -9.67 33.85
O3A ADP J . 22.19 -7.38 34.10
O5' ADP J . 24.28 -7.93 35.38
C5' ADP J . 24.21 -6.82 36.28
C4' ADP J . 25.39 -6.82 37.24
O4' ADP J . 25.35 -5.62 38.02
C3' ADP J . 25.34 -8.00 38.19
O3' ADP J . 26.59 -8.70 38.20
C2' ADP J . 25.03 -7.42 39.55
O2' ADP J . 25.91 -7.93 40.56
C1' ADP J . 25.20 -5.91 39.41
N9 ADP J . 23.98 -5.22 39.91
C8 ADP J . 23.03 -4.69 39.14
N7 ADP J . 22.05 -4.13 39.90
C5 ADP J . 22.38 -4.31 41.19
C6 ADP J . 21.79 -3.96 42.49
N6 ADP J . 20.61 -3.30 42.57
N1 ADP J . 22.46 -4.34 43.60
C2 ADP J . 23.63 -5.00 43.55
N3 ADP J . 24.22 -5.34 42.38
C4 ADP J . 23.66 -5.02 41.20
H5'1 ADP J . 23.29 -6.87 36.84
H5'2 ADP J . 24.22 -5.89 35.70
H4' ADP J . 26.34 -6.87 36.67
H3' ADP J . 24.53 -8.67 37.89
HO3' ADP J . 26.52 -9.50 38.73
H2' ADP J . 23.98 -7.64 39.81
HO2' ADP J . 25.71 -8.87 40.72
H1' ADP J . 26.09 -5.59 39.97
H8 ADP J . 23.03 -4.70 38.05
HN61 ADP J . 20.23 -3.07 43.47
HN62 ADP J . 20.13 -3.03 41.72
H2 ADP J . 24.12 -5.26 44.47
PG ATP K . 23.01 27.92 9.24
O1G ATP K . 22.88 26.44 9.30
O2G ATP K . 23.30 28.46 7.84
O3G ATP K . 21.82 28.67 9.84
PB ATP K . 24.59 29.44 11.26
O1B ATP K . 24.36 30.83 10.82
O2B ATP K . 23.83 29.01 12.50
O3B ATP K . 24.25 28.40 10.12
PA ATP K . 26.96 28.26 12.55
O1A ATP K . 27.21 26.90 12.03
O2A ATP K . 26.22 28.30 13.87
O3A ATP K . 26.13 29.13 11.53
O5' ATP K . 28.30 29.08 12.72
C5' ATP K . 28.89 29.28 14.02
C4' ATP K . 30.31 29.77 13.82
O4' ATP K . 30.36 31.11 14.36
C3' ATP K . 31.29 28.96 14.67
O3' ATP K . 32.56 29.12 14.04
C2' ATP K . 31.38 29.79 15.95
O2' ATP K . 32.70 29.64 16.43
C1' ATP K . 31.37 31.18 15.35
N9 ATP K . 30.94 32.18 16.31
C8 ATP K . 31.74 33.02 17.04
N7 ATP K . 31.09 33.83 17.85
C5 ATP K . 29.76 33.50 17.64
C6 ATP K . 28.56 33.99 18.18
N6 ATP K . 28.50 34.96 19.10
N1 ATP K . 27.40 33.44 17.76
C2 ATP K . 27.45 32.46 16.85
N3 ATP K . 28.52 31.92 16.26
C4 ATP K . 29.65 32.48 16.70
H5'1 ATP K . 28.89 28.44 14.51
H5'2 ATP K . 28.39 29.95 14.50
H4' ATP K . 30.55 29.74 12.88
H3' ATP K . 31.04 28.03 14.81
HO3' ATP K . 33.13 28.71 14.53
H2' ATP K . 30.68 29.61 16.61
HO2' ATP K . 32.65 29.24 17.18
H1' ATP K . 32.23 31.41 14.97
H8 ATP K . 32.66 33.03 16.96
HN61 ATP K . 29.23 35.35 19.35
HN62 ATP K . 27.75 35.20 19.44
H2 ATP K . 26.63 32.11 16.59
MG MG L . 22.31 25.24 11.31
PB ADP M . -12.35 -17.83 26.71
O1B ADP M . -13.76 -18.31 26.46
O2B ADP M . -11.28 -18.73 26.14
O3B ADP M . -12.13 -16.36 26.47
PA ADP M . -12.62 -19.34 29.04
O1A ADP M . -14.13 -19.37 29.10
O2A ADP M . -11.88 -20.48 28.40
O3A ADP M . -12.17 -17.98 28.31
O5' ADP M . -12.05 -19.13 30.53
C5' ADP M . -12.07 -20.22 31.46
C4' ADP M . -12.01 -19.70 32.89
O4' ADP M . -12.97 -18.66 33.09
C3' ADP M . -12.30 -20.80 33.88
O3' ADP M . -11.20 -20.99 34.78
C2' ADP M . -13.53 -20.35 34.64
O2' ADP M . -13.37 -20.48 36.06
C1' ADP M . -13.74 -18.89 34.27
N9 ADP M . -15.16 -18.61 34.00
C8 ADP M . -15.62 -17.89 32.95
N7 ADP M . -16.97 -17.80 32.98
C5 ADP M . -17.39 -18.45 34.07
C6 ADP M . -18.70 -18.74 34.69
N6 ADP M . -19.85 -18.29 34.14
N1 ADP M . -18.71 -19.45 35.83
C2 ADP M . -17.58 -19.91 36.40
N3 ADP M . -16.36 -19.69 35.88
C4 ADP M . -16.20 -18.97 34.75
H5'1 ADP M . -11.23 -20.88 31.27
H5'2 ADP M . -12.99 -20.80 31.33
H4' ADP M . -10.99 -19.32 33.07
H3' ADP M . -12.53 -21.74 33.35
HO3' ADP M . -11.36 -21.75 35.34
H2' ADP M . -14.40 -20.94 34.31
HO2' ADP M . -13.36 -21.42 36.30
H1' ADP M . -13.38 -18.26 35.10
H8 ADP M . -14.99 -17.47 32.19
HN61 ADP M . -20.74 -18.50 34.58
HN62 ADP M . -19.83 -17.75 33.29
H2 ADP M . -17.65 -20.49 37.31
PG ATP N . -4.92 23.34 23.70
O1G ATP N . -4.16 22.17 23.21
O2G ATP N . -4.54 24.59 23.01
O3G ATP N . -6.40 23.09 23.71
PB ATP N . -5.39 23.00 26.43
O1B ATP N . -6.63 23.78 26.43
O2B ATP N . -5.45 21.53 26.39
O3B ATP N . -4.51 23.52 25.22
PA ATP N . -4.98 22.80 29.15
O1A ATP N . -4.02 21.76 29.59
O2A ATP N . -6.41 22.41 29.03
O3A ATP N . -4.55 23.37 27.73
O5' ATP N . -4.82 24.09 30.05
C5' ATP N . -5.58 24.15 31.27
C4' ATP N . -4.63 24.20 32.44
O4' ATP N . -5.16 25.11 33.44
C3' ATP N . -4.46 22.90 33.21
O3' ATP N . -3.30 22.97 34.01
C2' ATP N . -5.69 22.91 34.11
O2' ATP N . -5.42 22.31 35.36
C1' ATP N . -5.99 24.39 34.32
N9 ATP N . -7.36 24.76 34.03
C8 ATP N . -8.18 24.29 33.04
N7 ATP N . -9.36 24.85 33.04
C5 ATP N . -9.31 25.73 34.10
C6 ATP N . -10.26 26.62 34.60
N6 ATP N . -11.48 26.75 34.10
N1 ATP N . -9.90 27.36 35.67
C2 ATP N . -8.66 27.21 36.16
N3 ATP N . -7.69 26.40 35.76
C4 ATP N . -8.08 25.69 34.70
H5'1 ATP N . -6.15 23.34 31.36
H5'2 ATP N . -6.16 24.94 31.27
H4' ATP N . -3.76 24.54 32.13
H3' ATP N . -4.45 22.11 32.62
HO3' ATP N . -3.30 22.30 34.54
H2' ATP N . -6.45 22.44 33.67
HO2' ATP N . -5.25 21.50 35.24
H1' ATP N . -5.78 24.62 35.24
H8 ATP N . -7.93 23.62 32.42
HN61 ATP N . -11.99 27.43 34.36
HN62 ATP N . -11.78 26.18 33.51
H2 ATP N . -8.45 27.76 36.90
MG MG O . -6.04 20.12 23.99
P PO4 P . -11.37 -17.39 22.33
O1 PO4 P . -10.48 -18.65 22.11
O2 PO4 P . -12.66 -17.51 21.45
O3 PO4 P . -11.77 -17.29 23.85
O4 PO4 P . -10.58 -16.09 21.91
PB ADP Q . -27.92 -27.02 -3.35
O1B ADP Q . -26.79 -28.01 -3.57
O2B ADP Q . -27.71 -26.09 -2.18
O3B ADP Q . -28.39 -26.33 -4.61
PA ADP Q . -28.95 -29.29 -2.09
O1A ADP Q . -28.88 -30.43 -3.07
O2A ADP Q . -27.83 -29.06 -1.10
O3A ADP Q . -29.17 -27.93 -2.92
O5' ADP Q . -30.32 -29.41 -1.26
C5' ADP Q . -30.30 -29.81 0.11
C4' ADP Q . -31.71 -30.07 0.62
O4' ADP Q . -32.67 -29.24 -0.07
C3' ADP Q . -32.15 -31.51 0.40
O3' ADP Q . -32.17 -32.22 1.64
C2' ADP Q . -33.53 -31.43 -0.20
O2' ADP Q . -34.48 -32.16 0.58
C1' ADP Q . -33.88 -29.96 -0.22
N9 ADP Q . -34.55 -29.64 -1.51
C8 ADP Q . -34.15 -28.70 -2.39
N7 ADP Q . -34.98 -28.68 -3.47
C5 ADP Q . -35.93 -29.60 -3.27
C6 ADP Q . -37.11 -30.11 -4.01
N6 ADP Q . -37.46 -29.58 -5.21
N1 ADP Q . -37.84 -31.10 -3.44
C2 ADP Q . -37.50 -31.62 -2.25
N3 ADP Q . -36.44 -31.23 -1.54
C4 ADP Q . -35.64 -30.23 -1.98
H5'1 ADP Q . -29.84 -29.02 0.71
H5'2 ADP Q . -29.69 -30.72 0.22
H4' ADP Q . -31.74 -29.85 1.70
H3' ADP Q . -31.46 -31.99 -0.32
HO3' ADP Q . -32.36 -33.15 1.48
H2' ADP Q . -33.50 -31.82 -1.23
HO2' ADP Q . -34.34 -33.12 0.45
H1' ADP Q . -34.56 -29.74 0.61
H8 ADP Q . -33.29 -28.06 -2.26
HN61 ADP Q . -38.27 -29.94 -5.68
HN62 ADP Q . -36.91 -28.85 -5.61
H2 ADP Q . -38.12 -32.42 -1.85
PG ATP R . -30.85 12.98 8.44
O1G ATP R . -30.29 14.20 9.08
O2G ATP R . -31.46 13.24 7.06
O3G ATP R . -29.84 11.82 8.31
PB ATP R . -33.55 12.70 9.68
O1B ATP R . -33.80 14.14 9.72
O2B ATP R . -34.43 11.89 8.74
O3B ATP R . -32.04 12.37 9.30
PA ATP R . -34.53 10.88 11.79
O1A ATP R . -34.22 10.74 13.23
O2A ATP R . -34.34 9.62 10.97
O3A ATP R . -33.66 12.02 11.12
O5' ATP R . -36.02 11.40 11.58
C5' ATP R . -36.69 12.17 12.59
C4' ATP R . -37.14 11.26 13.70
O4' ATP R . -38.31 11.86 14.29
C3' ATP R . -37.71 9.96 13.15
O3' ATP R . -36.64 9.04 13.15
C2' ATP R . -38.62 9.52 14.31
O2' ATP R . -37.75 9.12 15.34
C1' ATP R . -39.19 10.87 14.78
N9 ATP R . -40.50 11.13 14.20
C8 ATP R . -41.72 10.89 14.77
N7 ATP R . -42.74 11.23 14.01
C5 ATP R . -42.14 11.71 12.86
C6 ATP R . -42.67 12.22 11.65
N6 ATP R . -43.98 12.34 11.41
N1 ATP R . -41.80 12.62 10.71
C2 ATP R . -40.49 12.50 10.94
N3 ATP R . -39.88 12.03 12.02
C4 ATP R . -40.76 11.66 12.95
H5'1 ATP R . -37.45 12.63 12.21
H5'2 ATP R . -36.07 12.82 12.96
H4' ATP R . -36.43 11.10 14.35
H3' ATP R . -38.16 10.05 12.31
HO3' ATP R . -36.34 8.99 13.95
H2' ATP R . -39.28 8.85 14.06
HO2' ATP R . -37.47 9.82 15.73
H1' ATP R . -39.25 10.89 15.75
H8 ATP R . -41.81 10.54 15.62
HN61 ATP R . -44.25 12.66 10.66
HN62 ATP R . -44.56 12.10 12.00
H2 ATP R . -39.93 12.79 10.26
MG MG S . -31.05 10.75 7.23
P PO4 T . -23.91 -25.66 -4.60
O1 PO4 T . -23.70 -27.15 -4.38
O2 PO4 T . -25.31 -25.29 -4.13
O3 PO4 T . -22.88 -24.88 -3.82
O4 PO4 T . -23.77 -25.34 -6.07
PB ADP U . -11.85 -26.32 -34.78
O1B ADP U . -11.77 -25.79 -36.20
O2B ADP U . -12.15 -25.27 -33.75
O3B ADP U . -10.75 -27.27 -34.40
PA ADP U . -13.39 -28.35 -35.93
O1A ADP U . -13.37 -27.64 -37.26
O2A ADP U . -12.43 -29.50 -35.70
O3A ADP U . -13.17 -27.25 -34.78
O5' ADP U . -14.88 -28.90 -35.63
C5' ADP U . -15.97 -28.46 -36.44
C4' ADP U . -16.99 -29.57 -36.62
O4' ADP U . -18.05 -29.09 -37.47
C3' ADP U . -16.39 -30.80 -37.28
O3' ADP U . -16.35 -31.90 -36.37
C2' ADP U . -17.27 -31.10 -38.48
O2' ADP U . -18.03 -32.29 -38.27
C1' ADP U . -18.20 -29.91 -38.64
N9 ADP U . -17.79 -29.12 -39.82
C8 ADP U . -17.24 -27.89 -39.78
N7 ADP U . -16.98 -27.43 -41.02
C5 ADP U . -17.38 -28.37 -41.89
C6 ADP U . -17.39 -28.52 -43.36
N6 ADP U . -16.91 -27.53 -44.15
N1 ADP U . -17.90 -29.66 -43.87
C2 ADP U . -18.37 -30.64 -43.08
N3 ADP U . -18.38 -30.58 -41.74
C4 ADP U . -17.91 -29.48 -41.09
H5'1 ADP U . -15.61 -28.13 -37.42
H5'2 ADP U . -16.46 -27.61 -35.95
H4' ADP U . -17.40 -29.86 -35.64
H3' ADP U . -15.37 -30.55 -37.63
HO3' ADP U . -15.85 -32.62 -36.77
H2' ADP U . -16.63 -31.20 -39.38
HO2' ADP U . -17.44 -33.06 -38.26
H1' ADP U . -19.22 -30.26 -38.74
H8 ADP U . -17.01 -27.35 -38.86
HN61 ADP U . -16.92 -27.64 -45.16
HN62 ADP U . -16.54 -26.69 -43.74
H2 ADP U . -18.76 -31.53 -43.55
PG ATP V . -32.88 8.20 -22.24
O1G ATP V . -32.21 7.04 -21.59
O2G ATP V . -33.26 9.32 -21.26
O3G ATP V . -32.08 8.80 -23.40
PB ATP V . -34.85 7.26 -24.28
O1B ATP V . -34.91 8.35 -25.27
O2B ATP V . -34.04 6.04 -24.69
O3B ATP V . -34.27 7.77 -22.89
PA ATP V . -36.99 5.35 -23.60
O1A ATP V . -38.03 5.44 -22.55
O2A ATP V . -35.87 4.36 -23.27
O3A ATP V . -36.30 6.74 -23.86
O5' ATP V . -37.58 4.96 -25.00
C5' ATP V . -38.74 5.62 -25.55
C4' ATP V . -39.97 5.11 -24.86
O4' ATP V . -41.10 5.70 -25.54
C3' ATP V . -40.13 3.61 -25.09
O3' ATP V . -41.05 3.16 -24.09
C2' ATP V . -40.91 3.56 -26.40
O2' ATP V . -41.72 2.40 -26.33
C1' ATP V . -41.89 4.71 -26.16
N9 ATP V . -42.37 5.26 -27.42
C8 ATP V . -43.63 5.13 -27.93
N7 ATP V . -43.80 5.74 -29.09
C5 ATP V . -42.55 6.30 -29.35
C6 ATP V . -42.07 7.07 -30.42
N6 ATP V . -42.81 7.43 -31.47
N1 ATP V . -40.78 7.47 -30.38
C2 ATP V . -40.04 7.12 -29.32
N3 ATP V . -40.38 6.40 -28.26
C4 ATP V . -41.67 6.02 -28.33
H5'1 ATP V . -38.79 5.46 -26.50
H5'2 ATP V . -38.66 6.58 -25.39
H4' ATP V . -39.96 5.33 -23.91
H3' ATP V . -39.30 3.12 -25.10
HO3' ATP V . -41.42 3.86 -23.77
H2' ATP V . -40.37 3.62 -27.20
HO2' ATP V . -41.78 2.18 -25.50
H1' ATP V . -42.62 4.43 -25.60
H8 ATP V . -44.31 4.67 -27.51
HN61 ATP V . -42.47 7.93 -32.09
HN62 ATP V . -43.62 7.16 -31.54
H2 ATP V . -39.16 7.42 -29.33
MG MG W . -31.33 6.58 -23.46
PB ADP X . 20.99 -16.79 -42.45
O1B ADP X . 19.93 -16.05 -43.24
O2B ADP X . 22.39 -16.67 -43.03
O3B ADP X . 20.92 -16.61 -40.96
PA ADP X . 20.81 -19.11 -44.06
O1A ADP X . 20.46 -20.56 -43.82
O2A ADP X . 22.17 -18.78 -44.63
O3A ADP X . 20.63 -18.35 -42.65
O5' ADP X . 19.66 -18.51 -45.02
C5' ADP X . 19.96 -17.66 -46.13
C4' ADP X . 19.36 -18.28 -47.37
O4' ADP X . 19.49 -17.41 -48.50
C3' ADP X . 20.09 -19.58 -47.71
O3' ADP X . 19.15 -20.64 -47.91
C2' ADP X . 20.86 -19.29 -48.98
O2' ADP X . 20.74 -20.36 -49.92
C1' ADP X . 20.26 -18.01 -49.54
N9 ADP X . 21.33 -17.06 -49.92
C8 ADP X . 21.61 -15.91 -49.27
N7 ADP X . 22.64 -15.25 -49.86
C5 ADP X . 23.03 -15.99 -50.92
C6 ADP X . 24.07 -15.88 -51.95
N6 ADP X . 24.91 -14.81 -51.99
N1 ADP X . 24.15 -16.86 -52.88
C2 ADP X . 23.32 -17.93 -52.85
N3 ADP X . 22.36 -18.09 -51.93
C4 ADP X . 22.17 -17.18 -50.95
H5'1 ADP X . 21.04 -17.55 -46.25
H5'2 ADP X . 19.54 -16.66 -45.96
H4' ADP X . 18.30 -18.51 -47.18
H3' ADP X . 20.79 -19.83 -46.91
HO3' ADP X . 19.62 -21.47 -48.02
H2' ADP X . 21.91 -19.12 -48.73
HO2' ADP X . 21.21 -21.14 -49.58
H1' ADP X . 19.62 -18.24 -50.40
H8 ADP X . 21.08 -15.56 -48.39
HN61 ADP X . 25.60 -14.74 -52.70
HN62 ADP X . 24.82 -14.09 -51.29
H2 ADP X . 23.44 -18.69 -53.62
PG ATP Y . -9.51 13.27 -42.08
O1G ATP Y . -8.09 13.03 -41.68
O2G ATP Y . -10.46 12.14 -41.67
O3G ATP Y . -10.08 14.60 -41.57
PB ATP Y . -9.05 14.19 -44.88
O1B ATP Y . -9.47 15.60 -44.81
O2B ATP Y . -7.54 13.94 -44.91
O3B ATP Y . -9.64 13.36 -43.65
PA ATP Y . -9.71 11.95 -46.68
O1A ATP Y . -10.57 11.08 -45.86
O2A ATP Y . -8.26 11.49 -46.78
O3A ATP Y . -9.68 13.43 -46.13
O5' ATP Y . -10.27 12.11 -48.15
C5' ATP Y . -9.67 11.43 -49.27
C4' ATP Y . -10.77 10.94 -50.17
O4' ATP Y . -10.98 11.94 -51.18
C3' ATP Y . -10.33 9.68 -50.93
O3' ATP Y . -11.48 8.84 -51.01
C2' ATP Y . -10.10 10.19 -52.37
O2' ATP Y . -10.62 9.20 -53.23
C1' ATP Y . -11.13 11.30 -52.42
N9 ATP Y . -10.81 12.28 -53.45
C8 ATP Y . -11.47 12.46 -54.64
N7 ATP Y . -10.97 13.42 -55.39
C5 ATP Y . -9.92 13.91 -54.64
C6 ATP Y . -8.98 14.94 -54.87
N6 ATP Y . -8.97 15.69 -55.97
N1 ATP Y . -8.06 15.17 -53.92
C2 ATP Y . -8.07 14.43 -52.81
N3 ATP Y . -8.90 13.43 -52.48
C4 ATP Y . -9.81 13.22 -53.44
H5'1 ATP Y . -9.16 10.68 -48.94
H5'2 ATP Y . -9.10 12.03 -49.75
H4' ATP Y . -11.58 10.76 -49.67
H3' ATP Y . -9.56 9.23 -50.55
HO3' ATP Y . -12.15 9.35 -51.06
H2' ATP Y . -9.18 10.46 -52.56
HO2' ATP Y . -10.01 8.63 -53.36
H1' ATP Y . -12.02 10.95 -52.54
H8 ATP Y . -12.21 11.94 -54.90
HN61 ATP Y . -9.58 15.59 -56.57
HN62 ATP Y . -8.34 16.27 -56.10
H2 ATP Y . -7.42 14.62 -52.18
MG MG Z . -7.53 11.03 -43.29
#